data_8IAJ
#
_entry.id   8IAJ
#
_cell.length_a   1.00
_cell.length_b   1.00
_cell.length_c   1.00
_cell.angle_alpha   90.00
_cell.angle_beta   90.00
_cell.angle_gamma   90.00
#
_symmetry.space_group_name_H-M   'P 1'
#
loop_
_entity.id
_entity.type
_entity.pdbx_description
1 polymer 'chimera of Long chain base biosynthesis protein 1 and Serine palmitoyltransferase 1'
2 polymer 'Serine palmitoyltransferase 2'
3 polymer 'Protein ORM2'
4 polymer 'Serine palmitoyltransferase-regulating protein TSC3'
5 non-polymer "PYRIDOXAL-5'-PHOSPHATE"
6 non-polymer N-[(2S,3R,4E)-1,3-dihydroxyoctadec-4-en-2-yl]tetracosanamide
#
loop_
_entity_poly.entity_id
_entity_poly.type
_entity_poly.pdbx_seq_one_letter_code
_entity_poly.pdbx_strand_id
1 'polypeptide(L)'
;MASNLVEMFNAALNWVTMILESPSARVVLFGVPIRGHFFVEGLLGVVIIILLTRKSYKPPKRPLTEQEIDELCDEWVPEP
LVDPSATDEQSWRVAKTPVTMEMPIQNHITITRNNLQEKYTNVFNLASNNFLQLSATEPVKEVVKTTIKNYGVGACGPAG
FYGNQDVHYTLEYDLAQFFGTQGSVLYGQDFCAAPSVLPAFTKRGDVIVADDQVSLPVQNALQLSRSTVYYFNHNDMNSL
ECLLNELTEQEKLEKLPAIPRKFIVTEGIFHNSGDLAPLPELTKLKNKYKFRLFVDETFSIGVLGATGRGLSEHFNMDRA
TAIDITVGSMATALGSTGGFVLGDSVMCLHQRIGSNAYCFSACLPAYTVTSVSKVLKLMDSNNDAVQTLQKLSKSLHDSF
ASDDSLRSYVIVTSSPVSAVLHLQLTPAYRSRKFGYTCEQLFETMSALQKKSQTNKFIEPYEEEEKFLQSIVDHALINYN
VLITRNTIVLKQETLPIVPSLKICCNAAMSPEELKNACESVKQSILACCQESNK
;
A,E
2 'polypeptide(L)'
;MSTPANYTRVPLCEPEELPDDIQKENEYGTLDSPGHLYQVKSRHGKPLPEPVVDTPPYYISLLTYLNYLILIILGHVHDF
LGMTFQKNKHLDLLEHDGLAPWFSNFESFYVRRIKMRIDDCFSRPTTGVPGRFIRCIDRISHNINEYFTYSGAVYPCMNL
SSYNYLGFAQSKGQCTDAALESVDKYSIQSGGPRAQIGTTDLHIKAEKLVARFIGKEDALVFSMGYGTNANLFNAFLDKK
CLVISDELNHTSIRTGVRLSGAAVRTFKHGDMVGLEKLIREQIVLGQPKTNRPWKKILICAEGLFSMEGTLCNLPKLVEL
KKKYKCYLFIDEAHSIGAMGPTGRGVCEIFGVDPKDVDILMGTFTKSFGAAGGYIAADQWIIDRLRLDLTTVSYSESMPA
PVLAQTISSLQTISGEICPGQGTERLQRIAFNSRYLRLALQRLGFIVYGVADSPVIPLLLYCPSKMPAFSRMMLQRRIAV
VVVAYPATPLIESRVRFCMSASLTKEDIDYLLRHVSEVGDKLNLKSNSGKSSYDGKRQRWDIEEVIRRTPEDCKDDKYFV
N
;
B,F
3 'polypeptide(L)'
;MIDRTKNESPAFEESPLTPNVSNLKPFPSQSNKISTPVTDHRRRRAAAVISHVEQETFEDENDQQMLPNMNATWVDQRGA
WLIHIVVIVLLRLFYSLFGSTPKWTWTLTNMTYIIGFYIMFHLVKGTPFDFNGGAYDNLTMWEQINDETLYTPTRKFLLI
VPIVLFLISNQYYRNDMTLFLSNLAVTVLIGVVPKLGITHRLRISIPGITGRAQIS
;
D,H
4 'polypeptide(L)' MTQHKSSMVYIPTTKEAKRRNGKSEGILNTIEEVVEKLYWTYYIHLPFYLMASFDSFFLHVFFLTIFSLSFFGILKYCFL C,G
#
loop_
_chem_comp.id
_chem_comp.type
_chem_comp.name
_chem_comp.formula
PLP non-polymer PYRIDOXAL-5'-PHOSPHATE 'C8 H10 N O6 P'
Z1T non-polymer N-[(2S,3R,4E)-1,3-dihydroxyoctadec-4-en-2-yl]tetracosanamide 'C42 H83 N O3'
#
# COMPACT_ATOMS: atom_id res chain seq x y z
N GLY A 36 48.97 -6.33 -30.84
CA GLY A 36 47.73 -6.73 -30.20
C GLY A 36 47.80 -6.64 -28.68
N HIS A 37 49.02 -6.66 -28.16
CA HIS A 37 49.22 -6.59 -26.71
C HIS A 37 48.73 -5.26 -26.15
N PHE A 38 49.12 -4.15 -26.78
CA PHE A 38 48.61 -2.85 -26.38
C PHE A 38 47.09 -2.80 -26.55
N PHE A 39 46.58 -3.50 -27.55
CA PHE A 39 45.13 -3.55 -27.78
C PHE A 39 44.42 -4.24 -26.62
N VAL A 40 44.95 -5.39 -26.20
CA VAL A 40 44.35 -6.12 -25.07
C VAL A 40 44.44 -5.29 -23.80
N GLU A 41 45.58 -4.65 -23.57
CA GLU A 41 45.73 -3.83 -22.37
C GLU A 41 44.77 -2.65 -22.37
N GLY A 42 44.58 -2.00 -23.52
CA GLY A 42 43.60 -0.93 -23.61
C GLY A 42 42.18 -1.42 -23.36
N LEU A 43 41.85 -2.59 -23.91
CA LEU A 43 40.54 -3.18 -23.64
C LEU A 43 40.35 -3.42 -22.16
N LEU A 44 41.38 -3.93 -21.49
CA LEU A 44 41.28 -4.21 -20.06
C LEU A 44 41.13 -2.92 -19.25
N GLY A 45 41.84 -1.87 -19.62
CA GLY A 45 41.63 -0.59 -18.96
C GLY A 45 40.21 -0.08 -19.14
N VAL A 46 39.68 -0.23 -20.34
CA VAL A 46 38.30 0.20 -20.61
C VAL A 46 37.33 -0.58 -19.75
N VAL A 47 37.52 -1.90 -19.65
CA VAL A 47 36.58 -2.71 -18.87
C VAL A 47 36.71 -2.40 -17.38
N ILE A 48 37.93 -2.08 -16.93
CA ILE A 48 38.10 -1.64 -15.55
C ILE A 48 37.27 -0.40 -15.28
N ILE A 49 37.35 0.57 -16.19
CA ILE A 49 36.58 1.81 -16.01
C ILE A 49 35.08 1.51 -15.98
N ILE A 50 34.63 0.66 -16.91
CA ILE A 50 33.21 0.35 -16.99
C ILE A 50 32.72 -0.31 -15.70
N LEU A 51 33.46 -1.30 -15.20
CA LEU A 51 33.06 -1.94 -13.95
C LEU A 51 33.08 -0.96 -12.79
N LEU A 52 34.12 -0.13 -12.69
CA LEU A 52 34.23 0.78 -11.56
C LEU A 52 33.16 1.86 -11.60
N THR A 53 32.54 2.10 -12.76
CA THR A 53 31.53 3.15 -12.89
C THR A 53 30.11 2.60 -12.89
N ARG A 54 29.80 1.59 -12.07
CA ARG A 54 28.45 1.08 -11.96
C ARG A 54 27.74 1.79 -10.80
N LYS A 55 26.56 1.31 -10.40
CA LYS A 55 25.75 2.09 -9.47
C LYS A 55 25.25 1.33 -8.24
N SER A 56 25.63 0.06 -8.05
CA SER A 56 25.32 -0.69 -6.83
C SER A 56 23.83 -0.82 -6.56
N TYR A 57 23.12 -1.55 -7.41
CA TYR A 57 21.71 -1.85 -7.23
C TYR A 57 21.54 -3.14 -6.44
N LYS A 58 20.29 -3.61 -6.39
CA LYS A 58 19.91 -4.86 -5.71
C LYS A 58 19.02 -5.66 -6.66
N PRO A 59 19.25 -6.99 -6.76
CA PRO A 59 18.47 -7.81 -7.68
C PRO A 59 16.97 -7.59 -7.49
N PRO A 60 16.24 -7.35 -8.57
CA PRO A 60 14.83 -7.01 -8.44
C PRO A 60 13.99 -8.22 -8.02
N LYS A 61 12.85 -7.95 -7.40
CA LYS A 61 11.91 -8.99 -6.95
C LYS A 61 11.15 -9.63 -8.13
N ARG A 62 10.48 -10.76 -7.87
CA ARG A 62 9.73 -11.51 -8.88
C ARG A 62 8.30 -10.99 -9.09
N PRO A 63 7.76 -11.16 -10.32
CA PRO A 63 6.41 -10.69 -10.62
C PRO A 63 5.35 -11.62 -10.05
N LEU A 64 4.32 -11.03 -9.45
CA LEU A 64 3.26 -11.80 -8.80
C LEU A 64 2.57 -12.74 -9.78
N THR A 65 2.34 -13.96 -9.34
CA THR A 65 1.63 -14.94 -10.16
C THR A 65 0.13 -14.82 -9.91
N GLU A 66 -0.66 -15.19 -10.91
CA GLU A 66 -2.10 -14.97 -10.95
C GLU A 66 -2.81 -15.29 -9.64
N GLN A 67 -2.38 -16.33 -8.93
CA GLN A 67 -3.06 -16.74 -7.72
C GLN A 67 -2.90 -15.70 -6.61
N GLU A 68 -1.71 -15.10 -6.51
CA GLU A 68 -1.52 -14.01 -5.55
C GLU A 68 -2.43 -12.84 -5.88
N ILE A 69 -2.56 -12.53 -7.17
CA ILE A 69 -3.47 -11.46 -7.60
C ILE A 69 -4.89 -11.80 -7.18
N ASP A 70 -5.30 -13.04 -7.40
CA ASP A 70 -6.67 -13.45 -7.13
C ASP A 70 -6.99 -13.33 -5.64
N GLU A 71 -6.09 -13.80 -4.79
CA GLU A 71 -6.35 -13.73 -3.35
C GLU A 71 -6.32 -12.30 -2.86
N LEU A 72 -5.43 -11.47 -3.40
CA LEU A 72 -5.39 -10.07 -2.98
C LEU A 72 -6.63 -9.32 -3.43
N CYS A 73 -7.12 -9.63 -4.64
CA CYS A 73 -8.39 -9.06 -5.09
C CYS A 73 -9.55 -9.50 -4.21
N ASP A 74 -9.58 -10.77 -3.83
CA ASP A 74 -10.65 -11.29 -3.00
C ASP A 74 -10.61 -10.75 -1.57
N GLU A 75 -9.45 -10.28 -1.11
CA GLU A 75 -9.38 -9.68 0.21
C GLU A 75 -9.95 -8.26 0.25
N TRP A 76 -9.87 -7.50 -0.84
CA TRP A 76 -10.23 -6.09 -0.81
C TRP A 76 -11.71 -5.90 -0.52
N VAL A 77 -12.02 -4.88 0.29
CA VAL A 77 -13.39 -4.54 0.63
C VAL A 77 -13.67 -3.07 0.34
N PRO A 78 -14.53 -2.76 -0.61
CA PRO A 78 -14.88 -1.36 -0.86
C PRO A 78 -15.94 -0.87 0.11
N GLU A 79 -16.14 0.44 0.10
CA GLU A 79 -17.16 1.08 0.92
C GLU A 79 -18.45 1.24 0.15
N PRO A 80 -19.57 1.49 0.83
CA PRO A 80 -20.80 1.77 0.10
C PRO A 80 -20.71 3.09 -0.66
N LEU A 81 -21.46 3.16 -1.76
CA LEU A 81 -21.49 4.37 -2.58
C LEU A 81 -21.71 5.61 -1.72
N VAL A 82 -22.83 5.64 -1.01
CA VAL A 82 -23.16 6.76 -0.15
C VAL A 82 -23.02 6.32 1.30
N ASP A 83 -23.04 7.29 2.20
CA ASP A 83 -22.90 7.02 3.62
C ASP A 83 -24.27 7.02 4.28
N PRO A 84 -24.79 5.87 4.70
CA PRO A 84 -26.11 5.83 5.36
C PRO A 84 -26.06 6.04 6.87
N SER A 85 -24.90 6.40 7.42
CA SER A 85 -24.75 6.50 8.87
C SER A 85 -25.62 7.62 9.44
N ALA A 86 -25.68 8.76 8.74
CA ALA A 86 -26.39 9.90 9.29
C ALA A 86 -27.50 10.37 8.37
N THR A 87 -28.17 9.44 7.70
CA THR A 87 -29.30 9.74 6.84
C THR A 87 -30.57 9.98 7.64
N ASP A 88 -30.60 9.56 8.90
CA ASP A 88 -31.79 9.64 9.73
C ASP A 88 -31.86 10.89 10.58
N GLU A 89 -30.75 11.30 11.19
CA GLU A 89 -30.73 12.50 12.00
C GLU A 89 -30.62 13.77 11.19
N GLN A 90 -30.47 13.67 9.87
CA GLN A 90 -30.44 14.84 8.99
C GLN A 90 -31.69 14.98 8.13
N SER A 91 -32.51 13.95 8.03
CA SER A 91 -33.58 13.90 7.05
C SER A 91 -34.82 14.68 7.45
N TRP A 92 -34.76 15.53 8.48
CA TRP A 92 -35.90 16.38 8.76
C TRP A 92 -36.10 17.44 7.69
N ARG A 93 -35.04 17.79 6.96
CA ARG A 93 -35.15 18.80 5.93
C ARG A 93 -36.11 18.36 4.83
N VAL A 94 -36.04 17.09 4.43
CA VAL A 94 -36.96 16.57 3.44
C VAL A 94 -38.38 16.57 3.98
N ALA A 95 -38.55 16.26 5.26
CA ALA A 95 -39.86 16.17 5.86
C ALA A 95 -40.51 17.52 6.12
N LYS A 96 -39.74 18.61 6.07
CA LYS A 96 -40.29 19.92 6.35
C LYS A 96 -40.34 20.84 5.12
N THR A 97 -40.14 20.31 3.93
CA THR A 97 -40.19 21.11 2.70
C THR A 97 -41.63 21.32 2.26
N PRO A 98 -42.07 22.56 2.02
CA PRO A 98 -43.45 22.77 1.57
C PRO A 98 -43.69 22.20 0.18
N VAL A 99 -44.94 21.80 -0.07
CA VAL A 99 -45.35 21.29 -1.38
C VAL A 99 -46.70 21.88 -1.77
N THR A 100 -46.69 22.93 -2.59
CA THR A 100 -47.94 23.50 -3.07
C THR A 100 -48.59 22.61 -4.11
N MET A 101 -49.92 22.59 -4.12
CA MET A 101 -50.69 21.72 -5.00
C MET A 101 -51.81 22.38 -5.81
N GLU A 102 -51.91 21.98 -7.06
CA GLU A 102 -52.91 22.48 -8.01
C GLU A 102 -53.02 23.99 -8.02
N MET A 103 -51.97 24.71 -7.66
CA MET A 103 -51.99 26.16 -7.67
C MET A 103 -50.63 26.66 -8.11
N PRO A 104 -50.56 27.82 -8.76
CA PRO A 104 -49.29 28.48 -8.98
C PRO A 104 -48.63 28.85 -7.66
N ILE A 105 -47.36 29.22 -7.75
CA ILE A 105 -46.68 29.73 -6.57
C ILE A 105 -46.93 31.23 -6.52
N GLN A 106 -48.09 31.60 -5.98
CA GLN A 106 -48.50 32.99 -5.86
C GLN A 106 -48.33 33.48 -4.44
N ASN A 107 -48.89 34.65 -4.13
CA ASN A 107 -48.83 35.25 -2.81
C ASN A 107 -49.53 34.43 -1.73
N HIS A 108 -50.72 33.91 -2.01
CA HIS A 108 -51.47 33.08 -1.07
C HIS A 108 -51.56 31.67 -1.62
N ILE A 109 -51.03 30.70 -0.87
CA ILE A 109 -50.85 29.35 -1.38
C ILE A 109 -51.51 28.35 -0.44
N THR A 110 -51.56 27.11 -0.89
CA THR A 110 -52.08 25.98 -0.11
C THR A 110 -51.01 24.89 -0.13
N ILE A 111 -50.33 24.68 0.99
CA ILE A 111 -49.17 23.80 1.01
C ILE A 111 -49.44 22.61 1.91
N THR A 112 -48.47 21.71 1.94
CA THR A 112 -48.51 20.50 2.75
C THR A 112 -47.08 20.04 3.03
N ARG A 113 -46.89 19.44 4.21
CA ARG A 113 -45.57 18.97 4.58
C ARG A 113 -45.60 17.55 5.13
N ASN A 114 -44.51 16.83 4.90
CA ASN A 114 -44.36 15.45 5.37
C ASN A 114 -45.38 14.49 4.76
N ASN A 115 -45.44 14.41 3.43
CA ASN A 115 -46.20 13.39 2.72
C ASN A 115 -47.68 13.39 3.12
N LEU A 116 -48.32 14.54 2.92
CA LEU A 116 -49.77 14.66 3.06
C LEU A 116 -50.23 14.44 4.50
N GLN A 117 -49.32 14.68 5.45
CA GLN A 117 -49.65 14.51 6.87
C GLN A 117 -49.90 15.85 7.55
N GLU A 118 -49.63 16.97 6.89
CA GLU A 118 -50.00 18.28 7.38
C GLU A 118 -50.60 19.06 6.24
N LYS A 119 -51.47 20.01 6.55
CA LYS A 119 -52.07 20.86 5.53
C LYS A 119 -52.31 22.25 6.10
N TYR A 120 -52.10 23.25 5.25
CA TYR A 120 -52.32 24.64 5.59
C TYR A 120 -52.89 25.34 4.37
N THR A 121 -53.88 26.20 4.58
CA THR A 121 -54.54 26.85 3.47
C THR A 121 -54.44 28.36 3.61
N ASN A 122 -54.42 29.03 2.45
CA ASN A 122 -54.39 30.49 2.38
C ASN A 122 -53.17 31.05 3.11
N VAL A 123 -52.05 30.33 3.01
CA VAL A 123 -50.81 30.75 3.64
C VAL A 123 -50.26 31.96 2.92
N PHE A 124 -49.78 32.95 3.67
CA PHE A 124 -49.07 34.07 3.08
C PHE A 124 -47.65 33.63 2.71
N ASN A 125 -47.25 33.90 1.47
CA ASN A 125 -45.99 33.41 0.93
C ASN A 125 -44.95 34.52 0.97
N LEU A 126 -43.80 34.25 1.58
CA LEU A 126 -42.68 35.17 1.65
C LEU A 126 -41.36 34.46 1.37
N ALA A 127 -41.36 33.51 0.43
CA ALA A 127 -40.17 32.74 0.13
C ALA A 127 -40.00 32.52 -1.37
N SER A 128 -40.62 33.37 -2.18
CA SER A 128 -40.58 33.22 -3.63
C SER A 128 -39.56 34.19 -4.22
N ASN A 129 -38.82 33.70 -5.21
CA ASN A 129 -37.77 34.48 -5.86
C ASN A 129 -38.27 35.26 -7.07
N ASN A 130 -39.57 35.21 -7.35
CA ASN A 130 -40.15 35.91 -8.51
C ASN A 130 -40.56 37.30 -8.05
N PHE A 131 -39.65 38.27 -8.22
CA PHE A 131 -39.83 39.59 -7.63
C PHE A 131 -40.82 40.46 -8.40
N LEU A 132 -40.88 40.33 -9.72
CA LEU A 132 -41.67 41.28 -10.51
C LEU A 132 -43.09 40.80 -10.76
N GLN A 133 -43.28 39.48 -10.90
CA GLN A 133 -44.61 38.89 -11.10
C GLN A 133 -45.29 39.45 -12.36
N LEU A 134 -44.49 39.84 -13.34
CA LEU A 134 -45.00 40.26 -14.63
C LEU A 134 -45.28 39.08 -15.55
N SER A 135 -44.77 37.90 -15.24
CA SER A 135 -44.91 36.72 -16.08
C SER A 135 -46.25 36.04 -15.91
N ALA A 136 -47.06 36.44 -14.94
CA ALA A 136 -48.38 35.87 -14.75
C ALA A 136 -49.48 36.69 -15.41
N THR A 137 -49.15 37.86 -15.96
CA THR A 137 -50.16 38.72 -16.55
C THR A 137 -50.71 38.10 -17.82
N GLU A 138 -51.92 38.51 -18.18
CA GLU A 138 -52.65 37.95 -19.32
C GLU A 138 -51.93 38.08 -20.66
N PRO A 139 -51.29 39.21 -21.01
CA PRO A 139 -50.55 39.25 -22.29
C PRO A 139 -49.48 38.18 -22.40
N VAL A 140 -48.73 37.93 -21.33
CA VAL A 140 -47.68 36.93 -21.40
C VAL A 140 -48.28 35.54 -21.54
N LYS A 141 -49.41 35.28 -20.88
CA LYS A 141 -50.09 34.01 -21.05
C LYS A 141 -50.50 33.79 -22.50
N GLU A 142 -51.02 34.83 -23.15
CA GLU A 142 -51.40 34.70 -24.55
C GLU A 142 -50.20 34.41 -25.44
N VAL A 143 -49.08 35.11 -25.20
CA VAL A 143 -47.88 34.87 -25.99
C VAL A 143 -47.41 33.42 -25.81
N VAL A 144 -47.45 32.93 -24.58
CA VAL A 144 -47.04 31.55 -24.32
C VAL A 144 -47.92 30.57 -25.07
N LYS A 145 -49.24 30.78 -25.03
CA LYS A 145 -50.14 29.84 -25.70
C LYS A 145 -49.93 29.85 -27.20
N THR A 146 -49.78 31.03 -27.80
CA THR A 146 -49.55 31.12 -29.23
C THR A 146 -48.25 30.43 -29.61
N THR A 147 -47.19 30.64 -28.83
CA THR A 147 -45.91 30.01 -29.12
C THR A 147 -46.02 28.50 -29.03
N ILE A 148 -46.72 27.99 -28.01
CA ILE A 148 -46.85 26.55 -27.85
C ILE A 148 -47.66 25.95 -29.00
N LYS A 149 -48.65 26.68 -29.51
CA LYS A 149 -49.42 26.15 -30.63
C LYS A 149 -48.64 26.21 -31.95
N ASN A 150 -47.76 27.19 -32.12
CA ASN A 150 -47.04 27.32 -33.38
C ASN A 150 -45.77 26.47 -33.42
N TYR A 151 -45.17 26.22 -32.26
CA TYR A 151 -43.98 25.41 -32.12
C TYR A 151 -44.34 24.18 -31.29
N GLY A 152 -43.34 23.40 -30.90
CA GLY A 152 -43.62 22.30 -30.01
C GLY A 152 -43.46 22.71 -28.56
N VAL A 153 -42.89 21.81 -27.75
CA VAL A 153 -42.49 22.13 -26.39
C VAL A 153 -40.99 22.02 -26.21
N GLY A 154 -40.32 21.16 -26.96
CA GLY A 154 -38.87 21.05 -26.89
C GLY A 154 -38.24 21.44 -28.21
N ALA A 155 -36.92 21.63 -28.17
CA ALA A 155 -36.17 22.06 -29.33
C ALA A 155 -35.60 20.92 -30.15
N CYS A 156 -35.30 19.77 -29.53
CA CYS A 156 -34.84 18.57 -30.22
C CYS A 156 -33.54 18.86 -31.00
N GLY A 157 -32.50 19.17 -30.24
CA GLY A 157 -31.19 19.33 -30.82
C GLY A 157 -30.39 20.46 -30.22
N PRO A 158 -29.07 20.35 -30.26
CA PRO A 158 -28.19 21.40 -29.76
C PRO A 158 -28.05 22.55 -30.75
N ALA A 159 -27.59 23.69 -30.24
CA ALA A 159 -27.46 24.88 -31.06
C ALA A 159 -26.52 24.66 -32.24
N GLY A 160 -25.58 23.74 -32.10
CA GLY A 160 -24.59 23.55 -33.15
C GLY A 160 -25.17 23.09 -34.46
N PHE A 161 -26.06 22.11 -34.42
CA PHE A 161 -26.62 21.57 -35.66
C PHE A 161 -27.84 22.31 -36.16
N TYR A 162 -28.94 22.21 -35.42
CA TYR A 162 -30.25 22.77 -35.73
C TYR A 162 -30.91 23.20 -34.42
N GLY A 163 -32.21 23.38 -34.44
CA GLY A 163 -32.88 23.67 -33.18
C GLY A 163 -32.45 24.97 -32.56
N ASN A 164 -32.09 25.94 -33.39
CA ASN A 164 -31.86 27.32 -32.97
C ASN A 164 -32.81 28.18 -33.78
N GLN A 165 -34.04 28.32 -33.29
CA GLN A 165 -35.07 29.00 -34.05
C GLN A 165 -34.80 30.50 -34.10
N ASP A 166 -35.63 31.20 -34.87
CA ASP A 166 -35.50 32.65 -34.98
C ASP A 166 -35.87 33.35 -33.69
N VAL A 167 -36.66 32.70 -32.83
CA VAL A 167 -37.01 33.29 -31.55
C VAL A 167 -35.78 33.45 -30.66
N HIS A 168 -34.85 32.50 -30.74
CA HIS A 168 -33.62 32.60 -29.95
C HIS A 168 -32.79 33.80 -30.38
N TYR A 169 -32.67 34.02 -31.68
CA TYR A 169 -31.93 35.18 -32.18
C TYR A 169 -32.61 36.47 -31.77
N THR A 170 -33.94 36.51 -31.87
CA THR A 170 -34.66 37.71 -31.48
C THR A 170 -34.46 38.03 -30.00
N LEU A 171 -34.50 37.01 -29.15
CA LEU A 171 -34.28 37.26 -27.72
C LEU A 171 -32.87 37.76 -27.47
N GLU A 172 -31.87 37.20 -28.15
CA GLU A 172 -30.50 37.66 -27.94
C GLU A 172 -30.35 39.13 -28.35
N TYR A 173 -30.94 39.52 -29.48
CA TYR A 173 -30.90 40.92 -29.90
C TYR A 173 -31.58 41.80 -28.87
N ASP A 174 -32.74 41.37 -28.36
CA ASP A 174 -33.47 42.19 -27.40
C ASP A 174 -32.68 42.37 -26.11
N LEU A 175 -32.06 41.30 -25.62
CA LEU A 175 -31.25 41.39 -24.41
C LEU A 175 -30.10 42.36 -24.60
N ALA A 176 -29.39 42.25 -25.73
CA ALA A 176 -28.25 43.13 -25.97
C ALA A 176 -28.69 44.58 -26.07
N GLN A 177 -29.80 44.84 -26.76
CA GLN A 177 -30.25 46.23 -26.91
C GLN A 177 -30.76 46.79 -25.58
N PHE A 178 -31.43 45.97 -24.78
CA PHE A 178 -31.99 46.46 -23.52
C PHE A 178 -30.90 46.74 -22.49
N PHE A 179 -29.86 45.90 -22.43
CA PHE A 179 -28.86 46.10 -21.38
C PHE A 179 -27.68 46.94 -21.84
N GLY A 180 -27.50 47.12 -23.15
CA GLY A 180 -26.53 48.08 -23.62
C GLY A 180 -25.30 47.53 -24.31
N THR A 181 -25.01 46.25 -24.11
CA THR A 181 -23.79 45.67 -24.65
C THR A 181 -23.96 45.37 -26.15
N GLN A 182 -22.98 44.67 -26.73
CA GLN A 182 -23.04 44.37 -28.16
C GLN A 182 -23.82 43.09 -28.43
N GLY A 183 -23.45 42.00 -27.76
CA GLY A 183 -24.12 40.72 -27.97
C GLY A 183 -24.34 39.94 -26.70
N SER A 184 -24.98 38.78 -26.80
CA SER A 184 -25.22 37.92 -25.66
C SER A 184 -25.43 36.49 -26.16
N VAL A 185 -25.31 35.53 -25.24
CA VAL A 185 -25.57 34.13 -25.53
C VAL A 185 -26.53 33.59 -24.49
N LEU A 186 -27.28 32.56 -24.87
CA LEU A 186 -28.27 31.95 -23.99
C LEU A 186 -27.76 30.61 -23.47
N TYR A 187 -28.13 30.29 -22.24
CA TYR A 187 -27.68 29.07 -21.58
C TYR A 187 -28.88 28.30 -21.03
N GLY A 188 -28.68 26.99 -20.85
CA GLY A 188 -29.78 26.14 -20.47
C GLY A 188 -30.32 26.40 -19.08
N GLN A 189 -29.43 26.72 -18.14
CA GLN A 189 -29.85 27.08 -16.79
C GLN A 189 -28.77 27.92 -16.14
N ASP A 190 -29.17 28.72 -15.18
CA ASP A 190 -28.28 29.72 -14.58
C ASP A 190 -27.11 29.07 -13.84
N PHE A 191 -27.38 27.95 -13.17
CA PHE A 191 -26.36 27.26 -12.39
C PHE A 191 -25.17 26.81 -13.22
N CYS A 192 -25.39 26.56 -14.51
CA CYS A 192 -24.35 26.09 -15.40
C CYS A 192 -23.74 27.20 -16.26
N ALA A 193 -24.15 28.44 -16.06
CA ALA A 193 -23.62 29.53 -16.87
C ALA A 193 -22.18 29.86 -16.47
N ALA A 194 -21.96 30.18 -15.21
CA ALA A 194 -20.63 30.59 -14.77
C ALA A 194 -19.57 29.49 -14.90
N PRO A 195 -19.80 28.25 -14.46
CA PRO A 195 -18.75 27.22 -14.62
C PRO A 195 -18.45 26.87 -16.06
N SER A 196 -19.24 27.35 -17.01
CA SER A 196 -18.94 27.10 -18.41
C SER A 196 -18.21 28.28 -19.03
N VAL A 197 -18.61 29.50 -18.69
CA VAL A 197 -17.98 30.67 -19.28
C VAL A 197 -16.57 30.84 -18.76
N LEU A 198 -16.39 30.79 -17.44
CA LEU A 198 -15.10 31.19 -16.87
C LEU A 198 -13.95 30.28 -17.28
N PRO A 199 -14.07 28.95 -17.26
CA PRO A 199 -12.96 28.12 -17.76
C PRO A 199 -12.64 28.31 -19.24
N ALA A 200 -13.53 28.91 -20.02
CA ALA A 200 -13.25 29.16 -21.42
C ALA A 200 -12.24 30.29 -21.61
N PHE A 201 -12.05 31.14 -20.60
CA PHE A 201 -11.20 32.30 -20.73
C PHE A 201 -10.02 32.30 -19.78
N THR A 202 -9.79 31.20 -19.08
CA THR A 202 -8.64 31.09 -18.18
C THR A 202 -8.11 29.68 -18.14
N LYS A 203 -6.83 29.53 -17.82
CA LYS A 203 -6.20 28.22 -17.74
C LYS A 203 -4.96 28.28 -16.88
N ARG A 204 -4.20 27.19 -16.82
CA ARG A 204 -3.00 27.15 -16.02
C ARG A 204 -2.01 28.21 -16.47
N GLY A 205 -1.91 29.29 -15.72
CA GLY A 205 -1.00 30.37 -16.04
C GLY A 205 -1.62 31.75 -15.92
N ASP A 206 -2.91 31.79 -15.56
CA ASP A 206 -3.61 33.06 -15.41
C ASP A 206 -3.89 33.34 -13.95
N VAL A 207 -4.24 34.59 -13.66
CA VAL A 207 -4.51 35.00 -12.29
C VAL A 207 -5.93 35.51 -12.09
N ILE A 208 -6.57 35.02 -11.04
CA ILE A 208 -7.92 35.44 -10.68
C ILE A 208 -7.89 35.98 -9.25
N VAL A 209 -8.50 37.14 -9.05
CA VAL A 209 -8.61 37.75 -7.73
C VAL A 209 -10.09 37.81 -7.38
N ALA A 210 -10.50 37.06 -6.36
CA ALA A 210 -11.90 36.85 -6.05
C ALA A 210 -12.24 37.43 -4.69
N ASP A 211 -13.52 37.74 -4.51
CA ASP A 211 -14.01 38.23 -3.24
C ASP A 211 -13.91 37.15 -2.17
N ASP A 212 -14.13 37.54 -0.92
CA ASP A 212 -13.95 36.62 0.21
C ASP A 212 -15.15 35.72 0.43
N GLN A 213 -16.32 36.07 -0.08
CA GLN A 213 -17.52 35.27 0.07
C GLN A 213 -18.36 35.34 -1.22
N VAL A 214 -18.12 34.37 -2.09
CA VAL A 214 -18.88 34.26 -3.33
C VAL A 214 -19.71 32.98 -3.28
N SER A 215 -20.80 32.98 -4.05
CA SER A 215 -21.74 31.88 -4.04
C SER A 215 -21.10 30.60 -4.57
N LEU A 216 -21.81 29.50 -4.43
CA LEU A 216 -21.27 28.20 -4.82
C LEU A 216 -20.99 28.07 -6.31
N PRO A 217 -21.86 28.53 -7.23
CA PRO A 217 -21.51 28.40 -8.66
C PRO A 217 -20.20 29.07 -9.02
N VAL A 218 -19.90 30.23 -8.45
CA VAL A 218 -18.65 30.90 -8.74
C VAL A 218 -17.48 30.12 -8.16
N GLN A 219 -17.66 29.50 -7.00
CA GLN A 219 -16.61 28.67 -6.43
C GLN A 219 -16.32 27.47 -7.33
N ASN A 220 -17.36 26.87 -7.89
CA ASN A 220 -17.18 25.77 -8.84
C ASN A 220 -16.42 26.24 -10.07
N ALA A 221 -16.76 27.42 -10.59
CA ALA A 221 -16.08 27.95 -11.76
C ALA A 221 -14.60 28.18 -11.48
N LEU A 222 -14.29 28.74 -10.32
CA LEU A 222 -12.88 28.97 -9.97
C LEU A 222 -12.12 27.68 -9.83
N GLN A 223 -12.73 26.67 -9.18
CA GLN A 223 -12.03 25.41 -8.98
C GLN A 223 -11.79 24.69 -10.30
N LEU A 224 -12.76 24.76 -11.20
CA LEU A 224 -12.66 24.08 -12.48
C LEU A 224 -11.89 24.87 -13.52
N SER A 225 -11.55 26.13 -13.22
CA SER A 225 -10.83 26.97 -14.18
C SER A 225 -9.37 26.54 -14.30
N ARG A 226 -8.79 26.03 -13.23
CA ARG A 226 -7.39 25.60 -13.19
C ARG A 226 -6.44 26.78 -13.42
N SER A 227 -6.58 27.79 -12.58
CA SER A 227 -5.68 28.93 -12.60
C SER A 227 -5.35 29.31 -11.16
N THR A 228 -4.46 30.28 -11.00
CA THR A 228 -4.08 30.76 -9.68
C THR A 228 -5.13 31.71 -9.14
N VAL A 229 -5.60 31.46 -7.92
CA VAL A 229 -6.72 32.19 -7.35
C VAL A 229 -6.29 32.84 -6.04
N TYR A 230 -6.60 34.12 -5.87
CA TYR A 230 -6.35 34.87 -4.65
C TYR A 230 -7.67 35.43 -4.13
N TYR A 231 -7.76 35.59 -2.81
CA TYR A 231 -8.95 36.10 -2.18
C TYR A 231 -8.65 37.42 -1.47
N PHE A 232 -9.48 38.43 -1.71
CA PHE A 232 -9.37 39.70 -1.00
C PHE A 232 -10.52 39.82 -0.02
N ASN A 233 -10.57 40.93 0.71
CA ASN A 233 -11.23 40.96 2.01
C ASN A 233 -12.69 41.38 1.99
N HIS A 234 -13.42 41.08 0.92
CA HIS A 234 -14.86 41.31 0.89
C HIS A 234 -15.25 42.78 1.07
N ASN A 235 -15.02 43.57 0.03
CA ASN A 235 -15.38 44.99 -0.01
C ASN A 235 -14.41 45.81 0.84
N ASP A 236 -13.17 45.38 0.85
CA ASP A 236 -12.07 46.13 1.45
C ASP A 236 -11.19 46.59 0.29
N MET A 237 -11.50 47.77 -0.24
CA MET A 237 -10.76 48.29 -1.38
C MET A 237 -9.28 48.45 -1.07
N ASN A 238 -8.94 48.65 0.20
CA ASN A 238 -7.55 48.71 0.59
C ASN A 238 -6.85 47.38 0.36
N SER A 239 -7.49 46.29 0.78
CA SER A 239 -6.90 44.97 0.60
C SER A 239 -6.77 44.61 -0.88
N LEU A 240 -7.79 44.96 -1.67
CA LEU A 240 -7.74 44.72 -3.11
C LEU A 240 -6.60 45.50 -3.74
N GLU A 241 -6.45 46.77 -3.37
CA GLU A 241 -5.40 47.59 -3.95
C GLU A 241 -4.01 47.05 -3.58
N CYS A 242 -3.83 46.64 -2.33
CA CYS A 242 -2.57 46.07 -1.91
C CYS A 242 -2.24 44.82 -2.69
N LEU A 243 -3.23 43.93 -2.85
CA LEU A 243 -2.99 42.67 -3.56
C LEU A 243 -2.64 42.92 -5.02
N LEU A 244 -3.37 43.81 -5.68
CA LEU A 244 -3.09 44.11 -7.07
C LEU A 244 -1.71 44.72 -7.25
N ASN A 245 -1.32 45.62 -6.33
CA ASN A 245 -0.02 46.26 -6.43
C ASN A 245 1.11 45.25 -6.29
N GLU A 246 1.00 44.34 -5.30
CA GLU A 246 2.02 43.32 -5.14
C GLU A 246 2.11 42.43 -6.37
N LEU A 247 0.96 42.02 -6.91
CA LEU A 247 0.96 41.14 -8.07
C LEU A 247 1.61 41.82 -9.28
N THR A 248 1.27 43.08 -9.53
CA THR A 248 1.78 43.74 -10.72
C THR A 248 3.28 44.04 -10.59
N GLU A 249 3.76 44.31 -9.38
CA GLU A 249 5.19 44.52 -9.20
C GLU A 249 5.95 43.22 -9.44
N GLN A 250 5.45 42.11 -8.91
CA GLN A 250 6.11 40.83 -9.15
C GLN A 250 6.13 40.48 -10.62
N GLU A 251 5.02 40.74 -11.32
CA GLU A 251 4.99 40.49 -12.76
C GLU A 251 6.00 41.34 -13.51
N LYS A 252 6.10 42.63 -13.13
CA LYS A 252 7.06 43.51 -13.79
C LYS A 252 8.48 43.01 -13.57
N LEU A 253 8.78 42.50 -12.38
CA LEU A 253 10.10 41.94 -12.11
C LEU A 253 10.34 40.68 -12.92
N GLU A 254 9.31 39.85 -13.12
CA GLU A 254 9.52 38.56 -13.78
C GLU A 254 9.74 38.70 -15.28
N LYS A 255 9.34 39.84 -15.86
CA LYS A 255 9.57 40.19 -17.27
C LYS A 255 9.21 39.04 -18.23
N LEU A 256 7.97 38.56 -18.09
CA LEU A 256 7.47 37.48 -18.91
C LEU A 256 7.38 37.90 -20.38
N PRO A 257 7.56 36.96 -21.31
CA PRO A 257 7.46 37.29 -22.74
C PRO A 257 6.09 37.85 -23.10
N ALA A 258 5.04 37.08 -22.84
CA ALA A 258 3.67 37.48 -23.12
C ALA A 258 2.90 37.57 -21.82
N ILE A 259 2.16 38.66 -21.65
CA ILE A 259 1.43 38.91 -20.42
C ILE A 259 0.19 38.01 -20.37
N PRO A 260 -0.22 37.54 -19.19
CA PRO A 260 -1.36 36.63 -19.11
C PRO A 260 -2.69 37.36 -18.98
N ARG A 261 -3.78 36.59 -18.87
CA ARG A 261 -5.09 37.18 -18.64
C ARG A 261 -5.32 37.41 -17.16
N LYS A 262 -6.12 38.41 -16.84
CA LYS A 262 -6.31 38.85 -15.46
C LYS A 262 -7.76 39.21 -15.24
N PHE A 263 -8.37 38.67 -14.20
CA PHE A 263 -9.78 38.91 -13.92
C PHE A 263 -9.99 39.26 -12.46
N ILE A 264 -10.98 40.12 -12.21
CA ILE A 264 -11.50 40.39 -10.87
C ILE A 264 -12.92 39.85 -10.82
N VAL A 265 -13.18 38.99 -9.85
CA VAL A 265 -14.45 38.26 -9.75
C VAL A 265 -15.19 38.74 -8.52
N THR A 266 -16.45 39.13 -8.70
CA THR A 266 -17.27 39.64 -7.60
C THR A 266 -18.73 39.35 -7.94
N GLU A 267 -19.65 39.97 -7.19
CA GLU A 267 -21.07 39.80 -7.40
C GLU A 267 -21.77 41.15 -7.25
N GLY A 268 -22.93 41.26 -7.89
CA GLY A 268 -23.72 42.47 -7.78
C GLY A 268 -24.36 42.62 -6.42
N ILE A 269 -25.29 41.73 -6.10
CA ILE A 269 -25.88 41.62 -4.77
C ILE A 269 -25.61 40.20 -4.30
N PHE A 270 -24.93 40.05 -3.17
CA PHE A 270 -24.39 38.75 -2.79
C PHE A 270 -25.50 37.78 -2.44
N HIS A 271 -25.27 36.51 -2.76
CA HIS A 271 -26.30 35.50 -2.63
C HIS A 271 -26.58 35.16 -1.18
N ASN A 272 -25.54 35.05 -0.37
CA ASN A 272 -25.72 34.68 1.04
C ASN A 272 -25.85 35.91 1.92
N SER A 273 -24.86 36.80 1.87
CA SER A 273 -24.88 38.02 2.66
C SER A 273 -26.03 38.93 2.29
N GLY A 274 -26.02 39.43 1.06
CA GLY A 274 -27.08 40.29 0.59
C GLY A 274 -26.71 41.76 0.50
N ASP A 275 -25.42 42.07 0.57
CA ASP A 275 -24.97 43.45 0.60
C ASP A 275 -24.44 43.88 -0.77
N LEU A 276 -24.54 45.18 -1.03
CA LEU A 276 -24.18 45.75 -2.32
C LEU A 276 -22.67 45.71 -2.53
N ALA A 277 -22.27 45.85 -3.80
CA ALA A 277 -20.87 45.86 -4.19
C ALA A 277 -20.45 47.23 -4.68
N PRO A 278 -19.24 47.68 -4.32
CA PRO A 278 -18.79 49.01 -4.77
C PRO A 278 -18.30 49.00 -6.21
N LEU A 279 -19.09 49.55 -7.12
CA LEU A 279 -18.71 49.55 -8.52
C LEU A 279 -17.74 50.68 -8.89
N PRO A 280 -17.91 51.93 -8.40
CA PRO A 280 -16.99 52.99 -8.80
C PRO A 280 -15.53 52.68 -8.50
N GLU A 281 -15.24 52.27 -7.28
CA GLU A 281 -13.86 51.96 -6.89
C GLU A 281 -13.32 50.80 -7.70
N LEU A 282 -14.15 49.77 -7.91
CA LEU A 282 -13.72 48.60 -8.67
C LEU A 282 -13.34 48.99 -10.10
N THR A 283 -14.20 49.74 -10.77
CA THR A 283 -13.92 50.17 -12.14
C THR A 283 -12.66 51.02 -12.19
N LYS A 284 -12.55 51.96 -11.25
CA LYS A 284 -11.40 52.87 -11.21
C LYS A 284 -10.09 52.11 -11.10
N LEU A 285 -10.00 51.20 -10.12
CA LEU A 285 -8.73 50.57 -9.86
C LEU A 285 -8.46 49.40 -10.81
N LYS A 286 -9.49 48.86 -11.47
CA LYS A 286 -9.18 47.87 -12.50
C LYS A 286 -8.71 48.55 -13.77
N ASN A 287 -9.21 49.77 -14.03
CA ASN A 287 -8.64 50.58 -15.11
C ASN A 287 -7.20 50.93 -14.82
N LYS A 288 -6.90 51.32 -13.57
CA LYS A 288 -5.54 51.69 -13.22
C LYS A 288 -4.57 50.52 -13.28
N TYR A 289 -4.95 49.33 -12.82
CA TYR A 289 -4.04 48.20 -12.80
C TYR A 289 -4.23 47.24 -13.97
N LYS A 290 -5.13 47.54 -14.90
CA LYS A 290 -5.33 46.76 -16.11
C LYS A 290 -5.71 45.31 -15.85
N PHE A 291 -6.87 45.12 -15.20
CA PHE A 291 -7.47 43.81 -15.03
C PHE A 291 -8.79 43.78 -15.81
N ARG A 292 -9.51 42.66 -15.76
CA ARG A 292 -10.86 42.64 -16.33
C ARG A 292 -11.87 42.35 -15.23
N LEU A 293 -13.08 42.87 -15.36
CA LEU A 293 -14.07 42.75 -14.31
C LEU A 293 -15.14 41.73 -14.69
N PHE A 294 -15.37 40.76 -13.79
CA PHE A 294 -16.41 39.74 -13.95
C PHE A 294 -17.42 39.93 -12.82
N VAL A 295 -18.65 40.25 -13.18
CA VAL A 295 -19.71 40.50 -12.21
C VAL A 295 -20.81 39.47 -12.42
N ASP A 296 -21.18 38.78 -11.34
CA ASP A 296 -22.24 37.78 -11.36
C ASP A 296 -23.46 38.37 -10.67
N GLU A 297 -24.34 39.02 -11.44
CA GLU A 297 -25.49 39.70 -10.85
C GLU A 297 -26.76 38.96 -11.23
N THR A 298 -27.08 37.94 -10.42
CA THR A 298 -28.32 37.18 -10.54
C THR A 298 -29.47 37.83 -9.79
N PHE A 299 -29.20 38.47 -8.65
CA PHE A 299 -30.22 39.02 -7.79
C PHE A 299 -30.41 40.53 -7.94
N SER A 300 -29.80 41.15 -8.95
CA SER A 300 -29.92 42.59 -9.12
C SER A 300 -30.58 43.01 -10.42
N ILE A 301 -30.48 42.21 -11.47
CA ILE A 301 -31.14 42.56 -12.72
C ILE A 301 -32.64 42.56 -12.49
N GLY A 302 -33.29 43.68 -12.79
CA GLY A 302 -34.69 43.84 -12.51
C GLY A 302 -35.00 44.31 -11.10
N VAL A 303 -33.98 44.58 -10.27
CA VAL A 303 -34.21 44.98 -8.89
C VAL A 303 -33.52 46.30 -8.63
N LEU A 304 -32.45 46.60 -9.37
CA LEU A 304 -31.66 47.80 -9.17
C LEU A 304 -31.75 48.71 -10.38
N GLY A 305 -31.94 50.00 -10.13
CA GLY A 305 -32.05 51.00 -11.17
C GLY A 305 -33.45 51.59 -11.24
N ALA A 306 -33.53 52.74 -11.90
CA ALA A 306 -34.82 53.39 -12.10
C ALA A 306 -35.72 52.54 -13.00
N THR A 307 -35.14 51.86 -13.98
CA THR A 307 -35.88 50.95 -14.85
C THR A 307 -35.44 49.51 -14.67
N GLY A 308 -34.71 49.20 -13.61
CA GLY A 308 -34.27 47.84 -13.35
C GLY A 308 -33.31 47.30 -14.39
N ARG A 309 -32.31 48.09 -14.76
CA ARG A 309 -31.32 47.68 -15.74
C ARG A 309 -30.02 47.22 -15.10
N GLY A 310 -30.04 46.92 -13.82
CA GLY A 310 -28.92 46.27 -13.18
C GLY A 310 -28.14 47.19 -12.25
N LEU A 311 -26.89 46.80 -12.02
CA LEU A 311 -26.01 47.52 -11.11
C LEU A 311 -25.50 48.82 -11.73
N SER A 312 -25.15 48.79 -13.02
CA SER A 312 -24.57 49.96 -13.66
C SER A 312 -25.56 51.12 -13.66
N GLU A 313 -26.82 50.86 -13.97
CA GLU A 313 -27.81 51.94 -13.94
C GLU A 313 -28.00 52.47 -12.52
N HIS A 314 -27.82 51.62 -11.50
CA HIS A 314 -27.89 52.11 -10.13
C HIS A 314 -26.77 53.09 -9.83
N PHE A 315 -25.57 52.83 -10.36
CA PHE A 315 -24.43 53.70 -10.13
C PHE A 315 -24.22 54.71 -11.26
N ASN A 316 -25.17 54.81 -12.19
CA ASN A 316 -25.14 55.81 -13.26
C ASN A 316 -23.88 55.73 -14.11
N MET A 317 -23.52 54.53 -14.57
CA MET A 317 -22.40 54.34 -15.47
C MET A 317 -22.89 53.73 -16.78
N ASP A 318 -21.94 53.35 -17.63
CA ASP A 318 -22.21 52.62 -18.86
C ASP A 318 -21.70 51.20 -18.68
N ARG A 319 -22.56 50.22 -18.98
CA ARG A 319 -22.17 48.83 -18.79
C ARG A 319 -21.11 48.39 -19.79
N ALA A 320 -21.06 49.00 -20.97
CA ALA A 320 -20.12 48.60 -22.00
C ALA A 320 -18.70 49.02 -21.69
N THR A 321 -18.48 49.89 -20.71
CA THR A 321 -17.15 50.33 -20.34
C THR A 321 -16.77 50.00 -18.91
N ALA A 322 -17.70 49.57 -18.06
CA ALA A 322 -17.41 49.29 -16.66
C ALA A 322 -17.22 47.81 -16.39
N ILE A 323 -18.06 46.96 -16.97
CA ILE A 323 -18.05 45.53 -16.72
C ILE A 323 -17.77 44.80 -18.01
N ASP A 324 -16.88 43.80 -17.95
CA ASP A 324 -16.51 43.02 -19.12
C ASP A 324 -17.37 41.79 -19.33
N ILE A 325 -17.58 40.97 -18.31
CA ILE A 325 -18.44 39.80 -18.39
C ILE A 325 -19.53 39.94 -17.34
N THR A 326 -20.78 39.75 -17.76
CA THR A 326 -21.91 39.78 -16.84
C THR A 326 -22.70 38.49 -16.99
N VAL A 327 -22.95 37.82 -15.87
CA VAL A 327 -23.72 36.59 -15.85
C VAL A 327 -25.04 36.87 -15.14
N GLY A 328 -26.14 36.59 -15.84
CA GLY A 328 -27.47 36.85 -15.32
C GLY A 328 -28.31 35.59 -15.19
N SER A 329 -29.58 35.80 -14.89
CA SER A 329 -30.51 34.69 -14.74
C SER A 329 -31.90 35.14 -15.18
N MET A 330 -32.57 34.29 -15.95
CA MET A 330 -33.93 34.54 -16.40
C MET A 330 -34.96 33.92 -15.48
N ALA A 331 -34.56 33.46 -14.30
CA ALA A 331 -35.41 32.66 -13.44
C ALA A 331 -35.76 33.33 -12.12
N THR A 332 -35.29 34.56 -11.88
CA THR A 332 -35.55 35.21 -10.60
C THR A 332 -36.45 36.40 -10.86
N ALA A 333 -36.04 37.38 -11.67
CA ALA A 333 -36.85 38.58 -11.81
C ALA A 333 -37.72 38.53 -13.05
N LEU A 334 -37.28 37.83 -14.09
CA LEU A 334 -38.02 37.77 -15.34
C LEU A 334 -39.03 36.63 -15.38
N GLY A 335 -39.11 35.81 -14.33
CA GLY A 335 -40.15 34.82 -14.21
C GLY A 335 -40.16 33.75 -15.28
N SER A 336 -39.00 33.18 -15.57
CA SER A 336 -38.86 32.17 -16.62
C SER A 336 -37.74 31.21 -16.29
N THR A 337 -37.19 30.52 -17.28
CA THR A 337 -36.11 29.58 -17.06
C THR A 337 -34.96 29.91 -18.00
N GLY A 338 -33.73 29.81 -17.48
CA GLY A 338 -32.54 29.95 -18.31
C GLY A 338 -31.52 30.88 -17.70
N GLY A 339 -30.53 31.25 -18.53
CA GLY A 339 -29.48 32.18 -18.16
C GLY A 339 -28.96 32.88 -19.40
N PHE A 340 -28.06 33.84 -19.18
CA PHE A 340 -27.46 34.54 -20.30
C PHE A 340 -26.14 35.16 -19.86
N VAL A 341 -25.35 35.57 -20.85
CA VAL A 341 -24.06 36.22 -20.64
C VAL A 341 -23.95 37.40 -21.59
N LEU A 342 -23.61 38.57 -21.06
CA LEU A 342 -23.52 39.80 -21.85
C LEU A 342 -22.06 40.20 -22.01
N GLY A 343 -21.65 40.47 -23.24
CA GLY A 343 -20.30 40.92 -23.51
C GLY A 343 -20.17 41.69 -24.80
N ASP A 344 -19.10 41.45 -25.55
CA ASP A 344 -18.91 42.07 -26.85
C ASP A 344 -18.75 40.96 -27.88
N SER A 345 -18.58 41.35 -29.15
CA SER A 345 -18.71 40.40 -30.25
C SER A 345 -17.64 39.31 -30.21
N VAL A 346 -16.40 39.69 -29.92
CA VAL A 346 -15.31 38.70 -29.89
C VAL A 346 -15.56 37.66 -28.81
N MET A 347 -15.94 38.13 -27.62
CA MET A 347 -16.22 37.24 -26.50
C MET A 347 -17.39 36.31 -26.81
N CYS A 348 -18.45 36.86 -27.40
CA CYS A 348 -19.62 36.04 -27.70
C CYS A 348 -19.30 34.97 -28.73
N LEU A 349 -18.55 35.32 -29.77
CA LEU A 349 -18.20 34.33 -30.79
C LEU A 349 -17.34 33.21 -30.18
N HIS A 350 -16.38 33.57 -29.35
CA HIS A 350 -15.56 32.53 -28.75
C HIS A 350 -16.35 31.66 -27.80
N GLN A 351 -17.40 32.20 -27.18
CA GLN A 351 -18.27 31.36 -26.35
C GLN A 351 -19.03 30.37 -27.20
N ARG A 352 -19.51 30.81 -28.37
CA ARG A 352 -20.23 29.88 -29.25
C ARG A 352 -19.31 28.77 -29.72
N ILE A 353 -18.00 29.01 -29.74
CA ILE A 353 -17.08 27.94 -30.15
C ILE A 353 -16.63 27.07 -28.98
N GLY A 354 -16.18 27.66 -27.87
CA GLY A 354 -15.45 26.92 -26.86
C GLY A 354 -16.05 26.83 -25.47
N SER A 355 -17.32 27.16 -25.32
CA SER A 355 -18.00 26.98 -24.03
C SER A 355 -18.78 25.67 -24.02
N ASN A 356 -18.51 24.81 -23.04
CA ASN A 356 -18.95 23.42 -23.11
C ASN A 356 -20.47 23.28 -23.01
N ALA A 357 -21.07 23.94 -22.02
CA ALA A 357 -22.50 23.77 -21.79
C ALA A 357 -23.32 24.30 -22.94
N TYR A 358 -22.76 25.25 -23.68
CA TYR A 358 -23.48 25.81 -24.83
C TYR A 358 -23.54 24.81 -25.98
N CYS A 359 -22.41 24.20 -26.31
CA CYS A 359 -22.32 23.38 -27.50
C CYS A 359 -22.59 21.91 -27.26
N PHE A 360 -22.80 21.48 -26.02
CA PHE A 360 -23.07 20.08 -25.75
C PHE A 360 -24.37 19.90 -24.97
N SER A 361 -25.30 20.85 -25.11
CA SER A 361 -26.59 20.73 -24.47
C SER A 361 -27.64 21.32 -25.40
N ALA A 362 -28.89 20.86 -25.22
CA ALA A 362 -29.98 21.27 -26.08
C ALA A 362 -30.38 22.71 -25.82
N CYS A 363 -30.87 23.36 -26.86
CA CYS A 363 -31.42 24.69 -26.72
C CYS A 363 -32.69 24.65 -25.88
N LEU A 364 -32.98 25.76 -25.24
CA LEU A 364 -34.11 25.82 -24.33
C LEU A 364 -35.41 26.11 -25.08
N PRO A 365 -36.55 25.69 -24.52
CA PRO A 365 -37.81 25.74 -25.27
C PRO A 365 -38.19 27.15 -25.70
N ALA A 366 -38.97 27.24 -26.78
CA ALA A 366 -39.25 28.52 -27.41
C ALA A 366 -40.20 29.37 -26.58
N TYR A 367 -41.11 28.74 -25.82
CA TYR A 367 -42.06 29.55 -25.06
C TYR A 367 -41.34 30.37 -24.00
N THR A 368 -40.27 29.85 -23.44
CA THR A 368 -39.50 30.60 -22.46
C THR A 368 -38.92 31.87 -23.06
N VAL A 369 -38.32 31.76 -24.25
CA VAL A 369 -37.64 32.91 -24.84
C VAL A 369 -38.66 33.95 -25.31
N THR A 370 -39.78 33.51 -25.86
CA THR A 370 -40.79 34.49 -26.28
C THR A 370 -41.41 35.19 -25.09
N SER A 371 -41.64 34.47 -23.99
CA SER A 371 -42.18 35.11 -22.80
C SER A 371 -41.20 36.14 -22.24
N VAL A 372 -39.90 35.82 -22.23
CA VAL A 372 -38.92 36.76 -21.72
C VAL A 372 -38.87 38.01 -22.59
N SER A 373 -38.97 37.84 -23.91
CA SER A 373 -38.97 39.01 -24.79
C SER A 373 -40.17 39.91 -24.51
N LYS A 374 -41.35 39.31 -24.34
CA LYS A 374 -42.53 40.10 -24.01
C LYS A 374 -42.34 40.85 -22.69
N VAL A 375 -41.75 40.18 -21.70
CA VAL A 375 -41.53 40.80 -20.41
C VAL A 375 -40.60 42.00 -20.54
N LEU A 376 -39.54 41.87 -21.35
CA LEU A 376 -38.62 42.98 -21.55
C LEU A 376 -39.32 44.17 -22.18
N LYS A 377 -40.19 43.92 -23.15
CA LYS A 377 -40.95 45.02 -23.75
C LYS A 377 -41.85 45.71 -22.73
N LEU A 378 -42.53 44.91 -21.90
CA LEU A 378 -43.39 45.48 -20.86
C LEU A 378 -42.57 46.29 -19.85
N MET A 379 -41.40 45.79 -19.47
CA MET A 379 -40.54 46.53 -18.57
C MET A 379 -40.03 47.80 -19.21
N ASP A 380 -39.96 47.84 -20.54
CA ASP A 380 -39.56 49.04 -21.24
C ASP A 380 -40.65 50.11 -21.26
N SER A 381 -41.92 49.72 -21.27
CA SER A 381 -43.02 50.68 -21.31
C SER A 381 -43.76 50.69 -19.98
N ASN A 382 -43.77 51.85 -19.32
CA ASN A 382 -44.60 52.08 -18.13
C ASN A 382 -44.32 51.08 -17.01
N ASN A 383 -43.13 51.14 -16.44
CA ASN A 383 -42.65 50.10 -15.53
C ASN A 383 -43.51 49.93 -14.27
N ASP A 384 -43.42 50.88 -13.34
CA ASP A 384 -44.24 50.95 -12.12
C ASP A 384 -43.99 49.77 -11.17
N ALA A 385 -43.36 48.71 -11.68
CA ALA A 385 -43.24 47.47 -10.93
C ALA A 385 -41.92 47.46 -10.16
N VAL A 386 -40.85 47.88 -10.83
CA VAL A 386 -39.60 48.08 -10.12
C VAL A 386 -39.79 49.13 -9.04
N GLN A 387 -40.51 50.22 -9.35
CA GLN A 387 -40.73 51.28 -8.37
C GLN A 387 -41.47 50.75 -7.15
N THR A 388 -42.56 50.00 -7.39
CA THR A 388 -43.29 49.40 -6.27
C THR A 388 -42.38 48.50 -5.45
N LEU A 389 -41.57 47.68 -6.12
CA LEU A 389 -40.67 46.77 -5.42
C LEU A 389 -39.66 47.54 -4.57
N GLN A 390 -39.14 48.65 -5.08
CA GLN A 390 -38.16 49.43 -4.33
C GLN A 390 -38.79 50.01 -3.06
N LYS A 391 -40.00 50.57 -3.17
CA LYS A 391 -40.64 51.14 -1.99
C LYS A 391 -40.91 50.06 -0.94
N LEU A 392 -41.40 48.90 -1.39
CA LEU A 392 -41.70 47.82 -0.45
C LEU A 392 -40.44 47.33 0.24
N SER A 393 -39.35 47.17 -0.52
CA SER A 393 -38.11 46.68 0.06
C SER A 393 -37.56 47.68 1.08
N LYS A 394 -37.65 48.97 0.76
CA LYS A 394 -37.18 50.00 1.69
C LYS A 394 -37.95 49.95 2.99
N SER A 395 -39.27 49.83 2.90
CA SER A 395 -40.09 49.79 4.11
C SER A 395 -39.78 48.54 4.94
N LEU A 396 -39.58 47.41 4.27
CA LEU A 396 -39.29 46.16 4.97
C LEU A 396 -37.98 46.25 5.73
N HIS A 397 -36.93 46.76 5.08
CA HIS A 397 -35.64 46.87 5.74
C HIS A 397 -35.69 47.87 6.89
N ASP A 398 -36.40 48.97 6.71
CA ASP A 398 -36.55 49.93 7.80
C ASP A 398 -37.28 49.30 8.98
N SER A 399 -38.26 48.45 8.70
CA SER A 399 -39.03 47.82 9.77
C SER A 399 -38.15 46.91 10.61
N PHE A 400 -37.37 46.04 9.98
CA PHE A 400 -36.53 45.12 10.75
C PHE A 400 -35.22 45.73 11.24
N ALA A 401 -34.84 46.91 10.77
CA ALA A 401 -33.62 47.54 11.26
C ALA A 401 -33.86 48.52 12.39
N SER A 402 -35.05 49.13 12.45
CA SER A 402 -35.31 50.14 13.46
C SER A 402 -35.52 49.56 14.85
N ASP A 403 -35.95 48.31 14.94
CA ASP A 403 -36.30 47.73 16.24
C ASP A 403 -35.07 47.53 17.11
N ASP A 404 -35.25 47.75 18.41
CA ASP A 404 -34.20 47.55 19.40
C ASP A 404 -34.41 46.32 20.26
N SER A 405 -35.65 45.84 20.40
CA SER A 405 -35.89 44.67 21.24
C SER A 405 -35.20 43.43 20.70
N LEU A 406 -34.94 43.39 19.39
CA LEU A 406 -34.25 42.26 18.76
C LEU A 406 -32.76 42.52 18.60
N ARG A 407 -32.28 43.68 19.03
CA ARG A 407 -30.91 44.10 18.78
C ARG A 407 -29.89 43.39 19.66
N SER A 408 -30.30 42.32 20.33
CA SER A 408 -29.38 41.48 21.07
C SER A 408 -29.37 40.03 20.60
N TYR A 409 -30.23 39.65 19.66
CA TYR A 409 -30.29 38.28 19.16
C TYR A 409 -29.94 38.20 17.68
N VAL A 410 -30.49 39.09 16.86
CA VAL A 410 -30.34 38.99 15.41
C VAL A 410 -29.79 40.30 14.87
N ILE A 411 -29.18 40.21 13.69
CA ILE A 411 -28.63 41.36 12.98
C ILE A 411 -29.10 41.30 11.53
N VAL A 412 -29.22 42.46 10.91
CA VAL A 412 -29.66 42.56 9.53
C VAL A 412 -28.46 42.76 8.62
N THR A 413 -28.27 41.85 7.67
CA THR A 413 -27.07 41.87 6.84
C THR A 413 -27.33 42.54 5.50
N SER A 414 -28.55 42.40 4.98
CA SER A 414 -28.86 42.93 3.65
C SER A 414 -28.84 44.44 3.64
N SER A 415 -28.55 45.00 2.48
CA SER A 415 -28.58 46.44 2.26
C SER A 415 -30.00 46.88 1.90
N PRO A 416 -30.31 48.16 2.05
CA PRO A 416 -31.70 48.62 1.80
C PRO A 416 -32.18 48.42 0.37
N VAL A 417 -31.28 48.28 -0.60
CA VAL A 417 -31.71 48.08 -1.99
C VAL A 417 -31.97 46.62 -2.33
N SER A 418 -31.56 45.70 -1.46
CA SER A 418 -31.84 44.28 -1.69
C SER A 418 -33.33 44.00 -1.57
N ALA A 419 -33.81 43.09 -2.40
CA ALA A 419 -35.21 42.66 -2.37
C ALA A 419 -35.44 41.48 -1.45
N VAL A 420 -34.41 41.01 -0.77
CA VAL A 420 -34.50 39.91 0.16
C VAL A 420 -33.76 40.30 1.43
N LEU A 421 -34.31 39.92 2.58
CA LEU A 421 -33.79 40.32 3.88
C LEU A 421 -33.20 39.11 4.58
N HIS A 422 -31.98 39.26 5.09
CA HIS A 422 -31.27 38.18 5.77
C HIS A 422 -31.11 38.51 7.24
N LEU A 423 -30.96 37.47 8.07
CA LEU A 423 -30.79 37.61 9.51
C LEU A 423 -29.74 36.62 10.00
N GLN A 424 -29.13 36.93 11.12
CA GLN A 424 -28.14 36.04 11.72
C GLN A 424 -28.35 36.03 13.24
N LEU A 425 -27.40 35.45 13.98
CA LEU A 425 -27.57 35.23 15.40
C LEU A 425 -26.53 35.91 16.27
N THR A 426 -25.95 37.04 15.84
CA THR A 426 -25.21 37.91 16.75
C THR A 426 -24.17 37.14 17.56
N PRO A 427 -23.00 36.87 16.98
CA PRO A 427 -22.16 35.74 17.44
C PRO A 427 -22.09 35.54 18.95
N ALA A 428 -22.31 36.58 19.75
CA ALA A 428 -22.43 36.44 21.19
C ALA A 428 -23.51 35.44 21.56
N TYR A 429 -24.72 35.62 21.01
CA TYR A 429 -25.81 34.71 21.31
C TYR A 429 -25.54 33.31 20.78
N ARG A 430 -24.93 33.22 19.60
CA ARG A 430 -24.60 31.92 19.02
C ARG A 430 -23.64 31.15 19.91
N SER A 431 -22.61 31.84 20.41
CA SER A 431 -21.68 31.20 21.34
C SER A 431 -22.37 30.82 22.64
N ARG A 432 -23.20 31.71 23.17
CA ARG A 432 -23.80 31.47 24.47
C ARG A 432 -24.80 30.32 24.44
N LYS A 433 -25.48 30.11 23.32
CA LYS A 433 -26.53 29.10 23.23
C LYS A 433 -26.10 27.83 22.53
N PHE A 434 -25.04 27.85 21.74
CA PHE A 434 -24.59 26.66 21.02
C PHE A 434 -23.13 26.33 21.24
N GLY A 435 -22.33 27.24 21.77
CA GLY A 435 -20.95 26.94 22.11
C GLY A 435 -20.05 26.69 20.92
N TYR A 436 -20.20 27.48 19.87
CA TYR A 436 -19.31 27.41 18.72
C TYR A 436 -19.34 28.74 17.98
N THR A 437 -18.20 29.13 17.45
CA THR A 437 -18.07 30.33 16.64
C THR A 437 -17.86 29.96 15.18
N CYS A 438 -18.09 30.93 14.29
CA CYS A 438 -17.99 30.69 12.86
C CYS A 438 -16.60 30.18 12.48
N GLU A 439 -15.57 30.73 13.13
CA GLU A 439 -14.20 30.42 12.74
C GLU A 439 -13.89 28.94 12.93
N GLN A 440 -14.16 28.42 14.13
CA GLN A 440 -13.82 27.02 14.41
C GLN A 440 -14.62 26.08 13.54
N LEU A 441 -15.85 26.46 13.20
CA LEU A 441 -16.64 25.68 12.26
C LEU A 441 -15.93 25.60 10.91
N PHE A 442 -15.41 26.75 10.45
CA PHE A 442 -14.73 26.78 9.17
C PHE A 442 -13.50 25.87 9.17
N GLU A 443 -12.67 25.96 10.21
CA GLU A 443 -11.47 25.14 10.24
C GLU A 443 -11.81 23.66 10.43
N THR A 444 -12.89 23.37 11.17
CA THR A 444 -13.31 21.99 11.32
C THR A 444 -13.67 21.37 9.98
N MET A 445 -14.56 22.04 9.23
CA MET A 445 -15.01 21.49 7.96
C MET A 445 -13.88 21.46 6.94
N SER A 446 -13.04 22.50 6.92
CA SER A 446 -11.92 22.52 5.99
C SER A 446 -10.96 21.37 6.29
N ALA A 447 -10.71 21.09 7.57
CA ALA A 447 -9.85 19.98 7.92
C ALA A 447 -10.46 18.65 7.50
N LEU A 448 -11.79 18.52 7.65
CA LEU A 448 -12.45 17.30 7.20
C LEU A 448 -12.33 17.11 5.70
N GLN A 449 -12.49 18.19 4.93
CA GLN A 449 -12.37 18.11 3.49
C GLN A 449 -10.95 17.76 3.06
N LYS A 450 -9.95 18.33 3.74
CA LYS A 450 -8.56 18.16 3.32
C LYS A 450 -8.13 16.71 3.40
N LYS A 451 -8.50 16.01 4.46
CA LYS A 451 -8.16 14.59 4.57
C LYS A 451 -9.19 13.69 3.92
N SER A 452 -10.33 14.24 3.51
CA SER A 452 -11.35 13.53 2.73
C SER A 452 -11.92 12.34 3.51
N GLN A 453 -12.42 12.63 4.70
CA GLN A 453 -13.14 11.62 5.46
C GLN A 453 -14.54 11.45 4.87
N THR A 454 -14.97 10.19 4.78
CA THR A 454 -16.24 9.88 4.11
C THR A 454 -17.42 10.48 4.87
N ASN A 455 -17.39 10.41 6.20
CA ASN A 455 -18.50 10.88 7.03
C ASN A 455 -18.14 12.25 7.58
N LYS A 456 -18.88 13.27 7.17
CA LYS A 456 -18.65 14.65 7.59
C LYS A 456 -19.92 15.18 8.27
N PHE A 457 -20.04 14.92 9.57
CA PHE A 457 -21.21 15.36 10.34
C PHE A 457 -20.72 16.25 11.48
N ILE A 458 -21.33 17.43 11.62
CA ILE A 458 -20.98 18.37 12.68
C ILE A 458 -22.22 18.68 13.50
N GLU A 459 -22.14 18.47 14.82
CA GLU A 459 -23.32 18.49 15.68
C GLU A 459 -23.80 19.89 16.05
N PRO A 460 -22.95 20.81 16.50
CA PRO A 460 -23.47 22.15 16.85
C PRO A 460 -24.16 22.86 15.70
N TYR A 461 -23.63 22.72 14.48
CA TYR A 461 -24.25 23.35 13.32
C TYR A 461 -25.63 22.75 13.05
N GLU A 462 -25.75 21.42 13.18
CA GLU A 462 -27.05 20.78 12.99
C GLU A 462 -28.05 21.24 14.04
N GLU A 463 -27.60 21.39 15.29
CA GLU A 463 -28.50 21.86 16.34
C GLU A 463 -28.98 23.27 16.07
N GLU A 464 -28.08 24.14 15.61
CA GLU A 464 -28.47 25.52 15.29
C GLU A 464 -29.45 25.55 14.11
N GLU A 465 -29.22 24.69 13.12
CA GLU A 465 -30.15 24.59 12.00
C GLU A 465 -31.53 24.18 12.47
N LYS A 466 -31.60 23.21 13.38
CA LYS A 466 -32.89 22.79 13.93
C LYS A 466 -33.55 23.93 14.69
N PHE A 467 -32.77 24.73 15.41
CA PHE A 467 -33.34 25.88 16.10
C PHE A 467 -33.97 26.86 15.12
N LEU A 468 -33.28 27.14 14.01
CA LEU A 468 -33.82 28.05 13.00
C LEU A 468 -35.10 27.50 12.39
N GLN A 469 -35.13 26.19 12.13
CA GLN A 469 -36.35 25.59 11.58
C GLN A 469 -37.49 25.66 12.58
N SER A 470 -37.18 25.55 13.88
CA SER A 470 -38.22 25.73 14.89
C SER A 470 -38.81 27.13 14.82
N ILE A 471 -37.95 28.13 14.63
CA ILE A 471 -38.43 29.50 14.47
C ILE A 471 -39.36 29.62 13.28
N VAL A 472 -39.02 28.98 12.16
CA VAL A 472 -39.89 29.01 10.99
C VAL A 472 -41.21 28.31 11.26
N ASP A 473 -41.13 27.14 11.89
CA ASP A 473 -42.33 26.33 12.14
C ASP A 473 -43.33 27.07 13.01
N HIS A 474 -42.85 27.74 14.04
CA HIS A 474 -43.74 28.45 14.95
C HIS A 474 -44.57 29.48 14.18
N ALA A 475 -43.89 30.30 13.37
CA ALA A 475 -44.58 31.35 12.64
C ALA A 475 -45.59 30.76 11.66
N LEU A 476 -45.20 29.69 10.95
CA LEU A 476 -46.11 29.08 9.99
C LEU A 476 -47.37 28.57 10.69
N ILE A 477 -47.19 27.80 11.76
CA ILE A 477 -48.33 27.14 12.39
C ILE A 477 -49.24 28.15 13.08
N ASN A 478 -48.67 29.18 13.70
CA ASN A 478 -49.50 30.10 14.48
C ASN A 478 -50.11 31.22 13.65
N TYR A 479 -49.34 31.82 12.74
CA TYR A 479 -49.77 33.06 12.11
C TYR A 479 -50.12 32.92 10.64
N ASN A 480 -49.93 31.74 10.04
CA ASN A 480 -50.12 31.53 8.60
C ASN A 480 -49.23 32.47 7.77
N VAL A 481 -47.93 32.48 8.10
CA VAL A 481 -46.94 33.21 7.33
C VAL A 481 -45.77 32.27 7.06
N LEU A 482 -45.41 32.11 5.80
CA LEU A 482 -44.36 31.18 5.40
C LEU A 482 -43.10 31.96 5.03
N ILE A 483 -42.10 31.91 5.89
CA ILE A 483 -40.77 32.41 5.58
C ILE A 483 -39.89 31.21 5.36
N THR A 484 -38.66 31.44 4.91
CA THR A 484 -37.79 30.37 4.51
C THR A 484 -36.47 30.42 5.24
N ARG A 485 -35.72 29.33 5.12
CA ARG A 485 -34.37 29.21 5.64
C ARG A 485 -33.39 29.20 4.48
N ASN A 486 -32.19 29.71 4.73
CA ASN A 486 -31.15 29.68 3.70
C ASN A 486 -30.65 28.25 3.54
N THR A 487 -30.88 27.67 2.36
CA THR A 487 -30.65 26.25 2.14
C THR A 487 -29.27 26.06 1.52
N ILE A 488 -28.32 25.68 2.37
CA ILE A 488 -26.94 25.46 1.95
C ILE A 488 -26.57 24.01 2.18
N VAL A 489 -25.61 23.52 1.41
CA VAL A 489 -25.06 22.18 1.60
C VAL A 489 -23.63 22.36 2.09
N LEU A 490 -23.44 22.35 3.42
CA LEU A 490 -22.21 22.85 4.01
C LEU A 490 -21.01 21.95 3.74
N LYS A 491 -21.22 20.67 3.44
CA LYS A 491 -20.09 19.80 3.10
C LYS A 491 -19.53 20.08 1.73
N GLN A 492 -20.16 20.96 0.95
CA GLN A 492 -19.67 21.33 -0.37
C GLN A 492 -18.99 22.69 -0.41
N GLU A 493 -19.34 23.59 0.50
CA GLU A 493 -18.79 24.93 0.50
C GLU A 493 -17.31 24.91 0.86
N THR A 494 -16.58 25.93 0.41
CA THR A 494 -15.17 26.06 0.72
C THR A 494 -14.79 27.44 1.25
N LEU A 495 -15.75 28.30 1.54
CA LEU A 495 -15.56 29.61 2.13
C LEU A 495 -16.43 29.74 3.38
N PRO A 496 -16.01 30.57 4.34
CA PRO A 496 -16.74 30.65 5.61
C PRO A 496 -18.18 31.09 5.40
N ILE A 497 -19.11 30.39 6.07
CA ILE A 497 -20.53 30.68 5.96
C ILE A 497 -21.20 30.21 7.24
N VAL A 498 -22.28 30.89 7.62
CA VAL A 498 -23.03 30.55 8.83
C VAL A 498 -24.50 30.44 8.46
N PRO A 499 -25.25 29.51 9.04
CA PRO A 499 -26.68 29.42 8.73
C PRO A 499 -27.44 30.67 9.13
N SER A 500 -28.50 30.94 8.36
CA SER A 500 -29.22 32.20 8.48
C SER A 500 -30.65 32.01 8.00
N LEU A 501 -31.46 33.06 8.18
CA LEU A 501 -32.82 33.08 7.68
C LEU A 501 -32.90 33.87 6.38
N LYS A 502 -34.11 34.06 5.89
CA LYS A 502 -34.33 34.67 4.58
C LYS A 502 -35.78 35.07 4.45
N ILE A 503 -36.03 36.34 4.13
CA ILE A 503 -37.38 36.86 3.94
C ILE A 503 -37.39 37.64 2.63
N CYS A 504 -38.22 37.20 1.69
CA CYS A 504 -38.27 37.77 0.36
C CYS A 504 -39.52 38.61 0.17
N CYS A 505 -39.46 39.56 -0.76
CA CYS A 505 -40.61 40.37 -1.11
C CYS A 505 -40.71 40.49 -2.62
N ASN A 506 -41.92 40.71 -3.12
CA ASN A 506 -42.14 40.90 -4.55
C ASN A 506 -43.05 42.10 -4.77
N ALA A 507 -43.35 42.38 -6.04
CA ALA A 507 -44.03 43.61 -6.43
C ALA A 507 -45.53 43.43 -6.58
N ALA A 508 -46.14 42.52 -5.83
CA ALA A 508 -47.59 42.31 -5.95
C ALA A 508 -48.24 42.15 -4.57
N MET A 509 -47.68 42.76 -3.54
CA MET A 509 -48.25 42.71 -2.20
C MET A 509 -48.72 44.10 -1.80
N SER A 510 -49.80 44.15 -1.03
CA SER A 510 -50.24 45.40 -0.43
C SER A 510 -49.32 45.73 0.75
N PRO A 511 -48.89 46.97 0.90
CA PRO A 511 -47.95 47.31 1.97
C PRO A 511 -48.42 46.96 3.36
N GLU A 512 -49.72 47.14 3.64
CA GLU A 512 -50.24 46.86 4.97
C GLU A 512 -50.14 45.38 5.31
N GLU A 513 -50.38 44.51 4.32
CA GLU A 513 -50.25 43.08 4.56
C GLU A 513 -48.81 42.72 4.89
N LEU A 514 -47.85 43.33 4.20
CA LEU A 514 -46.45 43.09 4.50
C LEU A 514 -46.09 43.60 5.89
N LYS A 515 -46.65 44.75 6.28
CA LYS A 515 -46.40 45.28 7.62
C LYS A 515 -46.89 44.32 8.70
N ASN A 516 -48.10 43.80 8.53
CA ASN A 516 -48.64 42.84 9.49
C ASN A 516 -47.80 41.58 9.52
N ALA A 517 -47.37 41.10 8.34
CA ALA A 517 -46.54 39.92 8.29
C ALA A 517 -45.21 40.13 9.00
N CYS A 518 -44.64 41.33 8.85
CA CYS A 518 -43.41 41.68 9.54
C CYS A 518 -43.62 41.62 11.05
N GLU A 519 -44.74 42.17 11.51
CA GLU A 519 -45.06 42.13 12.94
C GLU A 519 -45.13 40.69 13.45
N SER A 520 -45.80 39.82 12.68
CA SER A 520 -45.97 38.44 13.10
C SER A 520 -44.62 37.72 13.17
N VAL A 521 -43.77 37.91 12.16
CA VAL A 521 -42.45 37.26 12.18
C VAL A 521 -41.63 37.78 13.34
N LYS A 522 -41.74 39.08 13.63
CA LYS A 522 -41.01 39.66 14.74
C LYS A 522 -41.42 39.02 16.06
N GLN A 523 -42.73 38.86 16.27
CA GLN A 523 -43.22 38.22 17.49
C GLN A 523 -42.75 36.78 17.56
N SER A 524 -42.73 36.08 16.42
CA SER A 524 -42.31 34.68 16.41
C SER A 524 -40.85 34.54 16.82
N ILE A 525 -39.98 35.42 16.30
CA ILE A 525 -38.57 35.37 16.66
C ILE A 525 -38.40 35.66 18.14
N LEU A 526 -39.09 36.68 18.65
CA LEU A 526 -38.95 37.04 20.06
C LEU A 526 -39.41 35.90 20.96
N ALA A 527 -40.56 35.29 20.62
CA ALA A 527 -41.10 34.21 21.44
C ALA A 527 -40.16 33.01 21.46
N CYS A 528 -39.63 32.62 20.30
CA CYS A 528 -38.80 31.43 20.26
C CYS A 528 -37.45 31.68 20.93
N CYS A 529 -36.88 32.86 20.74
CA CYS A 529 -35.55 33.14 21.27
C CYS A 529 -35.53 33.13 22.80
N GLN A 530 -36.56 33.70 23.41
CA GLN A 530 -36.65 33.75 24.87
C GLN A 530 -36.69 32.35 25.49
N TYR B 7 -31.74 43.31 -42.48
CA TYR B 7 -31.40 42.47 -43.63
C TYR B 7 -30.24 41.55 -43.29
N THR B 8 -29.41 41.98 -42.35
CA THR B 8 -28.28 41.20 -41.87
C THR B 8 -28.61 40.44 -40.61
N ARG B 9 -29.82 40.63 -40.08
CA ARG B 9 -30.27 39.97 -38.86
C ARG B 9 -31.37 38.99 -39.20
N VAL B 10 -31.37 37.85 -38.51
CA VAL B 10 -32.29 36.75 -38.81
C VAL B 10 -33.73 37.22 -38.62
N PRO B 11 -34.59 37.03 -39.62
CA PRO B 11 -35.96 37.53 -39.52
C PRO B 11 -36.82 36.69 -38.59
N LEU B 12 -37.89 37.31 -38.09
CA LEU B 12 -38.90 36.61 -37.30
C LEU B 12 -40.05 36.10 -38.16
N CYS B 13 -39.86 34.97 -38.84
CA CYS B 13 -40.80 34.48 -39.85
C CYS B 13 -42.19 34.24 -39.29
N GLU B 14 -43.19 34.23 -40.17
CA GLU B 14 -44.59 34.14 -39.78
C GLU B 14 -45.17 32.76 -40.06
N PRO B 15 -46.04 32.25 -39.19
CA PRO B 15 -46.66 30.95 -39.45
C PRO B 15 -47.68 31.02 -40.57
N GLU B 16 -48.02 29.86 -41.11
CA GLU B 16 -48.92 29.78 -42.26
C GLU B 16 -50.31 29.33 -41.81
N GLU B 17 -51.25 29.27 -42.78
CA GLU B 17 -52.62 28.89 -42.48
C GLU B 17 -52.79 27.39 -42.42
N LEU B 18 -52.58 26.70 -43.55
CA LEU B 18 -52.41 25.25 -43.59
C LEU B 18 -53.50 24.49 -42.85
N PRO B 19 -54.68 24.30 -43.45
CA PRO B 19 -55.75 23.54 -42.80
C PRO B 19 -55.25 22.28 -42.12
N ASP B 20 -55.86 21.96 -40.98
CA ASP B 20 -55.36 20.99 -40.00
C ASP B 20 -54.78 19.71 -40.58
N ASP B 21 -55.40 19.18 -41.63
CA ASP B 21 -54.93 17.93 -42.21
C ASP B 21 -53.51 18.08 -42.76
N ILE B 22 -53.25 19.21 -43.43
CA ILE B 22 -51.93 19.44 -44.01
C ILE B 22 -50.87 19.52 -42.91
N GLN B 23 -51.18 20.23 -41.82
CA GLN B 23 -50.23 20.32 -40.72
C GLN B 23 -50.00 18.96 -40.06
N LYS B 24 -51.06 18.20 -39.83
CA LYS B 24 -50.90 16.87 -39.25
C LYS B 24 -50.01 16.00 -40.11
N GLU B 25 -50.18 16.07 -41.43
CA GLU B 25 -49.30 15.31 -42.31
C GLU B 25 -47.89 15.88 -42.34
N ASN B 26 -47.75 17.19 -42.13
CA ASN B 26 -46.44 17.80 -42.10
C ASN B 26 -45.62 17.33 -40.90
N GLU B 27 -46.25 17.14 -39.75
CA GLU B 27 -45.52 16.79 -38.54
C GLU B 27 -45.38 15.28 -38.32
N TYR B 28 -46.31 14.47 -38.80
CA TYR B 28 -46.30 13.03 -38.53
C TYR B 28 -46.92 12.31 -39.71
N GLY B 29 -46.11 11.61 -40.48
CA GLY B 29 -46.58 10.89 -41.64
C GLY B 29 -47.52 9.73 -41.32
N THR B 30 -48.66 9.69 -41.98
CA THR B 30 -49.63 8.63 -41.75
C THR B 30 -49.13 7.31 -42.33
N LEU B 31 -49.35 6.23 -41.58
CA LEU B 31 -48.95 4.91 -42.03
C LEU B 31 -49.74 4.50 -43.27
N ASP B 32 -49.08 3.79 -44.18
CA ASP B 32 -49.69 3.36 -45.43
C ASP B 32 -49.86 1.84 -45.55
N SER B 33 -49.05 1.08 -44.83
CA SER B 33 -49.11 -0.37 -44.91
C SER B 33 -48.93 -0.95 -43.52
N PRO B 34 -49.55 -2.09 -43.23
CA PRO B 34 -49.32 -2.76 -41.94
C PRO B 34 -48.10 -3.67 -41.94
N GLY B 35 -47.47 -3.90 -43.09
CA GLY B 35 -46.28 -4.70 -43.18
C GLY B 35 -44.99 -3.94 -42.99
N HIS B 36 -45.08 -2.64 -42.69
CA HIS B 36 -43.91 -1.79 -42.46
C HIS B 36 -43.64 -1.60 -40.98
N LEU B 37 -43.88 -2.62 -40.17
CA LEU B 37 -43.62 -2.58 -38.74
C LEU B 37 -42.78 -3.80 -38.38
N TYR B 38 -42.06 -3.70 -37.26
CA TYR B 38 -41.21 -4.79 -36.81
C TYR B 38 -41.20 -4.80 -35.29
N GLN B 39 -41.55 -5.93 -34.69
CA GLN B 39 -41.53 -6.07 -33.24
C GLN B 39 -40.23 -6.74 -32.83
N VAL B 40 -39.35 -5.98 -32.16
CA VAL B 40 -38.04 -6.50 -31.82
C VAL B 40 -38.14 -7.56 -30.73
N LYS B 41 -37.09 -8.36 -30.62
CA LYS B 41 -36.98 -9.44 -29.65
C LYS B 41 -35.89 -9.10 -28.65
N SER B 42 -35.76 -9.92 -27.62
CA SER B 42 -34.70 -9.76 -26.64
C SER B 42 -33.50 -10.62 -27.06
N ARG B 43 -32.45 -10.62 -26.25
CA ARG B 43 -31.25 -11.42 -26.53
C ARG B 43 -31.00 -12.47 -25.45
N HIS B 44 -31.84 -12.53 -24.42
CA HIS B 44 -31.79 -13.60 -23.42
C HIS B 44 -30.42 -13.69 -22.76
N GLY B 45 -29.82 -12.53 -22.50
CA GLY B 45 -28.56 -12.44 -21.79
C GLY B 45 -27.32 -12.63 -22.62
N LYS B 46 -27.47 -12.94 -23.91
CA LYS B 46 -26.32 -13.19 -24.75
C LYS B 46 -25.49 -11.92 -24.92
N PRO B 47 -24.17 -12.00 -24.86
CA PRO B 47 -23.33 -10.81 -25.03
C PRO B 47 -23.18 -10.43 -26.50
N LEU B 48 -22.50 -9.32 -26.74
CA LEU B 48 -22.31 -8.83 -28.10
C LEU B 48 -21.11 -9.47 -28.78
N PRO B 49 -21.31 -10.02 -29.99
CA PRO B 49 -20.23 -10.62 -30.75
C PRO B 49 -19.25 -9.54 -31.20
N GLU B 50 -17.98 -9.88 -31.28
CA GLU B 50 -16.91 -8.95 -31.67
C GLU B 50 -17.27 -8.18 -32.94
N PRO B 51 -17.18 -6.85 -32.87
CA PRO B 51 -17.49 -5.94 -33.98
C PRO B 51 -16.68 -6.25 -35.23
N VAL B 52 -17.31 -6.10 -36.39
CA VAL B 52 -16.63 -6.35 -37.66
C VAL B 52 -16.55 -5.07 -38.47
N VAL B 53 -16.10 -4.00 -37.85
CA VAL B 53 -15.96 -2.73 -38.54
C VAL B 53 -15.15 -2.87 -39.83
N ASP B 54 -15.65 -2.25 -40.90
CA ASP B 54 -15.07 -2.31 -42.24
C ASP B 54 -14.10 -1.15 -42.45
N THR B 55 -13.38 -1.20 -43.57
CA THR B 55 -12.34 -0.23 -43.89
C THR B 55 -12.36 0.04 -45.39
N PRO B 56 -11.85 1.19 -45.82
CA PRO B 56 -11.75 1.47 -47.25
C PRO B 56 -10.40 1.04 -47.80
N PRO B 57 -10.16 1.19 -49.10
CA PRO B 57 -8.82 0.91 -49.63
C PRO B 57 -7.78 1.88 -49.10
N TYR B 58 -6.52 1.56 -49.39
CA TYR B 58 -5.41 2.32 -48.80
C TYR B 58 -5.24 3.70 -49.42
N TYR B 59 -5.53 3.83 -50.72
CA TYR B 59 -5.27 5.10 -51.38
C TYR B 59 -6.17 6.21 -50.82
N ILE B 60 -7.34 5.85 -50.29
CA ILE B 60 -8.20 6.84 -49.66
C ILE B 60 -7.54 7.40 -48.41
N SER B 61 -6.98 6.52 -47.58
CA SER B 61 -6.29 6.96 -46.38
C SER B 61 -5.10 7.85 -46.73
N LEU B 62 -4.32 7.43 -47.74
CA LEU B 62 -3.17 8.23 -48.12
C LEU B 62 -3.59 9.61 -48.64
N LEU B 63 -4.66 9.66 -49.43
CA LEU B 63 -5.14 10.94 -49.93
C LEU B 63 -5.61 11.84 -48.79
N THR B 64 -6.26 11.27 -47.79
CA THR B 64 -6.67 12.06 -46.64
C THR B 64 -5.47 12.65 -45.93
N TYR B 65 -4.41 11.86 -45.75
CA TYR B 65 -3.21 12.36 -45.09
C TYR B 65 -2.60 13.52 -45.88
N LEU B 66 -2.51 13.38 -47.21
CA LEU B 66 -1.99 14.48 -48.02
C LEU B 66 -2.84 15.74 -47.87
N ASN B 67 -4.16 15.58 -47.90
CA ASN B 67 -5.04 16.74 -47.80
C ASN B 67 -4.80 17.49 -46.50
N TYR B 68 -4.75 16.76 -45.39
CA TYR B 68 -4.56 17.42 -44.11
C TYR B 68 -3.19 18.08 -44.01
N LEU B 69 -2.16 17.43 -44.55
CA LEU B 69 -0.82 18.02 -44.53
C LEU B 69 -0.81 19.37 -45.26
N ILE B 70 -1.38 19.40 -46.47
CA ILE B 70 -1.42 20.64 -47.24
C ILE B 70 -2.16 21.72 -46.45
N LEU B 71 -3.31 21.36 -45.89
CA LEU B 71 -4.13 22.34 -45.18
C LEU B 71 -3.37 22.95 -44.00
N ILE B 72 -2.70 22.10 -43.23
CA ILE B 72 -1.97 22.59 -42.04
C ILE B 72 -0.85 23.51 -42.46
N ILE B 73 -0.09 23.13 -43.50
CA ILE B 73 1.04 23.96 -43.92
C ILE B 73 0.56 25.35 -44.33
N LEU B 74 -0.46 25.40 -45.20
CA LEU B 74 -0.94 26.71 -45.64
C LEU B 74 -1.53 27.52 -44.48
N GLY B 75 -2.23 26.86 -43.57
CA GLY B 75 -2.79 27.59 -42.44
C GLY B 75 -1.74 28.26 -41.58
N HIS B 76 -0.68 27.51 -41.25
CA HIS B 76 0.36 28.08 -40.39
C HIS B 76 1.11 29.20 -41.11
N VAL B 77 1.37 29.01 -42.41
CA VAL B 77 2.05 30.06 -43.17
C VAL B 77 1.21 31.34 -43.17
N HIS B 78 -0.09 31.20 -43.42
CA HIS B 78 -0.98 32.36 -43.41
C HIS B 78 -0.97 33.05 -42.06
N ASP B 79 -1.06 32.27 -40.98
CA ASP B 79 -1.05 32.86 -39.64
C ASP B 79 0.20 33.69 -39.41
N PHE B 80 1.37 33.09 -39.70
CA PHE B 80 2.63 33.77 -39.45
C PHE B 80 2.73 35.07 -40.24
N LEU B 81 2.50 34.98 -41.56
CA LEU B 81 2.63 36.17 -42.41
C LEU B 81 1.66 37.26 -42.00
N GLY B 82 0.39 36.90 -41.79
CA GLY B 82 -0.61 37.87 -41.46
C GLY B 82 -0.35 38.57 -40.15
N MET B 83 0.05 37.82 -39.11
CA MET B 83 0.31 38.46 -37.84
C MET B 83 1.55 39.35 -37.90
N THR B 84 2.61 38.90 -38.58
CA THR B 84 3.83 39.69 -38.59
C THR B 84 3.75 40.94 -39.46
N PHE B 85 3.16 40.85 -40.65
CA PHE B 85 3.16 42.00 -41.55
C PHE B 85 1.91 42.85 -41.39
N GLN B 86 0.75 42.27 -41.66
CA GLN B 86 -0.52 43.01 -41.61
C GLN B 86 -1.14 42.87 -40.23
N LYS B 87 -0.50 43.50 -39.25
CA LYS B 87 -1.01 43.51 -37.89
C LYS B 87 -2.01 44.61 -37.66
N ASN B 88 -2.32 45.39 -38.70
CA ASN B 88 -3.39 46.39 -38.64
C ASN B 88 -4.77 45.74 -38.60
N LYS B 89 -4.98 44.70 -39.39
CA LYS B 89 -6.27 44.02 -39.49
C LYS B 89 -6.30 42.71 -38.72
N HIS B 90 -5.53 42.61 -37.65
CA HIS B 90 -5.51 41.45 -36.77
C HIS B 90 -5.49 41.94 -35.32
N LEU B 91 -6.21 43.02 -35.07
CA LEU B 91 -6.23 43.65 -33.75
C LEU B 91 -6.92 42.86 -32.63
N ASP B 92 -7.61 41.78 -32.98
CA ASP B 92 -8.29 40.96 -31.99
C ASP B 92 -7.45 39.80 -31.50
N LEU B 93 -6.30 39.55 -32.13
CA LEU B 93 -5.39 38.49 -31.71
C LEU B 93 -4.12 39.03 -31.06
N LEU B 94 -4.01 40.34 -30.90
CA LEU B 94 -2.81 41.00 -30.41
C LEU B 94 -3.11 41.77 -29.13
N GLU B 95 -2.05 42.09 -28.39
CA GLU B 95 -2.19 42.86 -27.19
C GLU B 95 -2.60 44.29 -27.51
N HIS B 96 -3.17 44.97 -26.52
CA HIS B 96 -3.69 46.33 -26.74
C HIS B 96 -3.70 47.03 -25.39
N ASP B 97 -2.72 47.89 -25.17
CA ASP B 97 -2.63 48.73 -23.96
C ASP B 97 -2.51 47.86 -22.70
N GLY B 98 -1.54 46.97 -22.72
CA GLY B 98 -1.27 46.13 -21.56
C GLY B 98 -2.40 45.21 -21.17
N LEU B 99 -3.19 44.75 -22.14
CA LEU B 99 -4.26 43.79 -21.89
C LEU B 99 -4.08 42.62 -22.84
N ALA B 100 -3.95 41.42 -22.29
CA ALA B 100 -3.81 40.25 -23.12
C ALA B 100 -5.08 40.02 -23.94
N PRO B 101 -4.97 39.45 -25.14
CA PRO B 101 -6.16 39.23 -25.95
C PRO B 101 -7.07 38.18 -25.32
N TRP B 102 -8.31 38.14 -25.81
CA TRP B 102 -9.31 37.25 -25.22
C TRP B 102 -8.88 35.79 -25.32
N PHE B 103 -8.33 35.39 -26.46
CA PHE B 103 -7.89 34.02 -26.66
C PHE B 103 -6.63 34.00 -27.52
N SER B 104 -5.84 32.94 -27.34
CA SER B 104 -4.62 32.77 -28.12
C SER B 104 -4.95 32.24 -29.51
N ASN B 105 -4.09 32.59 -30.47
CA ASN B 105 -4.33 32.24 -31.86
C ASN B 105 -3.89 30.82 -32.22
N PHE B 106 -3.06 30.18 -31.41
CA PHE B 106 -2.64 28.82 -31.71
C PHE B 106 -3.58 27.78 -31.16
N GLU B 107 -4.22 28.04 -30.03
CA GLU B 107 -5.15 27.10 -29.41
C GLU B 107 -6.54 27.21 -30.04
N SER B 108 -6.71 28.11 -31.01
CA SER B 108 -7.90 28.11 -31.83
C SER B 108 -7.57 27.97 -33.32
N PHE B 109 -6.47 27.29 -33.66
CA PHE B 109 -6.03 27.20 -35.05
C PHE B 109 -7.04 26.46 -35.90
N TYR B 110 -7.49 25.30 -35.42
CA TYR B 110 -8.37 24.46 -36.23
C TYR B 110 -9.68 25.17 -36.53
N VAL B 111 -10.28 25.80 -35.52
CA VAL B 111 -11.57 26.46 -35.67
C VAL B 111 -11.51 27.42 -36.83
N ARG B 112 -10.70 28.48 -36.71
CA ARG B 112 -10.61 29.45 -37.79
C ARG B 112 -10.16 28.78 -39.07
N ARG B 113 -8.91 28.29 -39.10
CA ARG B 113 -8.24 27.99 -40.36
C ARG B 113 -8.86 26.82 -41.11
N ILE B 114 -9.74 26.03 -40.50
CA ILE B 114 -10.31 24.88 -41.20
C ILE B 114 -11.82 24.86 -41.19
N LYS B 115 -12.48 25.49 -40.22
CA LYS B 115 -13.93 25.46 -40.18
C LYS B 115 -14.55 26.83 -40.46
N MET B 116 -13.75 27.84 -40.84
CA MET B 116 -14.37 29.08 -41.28
C MET B 116 -14.60 29.13 -42.79
N ARG B 117 -14.39 28.00 -43.46
CA ARG B 117 -14.61 27.95 -44.89
C ARG B 117 -15.81 27.06 -45.22
N ILE B 118 -16.21 26.25 -44.26
CA ILE B 118 -17.35 25.34 -44.41
C ILE B 118 -18.39 25.65 -43.35
N ASP B 119 -18.33 26.85 -42.78
CA ASP B 119 -19.16 27.21 -41.65
C ASP B 119 -20.63 27.31 -42.00
N ASP B 120 -20.98 27.26 -43.29
CA ASP B 120 -22.37 27.27 -43.72
C ASP B 120 -23.00 25.88 -43.66
N CYS B 121 -22.23 24.86 -43.31
CA CYS B 121 -22.77 23.52 -43.10
C CYS B 121 -23.16 23.25 -41.66
N PHE B 122 -22.96 24.21 -40.76
CA PHE B 122 -23.30 24.08 -39.35
C PHE B 122 -24.20 25.23 -38.93
N SER B 123 -25.06 24.94 -37.96
CA SER B 123 -25.91 25.94 -37.32
C SER B 123 -26.80 26.65 -38.32
N ARG B 124 -27.65 25.88 -38.97
CA ARG B 124 -28.62 26.44 -39.90
C ARG B 124 -29.86 26.91 -39.13
N PRO B 125 -30.28 28.16 -39.30
CA PRO B 125 -31.49 28.62 -38.61
C PRO B 125 -32.74 27.94 -39.17
N THR B 126 -33.72 27.74 -38.29
CA THR B 126 -34.97 27.09 -38.67
C THR B 126 -36.18 27.82 -38.09
N THR B 127 -37.36 27.26 -38.26
CA THR B 127 -38.58 27.82 -37.70
C THR B 127 -39.63 26.72 -37.63
N GLY B 128 -40.63 26.93 -36.77
CA GLY B 128 -41.70 25.97 -36.67
C GLY B 128 -41.28 24.69 -35.94
N VAL B 129 -42.14 23.69 -36.05
CA VAL B 129 -41.96 22.41 -35.36
C VAL B 129 -40.87 21.61 -36.05
N PRO B 130 -39.90 21.07 -35.33
CA PRO B 130 -38.85 20.25 -35.95
C PRO B 130 -39.32 18.82 -36.21
N GLY B 131 -40.35 18.68 -37.05
CA GLY B 131 -40.97 17.39 -37.24
C GLY B 131 -40.49 16.64 -38.47
N ARG B 132 -41.44 16.05 -39.21
CA ARG B 132 -41.09 15.30 -40.41
C ARG B 132 -40.47 16.19 -41.47
N PHE B 133 -41.05 17.37 -41.69
CA PHE B 133 -40.51 18.35 -42.63
C PHE B 133 -40.13 19.59 -41.84
N ILE B 134 -38.87 19.99 -41.94
CA ILE B 134 -38.34 21.13 -41.21
C ILE B 134 -38.22 22.31 -42.16
N ARG B 135 -38.59 23.50 -41.69
CA ARG B 135 -38.52 24.69 -42.52
C ARG B 135 -37.24 25.45 -42.22
N CYS B 136 -36.44 25.68 -43.26
CA CYS B 136 -35.13 26.30 -43.11
C CYS B 136 -35.17 27.72 -43.68
N ILE B 137 -34.41 28.62 -43.08
CA ILE B 137 -34.26 29.98 -43.57
C ILE B 137 -32.98 30.03 -44.40
N ASP B 138 -33.11 30.43 -45.66
CA ASP B 138 -31.95 30.43 -46.54
C ASP B 138 -31.04 31.61 -46.27
N ARG B 139 -29.74 31.41 -46.49
CA ARG B 139 -28.75 32.44 -46.26
C ARG B 139 -27.88 32.57 -47.50
N ILE B 140 -27.37 33.77 -47.72
CA ILE B 140 -26.37 34.03 -48.74
C ILE B 140 -25.07 34.35 -48.03
N SER B 141 -24.01 33.64 -48.39
CA SER B 141 -22.72 33.82 -47.75
C SER B 141 -21.80 34.75 -48.50
N HIS B 142 -21.16 35.63 -47.75
CA HIS B 142 -20.24 36.61 -48.29
C HIS B 142 -18.79 36.36 -47.93
N ASN B 143 -17.91 36.55 -48.90
CA ASN B 143 -16.47 36.39 -48.71
C ASN B 143 -16.11 35.12 -47.96
N ILE B 144 -16.43 33.97 -48.54
CA ILE B 144 -16.13 32.67 -47.95
C ILE B 144 -16.57 32.57 -46.49
N ASN B 145 -17.89 32.64 -46.29
CA ASN B 145 -18.46 32.54 -44.95
C ASN B 145 -17.82 33.46 -43.92
N GLU B 146 -17.84 34.76 -44.20
CA GLU B 146 -17.29 35.72 -43.26
C GLU B 146 -18.44 36.21 -42.40
N TYR B 147 -19.59 36.36 -43.05
CA TYR B 147 -20.83 36.78 -42.41
C TYR B 147 -21.94 36.47 -43.40
N PHE B 148 -23.14 36.19 -42.89
CA PHE B 148 -24.27 35.83 -43.74
C PHE B 148 -25.29 36.95 -43.78
N THR B 149 -26.04 37.01 -44.87
CA THR B 149 -27.17 37.92 -45.00
C THR B 149 -28.41 37.10 -45.34
N TYR B 150 -29.58 37.63 -44.98
CA TYR B 150 -30.81 36.85 -44.97
C TYR B 150 -31.87 37.52 -45.84
N SER B 151 -32.45 36.74 -46.74
CA SER B 151 -33.65 37.14 -47.44
C SER B 151 -34.87 36.75 -46.60
N GLY B 152 -36.05 36.81 -47.19
CA GLY B 152 -37.25 36.40 -46.49
C GLY B 152 -37.77 35.03 -46.84
N ALA B 153 -37.03 34.26 -47.63
CA ALA B 153 -37.55 32.99 -48.13
C ALA B 153 -37.42 31.89 -47.08
N VAL B 154 -38.42 31.01 -47.06
CA VAL B 154 -38.43 29.85 -46.18
C VAL B 154 -38.93 28.66 -46.98
N TYR B 155 -38.17 27.56 -46.94
CA TYR B 155 -38.53 26.37 -47.70
C TYR B 155 -38.41 25.13 -46.83
N PRO B 156 -39.24 24.12 -47.04
CA PRO B 156 -39.19 22.91 -46.23
C PRO B 156 -38.21 21.88 -46.76
N CYS B 157 -37.61 21.14 -45.83
CA CYS B 157 -36.70 20.06 -46.16
C CYS B 157 -37.11 18.85 -45.34
N MET B 158 -36.62 17.67 -45.77
CA MET B 158 -36.90 16.45 -45.04
C MET B 158 -35.91 16.31 -43.90
N ASN B 159 -36.42 16.05 -42.70
CA ASN B 159 -35.62 16.12 -41.49
C ASN B 159 -34.91 14.80 -41.23
N LEU B 160 -33.59 14.84 -41.13
CA LEU B 160 -32.79 13.68 -40.77
C LEU B 160 -31.69 14.08 -39.82
N SER B 161 -31.93 15.12 -39.02
CA SER B 161 -30.90 15.69 -38.17
C SER B 161 -31.30 15.87 -36.72
N SER B 162 -32.57 16.08 -36.39
CA SER B 162 -32.95 16.37 -35.02
C SER B 162 -33.31 15.09 -34.27
N TYR B 163 -33.16 15.14 -32.94
CA TYR B 163 -33.42 14.00 -32.08
C TYR B 163 -34.92 13.91 -31.82
N ASN B 164 -35.63 13.17 -32.66
CA ASN B 164 -37.07 13.05 -32.58
C ASN B 164 -37.47 11.60 -32.78
N TYR B 165 -36.85 10.68 -32.02
CA TYR B 165 -36.91 9.26 -32.33
C TYR B 165 -38.33 8.74 -32.47
N LEU B 166 -39.19 9.05 -31.51
CA LEU B 166 -40.54 8.52 -31.53
C LEU B 166 -41.57 9.50 -32.10
N GLY B 167 -41.15 10.62 -32.65
CA GLY B 167 -42.07 11.55 -33.25
C GLY B 167 -43.04 12.21 -32.29
N PHE B 168 -42.59 12.52 -31.09
CA PHE B 168 -43.42 13.22 -30.12
C PHE B 168 -43.32 14.73 -30.24
N ALA B 169 -42.50 15.23 -31.16
CA ALA B 169 -42.34 16.67 -31.38
C ALA B 169 -43.37 17.13 -32.39
N GLN B 170 -44.57 17.44 -31.89
CA GLN B 170 -45.65 17.94 -32.72
C GLN B 170 -46.40 19.01 -31.94
N SER B 171 -47.41 19.59 -32.58
CA SER B 171 -48.18 20.65 -31.95
C SER B 171 -49.68 20.42 -32.10
N LYS B 172 -50.09 19.20 -32.44
CA LYS B 172 -51.50 18.89 -32.57
C LYS B 172 -51.86 17.56 -31.91
N GLY B 173 -50.96 17.00 -31.10
CA GLY B 173 -51.21 15.78 -30.39
C GLY B 173 -51.98 16.01 -29.10
N GLN B 174 -52.04 14.97 -28.27
CA GLN B 174 -52.67 15.08 -26.97
C GLN B 174 -51.73 15.68 -25.93
N CYS B 175 -50.44 15.42 -26.05
CA CYS B 175 -49.49 15.98 -25.11
C CYS B 175 -49.48 17.50 -25.19
N THR B 176 -49.56 18.05 -26.39
CA THR B 176 -49.60 19.50 -26.51
C THR B 176 -50.80 20.08 -25.77
N ASP B 177 -51.94 19.40 -25.83
CA ASP B 177 -53.10 19.83 -25.07
C ASP B 177 -52.84 19.73 -23.57
N ALA B 178 -52.16 18.67 -23.14
CA ALA B 178 -51.76 18.56 -21.74
C ALA B 178 -50.91 19.76 -21.34
N ALA B 179 -49.96 20.13 -22.20
CA ALA B 179 -49.10 21.28 -21.92
C ALA B 179 -49.91 22.56 -21.81
N LEU B 180 -50.87 22.75 -22.71
CA LEU B 180 -51.70 23.96 -22.67
C LEU B 180 -52.51 24.02 -21.37
N GLU B 181 -53.09 22.89 -20.96
CA GLU B 181 -53.86 22.87 -19.73
C GLU B 181 -52.95 23.13 -18.52
N SER B 182 -51.73 22.63 -18.56
CA SER B 182 -50.79 22.90 -17.47
C SER B 182 -50.42 24.37 -17.42
N VAL B 183 -50.27 25.01 -18.58
CA VAL B 183 -50.05 26.45 -18.61
C VAL B 183 -51.21 27.18 -17.96
N ASP B 184 -52.43 26.78 -18.31
CA ASP B 184 -53.60 27.44 -17.73
C ASP B 184 -53.68 27.23 -16.22
N LYS B 185 -53.38 26.03 -15.75
CA LYS B 185 -53.59 25.69 -14.35
C LYS B 185 -52.46 26.14 -13.43
N TYR B 186 -51.21 25.80 -13.75
CA TYR B 186 -50.18 26.13 -12.76
C TYR B 186 -49.56 27.49 -13.05
N SER B 187 -48.65 27.55 -14.01
CA SER B 187 -47.98 28.78 -14.44
C SER B 187 -46.88 28.43 -15.42
N ILE B 188 -46.20 29.43 -15.95
CA ILE B 188 -44.92 29.21 -16.63
C ILE B 188 -43.74 29.51 -15.71
N GLN B 189 -43.99 29.98 -14.50
CA GLN B 189 -42.95 30.46 -13.60
C GLN B 189 -42.79 29.51 -12.43
N SER B 190 -41.56 29.38 -11.95
CA SER B 190 -41.27 28.60 -10.77
C SER B 190 -40.86 29.51 -9.62
N GLY B 191 -41.02 29.01 -8.40
CA GLY B 191 -40.69 29.81 -7.24
C GLY B 191 -39.20 29.95 -7.02
N GLY B 192 -38.54 28.83 -6.76
CA GLY B 192 -37.12 28.82 -6.51
C GLY B 192 -36.59 27.41 -6.60
N PRO B 193 -35.52 27.12 -5.87
CA PRO B 193 -34.99 25.75 -5.85
C PRO B 193 -35.98 24.77 -5.27
N ARG B 194 -35.72 23.49 -5.55
CA ARG B 194 -36.60 22.43 -5.04
C ARG B 194 -36.59 22.37 -3.53
N ALA B 195 -35.44 22.57 -2.91
CA ALA B 195 -35.31 22.45 -1.47
C ALA B 195 -35.87 23.65 -0.73
N GLN B 196 -36.33 24.69 -1.41
CA GLN B 196 -36.82 25.89 -0.75
C GLN B 196 -38.32 26.10 -0.95
N ILE B 197 -38.78 26.34 -2.17
CA ILE B 197 -40.21 26.48 -2.40
C ILE B 197 -40.65 25.84 -3.71
N GLY B 198 -39.69 25.30 -4.45
CA GLY B 198 -39.92 24.99 -5.85
C GLY B 198 -40.73 23.75 -6.15
N THR B 199 -41.12 22.98 -5.15
CA THR B 199 -41.77 21.69 -5.37
C THR B 199 -43.28 21.84 -5.45
N THR B 200 -43.88 21.23 -6.45
CA THR B 200 -45.32 21.07 -6.58
C THR B 200 -45.66 19.59 -6.56
N ASP B 201 -46.96 19.28 -6.61
CA ASP B 201 -47.37 17.88 -6.67
C ASP B 201 -47.06 17.26 -8.02
N LEU B 202 -46.96 18.08 -9.07
CA LEU B 202 -46.63 17.58 -10.39
C LEU B 202 -45.25 16.95 -10.41
N HIS B 203 -44.30 17.56 -9.70
CA HIS B 203 -42.97 16.99 -9.60
C HIS B 203 -43.01 15.63 -8.95
N ILE B 204 -43.84 15.48 -7.90
CA ILE B 204 -43.94 14.22 -7.18
C ILE B 204 -44.52 13.15 -8.08
N LYS B 205 -45.58 13.50 -8.81
CA LYS B 205 -46.20 12.55 -9.73
C LYS B 205 -45.22 12.11 -10.81
N ALA B 206 -44.45 13.06 -11.35
CA ALA B 206 -43.47 12.73 -12.39
C ALA B 206 -42.39 11.80 -11.85
N GLU B 207 -41.91 12.07 -10.63
CA GLU B 207 -40.87 11.22 -10.05
C GLU B 207 -41.39 9.80 -9.84
N LYS B 208 -42.60 9.68 -9.30
CA LYS B 208 -43.17 8.35 -9.09
C LYS B 208 -43.35 7.62 -10.42
N LEU B 209 -43.85 8.32 -11.44
CA LEU B 209 -44.15 7.67 -12.71
C LEU B 209 -42.86 7.23 -13.40
N VAL B 210 -41.81 8.05 -13.33
CA VAL B 210 -40.53 7.67 -13.90
C VAL B 210 -39.96 6.45 -13.18
N ALA B 211 -40.02 6.46 -11.85
CA ALA B 211 -39.48 5.33 -11.09
C ALA B 211 -40.21 4.05 -11.42
N ARG B 212 -41.53 4.12 -11.57
CA ARG B 212 -42.30 2.93 -11.96
C ARG B 212 -41.95 2.49 -13.37
N PHE B 213 -41.78 3.44 -14.30
CA PHE B 213 -41.48 3.09 -15.68
C PHE B 213 -40.15 2.37 -15.80
N ILE B 214 -39.11 2.90 -15.16
CA ILE B 214 -37.78 2.32 -15.31
C ILE B 214 -37.72 0.93 -14.69
N GLY B 215 -38.21 0.80 -13.47
CA GLY B 215 -38.16 -0.46 -12.77
C GLY B 215 -37.37 -0.40 -11.47
N LYS B 216 -37.06 0.81 -11.03
CA LYS B 216 -36.31 1.03 -9.80
C LYS B 216 -37.28 1.47 -8.70
N GLU B 217 -36.74 1.86 -7.55
CA GLU B 217 -37.57 2.21 -6.40
C GLU B 217 -37.85 3.69 -6.27
N ASP B 218 -36.92 4.56 -6.69
CA ASP B 218 -37.11 5.99 -6.54
C ASP B 218 -36.33 6.71 -7.63
N ALA B 219 -36.66 8.00 -7.81
CA ALA B 219 -36.00 8.79 -8.84
C ALA B 219 -36.15 10.27 -8.51
N LEU B 220 -35.30 11.08 -9.14
CA LEU B 220 -35.36 12.54 -9.10
C LEU B 220 -35.45 13.07 -10.51
N VAL B 221 -35.93 14.30 -10.66
CA VAL B 221 -36.00 14.95 -11.96
C VAL B 221 -35.38 16.33 -11.87
N PHE B 222 -34.58 16.68 -12.88
CA PHE B 222 -33.89 17.96 -12.96
C PHE B 222 -34.30 18.66 -14.25
N SER B 223 -33.84 19.89 -14.42
CA SER B 223 -34.24 20.72 -15.55
C SER B 223 -33.21 20.76 -16.67
N MET B 224 -32.15 19.96 -16.58
CA MET B 224 -31.10 19.98 -17.59
C MET B 224 -30.27 18.72 -17.44
N GLY B 225 -29.92 18.10 -18.56
CA GLY B 225 -29.17 16.85 -18.53
C GLY B 225 -27.68 17.06 -18.31
N TYR B 226 -27.14 18.05 -19.02
CA TYR B 226 -25.75 18.42 -18.82
C TYR B 226 -25.48 18.73 -17.35
N GLY B 227 -26.37 19.50 -16.72
CA GLY B 227 -26.18 19.83 -15.32
C GLY B 227 -26.23 18.62 -14.41
N THR B 228 -27.13 17.69 -14.71
CA THR B 228 -27.25 16.46 -13.95
C THR B 228 -25.92 15.71 -13.92
N ASN B 229 -25.38 15.45 -15.11
CA ASN B 229 -24.12 14.73 -15.18
C ASN B 229 -22.99 15.53 -14.54
N ALA B 230 -23.02 16.85 -14.69
CA ALA B 230 -21.93 17.67 -14.19
C ALA B 230 -21.90 17.72 -12.67
N ASN B 231 -23.05 17.58 -12.02
CA ASN B 231 -23.12 17.79 -10.57
C ASN B 231 -23.42 16.52 -9.78
N LEU B 232 -23.46 15.35 -10.41
CA LEU B 232 -23.68 14.12 -9.63
C LEU B 232 -22.43 13.60 -8.91
N PHE B 233 -21.36 13.34 -9.67
CA PHE B 233 -20.18 12.70 -9.10
C PHE B 233 -19.55 13.58 -8.04
N ASN B 234 -19.66 14.89 -8.20
CA ASN B 234 -19.24 15.83 -7.17
C ASN B 234 -19.86 15.44 -5.84
N ALA B 235 -21.17 15.16 -5.85
CA ALA B 235 -21.88 14.88 -4.61
C ALA B 235 -21.44 13.55 -4.01
N PHE B 236 -21.34 12.49 -4.81
CA PHE B 236 -21.12 11.18 -4.17
C PHE B 236 -19.73 10.59 -4.31
N LEU B 237 -18.73 11.33 -4.79
CA LEU B 237 -17.37 10.80 -4.91
C LEU B 237 -16.37 11.70 -4.19
N ASP B 238 -15.09 11.38 -4.35
CA ASP B 238 -14.01 12.07 -3.65
C ASP B 238 -12.72 11.84 -4.41
N LYS B 239 -11.59 12.26 -3.82
CA LYS B 239 -10.30 12.17 -4.48
C LYS B 239 -9.51 10.93 -4.09
N LYS B 240 -10.09 10.05 -3.28
CA LYS B 240 -9.45 8.79 -2.92
C LYS B 240 -10.09 7.61 -3.65
N CYS B 241 -11.02 7.89 -4.56
CA CYS B 241 -11.71 6.87 -5.31
C CYS B 241 -11.23 6.89 -6.76
N LEU B 242 -11.40 5.78 -7.45
CA LEU B 242 -10.99 5.66 -8.84
C LEU B 242 -12.21 5.48 -9.73
N VAL B 243 -12.14 6.03 -10.93
CA VAL B 243 -13.19 5.92 -11.93
C VAL B 243 -12.60 5.31 -13.19
N ILE B 244 -13.22 4.27 -13.70
CA ILE B 244 -12.85 3.66 -14.98
C ILE B 244 -13.98 3.98 -15.95
N SER B 245 -13.69 4.85 -16.92
CA SER B 245 -14.69 5.29 -17.88
C SER B 245 -14.27 4.88 -19.28
N ASP B 246 -15.26 4.59 -20.13
CA ASP B 246 -14.98 4.28 -21.52
C ASP B 246 -14.32 5.48 -22.19
N GLU B 247 -13.62 5.26 -23.29
CA GLU B 247 -12.91 6.35 -23.95
C GLU B 247 -13.79 7.18 -24.86
N LEU B 248 -15.05 6.78 -25.07
CA LEU B 248 -15.96 7.50 -25.95
C LEU B 248 -17.09 8.18 -25.20
N ASN B 249 -16.94 8.39 -23.90
CA ASN B 249 -18.02 8.93 -23.09
C ASN B 249 -18.31 10.38 -23.45
N HIS B 250 -19.51 10.82 -23.10
CA HIS B 250 -19.96 12.17 -23.39
C HIS B 250 -19.15 13.19 -22.59
N THR B 251 -19.29 14.46 -22.97
CA THR B 251 -18.51 15.51 -22.36
C THR B 251 -18.99 15.83 -20.95
N SER B 252 -20.30 15.71 -20.68
CA SER B 252 -20.83 16.05 -19.38
C SER B 252 -20.32 15.11 -18.30
N ILE B 253 -20.18 13.82 -18.64
CA ILE B 253 -19.59 12.88 -17.70
C ILE B 253 -18.16 13.28 -17.36
N ARG B 254 -17.39 13.67 -18.37
CA ARG B 254 -16.01 14.08 -18.13
C ARG B 254 -15.93 15.32 -17.27
N THR B 255 -16.81 16.31 -17.52
CA THR B 255 -16.82 17.50 -16.69
C THR B 255 -17.20 17.18 -15.24
N GLY B 256 -18.21 16.33 -15.05
CA GLY B 256 -18.61 15.98 -13.70
C GLY B 256 -17.54 15.22 -12.94
N VAL B 257 -16.84 14.30 -13.62
CA VAL B 257 -15.77 13.57 -12.97
C VAL B 257 -14.60 14.49 -12.67
N ARG B 258 -14.31 15.41 -13.59
CA ARG B 258 -13.21 16.35 -13.40
C ARG B 258 -13.46 17.26 -12.20
N LEU B 259 -14.70 17.66 -11.99
CA LEU B 259 -14.99 18.60 -10.91
C LEU B 259 -14.95 17.96 -9.53
N SER B 260 -14.89 16.62 -9.45
CA SER B 260 -14.87 15.95 -8.15
C SER B 260 -13.45 15.81 -7.60
N GLY B 261 -12.58 15.14 -8.34
CA GLY B 261 -11.20 15.02 -7.93
C GLY B 261 -10.65 13.62 -8.07
N ALA B 262 -11.52 12.67 -8.37
CA ALA B 262 -11.12 11.27 -8.38
C ALA B 262 -10.12 10.98 -9.48
N ALA B 263 -9.31 9.94 -9.27
CA ALA B 263 -8.43 9.46 -10.33
C ALA B 263 -9.24 8.83 -11.44
N VAL B 264 -8.75 8.95 -12.67
CA VAL B 264 -9.46 8.49 -13.85
C VAL B 264 -8.54 7.61 -14.68
N ARG B 265 -9.07 6.50 -15.18
CA ARG B 265 -8.38 5.68 -16.17
C ARG B 265 -9.41 5.27 -17.21
N THR B 266 -8.98 5.18 -18.47
CA THR B 266 -9.86 4.85 -19.57
C THR B 266 -9.43 3.54 -20.22
N PHE B 267 -10.40 2.82 -20.76
CA PHE B 267 -10.14 1.59 -21.51
C PHE B 267 -10.66 1.72 -22.92
N LYS B 268 -10.10 0.90 -23.82
CA LYS B 268 -10.44 0.98 -25.23
C LYS B 268 -11.90 0.62 -25.44
N HIS B 269 -12.52 1.17 -26.48
CA HIS B 269 -13.95 1.03 -26.71
C HIS B 269 -14.26 -0.40 -27.12
N GLY B 270 -15.22 -1.02 -26.44
CA GLY B 270 -15.64 -2.37 -26.76
C GLY B 270 -14.56 -3.41 -26.59
N ASP B 271 -13.80 -3.35 -25.50
CA ASP B 271 -12.71 -4.29 -25.23
C ASP B 271 -12.84 -4.71 -23.78
N MET B 272 -13.15 -5.97 -23.54
CA MET B 272 -13.45 -6.43 -22.19
C MET B 272 -12.28 -7.11 -21.49
N VAL B 273 -11.41 -7.80 -22.25
CA VAL B 273 -10.21 -8.36 -21.65
C VAL B 273 -9.33 -7.25 -21.09
N GLY B 274 -9.24 -6.14 -21.83
CA GLY B 274 -8.50 -4.98 -21.33
C GLY B 274 -9.12 -4.40 -20.08
N LEU B 275 -10.45 -4.36 -20.03
CA LEU B 275 -11.12 -3.84 -18.84
C LEU B 275 -10.81 -4.70 -17.63
N GLU B 276 -10.90 -6.03 -17.78
CA GLU B 276 -10.62 -6.91 -16.65
C GLU B 276 -9.16 -6.79 -16.20
N LYS B 277 -8.25 -6.74 -17.17
CA LYS B 277 -6.83 -6.57 -16.84
C LYS B 277 -6.59 -5.27 -16.09
N LEU B 278 -7.21 -4.19 -16.55
CA LEU B 278 -7.04 -2.89 -15.90
C LEU B 278 -7.60 -2.91 -14.49
N ILE B 279 -8.75 -3.57 -14.30
CA ILE B 279 -9.34 -3.65 -12.97
C ILE B 279 -8.41 -4.37 -12.02
N ARG B 280 -7.89 -5.53 -12.45
CA ARG B 280 -7.00 -6.30 -11.61
C ARG B 280 -5.75 -5.51 -11.26
N GLU B 281 -5.13 -4.89 -12.26
CA GLU B 281 -3.91 -4.14 -12.05
C GLU B 281 -4.13 -2.97 -11.09
N GLN B 282 -5.23 -2.25 -11.25
CA GLN B 282 -5.46 -1.08 -10.41
C GLN B 282 -5.86 -1.47 -9.00
N ILE B 283 -6.49 -2.64 -8.83
CA ILE B 283 -6.76 -3.13 -7.48
C ILE B 283 -5.45 -3.49 -6.78
N VAL B 284 -4.55 -4.15 -7.51
CA VAL B 284 -3.26 -4.53 -6.92
C VAL B 284 -2.43 -3.30 -6.56
N LEU B 285 -2.36 -2.32 -7.47
CA LEU B 285 -1.43 -1.20 -7.29
C LEU B 285 -1.85 -0.31 -6.12
N GLY B 286 -3.11 0.08 -6.06
CA GLY B 286 -3.57 0.97 -5.02
C GLY B 286 -3.42 2.43 -5.41
N GLN B 287 -3.64 3.29 -4.42
CA GLN B 287 -3.54 4.72 -4.64
C GLN B 287 -2.14 5.11 -5.07
N PRO B 288 -2.00 6.14 -5.90
CA PRO B 288 -0.66 6.58 -6.28
C PRO B 288 0.03 7.29 -5.12
N LYS B 289 1.34 7.07 -5.02
CA LYS B 289 2.23 7.73 -4.06
C LYS B 289 2.06 7.19 -2.64
N THR B 290 1.04 6.37 -2.41
CA THR B 290 0.82 5.78 -1.08
C THR B 290 0.56 4.29 -1.13
N ASN B 291 0.01 3.79 -2.25
CA ASN B 291 -0.28 2.38 -2.44
C ASN B 291 -1.23 1.83 -1.38
N ARG B 292 -1.99 2.70 -0.73
CA ARG B 292 -3.08 2.28 0.12
C ARG B 292 -4.21 1.73 -0.73
N PRO B 293 -5.10 0.92 -0.16
CA PRO B 293 -6.22 0.39 -0.94
C PRO B 293 -7.13 1.49 -1.45
N TRP B 294 -7.63 1.31 -2.67
CA TRP B 294 -8.64 2.22 -3.20
C TRP B 294 -9.89 2.18 -2.34
N LYS B 295 -10.39 3.35 -1.97
CA LYS B 295 -11.60 3.41 -1.17
C LYS B 295 -12.85 2.98 -1.93
N LYS B 296 -12.84 3.09 -3.26
CA LYS B 296 -14.04 2.86 -4.05
C LYS B 296 -13.66 2.79 -5.53
N ILE B 297 -14.37 1.99 -6.32
CA ILE B 297 -14.13 1.92 -7.75
C ILE B 297 -15.47 1.97 -8.46
N LEU B 298 -15.59 2.88 -9.43
CA LEU B 298 -16.82 3.09 -10.18
C LEU B 298 -16.54 2.95 -11.67
N ILE B 299 -17.41 2.21 -12.37
CA ILE B 299 -17.27 1.98 -13.80
C ILE B 299 -18.38 2.74 -14.50
N CYS B 300 -18.02 3.63 -15.42
CA CYS B 300 -18.99 4.42 -16.14
C CYS B 300 -19.08 3.97 -17.59
N ALA B 301 -20.30 3.99 -18.12
CA ALA B 301 -20.52 3.59 -19.51
C ALA B 301 -21.78 4.24 -20.06
N GLU B 302 -22.10 3.94 -21.32
CA GLU B 302 -23.25 4.53 -21.98
C GLU B 302 -24.07 3.42 -22.61
N GLY B 303 -25.39 3.61 -22.64
CA GLY B 303 -26.26 2.63 -23.24
C GLY B 303 -26.03 2.45 -24.72
N LEU B 304 -25.93 3.56 -25.44
CA LEU B 304 -25.73 3.53 -26.89
C LEU B 304 -24.87 4.74 -27.25
N PHE B 305 -23.69 4.49 -27.79
CA PHE B 305 -22.78 5.57 -28.14
C PHE B 305 -23.20 6.21 -29.46
N SER B 306 -23.64 7.46 -29.40
CA SER B 306 -24.25 8.10 -30.56
C SER B 306 -23.25 8.81 -31.46
N MET B 307 -22.15 8.16 -31.80
CA MET B 307 -21.31 8.58 -32.91
C MET B 307 -20.88 7.33 -33.65
N GLU B 308 -21.06 6.19 -32.99
CA GLU B 308 -20.74 4.88 -33.53
C GLU B 308 -21.96 4.01 -33.78
N GLY B 309 -23.04 4.21 -33.03
CA GLY B 309 -24.22 3.39 -33.18
C GLY B 309 -24.13 2.04 -32.55
N THR B 310 -23.14 1.82 -31.68
CA THR B 310 -22.93 0.54 -31.03
C THR B 310 -23.54 0.56 -29.64
N LEU B 311 -23.53 -0.61 -29.00
CA LEU B 311 -24.08 -0.79 -27.66
C LEU B 311 -22.95 -1.07 -26.68
N CYS B 312 -23.32 -1.25 -25.42
CA CYS B 312 -22.38 -1.61 -24.38
C CYS B 312 -22.63 -3.05 -23.96
N ASN B 313 -21.56 -3.80 -23.73
CA ASN B 313 -21.70 -5.20 -23.34
C ASN B 313 -22.18 -5.28 -21.90
N LEU B 314 -23.47 -5.02 -21.68
CA LEU B 314 -24.00 -4.96 -20.32
C LEU B 314 -23.84 -6.27 -19.55
N PRO B 315 -24.14 -7.46 -20.12
CA PRO B 315 -23.96 -8.69 -19.34
C PRO B 315 -22.55 -8.86 -18.79
N LYS B 316 -21.55 -8.60 -19.63
CA LYS B 316 -20.17 -8.77 -19.18
C LYS B 316 -19.79 -7.73 -18.14
N LEU B 317 -20.32 -6.52 -18.28
CA LEU B 317 -20.07 -5.48 -17.27
C LEU B 317 -20.64 -5.89 -15.93
N VAL B 318 -21.86 -6.46 -15.93
CA VAL B 318 -22.47 -6.90 -14.68
C VAL B 318 -21.67 -8.05 -14.08
N GLU B 319 -21.22 -8.98 -14.91
CA GLU B 319 -20.39 -10.08 -14.42
C GLU B 319 -19.12 -9.57 -13.76
N LEU B 320 -18.43 -8.64 -14.41
CA LEU B 320 -17.19 -8.12 -13.85
C LEU B 320 -17.42 -7.36 -12.56
N LYS B 321 -18.50 -6.56 -12.51
CA LYS B 321 -18.75 -5.79 -11.30
C LYS B 321 -19.15 -6.70 -10.14
N LYS B 322 -19.84 -7.82 -10.43
CA LYS B 322 -20.19 -8.73 -9.37
C LYS B 322 -18.99 -9.55 -8.91
N LYS B 323 -18.07 -9.86 -9.83
CA LYS B 323 -16.88 -10.62 -9.48
C LYS B 323 -15.88 -9.81 -8.69
N TYR B 324 -15.63 -8.55 -9.06
CA TYR B 324 -14.61 -7.74 -8.42
C TYR B 324 -15.15 -6.71 -7.44
N LYS B 325 -16.46 -6.66 -7.23
CA LYS B 325 -17.10 -5.77 -6.24
C LYS B 325 -16.89 -4.29 -6.61
N CYS B 326 -17.10 -3.98 -7.89
CA CYS B 326 -17.09 -2.60 -8.36
C CYS B 326 -18.50 -2.02 -8.30
N TYR B 327 -18.71 -0.87 -8.91
CA TYR B 327 -20.02 -0.25 -9.02
C TYR B 327 -20.28 0.10 -10.47
N LEU B 328 -21.54 0.26 -10.84
CA LEU B 328 -21.91 0.50 -12.22
C LEU B 328 -22.74 1.78 -12.34
N PHE B 329 -22.50 2.50 -13.44
CA PHE B 329 -23.23 3.72 -13.75
C PHE B 329 -23.47 3.71 -15.26
N ILE B 330 -24.73 3.81 -15.67
CA ILE B 330 -25.09 3.72 -17.08
C ILE B 330 -25.83 5.00 -17.46
N ASP B 331 -25.44 5.57 -18.59
CA ASP B 331 -26.05 6.79 -19.11
C ASP B 331 -26.91 6.41 -20.30
N GLU B 332 -28.21 6.37 -20.10
CA GLU B 332 -29.16 5.97 -21.14
C GLU B 332 -29.84 7.21 -21.70
N ALA B 333 -29.13 7.98 -22.51
CA ALA B 333 -29.72 9.15 -23.15
C ALA B 333 -30.38 8.81 -24.48
N HIS B 334 -29.74 7.97 -25.29
CA HIS B 334 -30.29 7.54 -26.56
C HIS B 334 -30.98 6.19 -26.49
N SER B 335 -30.89 5.50 -25.35
CA SER B 335 -31.44 4.14 -25.25
C SER B 335 -32.88 4.16 -24.75
N ILE B 336 -33.15 4.92 -23.68
CA ILE B 336 -34.46 4.90 -23.07
C ILE B 336 -35.50 5.42 -24.06
N GLY B 337 -36.65 4.76 -24.09
CA GLY B 337 -37.75 5.18 -24.92
C GLY B 337 -37.70 4.69 -26.36
N ALA B 338 -36.51 4.51 -26.91
CA ALA B 338 -36.37 4.20 -28.33
C ALA B 338 -35.87 2.79 -28.61
N MET B 339 -35.49 2.02 -27.60
CA MET B 339 -34.99 0.67 -27.80
C MET B 339 -35.61 -0.28 -26.81
N GLY B 340 -35.62 -1.56 -27.17
CA GLY B 340 -36.22 -2.58 -26.36
C GLY B 340 -37.56 -3.00 -26.92
N PRO B 341 -38.02 -4.20 -26.57
CA PRO B 341 -39.36 -4.62 -27.00
C PRO B 341 -40.46 -3.65 -26.59
N THR B 342 -40.36 -3.06 -25.41
CA THR B 342 -41.37 -2.16 -24.90
C THR B 342 -40.86 -0.74 -24.68
N GLY B 343 -39.60 -0.46 -25.00
CA GLY B 343 -39.06 0.87 -24.86
C GLY B 343 -38.35 1.16 -23.56
N ARG B 344 -37.89 0.14 -22.84
CA ARG B 344 -37.31 0.33 -21.52
C ARG B 344 -35.80 0.54 -21.53
N GLY B 345 -35.13 0.37 -22.66
CA GLY B 345 -33.71 0.63 -22.69
C GLY B 345 -32.85 -0.59 -22.93
N VAL B 346 -31.62 -0.58 -22.40
CA VAL B 346 -30.71 -1.69 -22.64
C VAL B 346 -30.95 -2.84 -21.67
N CYS B 347 -31.44 -2.55 -20.47
CA CYS B 347 -31.84 -3.61 -19.56
C CYS B 347 -32.91 -4.49 -20.18
N GLU B 348 -33.86 -3.87 -20.87
CA GLU B 348 -34.88 -4.60 -21.60
C GLU B 348 -34.25 -5.41 -22.73
N ILE B 349 -33.26 -4.84 -23.42
CA ILE B 349 -32.67 -5.51 -24.58
C ILE B 349 -31.96 -6.78 -24.16
N PHE B 350 -31.12 -6.69 -23.12
CA PHE B 350 -30.28 -7.82 -22.74
C PHE B 350 -30.94 -8.72 -21.70
N GLY B 351 -32.15 -8.39 -21.25
CA GLY B 351 -32.81 -9.20 -20.26
C GLY B 351 -32.13 -9.14 -18.91
N VAL B 352 -31.28 -8.14 -18.71
CA VAL B 352 -30.63 -7.93 -17.43
C VAL B 352 -31.63 -7.32 -16.46
N ASP B 353 -31.59 -7.76 -15.22
CA ASP B 353 -32.50 -7.24 -14.22
C ASP B 353 -32.08 -5.84 -13.82
N PRO B 354 -32.95 -4.83 -13.94
CA PRO B 354 -32.54 -3.46 -13.59
C PRO B 354 -32.38 -3.28 -12.08
N LYS B 355 -31.58 -4.13 -11.47
CA LYS B 355 -31.27 -4.02 -10.05
C LYS B 355 -29.76 -4.19 -9.87
N ASP B 356 -29.12 -4.82 -10.84
CA ASP B 356 -27.66 -4.97 -10.82
C ASP B 356 -26.94 -3.68 -11.19
N VAL B 357 -27.66 -2.68 -11.68
CA VAL B 357 -27.06 -1.41 -12.08
C VAL B 357 -27.34 -0.41 -10.96
N ASP B 358 -26.27 0.12 -10.35
CA ASP B 358 -26.43 0.93 -9.15
C ASP B 358 -27.13 2.25 -9.44
N ILE B 359 -26.70 2.98 -10.47
CA ILE B 359 -27.30 4.27 -10.79
C ILE B 359 -27.62 4.35 -12.27
N LEU B 360 -28.86 4.68 -12.60
CA LEU B 360 -29.25 4.92 -13.98
C LEU B 360 -29.61 6.39 -14.16
N MET B 361 -29.15 6.99 -15.25
CA MET B 361 -29.54 8.36 -15.57
C MET B 361 -29.89 8.45 -17.06
N GLY B 362 -30.71 9.43 -17.39
CA GLY B 362 -31.12 9.64 -18.76
C GLY B 362 -31.62 11.05 -18.94
N THR B 363 -32.13 11.33 -20.13
CA THR B 363 -32.68 12.64 -20.43
C THR B 363 -34.01 12.47 -21.15
N PHE B 364 -34.86 13.47 -21.02
CA PHE B 364 -36.14 13.51 -21.73
C PHE B 364 -36.03 14.28 -23.04
N THR B 365 -34.82 14.68 -23.43
CA THR B 365 -34.66 15.53 -24.61
C THR B 365 -34.81 14.75 -25.91
N LYS B 366 -34.29 13.53 -25.98
CA LYS B 366 -34.17 12.84 -27.26
C LYS B 366 -35.48 12.27 -27.76
N SER B 367 -36.07 11.34 -27.03
CA SER B 367 -37.20 10.59 -27.53
C SER B 367 -38.53 10.96 -26.89
N PHE B 368 -38.56 11.96 -26.01
CA PHE B 368 -39.81 12.36 -25.36
C PHE B 368 -40.26 13.76 -25.73
N GLY B 369 -39.48 14.50 -26.52
CA GLY B 369 -39.88 15.83 -26.94
C GLY B 369 -40.05 16.80 -25.80
N ALA B 370 -39.09 16.82 -24.87
CA ALA B 370 -39.15 17.70 -23.71
C ALA B 370 -37.75 18.09 -23.27
N ALA B 371 -37.59 18.55 -22.04
CA ALA B 371 -36.29 18.93 -21.52
C ALA B 371 -36.16 18.39 -20.10
N GLY B 372 -34.94 18.07 -19.71
CA GLY B 372 -34.69 17.67 -18.34
C GLY B 372 -33.88 16.40 -18.28
N GLY B 373 -33.80 15.83 -17.08
CA GLY B 373 -33.07 14.61 -16.85
C GLY B 373 -33.58 13.95 -15.58
N TYR B 374 -33.06 12.76 -15.30
CA TYR B 374 -33.50 12.01 -14.15
C TYR B 374 -32.36 11.11 -13.68
N ILE B 375 -32.47 10.68 -12.43
CA ILE B 375 -31.57 9.68 -11.84
C ILE B 375 -32.42 8.70 -11.06
N ALA B 376 -32.22 7.41 -11.32
CA ALA B 376 -32.97 6.35 -10.64
C ALA B 376 -32.01 5.37 -10.00
N ALA B 377 -32.27 5.02 -8.75
CA ALA B 377 -31.44 4.10 -8.00
C ALA B 377 -32.30 3.47 -6.90
N ASP B 378 -31.64 2.80 -5.95
CA ASP B 378 -32.35 2.23 -4.82
C ASP B 378 -32.83 3.34 -3.89
N GLN B 379 -33.46 2.97 -2.78
CA GLN B 379 -34.12 3.97 -1.94
C GLN B 379 -33.12 4.77 -1.11
N TRP B 380 -32.31 4.09 -0.30
CA TRP B 380 -31.40 4.79 0.60
C TRP B 380 -30.45 5.69 -0.17
N ILE B 381 -30.03 5.25 -1.36
CA ILE B 381 -29.18 6.07 -2.20
C ILE B 381 -29.88 7.37 -2.57
N ILE B 382 -31.15 7.27 -2.96
CA ILE B 382 -31.91 8.45 -3.36
C ILE B 382 -32.10 9.40 -2.18
N ASP B 383 -32.35 8.86 -0.99
CA ASP B 383 -32.51 9.74 0.17
C ASP B 383 -31.21 10.47 0.49
N ARG B 384 -30.09 9.74 0.47
CA ARG B 384 -28.81 10.39 0.74
C ARG B 384 -28.51 11.47 -0.29
N LEU B 385 -28.74 11.16 -1.57
CA LEU B 385 -28.46 12.14 -2.62
C LEU B 385 -29.37 13.35 -2.50
N ARG B 386 -30.66 13.15 -2.25
CA ARG B 386 -31.56 14.28 -2.08
C ARG B 386 -31.10 15.17 -0.94
N LEU B 387 -30.54 14.58 0.11
CA LEU B 387 -29.94 15.38 1.17
C LEU B 387 -28.62 16.02 0.76
N ASP B 388 -27.94 15.50 -0.25
CA ASP B 388 -26.54 15.82 -0.51
C ASP B 388 -26.33 16.55 -1.84
N LEU B 389 -27.15 16.31 -2.85
CA LEU B 389 -26.94 16.92 -4.17
C LEU B 389 -27.04 18.44 -4.08
N THR B 390 -26.38 19.10 -5.02
CA THR B 390 -26.24 20.55 -5.06
C THR B 390 -27.30 21.24 -5.90
N THR B 391 -27.64 20.67 -7.05
CA THR B 391 -28.64 21.28 -7.92
C THR B 391 -30.01 21.27 -7.29
N VAL B 392 -30.24 20.37 -6.33
CA VAL B 392 -31.51 20.35 -5.62
C VAL B 392 -31.67 21.61 -4.78
N SER B 393 -30.57 22.08 -4.20
CA SER B 393 -30.63 23.19 -3.26
C SER B 393 -30.35 24.54 -3.89
N TYR B 394 -29.57 24.61 -4.97
CA TYR B 394 -29.07 25.90 -5.45
C TYR B 394 -29.64 26.34 -6.78
N SER B 395 -30.25 25.45 -7.56
CA SER B 395 -30.71 25.81 -8.90
C SER B 395 -32.22 25.67 -8.98
N GLU B 396 -32.82 26.45 -9.87
CA GLU B 396 -34.26 26.47 -10.05
C GLU B 396 -34.87 25.16 -10.54
N SER B 397 -36.13 24.92 -10.19
CA SER B 397 -36.82 23.71 -10.58
C SER B 397 -37.28 23.81 -12.03
N MET B 398 -37.79 22.71 -12.55
CA MET B 398 -38.19 22.67 -13.94
C MET B 398 -39.66 23.07 -14.09
N PRO B 399 -40.02 23.70 -15.20
CA PRO B 399 -41.34 24.33 -15.31
C PRO B 399 -42.47 23.32 -15.44
N ALA B 400 -43.69 23.84 -15.46
CA ALA B 400 -44.87 22.98 -15.50
C ALA B 400 -45.17 22.45 -16.90
N PRO B 401 -45.15 23.26 -17.97
CA PRO B 401 -45.45 22.69 -19.30
C PRO B 401 -44.54 21.55 -19.71
N VAL B 402 -43.26 21.64 -19.39
CA VAL B 402 -42.32 20.57 -19.73
C VAL B 402 -42.67 19.30 -18.98
N LEU B 403 -42.98 19.43 -17.68
CA LEU B 403 -43.36 18.28 -16.89
C LEU B 403 -44.63 17.63 -17.43
N ALA B 404 -45.62 18.45 -17.82
CA ALA B 404 -46.85 17.93 -18.36
C ALA B 404 -46.60 17.14 -19.65
N GLN B 405 -45.77 17.70 -20.53
CA GLN B 405 -45.44 17.00 -21.77
C GLN B 405 -44.74 15.68 -21.50
N THR B 406 -43.78 15.69 -20.56
CA THR B 406 -43.05 14.47 -20.24
C THR B 406 -43.99 13.40 -19.69
N ILE B 407 -44.86 13.78 -18.77
CA ILE B 407 -45.81 12.83 -18.18
C ILE B 407 -46.72 12.26 -19.24
N SER B 408 -47.24 13.13 -20.12
CA SER B 408 -48.14 12.67 -21.17
C SER B 408 -47.46 11.67 -22.09
N SER B 409 -46.23 11.96 -22.51
CA SER B 409 -45.55 11.06 -23.43
C SER B 409 -45.18 9.75 -22.76
N LEU B 410 -44.76 9.80 -21.49
CA LEU B 410 -44.45 8.57 -20.77
C LEU B 410 -45.69 7.69 -20.61
N GLN B 411 -46.83 8.31 -20.29
CA GLN B 411 -48.07 7.54 -20.20
C GLN B 411 -48.46 6.96 -21.55
N THR B 412 -48.26 7.72 -22.63
CA THR B 412 -48.60 7.21 -23.96
C THR B 412 -47.76 5.99 -24.32
N ILE B 413 -46.45 6.05 -24.07
CA ILE B 413 -45.60 4.90 -24.35
C ILE B 413 -45.95 3.72 -23.46
N SER B 414 -46.25 3.98 -22.19
CA SER B 414 -46.60 2.94 -21.24
C SER B 414 -47.95 2.30 -21.54
N GLY B 415 -48.67 2.78 -22.55
CA GLY B 415 -49.93 2.17 -22.94
C GLY B 415 -51.07 2.47 -22.02
N GLU B 416 -50.98 3.51 -21.21
CA GLU B 416 -52.04 3.87 -20.28
C GLU B 416 -53.11 4.72 -20.95
N ILE B 417 -52.71 5.60 -21.87
CA ILE B 417 -53.64 6.44 -22.62
C ILE B 417 -53.41 6.21 -24.11
N CYS B 418 -54.50 6.24 -24.89
CA CYS B 418 -54.53 5.97 -26.33
C CYS B 418 -53.64 4.78 -26.66
N PRO B 419 -54.08 3.56 -26.34
CA PRO B 419 -53.14 2.41 -26.33
C PRO B 419 -52.52 2.07 -27.67
N GLY B 420 -53.12 2.47 -28.78
CA GLY B 420 -52.60 2.05 -30.07
C GLY B 420 -51.32 2.73 -30.46
N GLN B 421 -51.05 3.91 -29.89
CA GLN B 421 -50.00 4.78 -30.42
C GLN B 421 -48.60 4.28 -30.04
N GLY B 422 -48.41 3.82 -28.82
CA GLY B 422 -47.08 3.49 -28.35
C GLY B 422 -46.37 2.41 -29.14
N THR B 423 -47.03 1.25 -29.29
CA THR B 423 -46.44 0.17 -30.06
C THR B 423 -46.32 0.54 -31.53
N GLU B 424 -47.27 1.34 -32.03
CA GLU B 424 -47.15 1.86 -33.39
C GLU B 424 -45.83 2.59 -33.58
N ARG B 425 -45.54 3.54 -32.70
CA ARG B 425 -44.31 4.32 -32.82
C ARG B 425 -43.07 3.45 -32.68
N LEU B 426 -43.08 2.55 -31.70
CA LEU B 426 -41.90 1.71 -31.48
C LEU B 426 -41.62 0.84 -32.69
N GLN B 427 -42.66 0.22 -33.24
CA GLN B 427 -42.46 -0.67 -34.38
C GLN B 427 -42.08 0.11 -35.63
N ARG B 428 -42.65 1.31 -35.81
CA ARG B 428 -42.29 2.13 -36.95
C ARG B 428 -40.81 2.46 -36.94
N ILE B 429 -40.30 2.93 -35.79
CA ILE B 429 -38.89 3.32 -35.76
C ILE B 429 -38.00 2.09 -35.92
N ALA B 430 -38.38 0.96 -35.31
CA ALA B 430 -37.57 -0.24 -35.43
C ALA B 430 -37.50 -0.72 -36.87
N PHE B 431 -38.59 -0.57 -37.63
CA PHE B 431 -38.56 -0.97 -39.03
C PHE B 431 -37.74 0.00 -39.87
N ASN B 432 -37.94 1.30 -39.65
CA ASN B 432 -37.29 2.30 -40.49
C ASN B 432 -35.77 2.22 -40.38
N SER B 433 -35.27 2.06 -39.15
CA SER B 433 -33.82 1.99 -38.96
C SER B 433 -33.21 0.81 -39.71
N ARG B 434 -33.80 -0.37 -39.54
CA ARG B 434 -33.28 -1.57 -40.20
C ARG B 434 -33.34 -1.43 -41.71
N TYR B 435 -34.46 -0.91 -42.22
CA TYR B 435 -34.62 -0.77 -43.65
C TYR B 435 -33.53 0.13 -44.23
N LEU B 436 -33.31 1.29 -43.62
CA LEU B 436 -32.31 2.20 -44.16
C LEU B 436 -30.91 1.60 -44.09
N ARG B 437 -30.57 0.97 -42.95
CA ARG B 437 -29.23 0.41 -42.82
C ARG B 437 -28.98 -0.67 -43.86
N LEU B 438 -29.94 -1.58 -44.04
CA LEU B 438 -29.75 -2.67 -45.00
C LEU B 438 -29.67 -2.14 -46.43
N ALA B 439 -30.52 -1.18 -46.79
CA ALA B 439 -30.48 -0.64 -48.14
C ALA B 439 -29.14 0.04 -48.42
N LEU B 440 -28.66 0.82 -47.46
CA LEU B 440 -27.39 1.51 -47.66
C LEU B 440 -26.23 0.53 -47.78
N GLN B 441 -26.22 -0.52 -46.96
CA GLN B 441 -25.14 -1.49 -47.06
C GLN B 441 -25.21 -2.29 -48.36
N ARG B 442 -26.42 -2.54 -48.87
CA ARG B 442 -26.52 -3.24 -50.15
C ARG B 442 -26.11 -2.37 -51.32
N LEU B 443 -26.39 -1.08 -51.28
CA LEU B 443 -25.95 -0.19 -52.35
C LEU B 443 -24.44 -0.13 -52.47
N GLY B 444 -23.71 -0.21 -51.36
CA GLY B 444 -22.26 -0.20 -51.42
C GLY B 444 -21.58 0.80 -50.51
N PHE B 445 -22.28 1.32 -49.52
CA PHE B 445 -21.68 2.26 -48.58
C PHE B 445 -21.17 1.53 -47.34
N ILE B 446 -20.44 2.26 -46.51
CA ILE B 446 -19.90 1.75 -45.25
C ILE B 446 -20.70 2.37 -44.13
N VAL B 447 -21.37 1.55 -43.33
CA VAL B 447 -22.29 1.99 -42.28
C VAL B 447 -21.90 1.34 -40.97
N TYR B 448 -21.87 2.13 -39.90
CA TYR B 448 -21.53 1.65 -38.57
C TYR B 448 -22.79 1.30 -37.78
N GLY B 449 -22.59 0.57 -36.69
CA GLY B 449 -23.62 0.37 -35.69
C GLY B 449 -24.33 -0.96 -35.82
N VAL B 450 -25.06 -1.31 -34.75
CA VAL B 450 -25.87 -2.51 -34.68
C VAL B 450 -27.13 -2.33 -35.53
N ALA B 451 -27.87 -3.42 -35.72
CA ALA B 451 -28.98 -3.40 -36.68
C ALA B 451 -30.11 -2.47 -36.25
N ASP B 452 -30.46 -2.44 -34.97
CA ASP B 452 -31.63 -1.71 -34.50
C ASP B 452 -31.34 -0.28 -34.09
N SER B 453 -30.09 0.15 -34.10
CA SER B 453 -29.75 1.48 -33.63
C SER B 453 -30.43 2.54 -34.50
N PRO B 454 -30.95 3.62 -33.91
CA PRO B 454 -31.52 4.70 -34.72
C PRO B 454 -30.49 5.70 -35.20
N VAL B 455 -29.23 5.54 -34.86
CA VAL B 455 -28.14 6.39 -35.31
C VAL B 455 -27.41 5.64 -36.41
N ILE B 456 -27.36 6.21 -37.61
CA ILE B 456 -26.80 5.52 -38.77
C ILE B 456 -25.67 6.33 -39.37
N PRO B 457 -24.42 6.14 -38.93
CA PRO B 457 -23.30 6.93 -39.44
C PRO B 457 -22.85 6.41 -40.81
N LEU B 458 -22.69 7.32 -41.75
CA LEU B 458 -22.16 7.01 -43.08
C LEU B 458 -20.81 7.70 -43.26
N LEU B 459 -19.80 6.92 -43.61
CA LEU B 459 -18.41 7.35 -43.57
C LEU B 459 -18.02 8.01 -44.88
N LEU B 460 -17.28 9.12 -44.81
CA LEU B 460 -16.86 9.89 -45.97
C LEU B 460 -15.37 9.82 -46.26
N TYR B 461 -14.53 9.93 -45.23
CA TYR B 461 -13.10 9.68 -45.27
C TYR B 461 -12.26 10.77 -45.92
N CYS B 462 -12.86 11.79 -46.51
CA CYS B 462 -12.06 12.84 -47.11
C CYS B 462 -12.57 14.21 -46.70
N PRO B 463 -11.67 15.13 -46.32
CA PRO B 463 -12.13 16.43 -45.84
C PRO B 463 -12.86 17.27 -46.86
N SER B 464 -12.66 17.03 -48.15
CA SER B 464 -13.32 17.83 -49.18
C SER B 464 -14.64 17.23 -49.65
N LYS B 465 -14.95 15.99 -49.26
CA LYS B 465 -16.23 15.40 -49.62
C LYS B 465 -17.36 15.80 -48.68
N MET B 466 -17.01 16.40 -47.54
CA MET B 466 -18.02 16.72 -46.53
C MET B 466 -18.83 17.96 -46.92
N PRO B 467 -18.22 19.13 -47.23
CA PRO B 467 -19.01 20.26 -47.69
C PRO B 467 -19.79 19.96 -48.95
N ALA B 468 -19.19 19.19 -49.86
CA ALA B 468 -19.84 18.86 -51.11
C ALA B 468 -21.11 18.05 -50.87
N PHE B 469 -21.02 17.02 -50.03
CA PHE B 469 -22.17 16.21 -49.69
C PHE B 469 -23.25 17.05 -49.04
N SER B 470 -22.88 17.87 -48.07
CA SER B 470 -23.87 18.67 -47.35
C SER B 470 -24.59 19.64 -48.29
N ARG B 471 -23.82 20.33 -49.14
CA ARG B 471 -24.43 21.32 -50.03
C ARG B 471 -25.28 20.66 -51.10
N MET B 472 -24.84 19.54 -51.65
CA MET B 472 -25.66 18.85 -52.63
C MET B 472 -26.97 18.37 -52.03
N MET B 473 -26.91 17.78 -50.84
CA MET B 473 -28.14 17.32 -50.20
C MET B 473 -29.07 18.50 -49.91
N LEU B 474 -28.52 19.62 -49.43
CA LEU B 474 -29.37 20.78 -49.17
C LEU B 474 -30.01 21.28 -50.45
N GLN B 475 -29.26 21.27 -51.55
CA GLN B 475 -29.82 21.65 -52.84
C GLN B 475 -30.97 20.71 -53.23
N ARG B 476 -30.87 19.45 -52.86
CA ARG B 476 -31.95 18.49 -53.13
C ARG B 476 -32.97 18.40 -52.00
N ARG B 477 -32.99 19.37 -51.09
CA ARG B 477 -33.98 19.47 -50.03
C ARG B 477 -33.91 18.33 -49.02
N ILE B 478 -32.72 18.09 -48.46
CA ILE B 478 -32.53 17.14 -47.38
C ILE B 478 -31.56 17.76 -46.38
N ALA B 479 -31.86 17.67 -45.09
CA ALA B 479 -31.06 18.27 -44.05
C ALA B 479 -30.27 17.20 -43.31
N VAL B 480 -28.94 17.34 -43.27
CA VAL B 480 -28.05 16.35 -42.69
C VAL B 480 -27.02 17.04 -41.80
N VAL B 481 -26.27 16.22 -41.06
CA VAL B 481 -25.27 16.67 -40.09
C VAL B 481 -23.94 15.98 -40.39
N VAL B 482 -22.85 16.74 -40.23
CA VAL B 482 -21.51 16.26 -40.55
C VAL B 482 -20.60 16.53 -39.36
N VAL B 483 -19.53 15.73 -39.23
CA VAL B 483 -18.57 15.87 -38.14
C VAL B 483 -17.15 15.69 -38.67
N ALA B 484 -16.18 16.29 -38.00
CA ALA B 484 -14.81 16.43 -38.49
C ALA B 484 -13.80 16.02 -37.43
N TYR B 485 -12.52 16.36 -37.67
CA TYR B 485 -11.36 15.80 -36.96
C TYR B 485 -11.35 16.00 -35.45
N PRO B 486 -11.51 17.22 -34.91
CA PRO B 486 -11.43 17.31 -33.44
C PRO B 486 -12.50 16.50 -32.75
N ALA B 487 -13.61 16.21 -33.44
CA ALA B 487 -14.70 15.43 -32.84
C ALA B 487 -14.52 13.94 -33.09
N THR B 488 -14.16 13.56 -34.32
CA THR B 488 -14.03 12.17 -34.71
C THR B 488 -12.60 11.88 -35.13
N PRO B 489 -12.15 10.62 -35.08
CA PRO B 489 -10.79 10.28 -35.50
C PRO B 489 -10.36 10.96 -36.79
N LEU B 490 -9.08 11.30 -36.89
CA LEU B 490 -8.56 12.07 -38.01
C LEU B 490 -8.92 11.44 -39.35
N ILE B 491 -8.93 10.13 -39.42
CA ILE B 491 -9.02 9.43 -40.69
C ILE B 491 -10.45 9.02 -41.03
N GLU B 492 -11.42 9.44 -40.22
CA GLU B 492 -12.81 9.04 -40.46
C GLU B 492 -13.74 10.20 -40.10
N SER B 493 -14.19 10.92 -41.12
CA SER B 493 -15.24 11.93 -41.01
C SER B 493 -16.50 11.34 -41.60
N ARG B 494 -17.64 11.59 -40.98
CA ARG B 494 -18.86 10.90 -41.33
C ARG B 494 -20.03 11.87 -41.40
N VAL B 495 -21.16 11.37 -41.89
CA VAL B 495 -22.47 11.99 -41.67
C VAL B 495 -23.26 11.00 -40.83
N ARG B 496 -23.98 11.50 -39.84
CA ARG B 496 -24.82 10.64 -39.03
C ARG B 496 -26.27 10.98 -39.26
N PHE B 497 -27.04 9.98 -39.65
CA PHE B 497 -28.48 10.12 -39.83
C PHE B 497 -29.18 9.83 -38.51
N CYS B 498 -30.19 10.62 -38.19
CA CYS B 498 -31.05 10.36 -37.05
C CYS B 498 -32.44 10.04 -37.60
N MET B 499 -32.84 8.78 -37.50
CA MET B 499 -34.11 8.35 -38.06
C MET B 499 -35.22 8.53 -37.02
N SER B 500 -36.34 9.09 -37.47
CA SER B 500 -37.51 9.30 -36.64
C SER B 500 -38.56 8.23 -36.94
N ALA B 501 -39.57 8.16 -36.08
CA ALA B 501 -40.73 7.32 -36.32
C ALA B 501 -41.80 8.03 -37.12
N SER B 502 -41.58 9.29 -37.49
CA SER B 502 -42.52 10.05 -38.29
C SER B 502 -42.25 9.97 -39.78
N LEU B 503 -41.24 9.22 -40.20
CA LEU B 503 -40.87 9.14 -41.60
C LEU B 503 -41.50 7.91 -42.23
N THR B 504 -42.14 8.13 -43.38
CA THR B 504 -42.80 7.09 -44.15
C THR B 504 -41.79 6.41 -45.07
N LYS B 505 -42.08 5.16 -45.46
CA LYS B 505 -41.20 4.42 -46.35
C LYS B 505 -40.99 5.15 -47.68
N GLU B 506 -41.98 5.92 -48.14
CA GLU B 506 -41.82 6.70 -49.35
C GLU B 506 -40.69 7.72 -49.21
N ASP B 507 -40.63 8.38 -48.06
CA ASP B 507 -39.56 9.33 -47.79
C ASP B 507 -38.21 8.62 -47.81
N ILE B 508 -38.14 7.43 -47.22
CA ILE B 508 -36.88 6.70 -47.20
C ILE B 508 -36.46 6.30 -48.60
N ASP B 509 -37.43 5.95 -49.46
CA ASP B 509 -37.09 5.61 -50.84
C ASP B 509 -36.57 6.82 -51.61
N TYR B 510 -37.22 7.97 -51.43
CA TYR B 510 -36.75 9.21 -52.05
C TYR B 510 -35.32 9.53 -51.61
N LEU B 511 -35.07 9.44 -50.30
CA LEU B 511 -33.73 9.67 -49.78
C LEU B 511 -32.74 8.67 -50.35
N LEU B 512 -33.15 7.41 -50.46
CA LEU B 512 -32.25 6.37 -50.97
C LEU B 512 -31.84 6.68 -52.40
N ARG B 513 -32.79 7.08 -53.24
CA ARG B 513 -32.45 7.39 -54.63
C ARG B 513 -31.47 8.55 -54.70
N HIS B 514 -31.74 9.63 -53.95
CA HIS B 514 -30.85 10.78 -54.02
C HIS B 514 -29.46 10.45 -53.47
N VAL B 515 -29.40 9.69 -52.38
CA VAL B 515 -28.11 9.32 -51.79
C VAL B 515 -27.33 8.43 -52.76
N SER B 516 -28.01 7.50 -53.41
CA SER B 516 -27.34 6.64 -54.37
C SER B 516 -26.72 7.47 -55.49
N GLU B 517 -27.48 8.42 -56.03
CA GLU B 517 -26.94 9.26 -57.09
C GLU B 517 -25.73 10.07 -56.63
N VAL B 518 -25.87 10.74 -55.48
CA VAL B 518 -24.80 11.63 -55.01
C VAL B 518 -23.55 10.84 -54.66
N GLY B 519 -23.72 9.69 -54.01
CA GLY B 519 -22.56 8.88 -53.66
C GLY B 519 -21.94 8.20 -54.85
N ASP B 520 -22.72 8.00 -55.92
CA ASP B 520 -22.12 7.55 -57.17
C ASP B 520 -21.26 8.63 -57.78
N LYS B 521 -21.74 9.87 -57.76
CA LYS B 521 -21.00 10.98 -58.33
C LYS B 521 -19.77 11.38 -57.52
N LEU B 522 -19.79 11.24 -56.20
CA LEU B 522 -18.69 11.67 -55.34
C LEU B 522 -17.74 10.55 -54.96
N ASN B 523 -17.86 9.37 -55.57
CA ASN B 523 -16.98 8.23 -55.28
C ASN B 523 -16.98 7.87 -53.80
N LEU B 524 -18.17 7.51 -53.31
CA LEU B 524 -18.35 7.14 -51.90
C LEU B 524 -18.66 5.68 -51.68
N LYS B 525 -19.14 4.97 -52.70
CA LYS B 525 -19.42 3.56 -52.56
C LYS B 525 -18.12 2.76 -52.55
N SER B 526 -17.59 2.49 -51.37
CA SER B 526 -16.34 1.76 -51.25
C SER B 526 -16.48 0.64 -50.23
N ASN B 527 -17.61 -0.05 -50.25
CA ASN B 527 -17.87 -1.13 -49.33
C ASN B 527 -17.13 -2.39 -49.77
N SER B 528 -16.64 -3.15 -48.80
CA SER B 528 -15.91 -4.39 -49.07
C SER B 528 -16.87 -5.57 -48.91
N GLY B 529 -16.34 -6.79 -49.04
CA GLY B 529 -17.13 -7.97 -48.75
C GLY B 529 -17.17 -8.35 -47.30
N LYS B 530 -16.39 -7.66 -46.46
CA LYS B 530 -16.41 -7.88 -45.02
C LYS B 530 -17.72 -7.48 -44.38
N SER B 531 -18.55 -6.71 -45.08
CA SER B 531 -19.81 -6.22 -44.52
C SER B 531 -21.01 -6.84 -45.23
N SER B 532 -20.93 -8.14 -45.50
CA SER B 532 -22.07 -8.89 -46.01
C SER B 532 -22.04 -10.27 -45.39
N TYR B 533 -23.20 -10.92 -45.36
CA TYR B 533 -23.29 -12.20 -44.65
C TYR B 533 -22.59 -13.31 -45.41
N ASP B 534 -22.47 -13.16 -46.73
CA ASP B 534 -21.76 -14.13 -47.56
C ASP B 534 -20.25 -13.90 -47.50
N GLY B 535 -19.82 -12.73 -47.96
CA GLY B 535 -18.41 -12.44 -48.06
C GLY B 535 -18.05 -11.88 -49.42
N LYS B 536 -19.06 -11.61 -50.24
CA LYS B 536 -18.86 -11.06 -51.57
C LYS B 536 -19.30 -9.60 -51.58
N ARG B 537 -18.48 -8.74 -52.17
CA ARG B 537 -18.79 -7.32 -52.20
C ARG B 537 -20.01 -7.06 -53.08
N GLN B 538 -20.77 -6.02 -52.72
CA GLN B 538 -22.08 -5.77 -53.30
C GLN B 538 -22.14 -4.39 -53.94
N ARG B 539 -22.67 -4.34 -55.15
CA ARG B 539 -22.88 -3.09 -55.87
C ARG B 539 -24.25 -3.11 -56.56
N TRP B 540 -25.29 -3.45 -55.81
CA TRP B 540 -26.62 -3.66 -56.38
C TRP B 540 -27.13 -2.40 -57.09
N ASP B 541 -28.22 -2.58 -57.82
CA ASP B 541 -28.93 -1.49 -58.48
C ASP B 541 -30.02 -0.96 -57.58
N ILE B 542 -30.36 0.32 -57.78
CA ILE B 542 -31.28 1.01 -56.86
C ILE B 542 -32.66 0.38 -56.89
N GLU B 543 -33.18 0.09 -58.09
CA GLU B 543 -34.53 -0.46 -58.18
C GLU B 543 -34.60 -1.85 -57.56
N GLU B 544 -33.58 -2.67 -57.80
CA GLU B 544 -33.57 -4.02 -57.26
C GLU B 544 -33.54 -3.99 -55.73
N VAL B 545 -32.69 -3.14 -55.15
CA VAL B 545 -32.57 -3.09 -53.70
C VAL B 545 -33.84 -2.52 -53.08
N ILE B 546 -34.44 -1.51 -53.74
CA ILE B 546 -35.70 -0.97 -53.25
C ILE B 546 -36.78 -2.04 -53.24
N ARG B 547 -36.85 -2.84 -54.30
CA ARG B 547 -37.88 -3.86 -54.38
C ARG B 547 -37.65 -4.99 -53.36
N ARG B 548 -36.41 -5.43 -53.19
CA ARG B 548 -36.14 -6.65 -52.42
C ARG B 548 -35.81 -6.38 -50.96
N THR B 549 -35.62 -5.14 -50.55
CA THR B 549 -35.22 -4.94 -49.15
C THR B 549 -36.36 -5.06 -48.15
N PRO B 550 -37.54 -4.43 -48.37
CA PRO B 550 -38.53 -4.37 -47.28
C PRO B 550 -38.90 -5.70 -46.65
N GLU B 551 -39.02 -6.77 -47.42
CA GLU B 551 -39.31 -8.06 -46.79
C GLU B 551 -38.08 -8.68 -46.14
N ASP B 552 -36.88 -8.38 -46.66
CA ASP B 552 -35.68 -9.02 -46.15
C ASP B 552 -35.16 -8.36 -44.88
N CYS B 553 -35.46 -7.09 -44.66
CA CYS B 553 -34.90 -6.39 -43.50
C CYS B 553 -35.46 -6.90 -42.18
N LYS B 554 -36.48 -7.75 -42.22
CA LYS B 554 -37.05 -8.29 -40.98
C LYS B 554 -36.27 -9.51 -40.50
N ASP B 555 -35.58 -10.21 -41.40
CA ASP B 555 -34.84 -11.39 -41.01
C ASP B 555 -33.52 -11.02 -40.36
N ASP B 556 -33.25 -11.59 -39.20
CA ASP B 556 -31.99 -11.35 -38.50
C ASP B 556 -30.88 -12.25 -39.04
N LYS B 557 -30.75 -12.22 -40.37
CA LYS B 557 -29.74 -13.02 -41.06
C LYS B 557 -28.84 -12.18 -41.96
N TYR B 558 -29.33 -11.08 -42.51
CA TYR B 558 -28.54 -10.24 -43.40
C TYR B 558 -27.73 -9.18 -42.67
N PHE B 559 -27.80 -9.12 -41.35
CA PHE B 559 -27.12 -8.09 -40.57
C PHE B 559 -25.88 -8.69 -39.92
N VAL B 560 -24.71 -8.34 -40.45
CA VAL B 560 -23.45 -8.82 -39.89
C VAL B 560 -23.20 -8.18 -38.53
N ASN B 561 -23.53 -6.90 -38.39
CA ASN B 561 -23.26 -6.12 -37.18
C ASN B 561 -23.88 -6.74 -35.93
N SER C 35 0.15 37.69 1.10
CA SER C 35 -0.53 37.36 -0.14
C SER C 35 -0.04 36.02 -0.69
N THR C 36 -0.70 34.94 -0.29
CA THR C 36 -0.36 33.61 -0.74
C THR C 36 -1.54 32.99 -1.46
N PRO C 37 -1.33 32.27 -2.56
CA PRO C 37 -2.47 31.73 -3.30
C PRO C 37 -3.03 30.48 -2.64
N VAL C 38 -4.35 30.38 -2.63
CA VAL C 38 -4.99 29.15 -2.18
C VAL C 38 -4.73 28.02 -3.16
N THR C 39 -4.72 28.32 -4.46
CA THR C 39 -4.50 27.33 -5.51
C THR C 39 -3.27 27.75 -6.30
N ASP C 40 -2.21 26.94 -6.24
CA ASP C 40 -0.97 27.24 -6.93
C ASP C 40 -0.94 26.49 -8.25
N HIS C 41 -1.24 27.19 -9.34
CA HIS C 41 -1.25 26.64 -10.69
C HIS C 41 -0.42 27.52 -11.59
N ARG C 42 0.77 27.90 -11.13
CA ARG C 42 1.58 28.93 -11.75
C ARG C 42 2.76 28.32 -12.47
N ARG C 43 3.04 28.80 -13.67
CA ARG C 43 4.06 28.23 -14.53
C ARG C 43 5.41 28.92 -14.27
N ARG C 44 6.43 28.13 -13.94
CA ARG C 44 7.77 28.65 -13.73
C ARG C 44 8.55 28.67 -15.04
N ARG C 45 9.72 29.27 -14.99
CA ARG C 45 10.63 29.33 -16.13
C ARG C 45 12.01 28.85 -15.71
N ALA C 46 12.77 28.36 -16.67
CA ALA C 46 14.09 27.82 -16.39
C ALA C 46 15.02 28.93 -15.92
N ALA C 47 15.66 28.72 -14.77
CA ALA C 47 16.61 29.67 -14.20
C ALA C 47 18.05 29.23 -14.43
N ALA C 48 18.29 28.40 -15.43
CA ALA C 48 19.61 27.86 -15.71
C ALA C 48 19.80 27.85 -17.23
N VAL C 49 20.81 27.12 -17.68
CA VAL C 49 21.07 26.96 -19.11
C VAL C 49 20.54 25.63 -19.63
N ILE C 50 20.83 24.55 -18.90
CA ILE C 50 20.33 23.21 -19.23
C ILE C 50 19.42 22.77 -18.09
N SER C 51 18.19 22.37 -18.44
CA SER C 51 17.16 22.09 -17.45
C SER C 51 16.16 21.10 -18.00
N HIS C 52 15.38 20.51 -17.09
CA HIS C 52 14.36 19.53 -17.43
C HIS C 52 12.99 20.03 -16.97
N VAL C 53 11.95 19.72 -17.75
CA VAL C 53 10.61 20.14 -17.36
C VAL C 53 10.20 19.30 -16.14
N GLU C 54 9.67 19.98 -15.13
CA GLU C 54 9.33 19.32 -13.88
C GLU C 54 8.15 18.37 -14.08
N GLN C 55 8.19 17.25 -13.38
CA GLN C 55 7.12 16.26 -13.46
C GLN C 55 5.83 16.93 -12.99
N GLU C 56 4.69 16.35 -13.36
CA GLU C 56 3.40 16.89 -13.01
C GLU C 56 2.92 16.36 -11.66
N THR C 57 1.99 17.10 -11.06
CA THR C 57 1.38 16.72 -9.79
C THR C 57 0.20 15.79 -10.03
N PHE C 58 -0.63 15.57 -9.01
CA PHE C 58 -1.77 14.66 -9.10
C PHE C 58 -2.86 15.19 -10.02
N GLU C 59 -3.26 16.44 -9.84
CA GLU C 59 -4.31 17.02 -10.66
C GLU C 59 -3.90 17.05 -12.13
N ASP C 60 -2.64 17.39 -12.39
CA ASP C 60 -2.16 17.47 -13.76
C ASP C 60 -2.19 16.09 -14.42
N GLU C 61 -1.76 15.06 -13.70
CA GLU C 61 -1.80 13.71 -14.23
C GLU C 61 -3.23 13.28 -14.51
N ASN C 62 -4.15 13.61 -13.60
CA ASN C 62 -5.56 13.26 -13.82
C ASN C 62 -6.10 13.95 -15.06
N ASP C 63 -5.78 15.23 -15.24
CA ASP C 63 -6.26 15.96 -16.41
C ASP C 63 -5.68 15.38 -17.70
N GLN C 64 -4.41 14.98 -17.67
CA GLN C 64 -3.81 14.39 -18.86
C GLN C 64 -4.43 13.04 -19.19
N GLN C 65 -4.73 12.23 -18.17
CA GLN C 65 -5.23 10.88 -18.38
C GLN C 65 -6.75 10.79 -18.50
N MET C 66 -7.46 11.90 -18.29
CA MET C 66 -8.92 11.87 -18.33
C MET C 66 -9.45 11.62 -19.73
N LEU C 67 -8.69 11.99 -20.75
CA LEU C 67 -9.14 11.97 -22.13
C LEU C 67 -8.03 11.40 -23.00
N PRO C 68 -8.37 10.60 -24.00
CA PRO C 68 -7.37 10.24 -25.01
C PRO C 68 -6.93 11.46 -25.79
N ASN C 69 -5.63 11.65 -25.91
CA ASN C 69 -5.08 12.82 -26.57
C ASN C 69 -5.35 12.78 -28.07
N MET C 70 -6.17 13.72 -28.54
CA MET C 70 -6.55 13.81 -29.95
C MET C 70 -5.38 14.28 -30.81
N ASN C 71 -4.31 14.76 -30.19
CA ASN C 71 -3.17 15.32 -30.92
C ASN C 71 -2.16 14.27 -31.34
N ALA C 72 -1.99 13.20 -30.57
CA ALA C 72 -0.93 12.23 -30.82
C ALA C 72 -1.48 10.82 -30.90
N THR C 73 -2.76 10.66 -31.24
CA THR C 73 -3.36 9.35 -31.38
C THR C 73 -3.47 8.90 -32.82
N TRP C 74 -3.48 9.83 -33.77
CA TRP C 74 -3.53 9.51 -35.18
C TRP C 74 -2.29 8.73 -35.64
N VAL C 75 -1.23 8.73 -34.84
CA VAL C 75 0.03 8.14 -35.25
C VAL C 75 -0.09 6.62 -35.39
N ASP C 76 -0.89 5.99 -34.54
CA ASP C 76 -0.97 4.54 -34.46
C ASP C 76 -2.02 3.94 -35.39
N GLN C 77 -2.78 4.76 -36.10
CA GLN C 77 -3.90 4.26 -36.88
C GLN C 77 -3.42 3.69 -38.21
N ARG C 78 -4.35 3.44 -39.11
CA ARG C 78 -4.05 2.76 -40.37
C ARG C 78 -3.44 3.72 -41.38
N GLY C 79 -2.23 3.42 -41.84
CA GLY C 79 -1.62 4.14 -42.95
C GLY C 79 -0.59 5.19 -42.60
N ALA C 80 -0.27 5.36 -41.31
CA ALA C 80 0.68 6.41 -40.92
C ALA C 80 2.09 6.09 -41.40
N TRP C 81 2.54 4.86 -41.16
CA TRP C 81 3.87 4.45 -41.59
C TRP C 81 3.99 4.55 -43.11
N LEU C 82 2.94 4.11 -43.81
CA LEU C 82 2.94 4.19 -45.27
C LEU C 82 3.05 5.63 -45.75
N ILE C 83 2.39 6.57 -45.08
CA ILE C 83 2.47 7.96 -45.53
C ILE C 83 3.87 8.51 -45.30
N HIS C 84 4.52 8.09 -44.21
CA HIS C 84 5.90 8.50 -43.99
C HIS C 84 6.79 8.00 -45.11
N ILE C 85 6.52 6.80 -45.62
CA ILE C 85 7.26 6.31 -46.78
C ILE C 85 6.94 7.12 -48.03
N VAL C 86 5.65 7.40 -48.25
CA VAL C 86 5.20 7.94 -49.55
C VAL C 86 5.68 9.38 -49.74
N VAL C 87 5.72 10.17 -48.66
CA VAL C 87 6.11 11.58 -48.82
C VAL C 87 7.52 11.68 -49.36
N ILE C 88 8.39 10.74 -48.97
CA ILE C 88 9.76 10.73 -49.46
C ILE C 88 9.81 10.51 -50.97
N VAL C 89 9.02 9.55 -51.46
CA VAL C 89 8.99 9.28 -52.89
C VAL C 89 8.49 10.50 -53.66
N LEU C 90 7.47 11.17 -53.11
CA LEU C 90 6.96 12.36 -53.77
C LEU C 90 8.03 13.46 -53.84
N LEU C 91 8.74 13.67 -52.73
CA LEU C 91 9.82 14.66 -52.72
C LEU C 91 10.89 14.31 -53.74
N ARG C 92 11.26 13.03 -53.81
CA ARG C 92 12.27 12.59 -54.77
C ARG C 92 11.84 12.88 -56.19
N LEU C 93 10.58 12.57 -56.52
CA LEU C 93 10.11 12.81 -57.88
C LEU C 93 10.10 14.31 -58.20
N PHE C 94 9.69 15.14 -57.24
CA PHE C 94 9.71 16.58 -57.45
C PHE C 94 11.12 17.09 -57.74
N TYR C 95 12.07 16.74 -56.87
CA TYR C 95 13.42 17.27 -57.04
C TYR C 95 14.08 16.71 -58.29
N SER C 96 13.78 15.47 -58.65
CA SER C 96 14.24 14.93 -59.93
C SER C 96 13.63 15.70 -61.08
N LEU C 97 12.39 16.16 -60.92
CA LEU C 97 11.77 16.99 -61.94
C LEU C 97 12.52 18.30 -62.11
N PHE C 98 13.13 18.81 -61.03
CA PHE C 98 13.93 20.02 -61.20
C PHE C 98 15.24 19.80 -61.97
N GLY C 99 15.48 18.59 -62.46
CA GLY C 99 16.45 18.37 -63.51
C GLY C 99 17.85 18.00 -62.99
N SER C 100 18.20 18.55 -61.83
CA SER C 100 19.57 18.48 -61.31
C SER C 100 20.07 17.05 -61.15
N THR C 101 21.39 16.90 -60.98
CA THR C 101 22.14 15.65 -60.91
C THR C 101 21.73 14.83 -59.69
N PRO C 102 21.91 13.49 -59.73
CA PRO C 102 21.40 12.63 -58.66
C PRO C 102 21.83 13.02 -57.26
N LYS C 103 23.09 13.41 -57.09
CA LYS C 103 23.57 13.77 -55.77
C LYS C 103 22.80 14.95 -55.19
N TRP C 104 22.55 15.97 -56.01
CA TRP C 104 21.83 17.15 -55.55
C TRP C 104 20.39 16.81 -55.21
N THR C 105 19.72 16.04 -56.06
CA THR C 105 18.34 15.67 -55.79
C THR C 105 18.23 14.88 -54.49
N TRP C 106 19.15 13.94 -54.28
CA TRP C 106 19.06 13.09 -53.09
C TRP C 106 19.39 13.86 -51.83
N THR C 107 20.38 14.76 -51.88
CA THR C 107 20.68 15.55 -50.70
C THR C 107 19.52 16.50 -50.38
N LEU C 108 18.89 17.06 -51.42
CA LEU C 108 17.74 17.93 -51.20
C LEU C 108 16.58 17.15 -50.57
N THR C 109 16.33 15.95 -51.06
CA THR C 109 15.29 15.10 -50.50
C THR C 109 15.55 14.85 -49.02
N ASN C 110 16.77 14.42 -48.70
CA ASN C 110 17.12 14.10 -47.32
C ASN C 110 16.93 15.30 -46.40
N MET C 111 17.52 16.44 -46.77
CA MET C 111 17.43 17.62 -45.92
C MET C 111 15.99 18.10 -45.77
N THR C 112 15.22 18.10 -46.87
CA THR C 112 13.85 18.58 -46.80
C THR C 112 13.02 17.71 -45.86
N TYR C 113 13.13 16.38 -46.00
CA TYR C 113 12.35 15.51 -45.12
C TYR C 113 12.75 15.70 -43.67
N ILE C 114 14.06 15.78 -43.39
CA ILE C 114 14.50 15.88 -42.01
C ILE C 114 14.02 17.18 -41.39
N ILE C 115 14.17 18.30 -42.12
CA ILE C 115 13.76 19.59 -41.58
C ILE C 115 12.25 19.64 -41.38
N GLY C 116 11.49 19.10 -42.33
CA GLY C 116 10.04 19.08 -42.17
C GLY C 116 9.60 18.28 -40.95
N PHE C 117 10.20 17.10 -40.76
CA PHE C 117 9.85 16.29 -39.60
C PHE C 117 10.21 17.01 -38.30
N TYR C 118 11.36 17.67 -38.26
CA TYR C 118 11.72 18.39 -37.04
C TYR C 118 10.73 19.52 -36.77
N ILE C 119 10.34 20.25 -37.82
CA ILE C 119 9.43 21.37 -37.63
C ILE C 119 8.09 20.88 -37.12
N MET C 120 7.60 19.76 -37.67
CA MET C 120 6.28 19.28 -37.28
C MET C 120 6.28 18.65 -35.89
N PHE C 121 7.29 17.84 -35.56
CA PHE C 121 7.22 17.00 -34.36
C PHE C 121 8.01 17.52 -33.17
N HIS C 122 8.98 18.41 -33.36
CA HIS C 122 9.88 18.79 -32.27
C HIS C 122 9.91 20.28 -31.95
N LEU C 123 9.28 21.13 -32.76
CA LEU C 123 9.40 22.59 -32.57
C LEU C 123 8.29 23.11 -31.66
N VAL C 124 7.04 22.91 -32.06
CA VAL C 124 5.89 23.51 -31.38
C VAL C 124 5.47 22.62 -30.22
N LYS C 125 5.21 23.23 -29.07
CA LYS C 125 4.77 22.51 -27.88
C LYS C 125 3.38 23.00 -27.47
N GLY C 126 2.55 22.07 -27.04
CA GLY C 126 1.15 22.32 -26.74
C GLY C 126 0.25 21.54 -27.69
N THR C 127 -1.03 21.89 -27.66
CA THR C 127 -2.02 21.30 -28.56
C THR C 127 -2.72 22.39 -29.36
N PRO C 128 -3.06 22.12 -30.62
CA PRO C 128 -3.71 23.13 -31.46
C PRO C 128 -5.17 23.38 -31.13
N PHE C 129 -5.66 22.85 -30.01
CA PHE C 129 -7.04 22.98 -29.60
C PHE C 129 -7.10 22.87 -28.08
N ASP C 130 -8.18 23.38 -27.50
CA ASP C 130 -8.30 23.41 -26.06
C ASP C 130 -8.49 22.01 -25.49
N PHE C 131 -7.48 21.51 -24.79
CA PHE C 131 -7.58 20.20 -24.17
C PHE C 131 -8.31 20.29 -22.84
N ASN C 132 -7.69 20.95 -21.87
CA ASN C 132 -8.15 21.08 -20.50
C ASN C 132 -7.64 22.42 -19.99
N GLY C 133 -7.43 22.54 -18.67
CA GLY C 133 -6.68 23.68 -18.16
C GLY C 133 -5.38 23.92 -18.93
N GLY C 134 -4.97 22.93 -19.71
CA GLY C 134 -4.00 23.06 -20.78
C GLY C 134 -3.08 21.86 -20.81
N ALA C 135 -2.60 21.42 -19.66
CA ALA C 135 -2.25 20.03 -19.38
C ALA C 135 -1.15 19.48 -20.28
N TYR C 136 -0.82 20.18 -21.37
CA TYR C 136 0.24 19.76 -22.27
C TYR C 136 0.97 20.98 -22.83
N ASP C 137 0.90 22.09 -22.10
CA ASP C 137 1.41 23.35 -22.59
C ASP C 137 2.93 23.38 -22.72
N ASN C 138 3.63 22.36 -22.23
CA ASN C 138 5.08 22.34 -22.28
C ASN C 138 5.63 21.00 -22.73
N LEU C 139 4.91 20.28 -23.59
CA LEU C 139 5.39 19.06 -24.22
C LEU C 139 5.20 19.16 -25.72
N THR C 140 6.19 18.70 -26.48
CA THR C 140 6.08 18.67 -27.92
C THR C 140 5.33 17.42 -28.36
N MET C 141 4.96 17.37 -29.64
CA MET C 141 4.18 16.24 -30.14
C MET C 141 4.96 14.94 -30.04
N TRP C 142 6.28 14.97 -30.14
CA TRP C 142 7.05 13.74 -30.04
C TRP C 142 6.92 13.13 -28.64
N GLU C 143 6.96 13.97 -27.61
CA GLU C 143 6.87 13.44 -26.25
C GLU C 143 5.47 12.99 -25.89
N GLN C 144 4.46 13.43 -26.64
CA GLN C 144 3.08 13.08 -26.33
C GLN C 144 2.67 11.72 -26.89
N ILE C 145 3.47 11.13 -27.76
CA ILE C 145 3.07 9.89 -28.43
C ILE C 145 3.01 8.75 -27.42
N ASN C 146 1.92 7.98 -27.46
CA ASN C 146 1.74 6.81 -26.62
C ASN C 146 1.84 7.17 -25.14
N ASP C 147 1.27 8.33 -24.80
CA ASP C 147 1.28 8.89 -23.45
C ASP C 147 2.63 8.71 -22.75
N GLU C 148 3.67 9.20 -23.43
CA GLU C 148 5.02 9.24 -22.88
C GLU C 148 5.54 7.87 -22.50
N THR C 149 5.30 6.89 -23.35
CA THR C 149 5.90 5.57 -23.22
C THR C 149 6.98 5.44 -24.28
N LEU C 150 8.19 5.11 -23.85
CA LEU C 150 9.35 5.16 -24.73
C LEU C 150 9.60 3.83 -25.43
N TYR C 151 10.21 3.92 -26.61
CA TYR C 151 10.67 2.75 -27.37
C TYR C 151 9.52 1.79 -27.70
N THR C 152 8.37 2.35 -28.01
CA THR C 152 7.26 1.61 -28.58
C THR C 152 7.53 1.32 -30.04
N PRO C 153 6.78 0.39 -30.66
CA PRO C 153 7.02 0.09 -32.08
C PRO C 153 6.98 1.30 -32.99
N THR C 154 6.08 2.25 -32.75
CA THR C 154 6.01 3.43 -33.61
C THR C 154 7.24 4.32 -33.43
N ARG C 155 7.66 4.52 -32.19
CA ARG C 155 8.87 5.28 -31.94
C ARG C 155 10.08 4.59 -32.59
N LYS C 156 10.11 3.27 -32.55
CA LYS C 156 11.19 2.54 -33.22
C LYS C 156 11.17 2.78 -34.72
N PHE C 157 10.00 2.72 -35.34
CA PHE C 157 9.91 2.95 -36.78
C PHE C 157 10.37 4.35 -37.15
N LEU C 158 9.95 5.34 -36.37
CA LEU C 158 10.29 6.72 -36.68
C LEU C 158 11.77 7.00 -36.40
N LEU C 159 12.39 6.19 -35.55
CA LEU C 159 13.85 6.27 -35.41
C LEU C 159 14.55 5.63 -36.60
N ILE C 160 14.04 4.50 -37.07
CA ILE C 160 14.72 3.74 -38.12
C ILE C 160 14.70 4.50 -39.44
N VAL C 161 13.60 5.22 -39.71
CA VAL C 161 13.43 5.84 -41.03
C VAL C 161 14.58 6.77 -41.44
N PRO C 162 15.03 7.71 -40.59
CA PRO C 162 16.12 8.61 -41.05
C PRO C 162 17.41 7.88 -41.42
N ILE C 163 17.78 6.85 -40.66
CA ILE C 163 19.05 6.17 -40.89
C ILE C 163 19.01 5.41 -42.21
N VAL C 164 17.91 4.70 -42.47
CA VAL C 164 17.78 3.98 -43.74
C VAL C 164 17.71 4.96 -44.90
N LEU C 165 17.07 6.11 -44.70
CA LEU C 165 17.07 7.14 -45.73
C LEU C 165 18.48 7.64 -46.02
N PHE C 166 19.31 7.78 -45.00
CA PHE C 166 20.70 8.15 -45.24
C PHE C 166 21.49 7.05 -45.94
N LEU C 167 21.26 5.79 -45.58
CA LEU C 167 21.96 4.70 -46.24
C LEU C 167 21.61 4.62 -47.72
N ILE C 168 20.34 4.82 -48.07
CA ILE C 168 19.96 4.81 -49.48
C ILE C 168 20.66 5.93 -50.24
N SER C 169 20.69 7.13 -49.70
CA SER C 169 21.27 8.28 -50.39
C SER C 169 22.79 8.31 -50.33
N ASN C 170 23.40 7.48 -49.48
CA ASN C 170 24.85 7.42 -49.34
C ASN C 170 25.57 6.98 -50.61
N GLN C 171 24.88 6.31 -51.53
CA GLN C 171 25.52 5.69 -52.69
C GLN C 171 25.66 6.65 -53.86
N TYR C 172 25.31 7.92 -53.67
CA TYR C 172 25.27 8.81 -54.83
C TYR C 172 26.16 10.03 -54.69
N TYR C 173 26.24 10.62 -53.50
CA TYR C 173 27.13 11.75 -53.26
C TYR C 173 28.32 11.34 -52.41
N ARG C 174 28.65 10.06 -52.41
CA ARG C 174 29.73 9.51 -51.61
C ARG C 174 31.10 10.09 -51.97
N ASN C 175 31.29 10.54 -53.21
CA ASN C 175 32.58 11.03 -53.65
C ASN C 175 32.83 12.49 -53.32
N ASP C 176 31.87 13.19 -52.72
CA ASP C 176 32.03 14.58 -52.30
C ASP C 176 32.11 14.62 -50.78
N MET C 177 33.25 15.08 -50.25
CA MET C 177 33.41 15.15 -48.80
C MET C 177 32.46 16.17 -48.19
N THR C 178 32.26 17.31 -48.84
CA THR C 178 31.44 18.36 -48.25
C THR C 178 29.98 17.96 -48.11
N LEU C 179 29.39 17.38 -49.16
CA LEU C 179 28.00 16.95 -49.12
C LEU C 179 27.83 15.81 -48.13
N PHE C 180 28.74 14.85 -48.17
CA PHE C 180 28.68 13.70 -47.27
C PHE C 180 28.71 14.14 -45.81
N LEU C 181 29.66 15.02 -45.49
CA LEU C 181 29.80 15.50 -44.12
C LEU C 181 28.59 16.30 -43.68
N SER C 182 28.13 17.23 -44.52
CA SER C 182 26.98 18.05 -44.14
C SER C 182 25.73 17.21 -43.94
N ASN C 183 25.47 16.26 -44.85
CA ASN C 183 24.29 15.42 -44.73
C ASN C 183 24.36 14.55 -43.50
N LEU C 184 25.52 13.96 -43.22
CA LEU C 184 25.65 13.13 -42.03
C LEU C 184 25.47 13.96 -40.77
N ALA C 185 26.00 15.18 -40.76
CA ALA C 185 25.82 16.06 -39.61
C ALA C 185 24.35 16.39 -39.39
N VAL C 186 23.66 16.82 -40.45
CA VAL C 186 22.26 17.18 -40.33
C VAL C 186 21.45 15.99 -39.84
N THR C 187 21.67 14.82 -40.41
CA THR C 187 20.96 13.63 -39.96
C THR C 187 21.22 13.37 -38.48
N VAL C 188 22.46 13.10 -38.10
CA VAL C 188 22.70 12.63 -36.74
C VAL C 188 22.36 13.72 -35.72
N LEU C 189 22.33 14.99 -36.13
CA LEU C 189 22.12 16.05 -35.14
C LEU C 189 20.69 16.56 -35.10
N ILE C 190 19.86 16.26 -36.09
CA ILE C 190 18.50 16.78 -36.07
C ILE C 190 17.47 15.66 -36.08
N GLY C 191 17.80 14.53 -36.70
CA GLY C 191 16.85 13.45 -36.82
C GLY C 191 17.07 12.27 -35.90
N VAL C 192 18.12 12.24 -35.11
CA VAL C 192 18.33 11.09 -34.22
C VAL C 192 18.50 11.55 -32.79
N VAL C 193 19.03 12.74 -32.58
CA VAL C 193 19.29 13.23 -31.23
C VAL C 193 18.00 13.65 -30.52
N PRO C 194 17.13 14.46 -31.14
CA PRO C 194 15.91 14.85 -30.42
C PRO C 194 15.03 13.66 -30.07
N LYS C 195 15.13 12.57 -30.81
CA LYS C 195 14.30 11.40 -30.59
C LYS C 195 14.91 10.39 -29.64
N LEU C 196 16.08 10.67 -29.08
CA LEU C 196 16.73 9.73 -28.19
C LEU C 196 16.04 9.73 -26.82
N GLY C 197 16.19 8.61 -26.11
CA GLY C 197 15.57 8.46 -24.82
C GLY C 197 16.21 9.23 -23.69
N ILE C 198 17.35 9.87 -23.93
CA ILE C 198 18.00 10.68 -22.91
C ILE C 198 17.69 12.17 -23.06
N THR C 199 17.25 12.60 -24.24
CA THR C 199 16.84 13.98 -24.46
C THR C 199 15.36 14.21 -24.14
N HIS C 200 14.67 13.19 -23.64
CA HIS C 200 13.29 13.35 -23.22
C HIS C 200 13.17 14.44 -22.16
N ARG C 201 12.25 15.37 -22.39
CA ARG C 201 11.97 16.45 -21.45
C ARG C 201 13.23 17.28 -21.16
N LEU C 202 14.03 17.54 -22.19
CA LEU C 202 15.24 18.33 -22.07
C LEU C 202 15.07 19.64 -22.81
N ARG C 203 15.25 20.75 -22.11
CA ARG C 203 15.11 22.08 -22.68
C ARG C 203 16.42 22.84 -22.53
N ILE C 204 16.89 23.43 -23.62
CA ILE C 204 18.13 24.20 -23.65
C ILE C 204 17.76 25.68 -23.78
N SER C 205 18.10 26.49 -22.79
CA SER C 205 17.72 27.89 -22.83
C SER C 205 18.87 28.90 -22.80
N ILE C 206 19.23 29.42 -23.97
CA ILE C 206 20.29 30.41 -24.08
C ILE C 206 19.65 31.79 -24.12
N PRO C 207 20.42 32.83 -23.79
CA PRO C 207 19.91 34.21 -23.76
C PRO C 207 20.12 34.95 -25.08
N GLY C 208 19.04 35.38 -25.70
CA GLY C 208 19.12 36.12 -26.95
C GLY C 208 18.60 35.40 -28.17
N ILE C 209 18.29 34.12 -28.03
CA ILE C 209 17.78 33.33 -29.16
C ILE C 209 16.57 32.49 -28.78
N THR C 210 16.77 31.54 -27.87
CA THR C 210 15.70 30.66 -27.44
C THR C 210 14.74 31.36 -26.48
N GLY C 211 15.30 31.95 -25.43
CA GLY C 211 14.50 32.63 -24.43
C GLY C 211 14.22 31.68 -23.29
N ARG C 212 13.68 32.20 -22.19
CA ARG C 212 13.38 31.35 -21.04
C ARG C 212 12.32 30.31 -21.37
N ALA C 213 12.68 29.05 -21.18
CA ALA C 213 11.78 27.92 -21.41
C ALA C 213 10.78 27.82 -20.26
N GLN C 214 9.86 26.84 -20.35
CA GLN C 214 8.82 26.70 -19.34
C GLN C 214 9.04 25.35 -18.66
N ILE C 215 9.14 25.37 -17.33
CA ILE C 215 9.47 24.17 -16.57
C ILE C 215 8.29 23.63 -15.76
N SER C 216 7.47 24.50 -15.19
CA SER C 216 6.30 24.04 -14.44
C SER C 216 5.04 24.19 -15.27
N HIS D 4 -53.51 12.40 -48.91
CA HIS D 4 -52.63 12.72 -47.79
C HIS D 4 -51.50 13.63 -48.26
N LYS D 5 -51.86 14.66 -49.01
CA LYS D 5 -50.87 15.59 -49.53
C LYS D 5 -50.29 16.44 -48.40
N SER D 6 -49.04 16.85 -48.57
CA SER D 6 -48.39 17.74 -47.61
C SER D 6 -47.92 18.99 -48.31
N SER D 7 -47.21 19.86 -47.60
CA SER D 7 -46.73 21.13 -48.13
C SER D 7 -45.28 21.04 -48.58
N MET D 8 -44.88 19.89 -49.10
CA MET D 8 -43.51 19.62 -49.50
C MET D 8 -43.40 19.62 -51.02
N VAL D 9 -42.34 20.21 -51.53
CA VAL D 9 -42.05 20.23 -52.96
C VAL D 9 -40.95 19.21 -53.21
N TYR D 10 -41.21 18.26 -54.10
CA TYR D 10 -40.21 17.26 -54.43
C TYR D 10 -39.38 17.72 -55.62
N ILE D 11 -38.14 17.24 -55.67
CA ILE D 11 -37.21 17.60 -56.74
C ILE D 11 -36.81 16.35 -57.52
N PRO D 12 -36.84 16.39 -58.84
CA PRO D 12 -36.54 15.20 -59.63
C PRO D 12 -35.05 14.86 -59.62
N THR D 13 -34.78 13.57 -59.77
CA THR D 13 -33.43 13.06 -59.95
C THR D 13 -32.86 13.57 -61.27
N THR D 14 -31.53 13.68 -61.33
CA THR D 14 -30.86 14.16 -62.53
C THR D 14 -31.23 13.32 -63.75
N LYS D 15 -31.38 12.01 -63.57
CA LYS D 15 -31.81 11.16 -64.66
C LYS D 15 -33.19 11.58 -65.16
N GLU D 16 -34.10 11.90 -64.23
CA GLU D 16 -35.42 12.38 -64.63
C GLU D 16 -35.32 13.70 -65.39
N ALA D 17 -34.44 14.59 -64.95
CA ALA D 17 -34.26 15.86 -65.65
C ALA D 17 -33.75 15.64 -67.07
N LYS D 18 -32.77 14.75 -67.22
CA LYS D 18 -32.25 14.44 -68.56
C LYS D 18 -33.35 13.84 -69.43
N ARG D 19 -34.14 12.94 -68.87
CA ARG D 19 -35.24 12.34 -69.63
C ARG D 19 -36.26 13.40 -70.05
N ARG D 20 -36.55 14.36 -69.16
CA ARG D 20 -37.43 15.46 -69.51
C ARG D 20 -36.86 16.28 -70.65
N ASN D 21 -35.54 16.53 -70.62
CA ASN D 21 -34.89 17.34 -71.63
C ASN D 21 -34.30 16.53 -72.79
N GLY D 22 -34.37 15.20 -72.72
CA GLY D 22 -33.81 14.36 -73.77
C GLY D 22 -32.32 14.15 -73.64
N GLY D 26 -25.86 13.42 -79.55
CA GLY D 26 -25.47 12.06 -79.84
C GLY D 26 -24.53 11.49 -78.80
N ILE D 27 -23.29 11.20 -79.21
CA ILE D 27 -22.26 10.76 -78.27
C ILE D 27 -21.61 11.93 -77.56
N LEU D 28 -21.91 13.17 -77.97
CA LEU D 28 -21.34 14.34 -77.33
C LEU D 28 -21.72 14.38 -75.85
N ASN D 29 -22.91 13.87 -75.52
CA ASN D 29 -23.31 13.82 -74.11
C ASN D 29 -22.40 12.88 -73.32
N THR D 30 -22.05 11.73 -73.90
CA THR D 30 -21.12 10.83 -73.22
C THR D 30 -19.74 11.44 -73.11
N ILE D 31 -19.31 12.18 -74.14
CA ILE D 31 -18.03 12.88 -74.07
C ILE D 31 -18.04 13.87 -72.91
N GLU D 32 -19.12 14.65 -72.81
CA GLU D 32 -19.26 15.60 -71.72
C GLU D 32 -19.26 14.89 -70.37
N GLU D 33 -19.94 13.75 -70.28
CA GLU D 33 -20.06 13.09 -69.00
C GLU D 33 -18.74 12.50 -68.55
N VAL D 34 -17.94 11.97 -69.49
CA VAL D 34 -16.62 11.48 -69.09
C VAL D 34 -15.70 12.64 -68.72
N VAL D 35 -15.82 13.77 -69.43
CA VAL D 35 -15.01 14.94 -69.09
C VAL D 35 -15.33 15.41 -67.68
N GLU D 36 -16.62 15.52 -67.36
CA GLU D 36 -16.99 15.99 -66.03
C GLU D 36 -16.69 14.94 -64.97
N LYS D 37 -16.70 13.65 -65.33
CA LYS D 37 -16.29 12.62 -64.39
C LYS D 37 -14.84 12.81 -63.99
N LEU D 38 -13.96 13.01 -64.98
CA LEU D 38 -12.55 13.27 -64.67
C LEU D 38 -12.39 14.54 -63.84
N TYR D 39 -13.12 15.59 -64.22
CA TYR D 39 -13.06 16.86 -63.50
C TYR D 39 -13.46 16.67 -62.04
N TRP D 40 -14.56 15.95 -61.80
CA TRP D 40 -15.05 15.79 -60.44
C TRP D 40 -14.10 14.94 -59.62
N THR D 41 -13.55 13.88 -60.20
CA THR D 41 -12.57 13.08 -59.45
C THR D 41 -11.39 13.94 -59.02
N TYR D 42 -10.79 14.66 -59.97
CA TYR D 42 -9.62 15.47 -59.65
C TYR D 42 -9.96 16.54 -58.62
N TYR D 43 -11.10 17.20 -58.78
CA TYR D 43 -11.46 18.29 -57.88
C TYR D 43 -11.76 17.80 -56.47
N ILE D 44 -12.55 16.74 -56.35
CA ILE D 44 -12.92 16.25 -55.03
C ILE D 44 -11.82 15.53 -54.25
N HIS D 45 -10.86 14.89 -54.92
CA HIS D 45 -9.83 14.23 -54.14
C HIS D 45 -8.70 15.16 -53.70
N LEU D 46 -8.87 16.47 -53.86
CA LEU D 46 -7.92 17.48 -53.36
C LEU D 46 -8.68 18.57 -52.63
N PRO D 47 -8.06 19.23 -51.65
CA PRO D 47 -8.83 20.11 -50.76
C PRO D 47 -9.11 21.48 -51.34
N PHE D 48 -9.99 21.56 -52.32
CA PHE D 48 -10.29 22.83 -52.98
C PHE D 48 -11.51 23.54 -52.42
N TYR D 49 -12.41 22.79 -51.79
CA TYR D 49 -13.58 23.36 -51.16
C TYR D 49 -13.20 24.01 -49.83
N LEU D 50 -12.08 23.57 -49.25
CA LEU D 50 -11.63 24.09 -47.95
C LEU D 50 -10.68 25.27 -48.02
N MET D 51 -10.12 25.55 -49.19
CA MET D 51 -9.20 26.67 -49.34
C MET D 51 -9.96 27.92 -49.77
N ALA D 52 -9.23 28.98 -50.07
CA ALA D 52 -9.84 30.23 -50.52
C ALA D 52 -9.99 30.23 -52.04
N SER D 53 -9.45 31.26 -52.67
CA SER D 53 -9.48 31.41 -54.11
C SER D 53 -8.06 31.65 -54.63
N PHE D 54 -7.33 32.49 -53.92
CA PHE D 54 -5.95 32.81 -54.27
C PHE D 54 -5.12 31.54 -54.16
N ASP D 55 -5.20 30.91 -52.99
CA ASP D 55 -4.48 29.68 -52.70
C ASP D 55 -4.92 28.58 -53.67
N SER D 56 -6.21 28.49 -53.90
CA SER D 56 -6.75 27.50 -54.83
C SER D 56 -6.08 27.65 -56.19
N PHE D 57 -6.06 28.87 -56.70
CA PHE D 57 -5.44 29.14 -58.00
C PHE D 57 -3.97 28.75 -58.00
N PHE D 58 -3.27 29.13 -56.94
CA PHE D 58 -1.86 28.79 -56.84
C PHE D 58 -1.67 27.28 -56.96
N LEU D 59 -2.46 26.53 -56.19
CA LEU D 59 -2.39 25.08 -56.20
C LEU D 59 -2.65 24.54 -57.60
N HIS D 60 -3.66 25.08 -58.26
CA HIS D 60 -3.98 24.66 -59.62
C HIS D 60 -2.76 24.82 -60.50
N VAL D 61 -2.17 26.02 -60.50
CA VAL D 61 -1.00 26.31 -61.32
C VAL D 61 0.12 25.29 -61.08
N PHE D 62 0.30 24.92 -59.82
CA PHE D 62 1.30 23.97 -59.37
C PHE D 62 1.10 22.60 -60.01
N PHE D 63 -0.14 22.10 -59.94
CA PHE D 63 -0.40 20.77 -60.49
C PHE D 63 -0.33 20.76 -62.01
N LEU D 64 -0.82 21.82 -62.67
CA LEU D 64 -0.70 21.90 -64.12
C LEU D 64 0.76 21.91 -64.54
N THR D 65 1.61 22.65 -63.80
CA THR D 65 3.03 22.71 -64.11
C THR D 65 3.67 21.33 -63.98
N ILE D 66 3.37 20.61 -62.90
CA ILE D 66 3.97 19.29 -62.74
C ILE D 66 3.53 18.36 -63.86
N PHE D 67 2.23 18.38 -64.20
CA PHE D 67 1.77 17.50 -65.27
C PHE D 67 2.43 17.85 -66.60
N SER D 68 2.53 19.15 -66.90
CA SER D 68 3.15 19.59 -68.15
C SER D 68 4.59 19.16 -68.22
N LEU D 69 5.33 19.33 -67.12
CA LEU D 69 6.75 18.97 -67.11
C LEU D 69 6.93 17.46 -67.21
N SER D 70 6.06 16.69 -66.58
CA SER D 70 6.13 15.24 -66.71
C SER D 70 5.89 14.80 -68.15
N PHE D 71 4.90 15.42 -68.80
CA PHE D 71 4.64 15.12 -70.21
C PHE D 71 5.83 15.52 -71.07
N PHE D 72 6.45 16.66 -70.76
CA PHE D 72 7.65 17.09 -71.47
C PHE D 72 8.76 16.07 -71.35
N GLY D 73 8.99 15.58 -70.13
CA GLY D 73 10.05 14.60 -69.92
C GLY D 73 9.77 13.26 -70.59
N ILE D 74 8.51 12.82 -70.55
CA ILE D 74 8.17 11.54 -71.17
C ILE D 74 8.27 11.62 -72.69
N LEU D 75 7.82 12.72 -73.29
CA LEU D 75 7.88 12.89 -74.73
C LEU D 75 9.33 13.00 -75.21
N GLY E 36 36.66 4.23 -45.00
CA GLY E 36 35.89 4.68 -43.86
C GLY E 36 34.39 4.62 -44.10
N HIS E 37 34.01 4.64 -45.38
CA HIS E 37 32.60 4.59 -45.75
C HIS E 37 31.95 3.29 -45.29
N PHE E 38 32.59 2.16 -45.59
CA PHE E 38 32.09 0.88 -45.10
C PHE E 38 32.08 0.86 -43.57
N PHE E 39 33.04 1.55 -42.95
CA PHE E 39 33.08 1.63 -41.50
C PHE E 39 31.86 2.37 -40.95
N VAL E 40 31.55 3.52 -41.55
CA VAL E 40 30.38 4.30 -41.12
C VAL E 40 29.10 3.49 -41.34
N GLU E 41 28.99 2.82 -42.48
CA GLU E 41 27.80 2.03 -42.75
C GLU E 41 27.65 0.87 -41.77
N GLY E 42 28.75 0.21 -41.43
CA GLY E 42 28.69 -0.83 -40.41
C GLY E 42 28.29 -0.31 -39.06
N LEU E 43 28.82 0.86 -38.68
CA LEU E 43 28.42 1.49 -37.43
C LEU E 43 26.93 1.78 -37.42
N LEU E 44 26.40 2.27 -38.55
CA LEU E 44 24.98 2.59 -38.63
C LEU E 44 24.13 1.33 -38.54
N GLY E 45 24.55 0.25 -39.18
CA GLY E 45 23.83 -1.00 -39.02
C GLY E 45 23.82 -1.49 -37.58
N VAL E 46 24.96 -1.35 -36.90
CA VAL E 46 25.05 -1.75 -35.50
C VAL E 46 24.09 -0.93 -34.65
N VAL E 47 24.05 0.39 -34.89
CA VAL E 47 23.20 1.24 -34.06
C VAL E 47 21.72 0.98 -34.37
N ILE E 48 21.41 0.63 -35.63
CA ILE E 48 20.05 0.22 -35.96
C ILE E 48 19.65 -1.00 -35.12
N ILE E 49 20.54 -1.99 -35.07
CA ILE E 49 20.23 -3.20 -34.31
C ILE E 49 20.04 -2.86 -32.83
N ILE E 50 20.92 -2.03 -32.29
CA ILE E 50 20.84 -1.67 -30.87
C ILE E 50 19.51 -0.98 -30.56
N LEU E 51 19.13 0.01 -31.38
CA LEU E 51 17.86 0.69 -31.16
C LEU E 51 16.69 -0.26 -31.29
N LEU E 52 16.69 -1.11 -32.31
CA LEU E 52 15.56 -2.01 -32.54
C LEU E 52 15.45 -3.06 -31.44
N THR E 53 16.51 -3.30 -30.68
CA THR E 53 16.49 -4.32 -29.64
C THR E 53 16.33 -3.74 -28.24
N ARG E 54 15.51 -2.70 -28.06
CA ARG E 54 15.25 -2.15 -26.74
C ARG E 54 14.00 -2.81 -26.16
N LYS E 55 13.47 -2.30 -25.05
CA LYS E 55 12.42 -3.02 -24.33
C LYS E 55 11.17 -2.21 -24.01
N SER E 56 11.07 -0.96 -24.45
CA SER E 56 9.84 -0.18 -24.30
C SER E 56 9.39 0.02 -22.86
N TYR E 57 10.17 0.74 -22.07
CA TYR E 57 9.83 1.07 -20.70
C TYR E 57 9.06 2.39 -20.65
N LYS E 58 8.87 2.90 -19.44
CA LYS E 58 8.19 4.16 -19.17
C LYS E 58 9.04 4.98 -18.20
N PRO E 59 9.20 6.30 -18.45
CA PRO E 59 10.05 7.11 -17.57
C PRO E 59 9.67 6.94 -16.11
N PRO E 60 10.64 6.68 -15.24
CA PRO E 60 10.34 6.40 -13.84
C PRO E 60 9.85 7.63 -13.10
N LYS E 61 9.10 7.40 -12.03
CA LYS E 61 8.57 8.49 -11.18
C LYS E 61 9.66 9.12 -10.29
N ARG E 62 9.35 10.27 -9.71
CA ARG E 62 10.28 11.02 -8.85
C ARG E 62 10.31 10.54 -7.39
N PRO E 63 11.47 10.69 -6.72
CA PRO E 63 11.58 10.24 -5.32
C PRO E 63 10.91 11.22 -4.37
N LEU E 64 10.19 10.67 -3.39
CA LEU E 64 9.43 11.48 -2.44
C LEU E 64 10.34 12.42 -1.67
N THR E 65 9.91 13.67 -1.52
CA THR E 65 10.67 14.63 -0.74
C THR E 65 10.24 14.56 0.73
N GLU E 66 11.16 14.92 1.62
CA GLU E 66 11.01 14.76 3.06
C GLU E 66 9.64 15.13 3.60
N GLN E 67 9.02 16.17 3.06
CA GLN E 67 7.73 16.62 3.58
C GLN E 67 6.63 15.61 3.31
N GLU E 68 6.65 14.98 2.14
CA GLU E 68 5.70 13.90 1.85
C GLU E 68 5.88 12.75 2.82
N ILE E 69 7.14 12.41 3.12
CA ILE E 69 7.42 11.37 4.09
C ILE E 69 6.85 11.75 5.45
N ASP E 70 7.06 13.00 5.85
CA ASP E 70 6.63 13.45 7.17
C ASP E 70 5.11 13.38 7.32
N GLU E 71 4.38 13.85 6.30
CA GLU E 71 2.92 13.82 6.39
C GLU E 71 2.39 12.39 6.33
N LEU E 72 3.02 11.53 5.54
CA LEU E 72 2.57 10.13 5.48
C LEU E 72 2.85 9.41 6.78
N CYS E 73 3.99 9.70 7.41
CA CYS E 73 4.28 9.15 8.73
C CYS E 73 3.28 9.66 9.78
N ASP E 74 2.92 10.94 9.72
CA ASP E 74 1.98 11.51 10.67
C ASP E 74 0.56 11.00 10.47
N GLU E 75 0.23 10.50 9.28
CA GLU E 75 -1.08 9.92 9.05
C GLU E 75 -1.24 8.54 9.65
N TRP E 76 -0.17 7.75 9.72
CA TRP E 76 -0.28 6.35 10.11
C TRP E 76 -0.74 6.21 11.56
N VAL E 77 -1.61 5.22 11.78
CA VAL E 77 -2.14 4.93 13.11
C VAL E 77 -1.92 3.45 13.45
N PRO E 78 -1.09 3.14 14.44
CA PRO E 78 -0.91 1.75 14.86
C PRO E 78 -2.02 1.31 15.80
N GLU E 79 -2.07 0.00 16.03
CA GLU E 79 -3.03 -0.59 16.95
C GLU E 79 -2.41 -0.72 18.33
N PRO E 80 -3.23 -0.93 19.37
CA PRO E 80 -2.67 -1.20 20.69
C PRO E 80 -1.94 -2.53 20.72
N LEU E 81 -0.94 -2.61 21.60
CA LEU E 81 -0.16 -3.85 21.74
C LEU E 81 -1.07 -5.05 21.91
N VAL E 82 -1.92 -5.03 22.92
CA VAL E 82 -2.84 -6.12 23.19
C VAL E 82 -4.25 -5.66 22.85
N ASP E 83 -5.18 -6.61 22.79
CA ASP E 83 -6.56 -6.29 22.47
C ASP E 83 -7.38 -6.24 23.75
N PRO E 84 -7.83 -5.08 24.19
CA PRO E 84 -8.64 -4.98 25.41
C PRO E 84 -10.13 -5.14 25.18
N SER E 85 -10.55 -5.53 23.98
CA SER E 85 -11.97 -5.61 23.66
C SER E 85 -12.68 -6.69 24.48
N ALA E 86 -12.03 -7.83 24.65
CA ALA E 86 -12.68 -8.96 25.31
C ALA E 86 -11.91 -9.41 26.54
N THR E 87 -11.31 -8.47 27.26
CA THR E 87 -10.60 -8.77 28.50
C THR E 87 -11.55 -8.96 29.67
N ASP E 88 -12.79 -8.50 29.54
CA ASP E 88 -13.76 -8.52 30.62
C ASP E 88 -14.65 -9.75 30.62
N GLU E 89 -15.13 -10.18 29.45
CA GLU E 89 -15.97 -11.35 29.35
C GLU E 89 -15.19 -12.66 29.38
N GLN E 90 -13.85 -12.58 29.39
CA GLN E 90 -13.02 -13.77 29.49
C GLN E 90 -12.31 -13.90 30.82
N SER E 91 -12.28 -12.85 31.64
CA SER E 91 -11.43 -12.80 32.82
C SER E 91 -12.00 -13.55 34.02
N TRP E 92 -13.04 -14.36 33.86
CA TRP E 92 -13.49 -15.17 34.97
C TRP E 92 -12.48 -16.25 35.33
N ARG E 93 -11.63 -16.65 34.38
CA ARG E 93 -10.64 -17.68 34.63
C ARG E 93 -9.66 -17.24 35.71
N VAL E 94 -9.22 -15.98 35.65
CA VAL E 94 -8.33 -15.46 36.68
C VAL E 94 -9.04 -15.41 38.02
N ALA E 95 -10.33 -15.07 38.03
CA ALA E 95 -11.08 -14.92 39.26
C ALA E 95 -11.45 -16.25 39.90
N LYS E 96 -11.33 -17.36 39.17
CA LYS E 96 -11.72 -18.66 39.71
C LYS E 96 -10.53 -19.59 39.93
N THR E 97 -9.30 -19.10 39.87
CA THR E 97 -8.12 -19.93 40.08
C THR E 97 -7.86 -20.11 41.57
N PRO E 98 -7.71 -21.34 42.07
CA PRO E 98 -7.43 -21.53 43.49
C PRO E 98 -6.06 -20.99 43.88
N VAL E 99 -5.95 -20.56 45.14
CA VAL E 99 -4.69 -20.07 45.70
C VAL E 99 -4.49 -20.63 47.10
N THR E 100 -3.70 -21.69 47.22
CA THR E 100 -3.39 -22.25 48.53
C THR E 100 -2.41 -21.36 49.28
N MET E 101 -2.57 -21.30 50.60
CA MET E 101 -1.75 -20.44 51.45
C MET E 101 -1.11 -21.09 52.67
N GLU E 102 0.14 -20.71 52.92
CA GLU E 102 0.95 -21.20 54.04
C GLU E 102 0.90 -22.71 54.19
N MET E 103 0.65 -23.45 53.11
CA MET E 103 0.62 -24.91 53.17
C MET E 103 1.21 -25.45 51.88
N PRO E 104 1.82 -26.62 51.93
CA PRO E 104 2.18 -27.32 50.69
C PRO E 104 0.94 -27.68 49.89
N ILE E 105 1.17 -28.08 48.65
CA ILE E 105 0.07 -28.58 47.85
C ILE E 105 -0.06 -30.08 48.14
N GLN E 106 -0.73 -30.41 49.22
CA GLN E 106 -0.94 -31.78 49.66
C GLN E 106 -2.35 -32.24 49.33
N ASN E 107 -2.75 -33.39 49.88
CA ASN E 107 -4.08 -33.95 49.66
C ASN E 107 -5.21 -33.09 50.21
N HIS E 108 -5.06 -32.54 51.41
CA HIS E 108 -6.07 -31.67 52.01
C HIS E 108 -5.48 -30.27 52.14
N ILE E 109 -6.14 -29.30 51.51
CA ILE E 109 -5.57 -27.97 51.35
C ILE E 109 -6.56 -26.93 51.87
N THR E 110 -6.09 -25.69 51.94
CA THR E 110 -6.89 -24.53 52.34
C THR E 110 -6.70 -23.48 51.25
N ILE E 111 -7.74 -23.26 50.44
CA ILE E 111 -7.60 -22.41 49.26
C ILE E 111 -8.50 -21.19 49.39
N THR E 112 -8.37 -20.32 48.40
CA THR E 112 -9.15 -19.09 48.32
C THR E 112 -9.25 -18.67 46.86
N ARG E 113 -10.36 -18.03 46.50
CA ARG E 113 -10.57 -17.59 45.13
C ARG E 113 -11.08 -16.16 45.07
N ASN E 114 -10.70 -15.47 44.00
CA ASN E 114 -11.11 -14.10 43.76
C ASN E 114 -10.60 -13.12 44.83
N ASN E 115 -9.30 -13.07 45.03
CA ASN E 115 -8.65 -12.05 45.86
C ASN E 115 -9.23 -12.00 47.27
N LEU E 116 -9.13 -13.13 47.97
CA LEU E 116 -9.45 -13.22 49.39
C LEU E 116 -10.93 -12.95 49.66
N GLN E 117 -11.77 -13.18 48.66
CA GLN E 117 -13.21 -12.97 48.81
C GLN E 117 -13.96 -14.28 49.00
N GLU E 118 -13.30 -15.43 48.85
CA GLU E 118 -13.86 -16.72 49.18
C GLU E 118 -12.81 -17.51 49.93
N LYS E 119 -13.26 -18.43 50.78
CA LYS E 119 -12.35 -19.28 51.52
C LYS E 119 -12.97 -20.65 51.73
N TYR E 120 -12.14 -21.67 51.64
CA TYR E 120 -12.55 -23.05 51.85
C TYR E 120 -11.42 -23.77 52.57
N THR E 121 -11.77 -24.59 53.56
CA THR E 121 -10.76 -25.25 54.37
C THR E 121 -10.93 -26.76 54.29
N ASN E 122 -9.80 -27.46 54.43
CA ASN E 122 -9.77 -28.91 54.43
C ASN E 122 -10.36 -29.49 53.14
N VAL E 123 -10.10 -28.80 52.04
CA VAL E 123 -10.60 -29.26 50.74
C VAL E 123 -9.83 -30.50 50.31
N PHE E 124 -10.56 -31.48 49.77
CA PHE E 124 -9.91 -32.63 49.16
C PHE E 124 -9.37 -32.24 47.79
N ASN E 125 -8.09 -32.54 47.55
CA ASN E 125 -7.40 -32.10 46.34
C ASN E 125 -7.34 -33.24 45.35
N LEU E 126 -7.80 -32.98 44.12
CA LEU E 126 -7.75 -33.94 43.02
C LEU E 126 -7.30 -33.27 41.73
N ALA E 127 -6.35 -32.34 41.82
CA ALA E 127 -5.88 -31.61 40.65
C ALA E 127 -4.37 -31.43 40.67
N SER E 128 -3.66 -32.28 41.39
CA SER E 128 -2.22 -32.18 41.53
C SER E 128 -1.53 -33.18 40.62
N ASN E 129 -0.45 -32.74 39.99
CA ASN E 129 0.30 -33.56 39.04
C ASN E 129 1.42 -34.35 39.71
N ASN E 130 1.56 -34.28 41.02
CA ASN E 130 2.60 -34.99 41.75
C ASN E 130 2.07 -36.37 42.14
N PHE E 131 2.33 -37.36 41.28
CA PHE E 131 1.67 -38.66 41.43
C PHE E 131 2.29 -39.51 42.53
N LEU E 132 3.61 -39.43 42.73
CA LEU E 132 4.25 -40.37 43.64
C LEU E 132 4.34 -39.84 45.06
N GLN E 133 4.51 -38.53 45.25
CA GLN E 133 4.57 -37.92 46.56
C GLN E 133 5.70 -38.48 47.41
N LEU E 134 6.76 -38.91 46.74
CA LEU E 134 7.98 -39.35 47.42
C LEU E 134 8.89 -38.19 47.78
N SER E 135 8.67 -37.02 47.21
CA SER E 135 9.53 -35.86 47.42
C SER E 135 9.23 -35.13 48.71
N ALA E 136 8.14 -35.49 49.40
CA ALA E 136 7.81 -34.88 50.69
C ALA E 136 8.31 -35.68 51.87
N THR E 137 8.86 -36.88 51.64
CA THR E 137 9.30 -37.72 52.73
C THR E 137 10.52 -37.12 53.42
N GLU E 138 10.71 -37.50 54.68
CA GLU E 138 11.77 -36.95 55.53
C GLU E 138 13.19 -37.13 54.97
N PRO E 139 13.58 -38.29 54.41
CA PRO E 139 14.93 -38.38 53.82
C PRO E 139 15.21 -37.34 52.76
N VAL E 140 14.24 -37.08 51.87
CA VAL E 140 14.46 -36.11 50.81
C VAL E 140 14.57 -34.71 51.39
N LYS E 141 13.79 -34.42 52.43
CA LYS E 141 13.91 -33.12 53.09
C LYS E 141 15.30 -32.93 53.67
N GLU E 142 15.85 -33.97 54.29
CA GLU E 142 17.21 -33.87 54.84
C GLU E 142 18.24 -33.63 53.75
N VAL E 143 18.11 -34.35 52.62
CA VAL E 143 19.04 -34.15 51.52
C VAL E 143 18.97 -32.73 51.01
N VAL E 144 17.75 -32.19 50.88
CA VAL E 144 17.58 -30.83 50.41
C VAL E 144 18.25 -29.84 51.35
N LYS E 145 18.05 -30.01 52.65
CA LYS E 145 18.63 -29.07 53.61
C LYS E 145 20.15 -29.12 53.58
N THR E 146 20.72 -30.33 53.53
CA THR E 146 22.17 -30.45 53.49
C THR E 146 22.73 -29.81 52.21
N THR E 147 22.07 -30.04 51.08
CA THR E 147 22.53 -29.44 49.83
C THR E 147 22.46 -27.92 49.88
N ILE E 148 21.39 -27.37 50.45
CA ILE E 148 21.26 -25.92 50.52
C ILE E 148 22.31 -25.33 51.44
N LYS E 149 22.68 -26.05 52.50
CA LYS E 149 23.71 -25.53 53.39
C LYS E 149 25.11 -25.64 52.80
N ASN E 150 25.36 -26.65 51.95
CA ASN E 150 26.70 -26.82 51.40
C ASN E 150 26.91 -26.01 50.13
N TYR E 151 25.84 -25.75 49.38
CA TYR E 151 25.86 -24.96 48.16
C TYR E 151 25.04 -23.70 48.39
N GLY E 152 24.79 -22.96 47.33
CA GLY E 152 23.91 -21.81 47.47
C GLY E 152 22.47 -22.19 47.16
N VAL E 153 21.76 -21.30 46.48
CA VAL E 153 20.45 -21.59 45.91
C VAL E 153 20.44 -21.52 44.39
N GLY E 154 21.30 -20.70 43.80
CA GLY E 154 21.41 -20.62 42.36
C GLY E 154 22.79 -21.06 41.90
N ALA E 155 22.90 -21.28 40.59
CA ALA E 155 24.13 -21.76 40.00
C ALA E 155 25.05 -20.66 39.49
N CYS E 156 24.49 -19.51 39.11
CA CYS E 156 25.26 -18.34 38.69
C CYS E 156 26.19 -18.67 37.51
N GLY E 157 25.55 -19.00 36.38
CA GLY E 157 26.28 -19.21 35.16
C GLY E 157 25.75 -20.35 34.32
N PRO E 158 25.96 -20.27 33.01
CA PRO E 158 25.53 -21.35 32.12
C PRO E 158 26.51 -22.51 32.12
N ALA E 159 26.01 -23.65 31.63
CA ALA E 159 26.81 -24.87 31.63
C ALA E 159 28.11 -24.71 30.84
N GLY E 160 28.11 -23.80 29.87
CA GLY E 160 29.27 -23.66 28.99
C GLY E 160 30.52 -23.23 29.73
N PHE E 161 30.40 -22.21 30.58
CA PHE E 161 31.57 -21.69 31.27
C PHE E 161 31.90 -22.41 32.57
N TYR E 162 31.04 -22.26 33.57
CA TYR E 162 31.18 -22.79 34.91
C TYR E 162 29.79 -23.18 35.41
N GLY E 163 29.64 -23.33 36.72
CA GLY E 163 28.31 -23.55 37.25
C GLY E 163 27.70 -24.85 36.77
N ASN E 164 28.54 -25.85 36.53
CA ASN E 164 28.12 -27.22 36.27
C ASN E 164 28.78 -28.08 37.35
N GLN E 165 28.15 -28.17 38.51
CA GLN E 165 28.75 -28.84 39.64
C GLN E 165 28.79 -30.35 39.42
N ASP E 166 29.44 -31.05 40.36
CA ASP E 166 29.53 -32.50 40.27
C ASP E 166 28.18 -33.16 40.51
N VAL E 167 27.25 -32.47 41.16
CA VAL E 167 25.92 -33.03 41.37
C VAL E 167 25.19 -33.19 40.05
N HIS E 168 25.40 -32.27 39.11
CA HIS E 168 24.76 -32.39 37.80
C HIS E 168 25.25 -33.62 37.06
N TYR E 169 26.55 -33.86 37.09
CA TYR E 169 27.10 -35.05 36.45
C TYR E 169 26.59 -36.32 37.10
N THR E 170 26.52 -36.33 38.44
CA THR E 170 26.01 -37.50 39.15
C THR E 170 24.57 -37.79 38.77
N LEU E 171 23.73 -36.75 38.68
CA LEU E 171 22.35 -36.97 38.29
C LEU E 171 22.25 -37.51 36.87
N GLU E 172 23.07 -36.98 35.95
CA GLU E 172 23.00 -37.49 34.58
C GLU E 172 23.39 -38.96 34.52
N TYR E 173 24.44 -39.35 35.25
CA TYR E 173 24.81 -40.76 35.29
C TYR E 173 23.68 -41.61 35.87
N ASP E 174 23.05 -41.14 36.94
CA ASP E 174 21.98 -41.92 37.57
C ASP E 174 20.80 -42.08 36.64
N LEU E 175 20.42 -41.01 35.94
CA LEU E 175 19.31 -41.10 35.00
C LEU E 175 19.60 -42.09 33.89
N ALA E 176 20.81 -42.04 33.32
CA ALA E 176 21.18 -42.95 32.25
C ALA E 176 21.17 -44.40 32.72
N GLN E 177 21.71 -44.65 33.91
CA GLN E 177 21.78 -46.02 34.41
C GLN E 177 20.39 -46.54 34.78
N PHE E 178 19.52 -45.68 35.32
CA PHE E 178 18.19 -46.11 35.73
C PHE E 178 17.30 -46.40 34.54
N PHE E 179 17.38 -45.60 33.47
CA PHE E 179 16.46 -45.79 32.36
C PHE E 179 17.03 -46.68 31.26
N GLY E 180 18.34 -46.90 31.24
CA GLY E 180 18.91 -47.90 30.37
C GLY E 180 19.76 -47.40 29.22
N THR E 181 19.63 -46.13 28.87
CA THR E 181 20.33 -45.58 27.71
C THR E 181 21.79 -45.33 28.05
N GLN E 182 22.52 -44.66 27.15
CA GLN E 182 23.94 -44.39 27.37
C GLN E 182 24.14 -43.10 28.14
N GLY E 183 23.56 -42.00 27.66
CA GLY E 183 23.72 -40.72 28.32
C GLY E 183 22.45 -39.90 28.36
N SER E 184 22.51 -38.73 28.99
CA SER E 184 21.36 -37.82 29.06
C SER E 184 21.89 -36.40 29.30
N VAL E 185 21.01 -35.42 29.05
CA VAL E 185 21.31 -34.02 29.32
C VAL E 185 20.17 -33.44 30.13
N LEU E 186 20.48 -32.40 30.88
CA LEU E 186 19.51 -31.73 31.74
C LEU E 186 19.10 -30.40 31.14
N TYR E 187 17.84 -30.03 31.37
CA TYR E 187 17.27 -28.82 30.80
C TYR E 187 16.60 -27.99 31.89
N GLY E 188 16.47 -26.70 31.65
CA GLY E 188 15.99 -25.80 32.68
C GLY E 188 14.54 -26.02 33.05
N GLN E 189 13.71 -26.33 32.06
CA GLN E 189 12.31 -26.65 32.33
C GLN E 189 11.77 -27.50 31.19
N ASP E 190 10.74 -28.28 31.49
CA ASP E 190 10.22 -29.28 30.56
C ASP E 190 9.66 -28.64 29.31
N PHE E 191 8.99 -27.50 29.46
CA PHE E 191 8.35 -26.82 28.33
C PHE E 191 9.34 -26.42 27.24
N CYS E 192 10.60 -26.20 27.61
CA CYS E 192 11.62 -25.78 26.67
C CYS E 192 12.51 -26.92 26.20
N ALA E 193 12.24 -28.16 26.62
CA ALA E 193 13.07 -29.28 26.21
C ALA E 193 12.84 -29.63 24.75
N ALA E 194 11.60 -29.93 24.38
CA ALA E 194 11.31 -30.36 23.01
C ALA E 194 11.60 -29.29 21.95
N PRO E 195 11.18 -28.03 22.10
CA PRO E 195 11.49 -27.04 21.05
C PRO E 195 12.96 -26.73 20.93
N SER E 196 13.80 -27.22 21.84
CA SER E 196 15.23 -27.01 21.70
C SER E 196 15.90 -28.21 21.07
N VAL E 197 15.48 -29.42 21.46
CA VAL E 197 16.11 -30.63 20.94
C VAL E 197 15.75 -30.83 19.47
N LEU E 198 14.47 -30.73 19.13
CA LEU E 198 14.05 -31.16 17.80
C LEU E 198 14.62 -30.29 16.69
N PRO E 199 14.62 -28.97 16.77
CA PRO E 199 15.28 -28.17 15.71
C PRO E 199 16.77 -28.42 15.57
N ALA E 200 17.43 -29.00 16.58
CA ALA E 200 18.84 -29.31 16.46
C ALA E 200 19.13 -30.46 15.51
N PHE E 201 18.13 -31.28 15.23
CA PHE E 201 18.32 -32.48 14.42
C PHE E 201 17.51 -32.49 13.13
N THR E 202 16.88 -31.37 12.79
CA THR E 202 16.12 -31.28 11.54
C THR E 202 16.19 -29.87 10.98
N LYS E 203 16.03 -29.75 9.66
CA LYS E 203 16.07 -28.46 9.01
C LYS E 203 15.36 -28.54 7.67
N ARG E 204 15.43 -27.46 6.88
CA ARG E 204 14.77 -27.44 5.58
C ARG E 204 15.31 -28.54 4.68
N GLY E 205 14.54 -29.60 4.52
CA GLY E 205 14.95 -30.71 3.68
C GLY E 205 14.72 -32.06 4.32
N ASP E 206 14.20 -32.07 5.55
CA ASP E 206 13.94 -33.31 6.27
C ASP E 206 12.45 -33.55 6.38
N VAL E 207 12.08 -34.78 6.71
CA VAL E 207 10.68 -35.15 6.83
C VAL E 207 10.30 -35.61 8.23
N ILE E 208 9.19 -35.09 8.72
CA ILE E 208 8.65 -35.46 10.03
C ILE E 208 7.23 -35.97 9.84
N VAL E 209 6.92 -37.11 10.44
CA VAL E 209 5.58 -37.68 10.41
C VAL E 209 5.06 -37.70 11.84
N ALA E 210 4.01 -36.91 12.10
CA ALA E 210 3.55 -36.65 13.45
C ALA E 210 2.13 -37.18 13.63
N ASP E 211 1.80 -37.45 14.89
CA ASP E 211 0.47 -37.90 15.25
C ASP E 211 -0.55 -36.79 14.98
N ASP E 212 -1.84 -37.15 15.05
CA ASP E 212 -2.90 -36.21 14.73
C ASP E 212 -3.25 -35.27 15.86
N GLN E 213 -2.89 -35.61 17.10
CA GLN E 213 -3.16 -34.76 18.25
C GLN E 213 -1.99 -34.84 19.23
N VAL E 214 -1.07 -33.89 19.09
CA VAL E 214 0.07 -33.79 19.98
C VAL E 214 -0.03 -32.51 20.77
N SER E 215 0.59 -32.48 21.95
CA SER E 215 0.50 -31.36 22.85
C SER E 215 1.15 -30.11 22.24
N LEU E 216 0.94 -28.99 22.91
CA LEU E 216 1.43 -27.71 22.39
C LEU E 216 2.95 -27.63 22.29
N PRO E 217 3.74 -28.08 23.27
CA PRO E 217 5.20 -28.01 23.09
C PRO E 217 5.72 -28.71 21.85
N VAL E 218 5.14 -29.87 21.52
CA VAL E 218 5.57 -30.58 20.32
C VAL E 218 5.16 -29.81 19.08
N GLN E 219 3.99 -29.17 19.10
CA GLN E 219 3.58 -28.35 17.96
C GLN E 219 4.54 -27.19 17.76
N ASN E 220 4.99 -26.56 18.86
CA ASN E 220 5.98 -25.51 18.76
C ASN E 220 7.28 -26.01 18.16
N ALA E 221 7.72 -27.20 18.59
CA ALA E 221 8.95 -27.78 18.07
C ALA E 221 8.85 -28.04 16.58
N LEU E 222 7.72 -28.58 16.13
CA LEU E 222 7.54 -28.85 14.71
C LEU E 222 7.52 -27.56 13.90
N GLN E 223 6.83 -26.54 14.40
CA GLN E 223 6.74 -25.28 13.65
C GLN E 223 8.11 -24.60 13.56
N LEU E 224 8.88 -24.66 14.64
CA LEU E 224 10.19 -24.01 14.68
C LEU E 224 11.29 -24.86 14.05
N SER E 225 11.00 -26.12 13.72
CA SER E 225 12.01 -26.99 13.13
C SER E 225 12.32 -26.62 11.69
N ARG E 226 11.34 -26.09 10.96
CA ARG E 226 11.49 -25.70 9.57
C ARG E 226 11.80 -26.90 8.68
N SER E 227 10.91 -27.89 8.73
CA SER E 227 11.00 -29.06 7.87
C SER E 227 9.61 -29.41 7.39
N THR E 228 9.54 -30.41 6.51
CA THR E 228 8.26 -30.86 5.98
C THR E 228 7.57 -31.78 6.98
N VAL E 229 6.31 -31.48 7.30
CA VAL E 229 5.59 -32.16 8.36
C VAL E 229 4.32 -32.79 7.78
N TYR E 230 4.08 -34.06 8.10
CA TYR E 230 2.88 -34.78 7.73
C TYR E 230 2.18 -35.29 8.98
N TYR E 231 0.86 -35.42 8.91
CA TYR E 231 0.07 -35.89 10.03
C TYR E 231 -0.62 -37.20 9.68
N PHE E 232 -0.51 -38.18 10.55
CA PHE E 232 -1.23 -39.44 10.40
C PHE E 232 -2.35 -39.50 11.43
N ASN E 233 -3.12 -40.59 11.41
CA ASN E 233 -4.49 -40.57 11.91
C ASN E 233 -4.66 -40.97 13.37
N HIS E 234 -3.67 -40.67 14.22
CA HIS E 234 -3.82 -40.85 15.66
C HIS E 234 -4.09 -42.30 16.06
N ASN E 235 -3.04 -43.13 15.98
CA ASN E 235 -3.10 -44.54 16.38
C ASN E 235 -3.84 -45.37 15.33
N ASP E 236 -3.69 -44.97 14.08
CA ASP E 236 -4.17 -45.73 12.93
C ASP E 236 -2.94 -46.25 12.20
N MET E 237 -2.47 -47.43 12.61
CA MET E 237 -1.26 -47.99 12.04
C MET E 237 -1.40 -48.18 10.53
N ASN E 238 -2.63 -48.36 10.04
CA ASN E 238 -2.85 -48.46 8.61
C ASN E 238 -2.49 -47.15 7.92
N SER E 239 -2.96 -46.03 8.47
CA SER E 239 -2.67 -44.73 7.88
C SER E 239 -1.18 -44.43 7.93
N LEU E 240 -0.53 -44.75 9.04
CA LEU E 240 0.91 -44.55 9.16
C LEU E 240 1.66 -45.38 8.12
N GLU E 241 1.27 -46.65 7.96
CA GLU E 241 1.95 -47.50 7.00
C GLU E 241 1.76 -47.00 5.57
N CYS E 242 0.55 -46.57 5.24
CA CYS E 242 0.30 -46.02 3.90
C CYS E 242 1.16 -44.79 3.65
N LEU E 243 1.22 -43.88 4.62
CA LEU E 243 1.98 -42.65 4.44
C LEU E 243 3.48 -42.94 4.28
N LEU E 244 4.01 -43.83 5.11
CA LEU E 244 5.42 -44.18 5.01
C LEU E 244 5.74 -44.82 3.66
N ASN E 245 4.86 -45.70 3.20
CA ASN E 245 5.09 -46.39 1.93
C ASN E 245 5.12 -45.40 0.77
N GLU E 246 4.16 -44.47 0.75
CA GLU E 246 4.14 -43.46 -0.32
C GLU E 246 5.40 -42.61 -0.28
N LEU E 247 5.80 -42.19 0.91
CA LEU E 247 6.99 -41.34 1.04
C LEU E 247 8.24 -42.05 0.56
N THR E 248 8.42 -43.32 0.95
CA THR E 248 9.63 -44.03 0.60
C THR E 248 9.68 -44.35 -0.89
N GLU E 249 8.53 -44.61 -1.51
CA GLU E 249 8.52 -44.85 -2.94
C GLU E 249 8.88 -43.59 -3.71
N GLN E 250 8.32 -42.45 -3.29
CA GLN E 250 8.67 -41.19 -3.95
C GLN E 250 10.16 -40.88 -3.80
N GLU E 251 10.71 -41.14 -2.61
CA GLU E 251 12.14 -40.90 -2.41
C GLU E 251 12.97 -41.81 -3.29
N LYS E 252 12.59 -43.08 -3.41
CA LYS E 252 13.33 -44.01 -4.27
C LYS E 252 13.30 -43.54 -5.71
N LEU E 253 12.16 -43.01 -6.17
CA LEU E 253 12.08 -42.48 -7.52
C LEU E 253 12.93 -41.25 -7.70
N GLU E 254 13.03 -40.40 -6.68
CA GLU E 254 13.74 -39.13 -6.83
C GLU E 254 15.25 -39.32 -6.87
N LYS E 255 15.75 -40.46 -6.38
CA LYS E 255 17.18 -40.84 -6.41
C LYS E 255 18.10 -39.70 -5.96
N LEU E 256 17.84 -39.20 -4.77
CA LEU E 256 18.62 -38.11 -4.20
C LEU E 256 20.06 -38.57 -3.92
N PRO E 257 21.02 -37.65 -4.01
CA PRO E 257 22.42 -38.03 -3.73
C PRO E 257 22.61 -38.55 -2.31
N ALA E 258 22.25 -37.75 -1.32
CA ALA E 258 22.34 -38.11 0.08
C ALA E 258 20.95 -38.15 0.69
N ILE E 259 20.67 -39.22 1.43
CA ILE E 259 19.36 -39.41 2.02
C ILE E 259 19.17 -38.49 3.22
N PRO E 260 17.97 -37.98 3.46
CA PRO E 260 17.78 -37.03 4.57
C PRO E 260 17.47 -37.71 5.89
N ARG E 261 17.25 -36.92 6.94
CA ARG E 261 16.86 -37.46 8.23
C ARG E 261 15.34 -37.65 8.27
N LYS E 262 14.90 -38.63 9.06
CA LYS E 262 13.50 -39.02 9.08
C LYS E 262 13.11 -39.34 10.52
N PHE E 263 12.01 -38.75 10.98
CA PHE E 263 11.55 -38.94 12.34
C PHE E 263 10.07 -39.25 12.39
N ILE E 264 9.68 -40.08 13.36
CA ILE E 264 8.28 -40.31 13.72
C ILE E 264 8.07 -39.73 15.11
N VAL E 265 7.10 -38.83 15.24
CA VAL E 265 6.87 -38.08 16.46
C VAL E 265 5.55 -38.51 17.06
N THR E 266 5.56 -38.87 18.34
CA THR E 266 4.37 -39.32 19.04
C THR E 266 4.52 -39.00 20.52
N GLU E 267 3.65 -39.58 21.35
CA GLU E 267 3.70 -39.38 22.79
C GLU E 267 3.44 -40.70 23.50
N GLY E 268 3.92 -40.80 24.73
CA GLY E 268 3.68 -41.98 25.53
C GLY E 268 2.25 -42.07 26.00
N ILE E 269 1.84 -41.15 26.86
CA ILE E 269 0.46 -40.99 27.28
C ILE E 269 0.07 -39.57 26.93
N PHE E 270 -0.96 -39.42 26.10
CA PHE E 270 -1.24 -38.14 25.49
C PHE E 270 -1.70 -37.12 26.53
N HIS E 271 -1.32 -35.86 26.31
CA HIS E 271 -1.54 -34.81 27.30
C HIS E 271 -3.01 -34.44 27.39
N ASN E 272 -3.69 -34.34 26.24
CA ASN E 272 -5.09 -33.92 26.25
C ASN E 272 -6.02 -35.13 26.31
N SER E 273 -5.87 -36.05 25.35
CA SER E 273 -6.70 -37.24 25.30
C SER E 273 -6.48 -38.13 26.52
N GLY E 274 -5.28 -38.66 26.67
CA GLY E 274 -4.96 -39.51 27.80
C GLY E 274 -4.87 -40.99 27.48
N ASP E 275 -4.80 -41.32 26.19
CA ASP E 275 -4.80 -42.72 25.78
C ASP E 275 -3.40 -43.20 25.43
N LEU E 276 -3.19 -44.49 25.58
CA LEU E 276 -1.88 -45.11 25.40
C LEU E 276 -1.49 -45.12 23.93
N ALA E 277 -0.19 -45.29 23.69
CA ALA E 277 0.37 -45.35 22.35
C ALA E 277 0.86 -46.75 22.01
N PRO E 278 0.65 -47.23 20.79
CA PRO E 278 1.11 -48.57 20.43
C PRO E 278 2.60 -48.61 20.12
N LEU E 279 3.39 -49.16 21.02
CA LEU E 279 4.83 -49.21 20.82
C LEU E 279 5.28 -50.37 19.92
N PRO E 280 4.74 -51.60 20.07
CA PRO E 280 5.21 -52.70 19.22
C PRO E 280 5.11 -52.42 17.73
N GLU E 281 3.93 -52.00 17.28
CA GLU E 281 3.73 -51.71 15.87
C GLU E 281 4.63 -50.58 15.40
N LEU E 282 4.77 -49.54 16.23
CA LEU E 282 5.61 -48.41 15.86
C LEU E 282 7.05 -48.83 15.66
N THR E 283 7.60 -49.58 16.62
CA THR E 283 8.97 -50.04 16.51
C THR E 283 9.14 -50.94 15.29
N LYS E 284 8.20 -51.86 15.09
CA LYS E 284 8.28 -52.80 13.97
C LYS E 284 8.35 -52.06 12.63
N LEU E 285 7.42 -51.14 12.41
CA LEU E 285 7.33 -50.54 11.09
C LEU E 285 8.33 -49.40 10.91
N LYS E 286 8.88 -48.84 12.00
CA LYS E 286 9.97 -47.88 11.80
C LYS E 286 11.27 -48.62 11.50
N ASN E 287 11.43 -49.82 12.06
CA ASN E 287 12.55 -50.67 11.65
C ASN E 287 12.42 -51.07 10.19
N LYS E 288 11.22 -51.43 9.76
CA LYS E 288 11.02 -51.82 8.37
C LYS E 288 11.23 -50.68 7.38
N TYR E 289 10.76 -49.47 7.68
CA TYR E 289 10.88 -48.36 6.74
C TYR E 289 12.04 -47.43 7.05
N LYS E 290 12.85 -47.72 8.06
CA LYS E 290 14.06 -46.97 8.39
C LYS E 290 13.78 -45.51 8.70
N PHE E 291 13.01 -45.27 9.77
CA PHE E 291 12.80 -43.94 10.31
C PHE E 291 13.41 -43.90 11.71
N ARG E 292 13.31 -42.76 12.40
CA ARG E 292 13.71 -42.70 13.80
C ARG E 292 12.51 -42.36 14.66
N LEU E 293 12.47 -42.85 15.89
CA LEU E 293 11.31 -42.68 16.75
C LEU E 293 11.59 -41.63 17.83
N PHE E 294 10.70 -40.65 17.93
CA PHE E 294 10.76 -39.60 18.95
C PHE E 294 9.52 -39.73 19.82
N VAL E 295 9.71 -40.04 21.09
CA VAL E 295 8.61 -40.24 22.03
C VAL E 295 8.71 -39.17 23.13
N ASP E 296 7.62 -38.45 23.34
CA ASP E 296 7.54 -37.41 24.38
C ASP E 296 6.69 -37.96 25.51
N GLU E 297 7.33 -38.59 26.50
CA GLU E 297 6.60 -39.24 27.59
C GLU E 297 6.83 -38.46 28.87
N THR E 298 6.02 -37.42 29.08
CA THR E 298 6.01 -36.63 30.29
C THR E 298 5.12 -37.23 31.37
N PHE E 299 4.00 -37.85 30.97
CA PHE E 299 3.01 -38.36 31.90
C PHE E 299 3.10 -39.86 32.13
N SER E 300 4.15 -40.52 31.67
CA SER E 300 4.26 -41.97 31.84
C SER E 300 5.45 -42.40 32.66
N ILE E 301 6.55 -41.63 32.67
CA ILE E 301 7.70 -41.99 33.49
C ILE E 301 7.28 -41.94 34.96
N GLY E 302 7.46 -43.05 35.65
CA GLY E 302 7.01 -43.17 37.01
C GLY E 302 5.56 -43.59 37.16
N VAL E 303 4.87 -43.86 36.07
CA VAL E 303 3.45 -44.22 36.12
C VAL E 303 3.24 -45.57 35.44
N LEU E 304 4.10 -45.90 34.49
CA LEU E 304 3.96 -47.13 33.70
C LEU E 304 5.13 -48.06 33.96
N GLY E 305 4.82 -49.34 34.15
CA GLY E 305 5.81 -50.36 34.41
C GLY E 305 5.69 -50.92 35.81
N ALA E 306 6.32 -52.07 36.01
CA ALA E 306 6.33 -52.69 37.33
C ALA E 306 7.13 -51.84 38.30
N THR E 307 8.21 -51.20 37.84
CA THR E 307 8.99 -50.30 38.65
C THR E 307 8.91 -48.85 38.16
N GLY E 308 7.95 -48.54 37.30
CA GLY E 308 7.79 -47.19 36.81
C GLY E 308 8.96 -46.71 35.97
N ARG E 309 9.42 -47.52 35.03
CA ARG E 309 10.53 -47.17 34.16
C ARG E 309 10.07 -46.72 32.78
N GLY E 310 8.79 -46.39 32.63
CA GLY E 310 8.30 -45.76 31.43
C GLY E 310 7.47 -46.68 30.56
N LEU E 311 7.39 -46.31 29.28
CA LEU E 311 6.57 -47.04 28.32
C LEU E 311 7.21 -48.38 27.93
N SER E 312 8.53 -48.38 27.73
CA SER E 312 9.22 -49.58 27.27
C SER E 312 9.07 -50.72 28.27
N GLU E 313 9.22 -50.43 29.56
CA GLU E 313 9.03 -51.48 30.56
C GLU E 313 7.59 -51.97 30.59
N HIS E 314 6.63 -51.11 30.27
CA HIS E 314 5.25 -51.55 30.18
C HIS E 314 5.06 -52.56 29.06
N PHE E 315 5.73 -52.34 27.92
CA PHE E 315 5.63 -53.24 26.79
C PHE E 315 6.74 -54.28 26.73
N ASN E 316 7.54 -54.38 27.79
CA ASN E 316 8.58 -55.40 27.92
C ASN E 316 9.59 -55.38 26.78
N MET E 317 10.11 -54.20 26.43
CA MET E 317 11.15 -54.07 25.44
C MET E 317 12.41 -53.47 26.07
N ASP E 318 13.38 -53.15 25.22
CA ASP E 318 14.58 -52.43 25.61
C ASP E 318 14.50 -51.03 25.06
N ARG E 319 14.73 -50.03 25.92
CA ARG E 319 14.62 -48.64 25.48
C ARG E 319 15.76 -48.25 24.54
N ALA E 320 16.91 -48.89 24.64
CA ALA E 320 18.07 -48.56 23.82
C ALA E 320 17.91 -49.01 22.38
N THR E 321 16.94 -49.85 22.08
CA THR E 321 16.72 -50.32 20.71
C THR E 321 15.35 -49.97 20.15
N ALA E 322 14.41 -49.50 20.97
CA ALA E 322 13.06 -49.19 20.51
C ALA E 322 12.86 -47.70 20.25
N ILE E 323 13.36 -46.85 21.14
CA ILE E 323 13.15 -45.41 21.05
C ILE E 323 14.49 -44.72 20.92
N ASP E 324 14.56 -43.74 20.01
CA ASP E 324 15.79 -43.01 19.76
C ASP E 324 15.94 -41.75 20.61
N ILE E 325 14.91 -40.90 20.66
CA ILE E 325 14.92 -39.71 21.50
C ILE E 325 13.75 -39.81 22.46
N THR E 326 14.01 -39.59 23.74
CA THR E 326 12.97 -39.56 24.76
C THR E 326 13.06 -38.26 25.53
N VAL E 327 11.94 -37.56 25.63
CA VAL E 327 11.85 -36.29 26.37
C VAL E 327 11.00 -36.53 27.59
N GLY E 328 11.55 -36.23 28.77
CA GLY E 328 10.86 -36.43 30.02
C GLY E 328 10.67 -35.15 30.80
N SER E 329 10.22 -35.32 32.04
CA SER E 329 9.99 -34.18 32.93
C SER E 329 10.24 -34.61 34.37
N MET E 330 10.96 -33.76 35.10
CA MET E 330 11.23 -33.98 36.50
C MET E 330 10.20 -33.32 37.41
N ALA E 331 9.10 -32.83 36.86
CA ALA E 331 8.16 -31.98 37.57
C ALA E 331 6.79 -32.62 37.78
N THR E 332 6.57 -33.85 37.30
CA THR E 332 5.26 -34.47 37.43
C THR E 332 5.37 -35.64 38.39
N ALA E 333 6.20 -36.65 38.09
CA ALA E 333 6.20 -37.83 38.95
C ALA E 333 7.33 -37.78 39.96
N LEU E 334 8.43 -37.12 39.63
CA LEU E 334 9.58 -37.07 40.51
C LEU E 334 9.54 -35.91 41.50
N GLY E 335 8.51 -35.07 41.43
CA GLY E 335 8.29 -34.03 42.42
C GLY E 335 9.39 -33.00 42.53
N SER E 336 9.83 -32.46 41.40
CA SER E 336 10.91 -31.49 41.38
C SER E 336 10.74 -30.55 40.19
N THR E 337 11.82 -29.90 39.76
CA THR E 337 11.76 -28.98 38.64
C THR E 337 12.81 -29.36 37.61
N GLY E 338 12.46 -29.29 36.33
CA GLY E 338 13.41 -29.47 35.25
C GLY E 338 12.91 -30.43 34.17
N GLY E 339 13.84 -30.83 33.31
CA GLY E 339 13.57 -31.79 32.26
C GLY E 339 14.84 -32.53 31.90
N PHE E 340 14.71 -33.51 31.01
CA PHE E 340 15.88 -34.27 30.56
C PHE E 340 15.59 -34.90 29.20
N VAL E 341 16.64 -35.36 28.55
CA VAL E 341 16.57 -36.04 27.26
C VAL E 341 17.49 -37.24 27.30
N LEU E 342 16.98 -38.42 26.93
CA LEU E 342 17.74 -39.66 26.97
C LEU E 342 18.06 -40.09 25.55
N GLY E 343 19.33 -40.42 25.30
CA GLY E 343 19.75 -40.90 24.00
C GLY E 343 21.02 -41.72 24.05
N ASP E 344 21.90 -41.53 23.07
CA ASP E 344 23.20 -42.17 23.05
C ASP E 344 24.27 -41.09 22.99
N SER E 345 25.54 -41.52 22.99
CA SER E 345 26.65 -40.60 23.23
C SER E 345 26.76 -39.53 22.14
N VAL E 346 26.61 -39.93 20.87
CA VAL E 346 26.74 -38.99 19.77
C VAL E 346 25.67 -37.91 19.86
N MET E 347 24.43 -38.33 20.11
CA MET E 347 23.31 -37.41 20.22
C MET E 347 23.49 -36.46 21.40
N CYS E 348 23.94 -36.99 22.54
CA CYS E 348 24.13 -36.15 23.72
C CYS E 348 25.21 -35.11 23.50
N LEU E 349 26.33 -35.51 22.89
CA LEU E 349 27.40 -34.55 22.63
C LEU E 349 26.94 -33.45 21.69
N HIS E 350 26.21 -33.81 20.63
CA HIS E 350 25.75 -32.78 19.73
C HIS E 350 24.74 -31.86 20.38
N GLN E 351 23.97 -32.36 21.35
CA GLN E 351 23.08 -31.48 22.10
C GLN E 351 23.86 -30.48 22.93
N ARG E 352 24.94 -30.94 23.56
CA ARG E 352 25.75 -30.02 24.35
C ARG E 352 26.37 -28.94 23.48
N ILE E 353 26.55 -29.22 22.19
CA ILE E 353 27.08 -28.19 21.29
C ILE E 353 25.99 -27.29 20.68
N GLY E 354 24.93 -27.87 20.12
CA GLY E 354 24.04 -27.13 19.26
C GLY E 354 22.59 -26.98 19.68
N SER E 355 22.28 -27.28 20.93
CA SER E 355 20.93 -27.05 21.44
C SER E 355 20.86 -25.73 22.18
N ASN E 356 19.95 -24.85 21.78
CA ASN E 356 20.00 -23.44 22.19
C ASN E 356 19.71 -23.26 23.67
N ALA E 357 18.64 -23.89 24.17
CA ALA E 357 18.24 -23.67 25.55
C ALA E 357 19.27 -24.21 26.52
N TYR E 358 20.06 -25.20 26.08
CA TYR E 358 21.08 -25.75 26.95
C TYR E 358 22.25 -24.79 27.12
N CYS E 359 22.72 -24.20 26.03
CA CYS E 359 23.94 -23.43 26.06
C CYS E 359 23.72 -21.94 26.27
N PHE E 360 22.47 -21.47 26.31
CA PHE E 360 22.20 -20.06 26.52
C PHE E 360 21.29 -19.82 27.71
N SER E 361 21.29 -20.75 28.66
CA SER E 361 20.50 -20.58 29.88
C SER E 361 21.28 -21.16 31.04
N ALA E 362 20.96 -20.67 32.23
CA ALA E 362 21.68 -21.07 33.43
C ALA E 362 21.32 -22.49 33.84
N CYS E 363 22.28 -23.15 34.47
CA CYS E 363 22.04 -24.46 35.04
C CYS E 363 21.05 -24.36 36.20
N LEU E 364 20.35 -25.45 36.43
CA LEU E 364 19.31 -25.46 37.43
C LEU E 364 19.89 -25.73 38.83
N PRO E 365 19.22 -25.26 39.88
CA PRO E 365 19.80 -25.31 41.22
C PRO E 365 20.15 -26.72 41.68
N ALA E 366 21.13 -26.80 42.58
CA ALA E 366 21.67 -28.10 42.98
C ALA E 366 20.71 -28.89 43.85
N TYR E 367 19.87 -28.23 44.64
CA TYR E 367 18.98 -28.98 45.51
C TYR E 367 17.99 -29.81 44.69
N THR E 368 17.57 -29.29 43.54
CA THR E 368 16.66 -30.04 42.67
C THR E 368 17.30 -31.34 42.20
N VAL E 369 18.56 -31.27 41.75
CA VAL E 369 19.20 -32.45 41.18
C VAL E 369 19.50 -33.48 42.26
N THR E 370 19.93 -33.03 43.44
CA THR E 370 20.20 -33.98 44.51
C THR E 370 18.92 -34.65 45.00
N SER E 371 17.83 -33.88 45.08
CA SER E 371 16.56 -34.47 45.48
C SER E 371 16.09 -35.52 44.47
N VAL E 372 16.25 -35.23 43.17
CA VAL E 372 15.84 -36.19 42.15
C VAL E 372 16.67 -37.47 42.25
N SER E 373 17.97 -37.33 42.50
CA SER E 373 18.83 -38.51 42.64
C SER E 373 18.37 -39.38 43.82
N LYS E 374 18.07 -38.74 44.95
CA LYS E 374 17.58 -39.50 46.10
C LYS E 374 16.28 -40.20 45.77
N VAL E 375 15.39 -39.53 45.05
CA VAL E 375 14.11 -40.13 44.68
C VAL E 375 14.33 -41.35 43.80
N LEU E 376 15.26 -41.27 42.86
CA LEU E 376 15.53 -42.41 41.99
C LEU E 376 16.04 -43.61 42.80
N LYS E 377 16.92 -43.35 43.77
CA LYS E 377 17.39 -44.45 44.62
C LYS E 377 16.24 -45.08 45.40
N LEU E 378 15.36 -44.24 45.96
CA LEU E 378 14.21 -44.77 46.70
C LEU E 378 13.29 -45.57 45.79
N MET E 379 13.07 -45.09 44.56
CA MET E 379 12.24 -45.84 43.62
C MET E 379 12.91 -47.15 43.22
N ASP E 380 14.24 -47.21 43.32
CA ASP E 380 14.95 -48.45 43.03
C ASP E 380 14.80 -49.47 44.14
N SER E 381 14.67 -49.06 45.39
CA SER E 381 14.56 -49.99 46.52
C SER E 381 13.15 -49.94 47.09
N ASN E 382 12.45 -51.08 47.05
CA ASN E 382 11.17 -51.26 47.74
C ASN E 382 10.13 -50.24 47.29
N ASN E 383 9.70 -50.33 46.03
CA ASN E 383 8.88 -49.27 45.44
C ASN E 383 7.53 -49.04 46.13
N ASP E 384 6.59 -49.98 45.95
CA ASP E 384 5.29 -50.00 46.61
C ASP E 384 4.41 -48.80 46.23
N ALA E 385 5.03 -47.78 45.63
CA ALA E 385 4.32 -46.53 45.40
C ALA E 385 3.72 -46.52 44.00
N VAL E 386 4.49 -46.99 43.03
CA VAL E 386 3.94 -47.22 41.70
C VAL E 386 2.81 -48.24 41.79
N GLN E 387 3.02 -49.30 42.56
CA GLN E 387 1.98 -50.33 42.68
C GLN E 387 0.70 -49.75 43.27
N THR E 388 0.82 -48.98 44.36
CA THR E 388 -0.36 -48.34 44.93
C THR E 388 -1.04 -47.43 43.91
N LEU E 389 -0.26 -46.66 43.16
CA LEU E 389 -0.81 -45.76 42.16
C LEU E 389 -1.56 -46.53 41.08
N GLN E 390 -1.01 -47.66 40.65
CA GLN E 390 -1.67 -48.46 39.61
C GLN E 390 -3.01 -48.99 40.09
N LYS E 391 -3.06 -49.51 41.31
CA LYS E 391 -4.34 -50.04 41.82
C LYS E 391 -5.38 -48.93 41.94
N LEU E 392 -4.96 -47.77 42.45
CA LEU E 392 -5.89 -46.66 42.61
C LEU E 392 -6.42 -46.18 41.27
N SER E 393 -5.53 -46.07 40.27
CA SER E 393 -5.95 -45.60 38.95
C SER E 393 -6.92 -46.59 38.31
N LYS E 394 -6.64 -47.89 38.47
CA LYS E 394 -7.54 -48.91 37.92
C LYS E 394 -8.92 -48.80 38.53
N SER E 395 -8.99 -48.65 39.84
CA SER E 395 -10.29 -48.55 40.50
C SER E 395 -11.04 -47.30 40.08
N LEU E 396 -10.31 -46.19 39.93
CA LEU E 396 -10.95 -44.93 39.53
C LEU E 396 -11.55 -45.04 38.12
N HIS E 397 -10.78 -45.60 37.18
CA HIS E 397 -11.29 -45.72 35.82
C HIS E 397 -12.47 -46.69 35.76
N ASP E 398 -12.40 -47.79 36.51
CA ASP E 398 -13.53 -48.71 36.55
C ASP E 398 -14.77 -48.03 37.12
N SER E 399 -14.58 -47.16 38.11
CA SER E 399 -15.72 -46.48 38.72
C SER E 399 -16.43 -45.57 37.72
N PHE E 400 -15.68 -44.74 37.01
CA PHE E 400 -16.32 -43.82 36.05
C PHE E 400 -16.67 -44.46 34.71
N ALA E 401 -16.20 -45.67 34.42
CA ALA E 401 -16.55 -46.31 33.16
C ALA E 401 -17.73 -47.26 33.29
N SER E 402 -17.95 -47.82 34.47
CA SER E 402 -19.00 -48.81 34.65
C SER E 402 -20.39 -48.19 34.67
N ASP E 403 -20.50 -46.92 35.05
CA ASP E 403 -21.81 -46.31 35.23
C ASP E 403 -22.52 -46.12 33.91
N ASP E 404 -23.84 -46.30 33.92
CA ASP E 404 -24.69 -46.11 32.76
C ASP E 404 -25.53 -44.85 32.83
N SER E 405 -25.81 -44.33 34.03
CA SER E 405 -26.64 -43.14 34.14
C SER E 405 -25.98 -41.93 33.49
N LEU E 406 -24.66 -41.93 33.39
CA LEU E 406 -23.92 -40.85 32.76
C LEU E 406 -23.58 -41.14 31.31
N ARG E 407 -24.00 -42.31 30.80
CA ARG E 407 -23.58 -42.78 29.48
C ARG E 407 -24.31 -42.06 28.35
N SER E 408 -24.99 -40.97 28.65
CA SER E 408 -25.60 -40.13 27.62
C SER E 408 -25.09 -38.71 27.63
N TYR E 409 -24.26 -38.31 28.60
CA TYR E 409 -23.73 -36.96 28.67
C TYR E 409 -22.22 -36.92 28.51
N VAL E 410 -21.49 -37.81 29.17
CA VAL E 410 -20.03 -37.76 29.20
C VAL E 410 -19.47 -39.09 28.74
N ILE E 411 -18.22 -39.04 28.28
CA ILE E 411 -17.48 -40.23 27.86
C ILE E 411 -16.10 -40.18 28.49
N VAL E 412 -15.53 -41.37 28.72
CA VAL E 412 -14.21 -41.48 29.33
C VAL E 412 -13.18 -41.74 28.24
N THR E 413 -12.18 -40.86 28.15
CA THR E 413 -11.22 -40.93 27.06
C THR E 413 -9.93 -41.62 27.50
N SER E 414 -9.56 -41.47 28.76
CA SER E 414 -8.30 -42.01 29.25
C SER E 414 -8.32 -43.53 29.27
N SER E 415 -7.14 -44.13 29.13
CA SER E 415 -6.97 -45.57 29.23
C SER E 415 -6.80 -45.97 30.69
N PRO E 416 -7.02 -47.25 31.02
CA PRO E 416 -6.96 -47.66 32.43
C PRO E 416 -5.60 -47.50 33.07
N VAL E 417 -4.51 -47.40 32.30
CA VAL E 417 -3.18 -47.23 32.89
C VAL E 417 -2.83 -45.77 33.15
N SER E 418 -3.62 -44.83 32.62
CA SER E 418 -3.39 -43.42 32.89
C SER E 418 -3.68 -43.10 34.35
N ALA E 419 -2.88 -42.19 34.90
CA ALA E 419 -3.07 -41.73 36.28
C ALA E 419 -3.98 -40.52 36.37
N VAL E 420 -4.52 -40.06 35.24
CA VAL E 420 -5.43 -38.93 35.20
C VAL E 420 -6.61 -39.31 34.31
N LEU E 421 -7.80 -38.89 34.72
CA LEU E 421 -9.04 -39.27 34.05
C LEU E 421 -9.63 -38.06 33.35
N HIS E 422 -10.00 -38.23 32.08
CA HIS E 422 -10.55 -37.16 31.28
C HIS E 422 -12.00 -37.45 30.94
N LEU E 423 -12.78 -36.40 30.67
CA LEU E 423 -14.19 -36.50 30.33
C LEU E 423 -14.52 -35.54 29.21
N GLN E 424 -15.58 -35.83 28.46
CA GLN E 424 -16.02 -34.96 27.39
C GLN E 424 -17.55 -34.91 27.41
N LEU E 425 -18.15 -34.33 26.37
CA LEU E 425 -19.59 -34.07 26.36
C LEU E 425 -20.34 -34.77 25.24
N THR E 426 -19.87 -35.92 24.74
CA THR E 426 -20.72 -36.78 23.93
C THR E 426 -21.37 -36.02 22.78
N PRO E 427 -20.64 -35.79 21.67
CA PRO E 427 -20.98 -34.69 20.75
C PRO E 427 -22.45 -34.45 20.49
N ALA E 428 -23.30 -35.46 20.65
CA ALA E 428 -24.74 -35.29 20.59
C ALA E 428 -25.21 -34.25 21.60
N TYR E 429 -24.82 -34.40 22.86
CA TYR E 429 -25.23 -33.46 23.90
C TYR E 429 -24.62 -32.08 23.65
N ARG E 430 -23.38 -32.04 23.19
CA ARG E 430 -22.72 -30.76 22.89
C ARG E 430 -23.47 -30.01 21.82
N SER E 431 -23.87 -30.70 20.75
CA SER E 431 -24.65 -30.07 19.70
C SER E 431 -26.02 -29.63 20.21
N ARG E 432 -26.66 -30.49 21.00
CA ARG E 432 -28.03 -30.20 21.44
C ARG E 432 -28.08 -29.02 22.40
N LYS E 433 -27.05 -28.83 23.21
CA LYS E 433 -27.07 -27.79 24.22
C LYS E 433 -26.29 -26.54 23.85
N PHE E 434 -25.36 -26.62 22.91
CA PHE E 434 -24.57 -25.46 22.52
C PHE E 434 -24.59 -25.16 21.03
N GLY E 435 -25.06 -26.07 20.19
CA GLY E 435 -25.21 -25.81 18.78
C GLY E 435 -23.93 -25.61 18.02
N TYR E 436 -22.91 -26.43 18.32
CA TYR E 436 -21.67 -26.40 17.57
C TYR E 436 -20.98 -27.75 17.72
N THR E 437 -20.32 -28.20 16.66
CA THR E 437 -19.54 -29.42 16.68
C THR E 437 -18.05 -29.08 16.63
N CYS E 438 -17.23 -30.07 16.98
CA CYS E 438 -15.79 -29.86 17.05
C CYS E 438 -15.23 -29.41 15.71
N GLU E 439 -15.76 -29.96 14.62
CA GLU E 439 -15.21 -29.69 13.29
C GLU E 439 -15.32 -28.22 12.93
N GLN E 440 -16.52 -27.66 13.05
CA GLN E 440 -16.73 -26.27 12.64
C GLN E 440 -15.93 -25.33 13.51
N LEU E 441 -15.75 -25.68 14.79
CA LEU E 441 -14.88 -24.90 15.66
C LEU E 441 -13.46 -24.89 15.12
N PHE E 442 -12.97 -26.05 14.69
CA PHE E 442 -11.62 -26.13 14.17
C PHE E 442 -11.46 -25.26 12.92
N GLU E 443 -12.39 -25.35 11.98
CA GLU E 443 -12.25 -24.55 10.76
C GLU E 443 -12.44 -23.07 11.05
N THR E 444 -13.29 -22.73 12.01
CA THR E 444 -13.46 -21.33 12.38
C THR E 444 -12.15 -20.74 12.89
N MET E 445 -11.54 -21.40 13.87
CA MET E 445 -10.31 -20.87 14.46
C MET E 445 -9.16 -20.90 13.46
N SER E 446 -9.07 -21.96 12.66
CA SER E 446 -8.01 -22.03 11.65
C SER E 446 -8.15 -20.91 10.64
N ALA E 447 -9.39 -20.61 10.24
CA ALA E 447 -9.61 -19.50 9.31
C ALA E 447 -9.22 -18.17 9.94
N LEU E 448 -9.53 -18.01 11.24
CA LEU E 448 -9.14 -16.78 11.92
C LEU E 448 -7.63 -16.62 11.97
N GLN E 449 -6.92 -17.72 12.25
CA GLN E 449 -5.46 -17.67 12.31
C GLN E 449 -4.85 -17.38 10.93
N LYS E 450 -5.42 -17.95 9.88
CA LYS E 450 -4.84 -17.84 8.55
C LYS E 450 -4.81 -16.39 8.07
N LYS E 451 -5.90 -15.65 8.29
CA LYS E 451 -5.93 -14.24 7.91
C LYS E 451 -5.38 -13.33 9.00
N SER E 452 -5.13 -13.86 10.19
CA SER E 452 -4.46 -13.15 11.27
C SER E 452 -5.27 -11.92 11.72
N GLN E 453 -6.53 -12.17 12.07
CA GLN E 453 -7.34 -11.13 12.68
C GLN E 453 -6.92 -10.92 14.13
N THR E 454 -6.84 -9.66 14.54
CA THR E 454 -6.33 -9.33 15.86
C THR E 454 -7.24 -9.87 16.96
N ASN E 455 -8.55 -9.78 16.78
CA ASN E 455 -9.52 -10.19 17.78
C ASN E 455 -10.05 -11.56 17.39
N LYS E 456 -9.77 -12.57 18.21
CA LYS E 456 -10.19 -13.94 17.96
C LYS E 456 -11.04 -14.42 19.14
N PHE E 457 -12.34 -14.13 19.11
CA PHE E 457 -13.25 -14.52 20.18
C PHE E 457 -14.36 -15.39 19.58
N ILE E 458 -14.59 -16.54 20.19
CA ILE E 458 -15.63 -17.47 19.74
C ILE E 458 -16.60 -17.73 20.88
N GLU E 459 -17.89 -17.48 20.64
CA GLU E 459 -18.88 -17.46 21.70
C GLU E 459 -19.35 -18.83 22.18
N PRO E 460 -19.72 -19.78 21.29
CA PRO E 460 -20.17 -21.09 21.80
C PRO E 460 -19.13 -21.80 22.65
N TYR E 461 -17.86 -21.70 22.25
CA TYR E 461 -16.80 -22.34 23.03
C TYR E 461 -16.68 -21.72 24.42
N GLU E 462 -16.79 -20.39 24.49
CA GLU E 462 -16.74 -19.71 25.79
C GLU E 462 -17.91 -20.12 26.66
N GLU E 463 -19.10 -20.25 26.07
CA GLU E 463 -20.26 -20.66 26.84
C GLU E 463 -20.09 -22.07 27.40
N GLU E 464 -19.55 -22.98 26.58
CA GLU E 464 -19.31 -24.35 27.04
C GLU E 464 -18.26 -24.38 28.13
N GLU E 465 -17.23 -23.55 28.02
CA GLU E 465 -16.23 -23.46 29.08
C GLU E 465 -16.85 -23.00 30.38
N LYS E 466 -17.74 -22.00 30.32
CA LYS E 466 -18.42 -21.54 31.52
C LYS E 466 -19.29 -22.63 32.11
N PHE E 467 -19.93 -23.44 31.27
CA PHE E 467 -20.71 -24.56 31.78
C PHE E 467 -19.84 -25.54 32.55
N LEU E 468 -18.67 -25.87 32.00
CA LEU E 468 -17.77 -26.78 32.68
C LEU E 468 -17.30 -26.21 34.01
N GLN E 469 -17.00 -24.91 34.04
CA GLN E 469 -16.58 -24.30 35.30
C GLN E 469 -17.72 -24.30 36.31
N SER E 470 -18.97 -24.17 35.85
CA SER E 470 -20.09 -24.30 36.76
C SER E 470 -20.14 -25.68 37.39
N ILE E 471 -19.88 -26.71 36.59
CA ILE E 471 -19.81 -28.08 37.12
C ILE E 471 -18.75 -28.20 38.19
N VAL E 472 -17.58 -27.59 37.97
CA VAL E 472 -16.52 -27.64 38.97
C VAL E 472 -16.92 -26.88 40.23
N ASP E 473 -17.52 -25.70 40.05
CA ASP E 473 -17.88 -24.85 41.19
C ASP E 473 -18.88 -25.54 42.09
N HIS E 474 -19.87 -26.20 41.50
CA HIS E 474 -20.89 -26.87 42.31
C HIS E 474 -20.27 -27.91 43.24
N ALA E 475 -19.40 -28.75 42.69
CA ALA E 475 -18.78 -29.80 43.49
C ALA E 475 -17.92 -29.20 44.59
N LEU E 476 -17.14 -28.17 44.25
CA LEU E 476 -16.28 -27.56 45.27
C LEU E 476 -17.11 -26.98 46.41
N ILE E 477 -18.13 -26.20 46.10
CA ILE E 477 -18.89 -25.49 47.13
C ILE E 477 -19.69 -26.47 47.98
N ASN E 478 -20.27 -27.50 47.36
CA ASN E 478 -21.17 -28.37 48.11
C ASN E 478 -20.45 -29.50 48.84
N TYR E 479 -19.47 -30.14 48.21
CA TYR E 479 -18.93 -31.38 48.74
C TYR E 479 -17.51 -31.27 49.27
N ASN E 480 -16.86 -30.11 49.11
CA ASN E 480 -15.45 -29.94 49.47
C ASN E 480 -14.55 -30.90 48.70
N VAL E 481 -14.72 -30.94 47.39
CA VAL E 481 -13.85 -31.72 46.50
C VAL E 481 -13.42 -30.82 45.37
N LEU E 482 -12.12 -30.71 45.14
CA LEU E 482 -11.57 -29.81 44.14
C LEU E 482 -11.07 -30.64 42.96
N ILE E 483 -11.81 -30.59 41.86
CA ILE E 483 -11.35 -31.14 40.59
C ILE E 483 -10.99 -29.96 39.69
N THR E 484 -10.41 -30.24 38.55
CA THR E 484 -9.88 -29.19 37.70
C THR E 484 -10.45 -29.27 36.29
N ARG E 485 -10.19 -28.21 35.55
CA ARG E 485 -10.55 -28.11 34.15
C ARG E 485 -9.29 -28.15 33.32
N ASN E 486 -9.40 -28.69 32.11
CA ASN E 486 -8.25 -28.72 31.20
C ASN E 486 -8.00 -27.30 30.69
N THR E 487 -6.84 -26.76 31.03
CA THR E 487 -6.55 -25.34 30.81
C THR E 487 -5.76 -25.20 29.51
N ILE E 488 -6.47 -24.83 28.45
CA ILE E 488 -5.89 -24.66 27.13
C ILE E 488 -6.03 -23.21 26.70
N VAL E 489 -5.15 -22.76 25.82
CA VAL E 489 -5.23 -21.44 25.22
C VAL E 489 -5.55 -21.64 23.75
N LEU E 490 -6.84 -21.61 23.41
CA LEU E 490 -7.29 -22.13 22.12
C LEU E 490 -6.86 -21.26 20.94
N LYS E 491 -6.55 -19.99 21.15
CA LYS E 491 -6.06 -19.17 20.06
C LYS E 491 -4.63 -19.49 19.66
N GLN E 492 -3.96 -20.37 20.41
CA GLN E 492 -2.60 -20.78 20.10
C GLN E 492 -2.52 -22.16 19.46
N GLU E 493 -3.49 -23.03 19.71
CA GLU E 493 -3.46 -24.39 19.20
C GLU E 493 -3.64 -24.39 17.68
N THR E 494 -3.13 -25.45 17.05
CA THR E 494 -3.28 -25.61 15.61
C THR E 494 -3.79 -26.98 15.21
N LEU E 495 -4.23 -27.81 16.15
CA LEU E 495 -4.81 -29.11 15.92
C LEU E 495 -6.17 -29.20 16.62
N PRO E 496 -7.09 -30.00 16.11
CA PRO E 496 -8.43 -30.03 16.70
C PRO E 496 -8.42 -30.44 18.16
N ILE E 497 -9.17 -29.70 18.98
CA ILE E 497 -9.24 -29.95 20.41
C ILE E 497 -10.59 -29.43 20.90
N VAL E 498 -11.11 -30.06 21.94
CA VAL E 498 -12.39 -29.69 22.53
C VAL E 498 -12.19 -29.54 24.04
N PRO E 499 -12.83 -28.58 24.69
CA PRO E 499 -12.70 -28.45 26.15
C PRO E 499 -13.22 -29.67 26.89
N SER E 500 -12.59 -29.93 28.03
CA SER E 500 -12.83 -31.17 28.77
C SER E 500 -12.52 -30.95 30.24
N LEU E 501 -12.83 -31.97 31.04
CA LEU E 501 -12.50 -31.97 32.45
C LEU E 501 -11.24 -32.79 32.70
N LYS E 502 -10.90 -32.96 33.98
CA LYS E 502 -9.65 -33.59 34.36
C LYS E 502 -9.70 -33.96 35.84
N ILE E 503 -9.45 -35.22 36.14
CA ILE E 503 -9.43 -35.72 37.52
C ILE E 503 -8.16 -36.52 37.72
N CYS E 504 -7.31 -36.08 38.64
CA CYS E 504 -6.01 -36.69 38.86
C CYS E 504 -6.01 -37.50 40.14
N CYS E 505 -5.10 -38.46 40.22
CA CYS E 505 -4.91 -39.25 41.43
C CYS E 505 -3.43 -39.42 41.71
N ASN E 506 -3.08 -39.61 42.98
CA ASN E 506 -1.70 -39.82 43.38
C ASN E 506 -1.62 -41.01 44.34
N ALA E 507 -0.41 -41.31 44.79
CA ALA E 507 -0.13 -42.52 45.55
C ALA E 507 -0.16 -42.31 47.05
N ALA E 508 -0.95 -41.36 47.54
CA ALA E 508 -1.01 -41.11 48.98
C ALA E 508 -2.44 -40.90 49.46
N MET E 509 -3.41 -41.51 48.80
CA MET E 509 -4.82 -41.41 49.20
C MET E 509 -5.31 -42.78 49.65
N SER E 510 -6.20 -42.77 50.63
CA SER E 510 -6.89 -44.00 51.02
C SER E 510 -7.95 -44.32 49.98
N PRO E 511 -8.08 -45.59 49.56
CA PRO E 511 -9.05 -45.92 48.50
C PRO E 511 -10.47 -45.52 48.80
N GLU E 512 -10.90 -45.65 50.05
CA GLU E 512 -12.28 -45.33 50.40
C GLU E 512 -12.57 -43.84 50.22
N GLU E 513 -11.59 -43.00 50.57
CA GLU E 513 -11.77 -41.56 50.37
C GLU E 513 -11.93 -41.24 48.89
N LEU E 514 -11.13 -41.88 48.04
CA LEU E 514 -11.26 -41.68 46.61
C LEU E 514 -12.60 -42.16 46.10
N LYS E 515 -13.10 -43.28 46.63
CA LYS E 515 -14.40 -43.79 46.23
C LYS E 515 -15.51 -42.79 46.56
N ASN E 516 -15.47 -42.24 47.78
CA ASN E 516 -16.46 -41.25 48.17
C ASN E 516 -16.36 -40.00 47.30
N ALA E 517 -15.14 -39.58 47.00
CA ALA E 517 -14.95 -38.41 46.16
C ALA E 517 -15.50 -38.65 44.76
N CYS E 518 -15.30 -39.86 44.24
CA CYS E 518 -15.86 -40.22 42.94
C CYS E 518 -17.39 -40.13 42.97
N GLU E 519 -18.00 -40.63 44.04
CA GLU E 519 -19.45 -40.55 44.18
C GLU E 519 -19.91 -39.09 44.16
N SER E 520 -19.21 -38.23 44.90
CA SER E 520 -19.61 -36.83 44.97
C SER E 520 -19.50 -36.15 43.61
N VAL E 521 -18.40 -36.39 42.90
CA VAL E 521 -18.23 -35.78 41.58
C VAL E 521 -19.31 -36.29 40.63
N LYS E 522 -19.64 -37.58 40.73
CA LYS E 522 -20.67 -38.16 39.88
C LYS E 522 -22.01 -37.46 40.12
N GLN E 523 -22.38 -37.27 41.39
CA GLN E 523 -23.62 -36.58 41.70
C GLN E 523 -23.60 -35.15 41.20
N SER E 524 -22.45 -34.48 41.31
CA SER E 524 -22.34 -33.10 40.86
C SER E 524 -22.58 -32.99 39.35
N ILE E 525 -21.98 -33.90 38.58
CA ILE E 525 -22.17 -33.89 37.13
C ILE E 525 -23.63 -34.14 36.78
N LEU E 526 -24.24 -35.13 37.43
CA LEU E 526 -25.62 -35.46 37.14
C LEU E 526 -26.54 -34.28 37.46
N ALA E 527 -26.33 -33.65 38.62
CA ALA E 527 -27.18 -32.54 39.03
C ALA E 527 -27.06 -31.36 38.07
N CYS E 528 -25.83 -31.01 37.67
CA CYS E 528 -25.65 -29.85 36.82
C CYS E 528 -26.16 -30.12 35.40
N CYS E 529 -25.94 -31.34 34.90
CA CYS E 529 -26.31 -31.62 33.51
C CYS E 529 -27.82 -31.58 33.32
N GLN E 530 -28.58 -32.10 34.27
CA GLN E 530 -30.04 -32.12 34.19
C GLN E 530 -30.61 -30.70 34.12
N TYR F 7 37.13 -43.45 37.71
CA TYR F 7 38.33 -42.65 37.49
C TYR F 7 38.17 -41.75 36.27
N THR F 8 37.31 -42.18 35.35
CA THR F 8 37.01 -41.42 34.14
C THR F 8 35.72 -40.62 34.30
N ARG F 9 35.04 -40.75 35.45
CA ARG F 9 33.80 -40.06 35.72
C ARG F 9 34.03 -39.05 36.83
N VAL F 10 33.38 -37.89 36.73
CA VAL F 10 33.59 -36.78 37.65
C VAL F 10 33.23 -37.21 39.07
N PRO F 11 34.11 -37.01 40.04
CA PRO F 11 33.83 -37.47 41.40
C PRO F 11 32.83 -36.58 42.11
N LEU F 12 32.20 -37.17 43.13
CA LEU F 12 31.32 -36.43 44.02
C LEU F 12 32.04 -35.91 45.26
N CYS F 13 32.76 -34.79 45.12
CA CYS F 13 33.66 -34.31 46.16
C CYS F 13 32.95 -34.01 47.47
N GLU F 14 33.70 -33.99 48.58
CA GLU F 14 33.16 -33.86 49.92
C GLU F 14 33.40 -32.48 50.48
N PRO F 15 32.44 -31.91 51.23
CA PRO F 15 32.66 -30.60 51.85
C PRO F 15 33.65 -30.68 53.00
N GLU F 16 34.18 -29.52 53.37
CA GLU F 16 35.21 -29.44 54.41
C GLU F 16 34.61 -28.95 55.72
N GLU F 17 35.46 -28.88 56.75
CA GLU F 17 35.01 -28.46 58.08
C GLU F 17 34.96 -26.95 58.21
N LEU F 18 36.13 -26.30 58.12
CA LEU F 18 36.24 -24.85 57.92
C LEU F 18 35.39 -24.04 58.89
N PRO F 19 35.85 -23.85 60.13
CA PRO F 19 35.09 -23.03 61.10
C PRO F 19 34.52 -21.76 60.47
N ASP F 20 33.32 -21.40 60.94
CA ASP F 20 32.43 -20.43 60.31
C ASP F 20 33.12 -19.18 59.77
N ASP F 21 34.10 -18.66 60.50
CA ASP F 21 34.77 -17.44 60.07
C ASP F 21 35.47 -17.64 58.74
N ILE F 22 36.14 -18.79 58.59
CA ILE F 22 36.87 -19.07 57.35
C ILE F 22 35.90 -19.16 56.17
N GLN F 23 34.76 -19.83 56.35
CA GLN F 23 33.77 -19.91 55.28
C GLN F 23 33.19 -18.55 54.94
N LYS F 24 32.87 -17.75 55.95
CA LYS F 24 32.33 -16.42 55.68
C LYS F 24 33.32 -15.59 54.88
N GLU F 25 34.61 -15.70 55.21
CA GLU F 25 35.60 -14.97 54.44
C GLU F 25 35.80 -15.58 53.06
N ASN F 26 35.57 -16.88 52.91
CA ASN F 26 35.68 -17.54 51.62
C ASN F 26 34.61 -17.05 50.65
N GLU F 27 33.39 -16.82 51.15
CA GLU F 27 32.29 -16.46 50.26
C GLU F 27 32.13 -14.97 50.06
N TYR F 28 32.51 -14.13 51.02
CA TYR F 28 32.28 -12.69 50.93
C TYR F 28 33.40 -11.99 51.69
N GLY F 29 34.29 -11.31 50.95
CA GLY F 29 35.40 -10.61 51.54
C GLY F 29 35.00 -9.43 52.40
N THR F 30 35.52 -9.37 53.62
CA THR F 30 35.20 -8.28 54.53
C THR F 30 35.87 -6.99 54.08
N LEU F 31 35.13 -5.88 54.18
CA LEU F 31 35.66 -4.59 53.79
C LEU F 31 36.80 -4.19 54.72
N ASP F 32 37.81 -3.52 54.15
CA ASP F 32 38.98 -3.09 54.91
C ASP F 32 39.14 -1.59 55.05
N SER F 33 38.52 -0.83 54.14
CA SER F 33 38.65 0.62 54.17
C SER F 33 37.30 1.23 53.81
N PRO F 34 36.97 2.40 54.37
CA PRO F 34 35.74 3.09 53.96
C PRO F 34 35.91 3.97 52.73
N GLY F 35 37.14 4.15 52.25
CA GLY F 35 37.38 4.92 51.05
C GLY F 35 37.33 4.12 49.76
N HIS F 36 36.99 2.84 49.85
CA HIS F 36 36.89 1.96 48.69
C HIS F 36 35.44 1.79 48.24
N LEU F 37 34.64 2.85 48.36
CA LEU F 37 33.25 2.84 47.92
C LEU F 37 33.02 4.04 47.03
N TYR F 38 32.00 3.94 46.18
CA TYR F 38 31.68 5.03 45.25
C TYR F 38 30.18 5.06 45.05
N GLN F 39 29.56 6.22 45.30
CA GLN F 39 28.13 6.39 45.10
C GLN F 39 27.90 7.03 43.74
N VAL F 40 27.32 6.28 42.82
CA VAL F 40 27.16 6.76 41.45
C VAL F 40 26.10 7.86 41.41
N LYS F 41 26.13 8.63 40.33
CA LYS F 41 25.21 9.73 40.08
C LYS F 41 24.34 9.38 38.87
N SER F 42 23.35 10.23 38.61
CA SER F 42 22.52 10.06 37.43
C SER F 42 23.10 10.88 36.28
N ARG F 43 22.41 10.86 35.13
CA ARG F 43 22.86 11.61 33.97
C ARG F 43 21.86 12.69 33.55
N HIS F 44 20.73 12.80 34.25
CA HIS F 44 19.78 13.89 34.06
C HIS F 44 19.28 13.96 32.63
N GLY F 45 19.08 12.79 32.02
CA GLY F 45 18.50 12.68 30.70
C GLY F 45 19.49 12.82 29.56
N LYS F 46 20.75 13.10 29.85
CA LYS F 46 21.75 13.30 28.81
C LYS F 46 21.97 12.00 28.04
N PRO F 47 22.07 12.05 26.72
CA PRO F 47 22.31 10.83 25.93
C PRO F 47 23.77 10.42 25.97
N LEU F 48 24.06 9.28 25.35
CA LEU F 48 25.42 8.76 25.34
C LEU F 48 26.26 9.34 24.21
N PRO F 49 27.45 9.87 24.55
CA PRO F 49 28.36 10.42 23.56
C PRO F 49 28.89 9.30 22.67
N GLU F 50 29.13 9.61 21.39
CA GLU F 50 29.63 8.64 20.42
C GLU F 50 30.81 7.85 20.94
N PRO F 51 30.72 6.51 20.88
CA PRO F 51 31.75 5.59 21.34
C PRO F 51 33.11 5.84 20.68
N VAL F 52 34.18 5.68 21.44
CA VAL F 52 35.52 5.89 20.92
C VAL F 52 36.31 4.60 20.97
N VAL F 53 35.70 3.51 20.47
CA VAL F 53 36.39 2.22 20.45
C VAL F 53 37.76 2.32 19.80
N ASP F 54 38.75 1.70 20.44
CA ASP F 54 40.14 1.69 20.03
C ASP F 54 40.44 0.50 19.11
N THR F 55 41.64 0.51 18.54
CA THR F 55 42.07 -0.50 17.58
C THR F 55 43.54 -0.80 17.77
N PRO F 56 44.00 -1.98 17.35
CA PRO F 56 45.42 -2.30 17.43
C PRO F 56 46.13 -1.92 16.15
N PRO F 57 47.45 -2.11 16.07
CA PRO F 57 48.15 -1.88 14.81
C PRO F 57 47.71 -2.86 13.72
N TYR F 58 48.17 -2.59 12.49
CA TYR F 58 47.69 -3.35 11.35
C TYR F 58 48.30 -4.74 11.29
N TYR F 59 49.55 -4.90 11.74
CA TYR F 59 50.19 -6.21 11.59
C TYR F 59 49.50 -7.27 12.44
N ILE F 60 48.86 -6.86 13.53
CA ILE F 60 48.10 -7.81 14.34
C ILE F 60 46.91 -8.36 13.54
N SER F 61 46.18 -7.47 12.86
CA SER F 61 45.06 -7.92 12.04
C SER F 61 45.53 -8.84 10.92
N LEU F 62 46.63 -8.47 10.26
CA LEU F 62 47.14 -9.31 9.19
C LEU F 62 47.55 -10.69 9.70
N LEU F 63 48.20 -10.73 10.86
CA LEU F 63 48.62 -12.01 11.42
C LEU F 63 47.41 -12.87 11.77
N THR F 64 46.35 -12.24 12.29
CA THR F 64 45.13 -12.99 12.58
C THR F 64 44.56 -13.61 11.30
N TYR F 65 44.53 -12.84 10.23
CA TYR F 65 44.01 -13.37 8.97
C TYR F 65 44.83 -14.55 8.47
N LEU F 66 46.16 -14.45 8.54
CA LEU F 66 47.00 -15.59 8.15
C LEU F 66 46.71 -16.82 9.01
N ASN F 67 46.60 -16.62 10.32
CA ASN F 67 46.35 -17.75 11.21
C ASN F 67 45.07 -18.48 10.84
N TYR F 68 43.99 -17.72 10.63
CA TYR F 68 42.73 -18.35 10.30
C TYR F 68 42.78 -19.04 8.95
N LEU F 69 43.45 -18.44 7.97
CA LEU F 69 43.59 -19.08 6.66
C LEU F 69 44.27 -20.43 6.77
N ILE F 70 45.39 -20.48 7.48
CA ILE F 70 46.12 -21.74 7.65
C ILE F 70 45.23 -22.78 8.31
N LEU F 71 44.53 -22.37 9.37
CA LEU F 71 43.70 -23.31 10.12
C LEU F 71 42.62 -23.91 9.24
N ILE F 72 41.94 -23.07 8.46
CA ILE F 72 40.85 -23.54 7.62
C ILE F 72 41.36 -24.51 6.56
N ILE F 73 42.50 -24.17 5.93
CA ILE F 73 43.04 -25.03 4.89
C ILE F 73 43.34 -26.42 5.44
N LEU F 74 44.09 -26.47 6.55
CA LEU F 74 44.43 -27.77 7.13
C LEU F 74 43.20 -28.54 7.58
N GLY F 75 42.21 -27.84 8.15
CA GLY F 75 41.01 -28.53 8.60
C GLY F 75 40.27 -29.20 7.46
N HIS F 76 40.08 -28.48 6.35
CA HIS F 76 39.34 -29.05 5.24
C HIS F 76 40.12 -30.20 4.60
N VAL F 77 41.44 -30.06 4.50
CA VAL F 77 42.24 -31.15 3.94
C VAL F 77 42.12 -32.40 4.80
N HIS F 78 42.20 -32.23 6.12
CA HIS F 78 42.06 -33.35 7.03
C HIS F 78 40.70 -34.03 6.86
N ASP F 79 39.63 -33.22 6.81
CA ASP F 79 38.30 -33.77 6.66
C ASP F 79 38.19 -34.62 5.40
N PHE F 80 38.63 -34.07 4.27
CA PHE F 80 38.52 -34.78 3.00
C PHE F 80 39.29 -36.10 3.04
N LEU F 81 40.57 -36.04 3.42
CA LEU F 81 41.39 -37.24 3.42
C LEU F 81 40.84 -38.29 4.36
N GLY F 82 40.49 -37.89 5.58
CA GLY F 82 40.01 -38.84 6.57
C GLY F 82 38.72 -39.51 6.15
N MET F 83 37.76 -38.75 5.62
CA MET F 83 36.51 -39.37 5.22
C MET F 83 36.70 -40.28 4.02
N THR F 84 37.52 -39.88 3.04
CA THR F 84 37.65 -40.71 1.85
C THR F 84 38.47 -41.97 2.07
N PHE F 85 39.59 -41.90 2.80
CA PHE F 85 40.46 -43.07 2.93
C PHE F 85 40.11 -43.89 4.17
N GLN F 86 40.26 -43.28 5.35
CA GLN F 86 40.04 -43.98 6.62
C GLN F 86 38.59 -43.79 7.06
N LYS F 87 37.68 -44.41 6.31
CA LYS F 87 36.27 -44.36 6.66
C LYS F 87 35.89 -45.45 7.66
N ASN F 88 36.86 -46.23 8.12
CA ASN F 88 36.65 -47.20 9.18
C ASN F 88 36.45 -46.52 10.53
N LYS F 89 37.24 -45.48 10.81
CA LYS F 89 37.21 -44.78 12.08
C LYS F 89 36.48 -43.45 11.99
N HIS F 90 35.51 -43.35 11.10
CA HIS F 90 34.67 -42.17 10.94
C HIS F 90 33.22 -42.63 10.75
N LEU F 91 32.85 -43.68 11.47
CA LEU F 91 31.52 -44.26 11.34
C LEU F 91 30.36 -43.43 11.87
N ASP F 92 30.65 -42.35 12.58
CA ASP F 92 29.60 -41.49 13.11
C ASP F 92 29.26 -40.33 12.18
N LEU F 93 30.03 -40.12 11.12
CA LEU F 93 29.75 -39.09 10.14
C LEU F 93 29.24 -39.64 8.82
N LEU F 94 29.06 -40.95 8.71
CA LEU F 94 28.70 -41.63 7.48
C LEU F 94 27.37 -42.36 7.64
N GLU F 95 26.76 -42.69 6.51
CA GLU F 95 25.52 -43.44 6.52
C GLU F 95 25.76 -44.87 7.00
N HIS F 96 24.69 -45.50 7.47
CA HIS F 96 24.80 -46.84 8.04
C HIS F 96 23.44 -47.52 7.91
N ASP F 97 23.32 -48.40 6.93
CA ASP F 97 22.11 -49.20 6.71
C ASP F 97 20.90 -48.31 6.43
N GLY F 98 21.06 -47.45 5.43
CA GLY F 98 19.96 -46.59 5.00
C GLY F 98 19.47 -45.63 6.06
N LEU F 99 20.34 -45.17 6.94
CA LEU F 99 19.99 -44.18 7.95
C LEU F 99 21.00 -43.04 7.87
N ALA F 100 20.49 -41.83 7.64
CA ALA F 100 21.37 -40.68 7.58
C ALA F 100 22.03 -40.44 8.93
N PRO F 101 23.25 -39.90 8.95
CA PRO F 101 23.93 -39.66 10.22
C PRO F 101 23.21 -38.58 11.03
N TRP F 102 23.55 -38.51 12.32
CA TRP F 102 22.87 -37.58 13.22
C TRP F 102 23.06 -36.13 12.77
N PHE F 103 24.27 -35.78 12.34
CA PHE F 103 24.56 -34.43 11.90
C PHE F 103 25.56 -34.46 10.75
N SER F 104 25.51 -33.42 9.92
CA SER F 104 26.43 -33.30 8.80
C SER F 104 27.78 -32.80 9.28
N ASN F 105 28.83 -33.20 8.55
CA ASN F 105 30.20 -32.87 8.94
C ASN F 105 30.65 -31.47 8.54
N PHE F 106 29.96 -30.83 7.59
CA PHE F 106 30.35 -29.50 7.18
C PHE F 106 29.71 -28.41 8.01
N GLU F 107 28.51 -28.63 8.53
CA GLU F 107 27.81 -27.67 9.35
C GLU F 107 28.26 -27.74 10.81
N SER F 108 29.17 -28.66 11.11
CA SER F 108 29.85 -28.65 12.40
C SER F 108 31.36 -28.56 12.23
N PHE F 109 31.86 -27.91 11.18
CA PHE F 109 33.29 -27.87 10.90
C PHE F 109 34.04 -27.11 11.99
N TYR F 110 33.54 -25.93 12.36
CA TYR F 110 34.25 -25.09 13.30
C TYR F 110 34.38 -25.78 14.66
N VAL F 111 33.28 -26.36 15.14
CA VAL F 111 33.26 -26.99 16.46
C VAL F 111 34.39 -27.99 16.56
N ARG F 112 34.34 -29.05 15.76
CA ARG F 112 35.39 -30.06 15.83
C ARG F 112 36.75 -29.43 15.53
N ARG F 113 36.93 -28.97 14.28
CA ARG F 113 38.27 -28.72 13.76
C ARG F 113 38.98 -27.56 14.44
N ILE F 114 38.30 -26.73 15.22
CA ILE F 114 38.95 -25.58 15.83
C ILE F 114 38.76 -25.52 17.34
N LYS F 115 37.69 -26.10 17.89
CA LYS F 115 37.48 -26.04 19.33
C LYS F 115 37.65 -27.39 20.00
N MET F 116 38.09 -28.44 19.28
CA MET F 116 38.42 -29.67 19.98
C MET F 116 39.88 -29.75 20.39
N ARG F 117 40.61 -28.65 20.24
CA ARG F 117 42.01 -28.62 20.64
C ARG F 117 42.22 -27.70 21.84
N ILE F 118 41.23 -26.85 22.10
CA ILE F 118 41.28 -25.93 23.22
C ILE F 118 40.09 -26.18 24.13
N ASP F 119 39.50 -27.36 24.03
CA ASP F 119 38.26 -27.67 24.73
C ASP F 119 38.44 -27.75 26.24
N ASP F 120 39.67 -27.71 26.73
CA ASP F 120 39.93 -27.70 28.16
C ASP F 120 39.84 -26.30 28.76
N CYS F 121 39.61 -25.28 27.93
CA CYS F 121 39.37 -23.93 28.40
C CYS F 121 37.89 -23.61 28.60
N PHE F 122 37.01 -24.55 28.32
CA PHE F 122 35.57 -24.38 28.49
C PHE F 122 35.00 -25.49 29.35
N SER F 123 33.95 -25.16 30.09
CA SER F 123 33.18 -26.11 30.87
C SER F 123 34.05 -26.84 31.90
N ARG F 124 34.61 -26.05 32.80
CA ARG F 124 35.40 -26.61 33.88
C ARG F 124 34.49 -27.02 35.04
N PRO F 125 34.55 -28.26 35.50
CA PRO F 125 33.72 -28.67 36.64
C PRO F 125 34.14 -27.96 37.92
N THR F 126 33.16 -27.73 38.80
CA THR F 126 33.41 -27.05 40.06
C THR F 126 32.66 -27.73 41.19
N THR F 127 32.70 -27.14 42.38
CA THR F 127 31.98 -27.65 43.54
C THR F 127 31.81 -26.53 44.55
N GLY F 128 30.85 -26.70 45.44
CA GLY F 128 30.63 -25.69 46.47
C GLY F 128 30.00 -24.42 45.94
N VAL F 129 30.03 -23.40 46.77
CA VAL F 129 29.41 -22.11 46.48
C VAL F 129 30.25 -21.35 45.46
N PRO F 130 29.66 -20.82 44.40
CA PRO F 130 30.43 -20.04 43.42
C PRO F 130 30.68 -18.60 43.88
N GLY F 131 31.37 -18.46 45.00
CA GLY F 131 31.53 -17.16 45.60
C GLY F 131 32.82 -16.45 45.25
N ARG F 132 33.46 -15.87 46.27
CA ARG F 132 34.71 -15.15 46.06
C ARG F 132 35.82 -16.08 45.60
N PHE F 133 35.93 -17.25 46.23
CA PHE F 133 36.90 -18.27 45.83
C PHE F 133 36.14 -19.49 45.38
N ILE F 134 36.38 -19.93 44.15
CA ILE F 134 35.67 -21.06 43.56
C ILE F 134 36.60 -22.27 43.59
N ARG F 135 36.06 -23.43 43.93
CA ARG F 135 36.86 -24.65 43.99
C ARG F 135 36.70 -25.43 42.69
N CYS F 136 37.81 -25.72 42.04
CA CYS F 136 37.81 -26.37 40.74
C CYS F 136 38.33 -27.79 40.89
N ILE F 137 37.80 -28.70 40.07
CA ILE F 137 38.27 -30.07 40.02
C ILE F 137 39.25 -30.18 38.85
N ASP F 138 40.47 -30.61 39.13
CA ASP F 138 41.50 -30.67 38.10
C ASP F 138 41.29 -31.87 37.18
N ARG F 139 41.67 -31.70 35.92
CA ARG F 139 41.54 -32.76 34.94
C ARG F 139 42.86 -32.93 34.22
N ILE F 140 43.11 -34.16 33.77
CA ILE F 140 44.25 -34.48 32.91
C ILE F 140 43.70 -34.82 31.54
N SER F 141 44.19 -34.13 30.51
CA SER F 141 43.70 -34.32 29.16
C SER F 141 44.55 -35.31 28.37
N HIS F 142 43.85 -36.19 27.66
CA HIS F 142 44.46 -37.21 26.84
C HIS F 142 44.28 -36.97 25.35
N ASN F 143 45.35 -37.22 24.60
CA ASN F 143 45.33 -37.09 23.14
C ASN F 143 44.67 -35.82 22.65
N ILE F 144 45.25 -34.67 23.01
CA ILE F 144 44.73 -33.36 22.62
C ILE F 144 43.23 -33.22 22.88
N ASN F 145 42.86 -33.25 24.16
CA ASN F 145 41.47 -33.11 24.58
C ASN F 145 40.51 -34.02 23.83
N GLU F 146 40.73 -35.32 23.91
CA GLU F 146 39.86 -36.28 23.27
C GLU F 146 38.85 -36.70 24.34
N TYR F 147 39.35 -36.85 25.56
CA TYR F 147 38.56 -37.21 26.72
C TYR F 147 39.41 -36.89 27.93
N PHE F 148 38.77 -36.57 29.05
CA PHE F 148 39.48 -36.19 30.27
C PHE F 148 39.37 -37.30 31.30
N THR F 149 40.37 -37.36 32.19
CA THR F 149 40.33 -38.24 33.35
C THR F 149 40.55 -37.40 34.60
N TYR F 150 40.02 -37.89 35.72
CA TYR F 150 39.89 -37.08 36.93
C TYR F 150 40.59 -37.74 38.10
N SER F 151 41.44 -36.96 38.77
CA SER F 151 41.99 -37.36 40.06
C SER F 151 41.02 -36.90 41.14
N GLY F 152 41.46 -36.94 42.41
CA GLY F 152 40.64 -36.48 43.50
C GLY F 152 40.96 -35.11 44.02
N ALA F 153 41.85 -34.37 43.37
CA ALA F 153 42.32 -33.10 43.90
C ALA F 153 41.32 -31.98 43.62
N VAL F 154 41.20 -31.08 44.58
CA VAL F 154 40.35 -29.90 44.46
C VAL F 154 41.13 -28.71 45.02
N TYR F 155 41.21 -27.64 44.24
CA TYR F 155 41.96 -26.45 44.67
C TYR F 155 41.13 -25.20 44.41
N PRO F 156 41.28 -24.17 45.25
CA PRO F 156 40.51 -22.95 45.06
C PRO F 156 41.19 -21.95 44.13
N CYS F 157 40.36 -21.22 43.40
CA CYS F 157 40.82 -20.16 42.50
C CYS F 157 40.00 -18.91 42.78
N MET F 158 40.50 -17.78 42.33
CA MET F 158 39.79 -16.51 42.49
C MET F 158 38.78 -16.39 41.36
N ASN F 159 37.53 -16.08 41.71
CA ASN F 159 36.43 -16.13 40.77
C ASN F 159 36.29 -14.82 40.01
N LEU F 160 36.35 -14.91 38.69
CA LEU F 160 36.13 -13.76 37.82
C LEU F 160 35.29 -14.18 36.62
N SER F 161 34.45 -15.18 36.80
CA SER F 161 33.71 -15.75 35.68
C SER F 161 32.21 -15.88 35.91
N SER F 162 31.74 -16.05 37.13
CA SER F 162 30.32 -16.30 37.34
C SER F 162 29.57 -14.99 37.57
N TYR F 163 28.27 -15.02 37.28
CA TYR F 163 27.40 -13.86 37.41
C TYR F 163 26.97 -13.72 38.86
N ASN F 164 27.74 -12.98 39.63
CA ASN F 164 27.49 -12.81 41.07
C ASN F 164 27.68 -11.35 41.45
N TYR F 165 27.03 -10.45 40.71
CA TYR F 165 27.37 -9.02 40.77
C TYR F 165 27.35 -8.48 42.19
N LEU F 166 26.28 -8.73 42.94
CA LEU F 166 26.16 -8.16 44.28
C LEU F 166 26.56 -9.13 45.38
N GLY F 167 27.14 -10.27 45.05
CA GLY F 167 27.59 -11.20 46.07
C GLY F 167 26.51 -11.80 46.93
N PHE F 168 25.35 -12.10 46.34
CA PHE F 168 24.27 -12.75 47.07
C PHE F 168 24.37 -14.27 47.03
N ALA F 169 25.37 -14.81 46.33
CA ALA F 169 25.55 -16.26 46.23
C ALA F 169 26.43 -16.72 47.40
N GLN F 170 25.78 -16.98 48.52
CA GLN F 170 26.46 -17.46 49.72
C GLN F 170 25.57 -18.49 50.38
N SER F 171 26.06 -19.07 51.48
CA SER F 171 25.33 -20.09 52.19
C SER F 171 25.30 -19.83 53.69
N LYS F 172 25.61 -18.60 54.10
CA LYS F 172 25.57 -18.25 55.53
C LYS F 172 24.93 -16.90 55.77
N GLY F 173 24.23 -16.35 54.76
CA GLY F 173 23.53 -15.11 54.90
C GLY F 173 22.15 -15.28 55.51
N GLN F 174 21.36 -14.21 55.44
CA GLN F 174 19.99 -14.28 55.91
C GLN F 174 19.05 -14.89 54.87
N CYS F 175 19.33 -14.66 53.60
CA CYS F 175 18.49 -15.21 52.55
C CYS F 175 18.53 -16.74 52.59
N THR F 176 19.71 -17.32 52.83
CA THR F 176 19.78 -18.78 52.92
C THR F 176 18.88 -19.30 54.03
N ASP F 177 18.83 -18.58 55.15
CA ASP F 177 17.92 -18.97 56.22
C ASP F 177 16.47 -18.83 55.79
N ALA F 178 16.16 -17.79 55.02
CA ALA F 178 14.81 -17.67 54.46
C ALA F 178 14.49 -18.87 53.59
N ALA F 179 15.45 -19.30 52.76
CA ALA F 179 15.23 -20.45 51.91
C ALA F 179 14.99 -21.71 52.72
N LEU F 180 15.77 -21.90 53.80
CA LEU F 180 15.58 -23.08 54.64
C LEU F 180 14.21 -23.08 55.30
N GLU F 181 13.77 -21.92 55.79
CA GLU F 181 12.44 -21.86 56.40
C GLU F 181 11.35 -22.11 55.37
N SER F 182 11.54 -21.64 54.14
CA SER F 182 10.58 -21.91 53.09
C SER F 182 10.53 -23.41 52.76
N VAL F 183 11.69 -24.07 52.75
CA VAL F 183 11.70 -25.51 52.57
C VAL F 183 10.89 -26.20 53.66
N ASP F 184 11.09 -25.77 54.91
CA ASP F 184 10.37 -26.38 56.02
C ASP F 184 8.87 -26.14 55.91
N LYS F 185 8.47 -24.93 55.52
CA LYS F 185 7.07 -24.56 55.56
C LYS F 185 6.29 -25.00 54.33
N TYR F 186 6.74 -24.71 53.12
CA TYR F 186 5.89 -25.06 52.00
C TYR F 186 6.20 -26.43 51.44
N SER F 187 7.27 -26.53 50.64
CA SER F 187 7.75 -27.79 50.08
C SER F 187 8.86 -27.50 49.08
N ILE F 188 9.44 -28.54 48.49
CA ILE F 188 10.28 -28.36 47.31
C ILE F 188 9.50 -28.68 46.04
N GLN F 189 8.25 -29.12 46.15
CA GLN F 189 7.48 -29.60 45.01
C GLN F 189 6.36 -28.62 44.70
N SER F 190 6.03 -28.51 43.42
CA SER F 190 4.91 -27.70 42.97
C SER F 190 3.80 -28.61 42.45
N GLY F 191 2.59 -28.08 42.44
CA GLY F 191 1.44 -28.86 41.98
C GLY F 191 1.42 -29.02 40.48
N GLY F 192 1.25 -27.93 39.77
CA GLY F 192 1.19 -27.94 38.34
C GLY F 192 1.37 -26.54 37.79
N PRO F 193 0.79 -26.27 36.63
CA PRO F 193 0.87 -24.92 36.06
C PRO F 193 0.20 -23.89 36.96
N ARG F 194 0.54 -22.62 36.70
CA ARG F 194 -0.04 -21.54 37.49
C ARG F 194 -1.54 -21.44 37.30
N ALA F 195 -2.01 -21.66 36.08
CA ALA F 195 -3.43 -21.50 35.78
C ALA F 195 -4.26 -22.67 36.27
N GLN F 196 -3.67 -23.71 36.84
CA GLN F 196 -4.42 -24.88 37.28
C GLN F 196 -4.41 -25.05 38.79
N ILE F 197 -3.26 -25.30 39.40
CA ILE F 197 -3.20 -25.42 40.85
C ILE F 197 -1.94 -24.79 41.41
N GLY F 198 -1.06 -24.30 40.55
CA GLY F 198 0.29 -24.01 40.94
C GLY F 198 0.53 -22.76 41.75
N THR F 199 -0.49 -21.96 42.01
CA THR F 199 -0.30 -20.66 42.64
C THR F 199 -0.42 -20.77 44.15
N THR F 200 0.52 -20.16 44.85
CA THR F 200 0.47 -19.98 46.29
C THR F 200 0.45 -18.48 46.60
N ASP F 201 0.36 -18.14 47.88
CA ASP F 201 0.41 -16.73 48.26
C ASP F 201 1.80 -16.15 48.10
N LEU F 202 2.83 -17.00 48.15
CA LEU F 202 4.20 -16.54 47.98
C LEU F 202 4.40 -15.95 46.58
N HIS F 203 3.79 -16.58 45.57
CA HIS F 203 3.87 -16.04 44.22
C HIS F 203 3.25 -14.65 44.16
N ILE F 204 2.12 -14.47 44.84
CA ILE F 204 1.42 -13.19 44.83
C ILE F 204 2.28 -12.11 45.50
N LYS F 205 2.87 -12.46 46.64
CA LYS F 205 3.73 -11.51 47.34
C LYS F 205 4.93 -11.12 46.48
N ALA F 206 5.54 -12.11 45.81
CA ALA F 206 6.68 -11.83 44.96
C ALA F 206 6.31 -10.92 43.80
N GLU F 207 5.16 -11.17 43.17
CA GLU F 207 4.74 -10.33 42.06
C GLU F 207 4.50 -8.90 42.51
N LYS F 208 3.82 -8.73 43.65
CA LYS F 208 3.59 -7.38 44.16
C LYS F 208 4.90 -6.67 44.49
N LEU F 209 5.83 -7.39 45.12
CA LEU F 209 7.06 -6.75 45.54
C LEU F 209 7.92 -6.38 44.35
N VAL F 210 7.95 -7.22 43.32
CA VAL F 210 8.70 -6.89 42.10
C VAL F 210 8.08 -5.67 41.43
N ALA F 211 6.74 -5.64 41.31
CA ALA F 211 6.08 -4.52 40.65
C ALA F 211 6.36 -3.22 41.40
N ARG F 212 6.35 -3.26 42.73
CA ARG F 212 6.68 -2.07 43.50
C ARG F 212 8.13 -1.66 43.33
N PHE F 213 9.04 -2.63 43.29
CA PHE F 213 10.46 -2.33 43.15
C PHE F 213 10.76 -1.65 41.82
N ILE F 214 10.23 -2.19 40.73
CA ILE F 214 10.57 -1.66 39.41
C ILE F 214 9.99 -0.25 39.25
N GLY F 215 8.72 -0.08 39.58
CA GLY F 215 8.07 1.21 39.41
C GLY F 215 6.88 1.15 38.48
N LYS F 216 6.45 -0.05 38.14
CA LYS F 216 5.32 -0.27 37.26
C LYS F 216 4.09 -0.65 38.10
N GLU F 217 3.00 -1.03 37.43
CA GLU F 217 1.76 -1.33 38.12
C GLU F 217 1.55 -2.80 38.41
N ASP F 218 2.06 -3.70 37.58
CA ASP F 218 1.85 -5.12 37.77
C ASP F 218 2.99 -5.90 37.15
N ALA F 219 3.10 -7.17 37.52
CA ALA F 219 4.18 -8.02 37.03
C ALA F 219 3.80 -9.48 37.17
N LEU F 220 4.51 -10.32 36.42
CA LEU F 220 4.41 -11.78 36.50
C LEU F 220 5.80 -12.34 36.78
N VAL F 221 5.84 -13.56 37.31
CA VAL F 221 7.11 -14.25 37.55
C VAL F 221 7.05 -15.64 36.95
N PHE F 222 8.14 -16.03 36.29
CA PHE F 222 8.27 -17.32 35.64
C PHE F 222 9.48 -18.05 36.23
N SER F 223 9.67 -19.30 35.82
CA SER F 223 10.72 -20.15 36.38
C SER F 223 11.95 -20.23 35.49
N MET F 224 12.02 -19.46 34.42
CA MET F 224 13.14 -19.54 33.50
C MET F 224 13.12 -18.31 32.61
N GLY F 225 14.30 -17.72 32.39
CA GLY F 225 14.40 -16.50 31.61
C GLY F 225 14.36 -16.73 30.12
N TYR F 226 15.10 -17.76 29.69
CA TYR F 226 15.06 -18.17 28.29
C TYR F 226 13.62 -18.45 27.85
N GLY F 227 12.87 -19.17 28.68
CA GLY F 227 11.49 -19.48 28.33
C GLY F 227 10.62 -18.24 28.25
N THR F 228 10.83 -17.29 29.15
CA THR F 228 10.09 -16.04 29.14
C THR F 228 10.25 -15.34 27.81
N ASN F 229 11.50 -15.10 27.40
CA ASN F 229 11.74 -14.42 26.13
C ASN F 229 11.23 -15.25 24.96
N ALA F 230 11.33 -16.57 25.05
CA ALA F 230 10.94 -17.40 23.93
C ALA F 230 9.44 -17.42 23.71
N ASN F 231 8.65 -17.23 24.77
CA ASN F 231 7.20 -17.39 24.67
C ASN F 231 6.41 -16.10 24.84
N LEU F 232 7.07 -14.95 24.93
CA LEU F 232 6.30 -13.70 25.02
C LEU F 232 5.75 -13.19 23.68
N PHE F 233 6.65 -12.98 22.71
CA PHE F 233 6.24 -12.36 21.45
C PHE F 233 5.23 -13.23 20.71
N ASN F 234 5.35 -14.54 20.88
CA ASN F 234 4.35 -15.46 20.36
C ASN F 234 2.96 -15.03 20.81
N ALA F 235 2.83 -14.70 22.09
CA ALA F 235 1.52 -14.38 22.65
C ALA F 235 1.01 -13.05 22.11
N PHE F 236 1.85 -12.01 22.07
CA PHE F 236 1.27 -10.71 21.75
C PHE F 236 1.60 -10.15 20.37
N LEU F 237 2.17 -10.93 19.46
CA LEU F 237 2.47 -10.44 18.11
C LEU F 237 1.85 -11.36 17.06
N ASP F 238 2.17 -11.07 15.80
CA ASP F 238 1.59 -11.76 14.66
C ASP F 238 2.50 -11.59 13.45
N LYS F 239 2.05 -12.02 12.28
CA LYS F 239 2.86 -11.99 11.07
C LYS F 239 2.60 -10.76 10.21
N LYS F 240 1.74 -9.85 10.66
CA LYS F 240 1.51 -8.59 9.95
C LYS F 240 2.19 -7.42 10.66
N CYS F 241 2.96 -7.69 11.69
CA CYS F 241 3.66 -6.67 12.45
C CYS F 241 5.15 -6.75 12.15
N LEU F 242 5.85 -5.64 12.38
CA LEU F 242 7.28 -5.57 12.13
C LEU F 242 8.02 -5.37 13.44
N VAL F 243 9.21 -5.95 13.54
CA VAL F 243 10.08 -5.84 14.70
C VAL F 243 11.41 -5.28 14.24
N ILE F 244 11.88 -4.23 14.90
CA ILE F 244 13.20 -3.66 14.66
C ILE F 244 14.02 -3.99 15.91
N SER F 245 14.99 -4.89 15.76
CA SER F 245 15.81 -5.32 16.89
C SER F 245 17.26 -4.95 16.62
N ASP F 246 18.00 -4.66 17.69
CA ASP F 246 19.42 -4.40 17.60
C ASP F 246 20.13 -5.63 17.04
N GLU F 247 21.31 -5.44 16.47
CA GLU F 247 22.02 -6.56 15.88
C GLU F 247 22.80 -7.39 16.88
N LEU F 248 22.87 -6.97 18.14
CA LEU F 248 23.62 -7.69 19.17
C LEU F 248 22.70 -8.31 20.22
N ASN F 249 21.42 -8.50 19.92
CA ASN F 249 20.48 -8.98 20.91
C ASN F 249 20.76 -10.44 21.27
N HIS F 250 20.26 -10.84 22.43
CA HIS F 250 20.46 -12.18 22.95
C HIS F 250 19.74 -13.20 22.07
N THR F 251 20.07 -14.47 22.29
CA THR F 251 19.51 -15.54 21.46
C THR F 251 18.04 -15.81 21.78
N SER F 252 17.64 -15.64 23.04
CA SER F 252 16.27 -15.94 23.42
C SER F 252 15.29 -14.98 22.76
N ILE F 253 15.67 -13.71 22.63
CA ILE F 253 14.84 -12.76 21.90
C ILE F 253 14.66 -13.20 20.46
N ARG F 254 15.74 -13.64 19.83
CA ARG F 254 15.67 -14.07 18.44
C ARG F 254 14.78 -15.30 18.29
N THR F 255 14.89 -16.26 19.21
CA THR F 255 14.04 -17.44 19.16
C THR F 255 12.57 -17.06 19.33
N GLY F 256 12.28 -16.19 20.29
CA GLY F 256 10.90 -15.79 20.53
C GLY F 256 10.30 -15.04 19.36
N VAL F 257 11.08 -14.17 18.73
CA VAL F 257 10.59 -13.44 17.57
C VAL F 257 10.41 -14.39 16.38
N ARG F 258 11.33 -15.35 16.23
CA ARG F 258 11.24 -16.31 15.14
C ARG F 258 9.99 -17.17 15.26
N LEU F 259 9.62 -17.54 16.48
CA LEU F 259 8.50 -18.45 16.66
C LEU F 259 7.15 -17.77 16.44
N SER F 260 7.10 -16.44 16.33
CA SER F 260 5.84 -15.74 16.14
C SER F 260 5.47 -15.62 14.66
N GLY F 261 6.33 -14.99 13.87
CA GLY F 261 6.09 -14.90 12.45
C GLY F 261 6.33 -13.51 11.89
N ALA F 262 6.55 -12.54 12.77
CA ALA F 262 6.64 -11.15 12.34
C ALA F 262 7.87 -10.92 11.47
N ALA F 263 7.80 -9.90 10.62
CA ALA F 263 8.95 -9.48 9.86
C ALA F 263 9.98 -8.84 10.78
N VAL F 264 11.26 -9.02 10.44
CA VAL F 264 12.36 -8.56 11.29
C VAL F 264 13.31 -7.74 10.45
N ARG F 265 13.77 -6.62 11.00
CA ARG F 265 14.87 -5.84 10.43
C ARG F 265 15.79 -5.43 11.56
N THR F 266 17.09 -5.37 11.28
CA THR F 266 18.08 -5.05 12.29
C THR F 266 18.81 -3.77 11.90
N PHE F 267 19.26 -3.04 12.92
CA PHE F 267 20.06 -1.84 12.71
C PHE F 267 21.40 -1.98 13.42
N LYS F 268 22.37 -1.21 12.94
CA LYS F 268 23.73 -1.31 13.46
C LYS F 268 23.78 -0.92 14.93
N HIS F 269 24.73 -1.48 15.67
CA HIS F 269 24.78 -1.29 17.11
C HIS F 269 25.19 0.14 17.44
N GLY F 270 24.41 0.79 18.29
CA GLY F 270 24.71 2.14 18.72
C GLY F 270 24.71 3.17 17.60
N ASP F 271 23.72 3.10 16.71
CA ASP F 271 23.62 4.03 15.59
C ASP F 271 22.16 4.47 15.52
N MET F 272 21.92 5.77 15.77
CA MET F 272 20.55 6.26 15.89
C MET F 272 20.02 6.91 14.62
N VAL F 273 20.90 7.56 13.84
CA VAL F 273 20.46 8.11 12.56
C VAL F 273 19.98 6.98 11.65
N GLY F 274 20.70 5.85 11.67
CA GLY F 274 20.27 4.70 10.90
C GLY F 274 18.94 4.15 11.39
N LEU F 275 18.73 4.16 12.71
CA LEU F 275 17.45 3.69 13.24
C LEU F 275 16.30 4.57 12.76
N GLU F 276 16.47 5.89 12.83
CA GLU F 276 15.41 6.79 12.39
C GLU F 276 15.15 6.64 10.90
N LYS F 277 16.22 6.55 10.11
CA LYS F 277 16.06 6.35 8.67
C LYS F 277 15.30 5.06 8.37
N LEU F 278 15.65 3.99 9.06
CA LEU F 278 15.00 2.70 8.86
C LEU F 278 13.52 2.77 9.24
N ILE F 279 13.22 3.45 10.34
CA ILE F 279 11.83 3.59 10.77
C ILE F 279 11.01 4.31 9.71
N ARG F 280 11.54 5.43 9.22
CA ARG F 280 10.83 6.22 8.21
C ARG F 280 10.61 5.39 6.94
N GLU F 281 11.67 4.73 6.47
CA GLU F 281 11.58 3.95 5.25
C GLU F 281 10.57 2.81 5.37
N GLN F 282 10.59 2.12 6.51
CA GLN F 282 9.69 0.98 6.67
C GLN F 282 8.25 1.42 6.88
N ILE F 283 8.04 2.60 7.46
CA ILE F 283 6.68 3.13 7.55
C ILE F 283 6.16 3.47 6.16
N VAL F 284 7.01 4.08 5.33
CA VAL F 284 6.59 4.45 3.98
C VAL F 284 6.30 3.21 3.15
N LEU F 285 7.18 2.20 3.20
CA LEU F 285 7.07 1.07 2.29
C LEU F 285 5.85 0.21 2.58
N GLY F 286 5.62 -0.14 3.84
CA GLY F 286 4.52 -0.99 4.19
C GLY F 286 4.87 -2.47 4.12
N GLN F 287 3.84 -3.29 4.23
CA GLN F 287 4.04 -4.73 4.21
C GLN F 287 4.62 -5.16 2.87
N PRO F 288 5.43 -6.21 2.86
CA PRO F 288 5.95 -6.72 1.58
C PRO F 288 4.87 -7.41 0.78
N LYS F 289 4.93 -7.23 -0.54
CA LYS F 289 4.07 -7.88 -1.52
C LYS F 289 2.65 -7.30 -1.54
N THR F 290 2.32 -6.44 -0.57
CA THR F 290 1.00 -5.83 -0.53
C THR F 290 1.06 -4.33 -0.30
N ASN F 291 2.11 -3.84 0.36
CA ASN F 291 2.30 -2.42 0.65
C ASN F 291 1.16 -1.82 1.45
N ARG F 292 0.40 -2.65 2.14
CA ARG F 292 -0.57 -2.18 3.12
C ARG F 292 0.16 -1.63 4.33
N PRO F 293 -0.50 -0.79 5.12
CA PRO F 293 0.16 -0.24 6.30
C PRO F 293 0.53 -1.34 7.30
N TRP F 294 1.68 -1.16 7.95
CA TRP F 294 2.06 -2.06 9.02
C TRP F 294 1.06 -1.96 10.16
N LYS F 295 0.60 -3.11 10.64
CA LYS F 295 -0.35 -3.12 11.75
C LYS F 295 0.27 -2.67 13.07
N LYS F 296 1.59 -2.82 13.22
CA LYS F 296 2.24 -2.57 14.50
C LYS F 296 3.75 -2.56 14.31
N ILE F 297 4.47 -1.75 15.08
CA ILE F 297 5.93 -1.72 15.02
C ILE F 297 6.47 -1.75 16.44
N LEU F 298 7.39 -2.67 16.70
CA LEU F 298 7.98 -2.87 18.02
C LEU F 298 9.49 -2.77 17.91
N ILE F 299 10.09 -2.04 18.83
CA ILE F 299 11.54 -1.84 18.87
C ILE F 299 12.08 -2.58 20.08
N CYS F 300 13.01 -3.50 19.85
CA CYS F 300 13.60 -4.30 20.92
C CYS F 300 15.04 -3.88 21.17
N ALA F 301 15.42 -3.87 22.45
CA ALA F 301 16.77 -3.50 22.82
C ALA F 301 17.15 -4.12 24.16
N GLU F 302 18.37 -3.85 24.62
CA GLU F 302 18.87 -4.42 25.87
C GLU F 302 19.43 -3.31 26.73
N GLY F 303 19.29 -3.46 28.04
CA GLY F 303 19.81 -2.46 28.95
C GLY F 303 21.31 -2.33 28.89
N LEU F 304 22.01 -3.46 28.92
CA LEU F 304 23.47 -3.48 28.88
C LEU F 304 23.91 -4.71 28.11
N PHE F 305 24.60 -4.52 26.99
CA PHE F 305 25.02 -5.63 26.17
C PHE F 305 26.26 -6.28 26.76
N SER F 306 26.11 -7.53 27.22
CA SER F 306 27.18 -8.18 27.97
C SER F 306 28.16 -8.94 27.11
N MET F 307 28.65 -8.32 26.05
CA MET F 307 29.84 -8.79 25.36
C MET F 307 30.66 -7.56 24.98
N GLU F 308 30.02 -6.41 25.07
CA GLU F 308 30.63 -5.12 24.77
C GLU F 308 30.75 -4.23 26.00
N GLY F 309 29.87 -4.38 26.97
CA GLY F 309 29.90 -3.54 28.15
C GLY F 309 29.31 -2.17 27.94
N THR F 310 28.59 -1.95 26.86
CA THR F 310 28.00 -0.67 26.54
C THR F 310 26.55 -0.63 26.98
N LEU F 311 25.94 0.55 26.87
CA LEU F 311 24.56 0.77 27.24
C LEU F 311 23.73 1.04 26.00
N CYS F 312 22.44 1.28 26.21
CA CYS F 312 21.52 1.63 25.13
C CYS F 312 21.12 3.08 25.30
N ASN F 313 21.04 3.81 24.20
CA ASN F 313 20.67 5.22 24.26
C ASN F 313 19.19 5.36 24.56
N LEU F 314 18.81 5.13 25.81
CA LEU F 314 17.39 5.12 26.16
C LEU F 314 16.68 6.44 25.89
N PRO F 315 17.25 7.63 26.22
CA PRO F 315 16.53 8.87 25.92
C PRO F 315 16.16 9.01 24.46
N LYS F 316 17.10 8.72 23.56
CA LYS F 316 16.83 8.86 22.14
C LYS F 316 15.81 7.83 21.67
N LEU F 317 15.85 6.62 22.23
CA LEU F 317 14.86 5.61 21.89
C LEU F 317 13.46 6.07 22.28
N VAL F 318 13.34 6.67 23.46
CA VAL F 318 12.04 7.16 23.91
C VAL F 318 11.56 8.30 23.02
N GLU F 319 12.49 9.20 22.66
CA GLU F 319 12.12 10.29 21.75
C GLU F 319 11.59 9.76 20.42
N LEU F 320 12.30 8.79 19.84
CA LEU F 320 11.89 8.25 18.55
C LEU F 320 10.55 7.52 18.65
N LYS F 321 10.35 6.76 19.72
CA LYS F 321 9.09 6.03 19.85
C LYS F 321 7.92 6.98 20.08
N LYS F 322 8.16 8.09 20.77
CA LYS F 322 7.09 9.06 20.97
C LYS F 322 6.80 9.84 19.70
N LYS F 323 7.84 10.11 18.90
CA LYS F 323 7.65 10.85 17.66
C LYS F 323 6.96 10.03 16.58
N TYR F 324 7.33 8.75 16.41
CA TYR F 324 6.79 7.94 15.34
C TYR F 324 5.73 6.94 15.78
N LYS F 325 5.35 6.94 17.06
CA LYS F 325 4.29 6.08 17.59
C LYS F 325 4.64 4.60 17.47
N CYS F 326 5.86 4.25 17.85
CA CYS F 326 6.29 2.86 17.92
C CYS F 326 6.04 2.33 19.33
N TYR F 327 6.60 1.17 19.64
CA TYR F 327 6.53 0.58 20.96
C TYR F 327 7.93 0.19 21.40
N LEU F 328 8.14 0.07 22.71
CA LEU F 328 9.46 -0.20 23.26
C LEU F 328 9.45 -1.45 24.12
N PHE F 329 10.54 -2.20 24.03
CA PHE F 329 10.73 -3.41 24.83
C PHE F 329 12.20 -3.44 25.24
N ILE F 330 12.45 -3.51 26.55
CA ILE F 330 13.81 -3.44 27.08
C ILE F 330 14.06 -4.71 27.89
N ASP F 331 15.22 -5.31 27.64
CA ASP F 331 15.62 -6.53 28.34
C ASP F 331 16.72 -6.16 29.33
N GLU F 332 16.35 -6.07 30.60
CA GLU F 332 17.29 -5.68 31.65
C GLU F 332 17.72 -6.92 32.42
N ALA F 333 18.59 -7.73 31.83
CA ALA F 333 19.13 -8.88 32.54
C ALA F 333 20.37 -8.57 33.33
N HIS F 334 21.28 -7.76 32.78
CA HIS F 334 22.49 -7.36 33.47
C HIS F 334 22.37 -5.98 34.11
N SER F 335 21.26 -5.26 33.87
CA SER F 335 21.14 -3.90 34.37
C SER F 335 20.46 -3.85 35.74
N ILE F 336 19.36 -4.58 35.89
CA ILE F 336 18.60 -4.51 37.13
C ILE F 336 19.44 -5.03 38.28
N GLY F 337 19.35 -4.35 39.41
CA GLY F 337 20.02 -4.74 40.62
C GLY F 337 21.46 -4.29 40.73
N ALA F 338 22.17 -4.16 39.60
CA ALA F 338 23.60 -3.88 39.64
C ALA F 338 23.98 -2.51 39.14
N MET F 339 23.05 -1.72 38.62
CA MET F 339 23.35 -0.39 38.11
C MET F 339 22.30 0.60 38.60
N GLY F 340 22.69 1.88 38.61
CA GLY F 340 21.85 2.94 39.09
C GLY F 340 22.26 3.37 40.48
N PRO F 341 21.88 4.59 40.86
CA PRO F 341 22.16 5.04 42.23
C PRO F 341 21.60 4.11 43.29
N THR F 342 20.43 3.55 43.06
CA THR F 342 19.77 2.68 44.03
C THR F 342 19.58 1.26 43.53
N GLY F 343 20.03 0.95 42.32
CA GLY F 343 19.93 -0.40 41.79
C GLY F 343 18.71 -0.68 40.95
N ARG F 344 18.08 0.34 40.38
CA ARG F 344 16.83 0.17 39.66
C ARG F 344 17.02 -0.08 38.17
N GLY F 345 18.23 0.05 37.63
CA GLY F 345 18.44 -0.25 36.23
C GLY F 345 18.80 0.94 35.37
N VAL F 346 18.42 0.91 34.09
CA VAL F 346 18.80 1.98 33.18
C VAL F 346 17.84 3.16 33.29
N CYS F 347 16.58 2.91 33.64
CA CYS F 347 15.66 4.00 33.88
C CYS F 347 16.17 4.89 35.01
N GLU F 348 16.72 4.28 36.05
CA GLU F 348 17.36 5.03 37.13
C GLU F 348 18.56 5.80 36.62
N ILE F 349 19.36 5.18 35.74
CA ILE F 349 20.59 5.80 35.28
C ILE F 349 20.30 7.07 34.48
N PHE F 350 19.37 6.98 33.53
CA PHE F 350 19.11 8.08 32.62
C PHE F 350 18.03 9.03 33.13
N GLY F 351 17.44 8.75 34.28
CA GLY F 351 16.39 9.61 34.80
C GLY F 351 15.13 9.55 33.97
N VAL F 352 15.01 8.53 33.13
CA VAL F 352 13.81 8.35 32.33
C VAL F 352 12.72 7.78 33.22
N ASP F 353 11.50 8.25 33.02
CA ASP F 353 10.38 7.78 33.81
C ASP F 353 10.00 6.37 33.38
N PRO F 354 9.99 5.38 34.28
CA PRO F 354 9.64 4.03 33.87
C PRO F 354 8.16 3.87 33.54
N LYS F 355 7.67 4.72 32.64
CA LYS F 355 6.29 4.64 32.16
C LYS F 355 6.30 4.77 30.64
N ASP F 356 7.36 5.35 30.10
CA ASP F 356 7.53 5.46 28.66
C ASP F 356 7.94 4.15 28.01
N VAL F 357 8.32 3.15 28.80
CA VAL F 357 8.75 1.86 28.30
C VAL F 357 7.57 0.90 28.45
N ASP F 358 7.09 0.35 27.34
CA ASP F 358 5.87 -0.43 27.37
C ASP F 358 6.03 -1.73 28.13
N ILE F 359 7.07 -2.49 27.85
CA ILE F 359 7.28 -3.78 28.52
C ILE F 359 8.71 -3.88 29.01
N LEU F 360 8.88 -4.19 30.30
CA LEU F 360 10.19 -4.46 30.85
C LEU F 360 10.30 -5.92 31.27
N MET F 361 11.42 -6.57 30.95
CA MET F 361 11.65 -7.92 31.42
C MET F 361 13.07 -8.03 31.94
N GLY F 362 13.29 -9.00 32.83
CA GLY F 362 14.58 -9.24 33.39
C GLY F 362 14.67 -10.63 33.95
N THR F 363 15.78 -10.93 34.61
CA THR F 363 15.98 -12.23 35.23
C THR F 363 16.53 -12.04 36.62
N PHE F 364 16.27 -13.02 37.49
CA PHE F 364 16.83 -13.04 38.82
C PHE F 364 18.12 -13.83 38.90
N THR F 365 18.64 -14.28 37.77
CA THR F 365 19.81 -15.16 37.77
C THR F 365 21.10 -14.42 38.06
N LYS F 366 21.26 -13.21 37.51
CA LYS F 366 22.56 -12.55 37.53
C LYS F 366 22.93 -11.96 38.88
N SER F 367 22.14 -11.00 39.35
CA SER F 367 22.53 -10.23 40.53
C SER F 367 21.72 -10.55 41.77
N PHE F 368 20.82 -11.53 41.72
CA PHE F 368 20.01 -11.88 42.88
C PHE F 368 20.28 -13.28 43.41
N GLY F 369 21.14 -14.05 42.76
CA GLY F 369 21.48 -15.37 43.23
C GLY F 369 20.30 -16.33 43.29
N ALA F 370 19.50 -16.34 42.23
CA ALA F 370 18.31 -17.19 42.17
C ALA F 370 18.03 -17.60 40.73
N ALA F 371 16.82 -18.05 40.44
CA ALA F 371 16.45 -18.44 39.09
C ALA F 371 15.07 -17.89 38.78
N GLY F 372 14.83 -17.57 37.51
CA GLY F 372 13.52 -17.15 37.09
C GLY F 372 13.60 -15.90 36.24
N GLY F 373 12.43 -15.31 36.02
CA GLY F 373 12.32 -14.11 35.22
C GLY F 373 11.02 -13.40 35.56
N TYR F 374 10.84 -12.23 34.98
CA TYR F 374 9.66 -11.42 35.27
C TYR F 374 9.36 -10.55 34.06
N ILE F 375 8.12 -10.08 34.00
CA ILE F 375 7.67 -9.10 33.02
C ILE F 375 6.82 -8.07 33.73
N ALA F 376 7.13 -6.79 33.54
CA ALA F 376 6.40 -5.71 34.18
C ALA F 376 5.91 -4.73 33.12
N ALA F 377 4.64 -4.34 33.23
CA ALA F 377 4.03 -3.42 32.28
C ALA F 377 2.85 -2.74 32.99
N ASP F 378 2.00 -2.09 32.20
CA ASP F 378 0.80 -1.46 32.75
C ASP F 378 -0.20 -2.53 33.15
N GLN F 379 -1.37 -2.12 33.63
CA GLN F 379 -2.30 -3.09 34.19
C GLN F 379 -3.03 -3.89 33.13
N TRP F 380 -3.73 -3.20 32.21
CA TRP F 380 -4.53 -3.90 31.22
C TRP F 380 -3.67 -4.85 30.38
N ILE F 381 -2.43 -4.45 30.10
CA ILE F 381 -1.51 -5.32 29.37
C ILE F 381 -1.27 -6.61 30.16
N ILE F 382 -1.03 -6.49 31.46
CA ILE F 382 -0.76 -7.66 32.28
C ILE F 382 -1.98 -8.56 32.36
N ASP F 383 -3.17 -7.99 32.45
CA ASP F 383 -4.37 -8.83 32.48
C ASP F 383 -4.54 -9.59 31.18
N ARG F 384 -4.37 -8.90 30.05
CA ARG F 384 -4.50 -9.57 28.77
C ARG F 384 -3.48 -10.68 28.62
N LEU F 385 -2.22 -10.41 28.99
CA LEU F 385 -1.18 -11.41 28.87
C LEU F 385 -1.43 -12.60 29.78
N ARG F 386 -1.84 -12.35 31.04
CA ARG F 386 -2.15 -13.46 31.94
C ARG F 386 -3.25 -14.33 31.35
N LEU F 387 -4.20 -13.73 30.66
CA LEU F 387 -5.20 -14.52 29.96
C LEU F 387 -4.66 -15.20 28.71
N ASP F 388 -3.55 -14.72 28.15
CA ASP F 388 -3.14 -15.09 26.80
C ASP F 388 -1.81 -15.85 26.75
N LEU F 389 -0.91 -15.63 27.69
CA LEU F 389 0.41 -16.27 27.66
C LEU F 389 0.28 -17.79 27.79
N THR F 390 1.27 -18.48 27.25
CA THR F 390 1.28 -19.94 27.16
C THR F 390 1.97 -20.62 28.34
N THR F 391 3.09 -20.06 28.80
CA THR F 391 3.82 -20.67 29.90
C THR F 391 3.02 -20.61 31.20
N VAL F 392 2.06 -19.68 31.28
CA VAL F 392 1.21 -19.60 32.45
C VAL F 392 0.33 -20.84 32.55
N SER F 393 -0.13 -21.33 31.40
CA SER F 393 -1.10 -22.41 31.37
C SER F 393 -0.48 -23.80 31.20
N TYR F 394 0.68 -23.91 30.56
CA TYR F 394 1.18 -25.22 30.15
C TYR F 394 2.43 -25.68 30.88
N SER F 395 3.14 -24.79 31.57
CA SER F 395 4.41 -25.17 32.19
C SER F 395 4.31 -24.98 33.70
N GLU F 396 5.10 -25.77 34.43
CA GLU F 396 5.10 -25.75 35.88
C GLU F 396 5.56 -24.44 36.51
N SER F 397 5.06 -24.17 37.70
CA SER F 397 5.40 -22.94 38.41
C SER F 397 6.77 -23.07 39.05
N MET F 398 7.26 -21.95 39.58
CA MET F 398 8.59 -21.96 40.15
C MET F 398 8.55 -22.30 41.63
N PRO F 399 9.60 -22.95 42.15
CA PRO F 399 9.53 -23.55 43.48
C PRO F 399 9.56 -22.51 44.59
N ALA F 400 9.42 -23.00 45.82
CA ALA F 400 9.34 -22.11 46.97
C ALA F 400 10.70 -21.61 47.44
N PRO F 401 11.74 -22.44 47.57
CA PRO F 401 13.04 -21.89 48.01
C PRO F 401 13.58 -20.78 47.12
N VAL F 402 13.41 -20.91 45.81
CA VAL F 402 13.90 -19.88 44.90
C VAL F 402 13.15 -18.58 45.12
N LEU F 403 11.83 -18.67 45.28
CA LEU F 403 11.02 -17.48 45.54
C LEU F 403 11.43 -16.82 46.84
N ALA F 404 11.66 -17.63 47.87
CA ALA F 404 12.07 -17.08 49.16
C ALA F 404 13.40 -16.34 49.04
N GLN F 405 14.36 -16.93 48.35
CA GLN F 405 15.65 -16.27 48.16
C GLN F 405 15.49 -14.96 47.39
N THR F 406 14.68 -14.97 46.34
CA THR F 406 14.48 -13.76 45.54
C THR F 406 13.86 -12.66 46.37
N ILE F 407 12.83 -13.00 47.14
CA ILE F 407 12.15 -12.01 47.98
C ILE F 407 13.12 -11.44 49.01
N SER F 408 13.91 -12.32 49.64
CA SER F 408 14.84 -11.85 50.65
C SER F 408 15.87 -10.90 50.07
N SER F 409 16.43 -11.23 48.91
CA SER F 409 17.45 -10.37 48.32
C SER F 409 16.85 -9.05 47.84
N LEU F 410 15.65 -9.08 47.28
CA LEU F 410 15.00 -7.84 46.84
C LEU F 410 14.72 -6.94 48.03
N GLN F 411 14.25 -7.50 49.14
CA GLN F 411 14.03 -6.72 50.35
C GLN F 411 15.34 -6.16 50.88
N THR F 412 16.42 -6.95 50.83
CA THR F 412 17.70 -6.46 51.31
C THR F 412 18.20 -5.27 50.50
N ILE F 413 18.11 -5.36 49.17
CA ILE F 413 18.53 -4.23 48.34
C ILE F 413 17.63 -3.03 48.55
N SER F 414 16.33 -3.25 48.68
CA SER F 414 15.37 -2.17 48.89
C SER F 414 15.52 -1.50 50.26
N GLY F 415 16.42 -1.99 51.11
CA GLY F 415 16.68 -1.35 52.38
C GLY F 415 15.61 -1.60 53.43
N GLU F 416 14.80 -2.63 53.25
CA GLU F 416 13.74 -2.93 54.21
C GLU F 416 14.25 -3.77 55.37
N ILE F 417 15.19 -4.68 55.11
CA ILE F 417 15.80 -5.51 56.14
C ILE F 417 17.31 -5.33 56.08
N CYS F 418 17.94 -5.34 57.26
CA CYS F 418 19.38 -5.11 57.46
C CYS F 418 19.84 -3.95 56.58
N PRO F 419 19.51 -2.72 56.95
CA PRO F 419 19.64 -1.59 56.00
C PRO F 419 21.05 -1.29 55.53
N GLY F 420 22.08 -1.71 56.27
CA GLY F 420 23.43 -1.33 55.91
C GLY F 420 23.96 -2.07 54.69
N GLN F 421 23.39 -3.24 54.39
CA GLN F 421 24.02 -4.13 53.43
C GLN F 421 23.84 -3.68 51.98
N GLY F 422 22.64 -3.20 51.64
CA GLY F 422 22.36 -2.89 50.25
C GLY F 422 23.25 -1.84 49.62
N THR F 423 23.35 -0.68 50.27
CA THR F 423 24.22 0.37 49.75
C THR F 423 25.68 -0.05 49.81
N GLU F 424 26.05 -0.82 50.83
CA GLU F 424 27.39 -1.37 50.90
C GLU F 424 27.73 -2.14 49.63
N ARG F 425 26.85 -3.08 49.25
CA ARG F 425 27.10 -3.90 48.07
C ARG F 425 27.14 -3.06 46.80
N LEU F 426 26.18 -2.14 46.67
CA LEU F 426 26.13 -1.32 45.46
C LEU F 426 27.38 -0.48 45.30
N GLN F 427 27.84 0.15 46.38
CA GLN F 427 29.01 1.00 46.30
C GLN F 427 30.27 0.18 46.10
N ARG F 428 30.35 -1.00 46.71
CA ARG F 428 31.51 -1.87 46.51
C ARG F 428 31.66 -2.25 45.05
N ILE F 429 30.56 -2.69 44.41
CA ILE F 429 30.69 -3.11 43.01
C ILE F 429 31.00 -1.92 42.12
N ALA F 430 30.37 -0.77 42.40
CA ALA F 430 30.63 0.41 41.57
C ALA F 430 32.07 0.85 41.67
N PHE F 431 32.69 0.72 42.85
CA PHE F 431 34.09 1.09 42.98
C PHE F 431 35.00 0.07 42.29
N ASN F 432 34.73 -1.22 42.50
CA ASN F 432 35.60 -2.27 41.97
C ASN F 432 35.68 -2.22 40.45
N SER F 433 34.53 -2.03 39.80
CA SER F 433 34.52 -2.01 38.34
C SER F 433 35.37 -0.87 37.80
N ARG F 434 35.17 0.33 38.33
CA ARG F 434 35.91 1.50 37.87
C ARG F 434 37.40 1.34 38.12
N TYR F 435 37.76 0.83 39.30
CA TYR F 435 39.16 0.65 39.63
C TYR F 435 39.84 -0.28 38.65
N LEU F 436 39.22 -1.44 38.38
CA LEU F 436 39.86 -2.39 37.47
C LEU F 436 39.96 -1.82 36.07
N ARG F 437 38.90 -1.18 35.57
CA ARG F 437 38.94 -0.65 34.21
C ARG F 437 40.04 0.41 34.07
N LEU F 438 40.12 1.33 35.03
CA LEU F 438 41.13 2.38 34.93
C LEU F 438 42.54 1.82 35.02
N ALA F 439 42.76 0.88 35.94
CA ALA F 439 44.10 0.31 36.08
C ALA F 439 44.52 -0.41 34.81
N LEU F 440 43.60 -1.19 34.22
CA LEU F 440 43.94 -1.93 33.00
C LEU F 440 44.23 -0.97 31.85
N GLN F 441 43.43 0.10 31.71
CA GLN F 441 43.71 1.03 30.62
C GLN F 441 45.00 1.80 30.84
N ARG F 442 45.38 2.07 32.09
CA ARG F 442 46.65 2.75 32.34
C ARG F 442 47.84 1.85 32.08
N LEU F 443 47.72 0.55 32.38
CA LEU F 443 48.81 -0.37 32.11
C LEU F 443 49.11 -0.48 30.61
N GLY F 444 48.10 -0.39 29.75
CA GLY F 444 48.34 -0.45 28.33
C GLY F 444 47.49 -1.43 27.56
N PHE F 445 46.39 -1.91 28.15
CA PHE F 445 45.51 -2.84 27.47
C PHE F 445 44.37 -2.09 26.78
N ILE F 446 43.61 -2.82 25.98
CA ILE F 446 42.44 -2.30 25.29
C ILE F 446 41.21 -2.88 25.96
N VAL F 447 40.36 -2.01 26.50
CA VAL F 447 39.20 -2.41 27.30
C VAL F 447 37.96 -1.73 26.75
N TYR F 448 36.88 -2.49 26.60
CA TYR F 448 35.62 -1.99 26.08
C TYR F 448 34.70 -1.60 27.23
N GLY F 449 33.66 -0.84 26.90
CA GLY F 449 32.54 -0.59 27.79
C GLY F 449 32.63 0.76 28.48
N VAL F 450 31.49 1.14 29.06
CA VAL F 450 31.35 2.38 29.83
C VAL F 450 32.04 2.22 31.17
N ALA F 451 32.18 3.32 31.92
CA ALA F 451 32.98 3.30 33.13
C ALA F 451 32.40 2.42 34.22
N ASP F 452 31.08 2.42 34.41
CA ASP F 452 30.45 1.74 35.53
C ASP F 452 30.04 0.31 35.24
N SER F 453 30.19 -0.16 34.01
CA SER F 453 29.74 -1.49 33.64
C SER F 453 30.49 -2.54 34.44
N PRO F 454 29.81 -3.59 34.92
CA PRO F 454 30.51 -4.67 35.61
C PRO F 454 31.09 -5.72 34.68
N VAL F 455 30.90 -5.57 33.37
CA VAL F 455 31.46 -6.48 32.37
C VAL F 455 32.66 -5.76 31.76
N ILE F 456 33.84 -6.36 31.86
CA ILE F 456 35.08 -5.71 31.44
C ILE F 456 35.80 -6.57 30.40
N PRO F 457 35.50 -6.41 29.11
CA PRO F 457 36.13 -7.25 28.09
C PRO F 457 37.55 -6.77 27.79
N LEU F 458 38.49 -7.72 27.76
CA LEU F 458 39.86 -7.45 27.39
C LEU F 458 40.19 -8.17 26.09
N LEU F 459 40.68 -7.42 25.11
CA LEU F 459 40.80 -7.90 23.74
C LEU F 459 42.14 -8.60 23.53
N LEU F 460 42.11 -9.73 22.81
CA LEU F 460 43.30 -10.53 22.56
C LEU F 460 43.77 -10.52 21.11
N TYR F 461 42.84 -10.63 20.16
CA TYR F 461 43.07 -10.41 18.72
C TYR F 461 43.78 -11.54 18.00
N CYS F 462 44.28 -12.55 18.69
CA CYS F 462 44.93 -13.64 18.00
C CYS F 462 44.43 -14.99 18.49
N PRO F 463 44.13 -15.92 17.58
CA PRO F 463 43.56 -17.21 18.00
C PRO F 463 44.47 -18.04 18.88
N SER F 464 45.78 -17.84 18.82
CA SER F 464 46.69 -18.65 19.62
C SER F 464 47.02 -18.03 20.97
N LYS F 465 46.63 -16.78 21.21
CA LYS F 465 46.84 -16.14 22.50
C LYS F 465 45.77 -16.50 23.51
N MET F 466 44.66 -17.07 23.05
CA MET F 466 43.54 -17.35 23.94
C MET F 466 43.78 -18.57 24.82
N PRO F 467 44.13 -19.76 24.28
CA PRO F 467 44.46 -20.89 25.15
C PRO F 467 45.64 -20.60 26.07
N ALA F 468 46.63 -19.86 25.56
CA ALA F 468 47.80 -19.54 26.35
C ALA F 468 47.42 -18.69 27.56
N PHE F 469 46.63 -17.65 27.33
CA PHE F 469 46.18 -16.80 28.43
C PHE F 469 45.38 -17.59 29.45
N SER F 470 44.43 -18.40 28.97
CA SER F 470 43.59 -19.15 29.89
C SER F 470 44.40 -20.11 30.74
N ARG F 471 45.32 -20.85 30.10
CA ARG F 471 46.10 -21.85 30.83
C ARG F 471 47.08 -21.20 31.80
N MET F 472 47.71 -20.10 31.40
CA MET F 472 48.62 -19.41 32.31
C MET F 472 47.86 -18.89 33.52
N MET F 473 46.70 -18.26 33.30
CA MET F 473 45.93 -17.77 34.44
C MET F 473 45.50 -18.90 35.35
N LEU F 474 45.06 -20.02 34.78
CA LEU F 474 44.67 -21.15 35.62
C LEU F 474 45.85 -21.67 36.43
N GLN F 475 47.04 -21.70 35.81
CA GLN F 475 48.23 -22.09 36.54
C GLN F 475 48.51 -21.15 37.69
N ARG F 476 48.18 -19.86 37.52
CA ARG F 476 48.36 -18.90 38.60
C ARG F 476 47.12 -18.74 39.47
N ARG F 477 46.18 -19.70 39.41
CA ARG F 477 44.99 -19.74 40.27
C ARG F 477 44.05 -18.57 40.04
N ILE F 478 43.64 -18.35 38.80
CA ILE F 478 42.61 -17.38 38.45
C ILE F 478 41.73 -18.00 37.38
N ALA F 479 40.41 -17.87 37.53
CA ALA F 479 39.45 -18.48 36.61
C ALA F 479 38.84 -17.41 35.71
N VAL F 480 38.95 -17.59 34.39
CA VAL F 480 38.51 -16.60 33.42
C VAL F 480 37.74 -17.30 32.30
N VAL F 481 37.12 -16.49 31.45
CA VAL F 481 36.27 -16.94 30.35
C VAL F 481 36.74 -16.30 29.06
N VAL F 482 36.70 -17.08 27.98
CA VAL F 482 37.19 -16.65 26.67
C VAL F 482 36.10 -16.91 25.62
N VAL F 483 36.13 -16.15 24.53
CA VAL F 483 35.16 -16.28 23.45
C VAL F 483 35.87 -16.14 22.11
N ALA F 484 35.29 -16.76 21.07
CA ALA F 484 35.95 -16.96 19.77
C ALA F 484 35.02 -16.54 18.62
N TYR F 485 35.40 -16.93 17.39
CA TYR F 485 34.86 -16.38 16.15
C TYR F 485 33.35 -16.55 15.96
N PRO F 486 32.77 -17.73 16.08
CA PRO F 486 31.32 -17.80 15.83
C PRO F 486 30.52 -16.93 16.79
N ALA F 487 31.08 -16.64 17.97
CA ALA F 487 30.38 -15.82 18.95
C ALA F 487 30.68 -14.33 18.77
N THR F 488 31.96 -13.99 18.55
CA THR F 488 32.40 -12.62 18.44
C THR F 488 33.01 -12.38 17.07
N PRO F 489 33.04 -11.13 16.59
CA PRO F 489 33.63 -10.84 15.27
C PRO F 489 34.94 -11.56 15.02
N LEU F 490 35.19 -11.93 13.77
CA LEU F 490 36.34 -12.76 13.41
C LEU F 490 37.65 -12.15 13.92
N ILE F 491 37.75 -10.82 13.90
CA ILE F 491 39.03 -10.16 14.12
C ILE F 491 39.20 -9.72 15.57
N GLU F 492 38.26 -10.09 16.45
CA GLU F 492 38.35 -9.67 17.85
C GLU F 492 37.84 -10.79 18.76
N SER F 493 38.79 -11.52 19.35
CA SER F 493 38.52 -12.49 20.40
C SER F 493 38.97 -11.88 21.71
N ARG F 494 38.20 -12.10 22.76
CA ARG F 494 38.43 -11.38 24.01
C ARG F 494 38.32 -12.32 25.19
N VAL F 495 38.70 -11.81 26.36
CA VAL F 495 38.30 -12.37 27.65
C VAL F 495 37.40 -11.34 28.30
N ARG F 496 36.31 -11.81 28.90
CA ARG F 496 35.44 -10.89 29.62
C ARG F 496 35.48 -11.21 31.11
N PHE F 497 35.80 -10.19 31.90
CA PHE F 497 35.81 -10.29 33.34
C PHE F 497 34.42 -9.95 33.86
N CYS F 498 33.96 -10.72 34.86
CA CYS F 498 32.73 -10.40 35.57
C CYS F 498 33.11 -10.06 37.01
N MET F 499 33.00 -8.79 37.36
CA MET F 499 33.41 -8.34 38.68
C MET F 499 32.26 -8.45 39.66
N SER F 500 32.53 -8.99 40.83
CA SER F 500 31.57 -9.15 41.91
C SER F 500 31.77 -8.07 42.96
N ALA F 501 30.80 -7.94 43.85
CA ALA F 501 30.92 -7.08 45.01
C ALA F 501 31.57 -7.78 46.19
N SER F 502 31.93 -9.06 46.04
CA SER F 502 32.58 -9.80 47.09
C SER F 502 34.09 -9.76 47.00
N LEU F 503 34.66 -9.07 46.03
CA LEU F 503 36.09 -9.03 45.83
C LEU F 503 36.69 -7.79 46.50
N THR F 504 37.73 -8.01 47.28
CA THR F 504 38.44 -6.98 48.01
C THR F 504 39.50 -6.35 47.10
N LYS F 505 39.89 -5.10 47.41
CA LYS F 505 40.90 -4.42 46.62
C LYS F 505 42.22 -5.17 46.60
N GLU F 506 42.53 -5.93 47.65
CA GLU F 506 43.74 -6.74 47.65
C GLU F 506 43.70 -7.78 46.54
N ASP F 507 42.55 -8.42 46.36
CA ASP F 507 42.39 -9.39 45.28
C ASP F 507 42.59 -8.74 43.93
N ILE F 508 42.05 -7.54 43.75
CA ILE F 508 42.19 -6.83 42.49
C ILE F 508 43.65 -6.48 42.24
N ASP F 509 44.40 -6.13 43.29
CA ASP F 509 45.82 -5.82 43.12
C ASP F 509 46.61 -7.07 42.72
N TYR F 510 46.32 -8.20 43.37
CA TYR F 510 46.95 -9.46 43.01
C TYR F 510 46.69 -9.81 41.54
N LEU F 511 45.43 -9.69 41.14
CA LEU F 511 45.06 -9.95 39.75
C LEU F 511 45.76 -8.98 38.81
N LEU F 512 45.86 -7.71 39.20
CA LEU F 512 46.51 -6.73 38.36
C LEU F 512 47.97 -7.07 38.11
N ARG F 513 48.68 -7.46 39.17
CA ARG F 513 50.08 -7.82 39.01
C ARG F 513 50.24 -9.01 38.07
N HIS F 514 49.44 -10.06 38.28
CA HIS F 514 49.59 -11.24 37.43
C HIS F 514 49.22 -10.93 35.98
N VAL F 515 48.15 -10.15 35.77
CA VAL F 515 47.75 -9.80 34.41
C VAL F 515 48.81 -8.97 33.73
N SER F 516 49.40 -8.02 34.47
CA SER F 516 50.48 -7.21 33.89
C SER F 516 51.62 -8.08 33.43
N GLU F 517 52.05 -9.02 34.27
CA GLU F 517 53.15 -9.91 33.89
C GLU F 517 52.79 -10.74 32.65
N VAL F 518 51.63 -11.38 32.67
CA VAL F 518 51.27 -12.28 31.58
C VAL F 518 51.09 -11.51 30.27
N GLY F 519 50.46 -10.34 30.33
CA GLY F 519 50.27 -9.55 29.12
C GLY F 519 51.55 -8.92 28.62
N ASP F 520 52.52 -8.74 29.52
CA ASP F 520 53.84 -8.32 29.08
C ASP F 520 54.54 -9.44 28.32
N LYS F 521 54.41 -10.67 28.82
CA LYS F 521 55.03 -11.82 28.18
C LYS F 521 54.38 -12.24 26.88
N LEU F 522 53.06 -12.06 26.74
CA LEU F 522 52.34 -12.49 25.55
C LEU F 522 52.11 -11.38 24.53
N ASN F 523 52.72 -10.22 24.69
CA ASN F 523 52.58 -9.11 23.75
C ASN F 523 51.12 -8.70 23.58
N LEU F 524 50.49 -8.30 24.67
CA LEU F 524 49.09 -7.90 24.68
C LEU F 524 48.87 -6.42 24.93
N LYS F 525 49.85 -5.73 25.51
CA LYS F 525 49.71 -4.30 25.73
C LYS F 525 49.88 -3.54 24.44
N SER F 526 48.78 -3.26 23.75
CA SER F 526 48.83 -2.55 22.47
C SER F 526 47.83 -1.41 22.46
N ASN F 527 47.73 -0.69 23.57
CA ASN F 527 46.82 0.43 23.69
C ASN F 527 47.38 1.65 22.98
N SER F 528 46.50 2.42 22.36
CA SER F 528 46.89 3.62 21.65
C SER F 528 46.65 4.84 22.54
N GLY F 529 46.86 6.04 22.01
CA GLY F 529 46.52 7.25 22.71
C GLY F 529 45.08 7.67 22.57
N LYS F 530 44.33 6.98 21.73
CA LYS F 530 42.91 7.24 21.55
C LYS F 530 42.10 6.89 22.79
N SER F 531 42.66 6.11 23.72
CA SER F 531 41.95 5.68 24.90
C SER F 531 42.52 6.32 26.17
N SER F 532 42.85 7.60 26.09
CA SER F 532 43.24 8.38 27.28
C SER F 532 42.65 9.76 27.13
N TYR F 533 42.49 10.46 28.26
CA TYR F 533 41.82 11.75 28.24
C TYR F 533 42.70 12.82 27.60
N ASP F 534 44.02 12.64 27.65
CA ASP F 534 44.94 13.56 27.03
C ASP F 534 45.06 13.29 25.54
N GLY F 535 45.53 12.10 25.18
CA GLY F 535 45.80 11.77 23.80
C GLY F 535 47.18 11.17 23.63
N LYS F 536 47.87 10.91 24.73
CA LYS F 536 49.20 10.31 24.71
C LYS F 536 49.10 8.88 25.18
N ARG F 537 49.76 7.97 24.46
CA ARG F 537 49.72 6.55 24.81
C ARG F 537 50.44 6.30 26.13
N GLN F 538 49.97 5.30 26.87
CA GLN F 538 50.37 5.08 28.24
C GLN F 538 50.97 3.69 28.41
N ARG F 539 52.11 3.61 29.09
CA ARG F 539 52.76 2.35 29.41
C ARG F 539 53.27 2.40 30.85
N TRP F 540 52.41 2.79 31.79
CA TRP F 540 52.82 3.01 33.17
C TRP F 540 53.43 1.76 33.79
N ASP F 541 54.03 1.95 34.97
CA ASP F 541 54.58 0.87 35.76
C ASP F 541 53.53 0.38 36.75
N ILE F 542 53.66 -0.89 37.16
CA ILE F 542 52.61 -1.52 37.96
C ILE F 542 52.49 -0.86 39.33
N GLU F 543 53.63 -0.59 39.98
CA GLU F 543 53.58 -0.01 41.32
C GLU F 543 52.99 1.39 41.28
N GLU F 544 53.37 2.19 40.28
CA GLU F 544 52.86 3.55 40.16
C GLU F 544 51.36 3.55 39.94
N VAL F 545 50.87 2.68 39.06
CA VAL F 545 49.44 2.67 38.76
C VAL F 545 48.66 2.15 39.96
N ILE F 546 49.21 1.16 40.66
CA ILE F 546 48.56 0.64 41.87
C ILE F 546 48.44 1.75 42.92
N ARG F 547 49.52 2.53 43.08
CA ARG F 547 49.49 3.58 44.09
C ARG F 547 48.54 4.71 43.72
N ARG F 548 48.53 5.13 42.45
CA ARG F 548 47.84 6.35 42.07
C ARG F 548 46.41 6.13 41.56
N THR F 549 46.00 4.88 41.36
CA THR F 549 44.66 4.70 40.80
C THR F 549 43.53 4.88 41.81
N PRO F 550 43.58 4.28 43.00
CA PRO F 550 42.39 4.27 43.87
C PRO F 550 41.75 5.62 44.12
N GLU F 551 42.53 6.69 44.31
CA GLU F 551 41.91 8.00 44.49
C GLU F 551 41.43 8.60 43.18
N ASP F 552 42.08 8.26 42.07
CA ASP F 552 41.74 8.87 40.79
C ASP F 552 40.52 8.23 40.13
N CYS F 553 40.22 6.97 40.44
CA CYS F 553 39.13 6.28 39.76
C CYS F 553 37.76 6.84 40.15
N LYS F 554 37.70 7.72 41.14
CA LYS F 554 36.42 8.30 41.54
C LYS F 554 36.07 9.52 40.68
N ASP F 555 37.06 10.16 40.09
CA ASP F 555 36.79 11.35 39.29
C ASP F 555 36.30 10.94 37.90
N ASP F 556 35.20 11.55 37.47
CA ASP F 556 34.65 11.29 36.14
C ASP F 556 35.35 12.14 35.09
N LYS F 557 36.68 12.08 35.12
CA LYS F 557 37.51 12.82 34.18
C LYS F 557 38.47 11.95 33.42
N TYR F 558 38.95 10.85 33.99
CA TYR F 558 39.90 9.96 33.35
C TYR F 558 39.25 8.90 32.48
N PHE F 559 37.92 8.88 32.38
CA PHE F 559 37.20 7.84 31.64
C PHE F 559 36.72 8.43 30.32
N VAL F 560 37.38 8.04 29.23
CA VAL F 560 36.99 8.48 27.90
C VAL F 560 35.65 7.87 27.51
N ASN F 561 35.44 6.61 27.85
CA ASN F 561 34.25 5.86 27.45
C ASN F 561 32.95 6.52 27.88
N SER G 35 -2.12 -37.64 0.64
CA SER G 35 -0.96 -37.32 1.47
C SER G 35 -0.32 -36.02 1.01
N THR G 36 -0.77 -34.91 1.59
CA THR G 36 -0.25 -33.59 1.27
C THR G 36 0.34 -32.96 2.52
N PRO G 37 1.48 -32.27 2.43
CA PRO G 37 2.10 -31.71 3.64
C PRO G 37 1.41 -30.44 4.08
N VAL G 38 1.24 -30.30 5.39
CA VAL G 38 0.75 -29.04 5.93
C VAL G 38 1.78 -27.94 5.77
N THR G 39 3.06 -28.28 5.93
CA THR G 39 4.17 -27.33 5.81
C THR G 39 5.08 -27.80 4.69
N ASP G 40 5.18 -27.01 3.62
CA ASP G 40 5.99 -27.37 2.47
C ASP G 40 7.34 -26.64 2.60
N HIS G 41 8.35 -27.36 3.05
CA HIS G 41 9.71 -26.86 3.20
C HIS G 41 10.69 -27.77 2.50
N ARG G 42 10.36 -28.17 1.28
CA ARG G 42 11.04 -29.24 0.58
C ARG G 42 11.92 -28.67 -0.53
N ARG G 43 13.13 -29.20 -0.65
CA ARG G 43 14.12 -28.67 -1.58
C ARG G 43 14.01 -29.40 -2.92
N ARG G 44 13.82 -28.63 -3.98
CA ARG G 44 13.76 -29.17 -5.34
C ARG G 44 15.15 -29.25 -5.94
N ARG G 45 15.23 -29.88 -7.11
CA ARG G 45 16.47 -29.99 -7.86
C ARG G 45 16.23 -29.54 -9.29
N ALA G 46 17.29 -29.09 -9.95
CA ALA G 46 17.18 -28.59 -11.31
C ALA G 46 16.79 -29.71 -12.26
N ALA G 47 15.74 -29.48 -13.05
CA ALA G 47 15.26 -30.44 -14.03
C ALA G 47 15.67 -30.06 -15.45
N ALA G 48 16.73 -29.26 -15.57
CA ALA G 48 17.17 -28.76 -16.86
C ALA G 48 18.69 -28.79 -16.87
N VAL G 49 19.30 -28.10 -17.83
CA VAL G 49 20.75 -27.98 -17.92
C VAL G 49 21.23 -26.65 -17.38
N ILE G 50 20.57 -25.56 -17.76
CA ILE G 50 20.87 -24.23 -17.26
C ILE G 50 19.65 -23.72 -16.50
N SER G 51 19.87 -23.30 -15.26
CA SER G 51 18.76 -22.97 -14.37
C SER G 51 19.22 -21.96 -13.32
N HIS G 52 18.24 -21.33 -12.68
CA HIS G 52 18.47 -20.34 -11.64
C HIS G 52 17.85 -20.80 -10.33
N VAL G 53 18.50 -20.48 -9.22
CA VAL G 53 17.93 -20.83 -7.93
C VAL G 53 16.71 -19.96 -7.68
N GLU G 54 15.61 -20.60 -7.27
CA GLU G 54 14.34 -19.90 -7.09
C GLU G 54 14.43 -18.92 -5.93
N GLN G 55 13.77 -17.78 -6.07
CA GLN G 55 13.75 -16.77 -5.03
C GLN G 55 13.11 -17.38 -3.79
N GLU G 56 13.36 -16.79 -2.63
CA GLU G 56 12.84 -17.29 -1.37
C GLU G 56 11.47 -16.72 -1.07
N THR G 57 10.73 -17.41 -0.21
CA THR G 57 9.41 -16.99 0.24
C THR G 57 9.53 -16.03 1.42
N PHE G 58 8.42 -15.76 2.10
CA PHE G 58 8.39 -14.82 3.22
C PHE G 58 9.16 -15.33 4.43
N GLU G 59 8.90 -16.59 4.83
CA GLU G 59 9.58 -17.15 6.00
C GLU G 59 11.08 -17.22 5.76
N ASP G 60 11.48 -17.61 4.55
CA ASP G 60 12.91 -17.73 4.25
C ASP G 60 13.59 -16.38 4.32
N GLU G 61 12.95 -15.34 3.78
CA GLU G 61 13.52 -13.99 3.86
C GLU G 61 13.64 -13.53 5.30
N ASN G 62 12.61 -13.81 6.11
CA ASN G 62 12.66 -13.44 7.52
C ASN G 62 13.82 -14.13 8.24
N ASP G 63 13.99 -15.42 7.96
CA ASP G 63 15.08 -16.17 8.60
C ASP G 63 16.44 -15.64 8.16
N GLN G 64 16.58 -15.28 6.89
CA GLN G 64 17.84 -14.74 6.42
C GLN G 64 18.14 -13.37 7.05
N GLN G 65 17.12 -12.53 7.21
CA GLN G 65 17.30 -11.17 7.70
C GLN G 65 17.22 -11.05 9.21
N MET G 66 16.91 -12.13 9.92
CA MET G 66 16.78 -12.07 11.37
C MET G 66 18.11 -11.83 12.07
N LEU G 67 19.20 -12.25 11.44
CA LEU G 67 20.51 -12.24 12.05
C LEU G 67 21.53 -11.74 11.04
N PRO G 68 22.51 -10.95 11.48
CA PRO G 68 23.63 -10.63 10.60
C PRO G 68 24.43 -11.90 10.30
N ASN G 69 24.70 -12.11 9.01
CA ASN G 69 25.40 -13.31 8.57
C ASN G 69 26.85 -13.30 9.03
N MET G 70 27.19 -14.24 9.92
CA MET G 70 28.54 -14.35 10.46
C MET G 70 29.53 -14.87 9.43
N ASN G 71 29.03 -15.37 8.30
CA ASN G 71 29.86 -15.97 7.27
C ASN G 71 30.43 -14.97 6.29
N ALA G 72 29.72 -13.88 6.02
CA ALA G 72 30.13 -12.95 4.97
C ALA G 72 30.18 -11.52 5.49
N THR G 73 30.35 -11.34 6.79
CA THR G 73 30.46 -10.02 7.39
C THR G 73 31.90 -9.61 7.64
N TRP G 74 32.81 -10.56 7.80
CA TRP G 74 34.22 -10.25 8.00
C TRP G 74 34.84 -9.52 6.82
N VAL G 75 34.17 -9.54 5.67
CA VAL G 75 34.74 -8.98 4.45
C VAL G 75 34.90 -7.48 4.55
N ASP G 76 33.99 -6.80 5.23
CA ASP G 76 33.94 -5.35 5.27
C ASP G 76 34.76 -4.74 6.40
N GLN G 77 35.34 -5.56 7.27
CA GLN G 77 36.00 -5.05 8.46
C GLN G 77 37.39 -4.52 8.11
N ARG G 78 38.19 -4.27 9.15
CA ARG G 78 39.49 -3.64 9.00
C ARG G 78 40.54 -4.64 8.53
N GLY G 79 41.14 -4.37 7.37
CA GLY G 79 42.29 -5.13 6.92
C GLY G 79 42.04 -6.20 5.88
N ALA G 80 40.80 -6.35 5.41
CA ALA G 80 40.50 -7.41 4.45
C ALA G 80 41.16 -7.15 3.09
N TRP G 81 41.00 -5.93 2.59
CA TRP G 81 41.61 -5.57 1.31
C TRP G 81 43.13 -5.71 1.38
N LEU G 82 43.70 -5.25 2.50
CA LEU G 82 45.15 -5.37 2.69
C LEU G 82 45.60 -6.83 2.67
N ILE G 83 44.83 -7.73 3.27
CA ILE G 83 45.25 -9.12 3.27
C ILE G 83 45.17 -9.70 1.86
N HIS G 84 44.17 -9.28 1.08
CA HIS G 84 44.11 -9.73 -0.30
C HIS G 84 45.36 -9.28 -1.06
N ILE G 85 45.85 -8.08 -0.76
CA ILE G 85 47.10 -7.63 -1.38
C ILE G 85 48.29 -8.48 -0.88
N VAL G 86 48.35 -8.73 0.44
CA VAL G 86 49.56 -9.28 1.05
C VAL G 86 49.77 -10.74 0.63
N VAL G 87 48.68 -11.51 0.49
CA VAL G 87 48.85 -12.92 0.15
C VAL G 87 49.56 -13.07 -1.19
N ILE G 88 49.30 -12.15 -2.12
CA ILE G 88 49.95 -12.19 -3.43
C ILE G 88 51.45 -12.01 -3.30
N VAL G 89 51.87 -11.05 -2.47
CA VAL G 89 53.30 -10.81 -2.28
C VAL G 89 53.96 -12.03 -1.66
N LEU G 90 53.28 -12.65 -0.69
CA LEU G 90 53.84 -13.85 -0.08
C LEU G 90 54.01 -14.98 -1.10
N LEU G 91 52.99 -15.17 -1.94
CA LEU G 91 53.08 -16.19 -2.99
C LEU G 91 54.23 -15.91 -3.94
N ARG G 92 54.39 -14.63 -4.31
CA ARG G 92 55.46 -14.25 -5.23
C ARG G 92 56.83 -14.56 -4.61
N LEU G 93 57.01 -14.22 -3.33
CA LEU G 93 58.29 -14.49 -2.69
C LEU G 93 58.56 -15.99 -2.62
N PHE G 94 57.54 -16.78 -2.30
CA PHE G 94 57.71 -18.24 -2.26
C PHE G 94 58.16 -18.79 -3.61
N TYR G 95 57.42 -18.45 -4.67
CA TYR G 95 57.73 -19.01 -5.98
C TYR G 95 59.08 -18.51 -6.49
N SER G 96 59.42 -17.25 -6.18
CA SER G 96 60.76 -16.76 -6.50
C SER G 96 61.82 -17.54 -5.73
N LEU G 97 61.49 -17.97 -4.51
CA LEU G 97 62.41 -18.81 -3.75
C LEU G 97 62.63 -20.15 -4.45
N PHE G 98 61.61 -20.64 -5.17
CA PHE G 98 61.85 -21.88 -5.92
C PHE G 98 62.77 -21.71 -7.12
N GLY G 99 63.31 -20.52 -7.33
CA GLY G 99 64.49 -20.36 -8.17
C GLY G 99 64.15 -20.02 -9.62
N SER G 100 63.02 -20.54 -10.11
CA SER G 100 62.68 -20.49 -11.53
C SER G 100 62.62 -19.08 -12.08
N THR G 101 62.61 -18.96 -13.42
CA THR G 101 62.67 -17.73 -14.21
C THR G 101 61.43 -16.87 -13.96
N PRO G 102 61.53 -15.54 -14.17
CA PRO G 102 60.44 -14.63 -13.81
C PRO G 102 59.08 -14.99 -14.40
N LYS G 103 59.05 -15.43 -15.65
CA LYS G 103 57.79 -15.76 -16.29
C LYS G 103 57.09 -16.90 -15.57
N TRP G 104 57.85 -17.93 -15.19
CA TRP G 104 57.27 -19.08 -14.50
C TRP G 104 56.76 -18.69 -13.12
N THR G 105 57.55 -17.92 -12.37
CA THR G 105 57.12 -17.52 -11.05
C THR G 105 55.85 -16.70 -11.12
N TRP G 106 55.78 -15.77 -12.08
CA TRP G 106 54.61 -14.90 -12.16
C TRP G 106 53.37 -15.65 -12.62
N THR G 107 53.52 -16.56 -13.57
CA THR G 107 52.35 -17.34 -13.99
C THR G 107 51.88 -18.25 -12.86
N LEU G 108 52.81 -18.82 -12.09
CA LEU G 108 52.43 -19.65 -10.96
C LEU G 108 51.70 -18.83 -9.91
N THR G 109 52.20 -17.63 -9.62
CA THR G 109 51.52 -16.74 -8.67
C THR G 109 50.09 -16.45 -9.12
N ASN G 110 49.93 -16.06 -10.38
CA ASN G 110 48.61 -15.70 -10.90
C ASN G 110 47.64 -16.88 -10.80
N MET G 111 48.06 -18.05 -11.30
CA MET G 111 47.16 -19.20 -11.29
C MET G 111 46.83 -19.64 -9.87
N THR G 112 47.83 -19.64 -8.99
CA THR G 112 47.58 -20.07 -7.61
C THR G 112 46.58 -19.17 -6.93
N TYR G 113 46.77 -17.85 -7.04
CA TYR G 113 45.82 -16.94 -6.39
C TYR G 113 44.42 -17.10 -6.97
N ILE G 114 44.31 -17.21 -8.30
CA ILE G 114 42.98 -17.29 -8.91
C ILE G 114 42.27 -18.57 -8.47
N ILE G 115 42.98 -19.69 -8.50
CA ILE G 115 42.37 -20.97 -8.14
C ILE G 115 41.98 -20.96 -6.66
N GLY G 116 42.85 -20.43 -5.79
CA GLY G 116 42.51 -20.36 -4.38
C GLY G 116 41.27 -19.53 -4.11
N PHE G 117 41.19 -18.37 -4.75
CA PHE G 117 40.02 -17.51 -4.58
C PHE G 117 38.76 -18.20 -5.06
N TYR G 118 38.84 -18.89 -6.20
CA TYR G 118 37.65 -19.60 -6.68
C TYR G 118 37.24 -20.69 -5.70
N ILE G 119 38.20 -21.44 -5.18
CA ILE G 119 37.88 -22.53 -4.26
C ILE G 119 37.22 -21.98 -3.01
N MET G 120 37.74 -20.88 -2.48
CA MET G 120 37.20 -20.34 -1.24
C MET G 120 35.84 -19.67 -1.42
N PHE G 121 35.66 -18.88 -2.48
CA PHE G 121 34.48 -18.02 -2.58
C PHE G 121 33.38 -18.54 -3.49
N HIS G 122 33.66 -19.46 -4.42
CA HIS G 122 32.68 -19.84 -5.42
C HIS G 122 32.33 -21.31 -5.45
N LEU G 123 33.03 -22.16 -4.72
CA LEU G 123 32.82 -23.62 -4.81
C LEU G 123 31.77 -24.09 -3.81
N VAL G 124 32.01 -23.86 -2.53
CA VAL G 124 31.18 -24.42 -1.47
C VAL G 124 30.01 -23.48 -1.20
N LYS G 125 28.82 -24.07 -1.06
CA LYS G 125 27.61 -23.31 -0.79
C LYS G 125 27.02 -23.74 0.55
N GLY G 126 26.53 -22.77 1.30
CA GLY G 126 26.06 -22.98 2.65
C GLY G 126 26.91 -22.21 3.65
N THR G 127 26.71 -22.52 4.93
CA THR G 127 27.50 -21.93 5.99
C THR G 127 28.18 -23.01 6.80
N PRO G 128 29.39 -22.76 7.30
CA PRO G 128 30.12 -23.78 8.06
C PRO G 128 29.61 -23.98 9.48
N PHE G 129 28.46 -23.40 9.82
CA PHE G 129 27.87 -23.48 11.14
C PHE G 129 26.37 -23.35 11.02
N ASP G 130 25.65 -23.81 12.03
CA ASP G 130 24.20 -23.80 11.97
C ASP G 130 23.66 -22.38 12.07
N PHE G 131 23.09 -21.89 10.96
CA PHE G 131 22.50 -20.56 10.95
C PHE G 131 21.10 -20.60 11.52
N ASN G 132 20.19 -21.26 10.80
CA ASN G 132 18.76 -21.34 11.09
C ASN G 132 18.28 -22.68 10.56
N GLY G 133 17.00 -22.78 10.20
CA GLY G 133 16.55 -23.92 9.41
C GLY G 133 17.47 -24.21 8.23
N GLY G 134 18.32 -23.26 7.89
CA GLY G 134 19.49 -23.44 7.06
C GLY G 134 19.67 -22.27 6.12
N ALA G 135 18.59 -21.82 5.49
CA ALA G 135 18.40 -20.43 5.08
C ALA G 135 19.45 -19.92 4.09
N TYR G 136 20.53 -20.66 3.90
CA TYR G 136 21.58 -20.30 2.95
C TYR G 136 22.18 -21.54 2.32
N ASP G 137 21.41 -22.63 2.33
CA ASP G 137 21.93 -23.92 1.91
C ASP G 137 22.23 -24.00 0.43
N ASN G 138 21.87 -22.99 -0.34
CA ASN G 138 22.10 -23.01 -1.78
C ASN G 138 22.65 -21.69 -2.31
N LEU G 139 23.43 -20.97 -1.50
CA LEU G 139 24.14 -19.79 -1.94
C LEU G 139 25.61 -19.92 -1.56
N THR G 140 26.49 -19.50 -2.47
CA THR G 140 27.91 -19.49 -2.19
C THR G 140 28.29 -18.23 -1.42
N MET G 141 29.51 -18.22 -0.90
CA MET G 141 29.94 -17.08 -0.10
C MET G 141 29.99 -15.79 -0.90
N TRP G 142 30.25 -15.86 -2.20
CA TRP G 142 30.26 -14.65 -3.01
C TRP G 142 28.88 -14.01 -3.07
N GLU G 143 27.84 -14.82 -3.22
CA GLU G 143 26.49 -14.26 -3.30
C GLU G 143 25.98 -13.76 -1.96
N GLN G 144 26.59 -14.20 -0.86
CA GLN G 144 26.13 -13.80 0.47
C GLN G 144 26.66 -12.44 0.90
N ILE G 145 27.65 -11.88 0.20
CA ILE G 145 28.29 -10.66 0.65
C ILE G 145 27.31 -9.49 0.56
N ASN G 146 27.25 -8.70 1.63
CA ASN G 146 26.43 -7.50 1.69
C ASN G 146 24.96 -7.83 1.41
N ASP G 147 24.52 -8.97 1.96
CA ASP G 147 23.17 -9.49 1.80
C ASP G 147 22.64 -9.32 0.37
N GLU G 148 23.43 -9.86 -0.56
CA GLU G 148 23.04 -9.94 -1.97
C GLU G 148 22.77 -8.56 -2.57
N THR G 149 23.61 -7.59 -2.25
CA THR G 149 23.58 -6.29 -2.90
C THR G 149 24.76 -6.22 -3.85
N LEU G 150 24.49 -5.91 -5.11
CA LEU G 150 25.51 -6.02 -6.15
C LEU G 150 26.27 -4.71 -6.34
N TYR G 151 27.51 -4.83 -6.80
CA TYR G 151 28.36 -3.71 -7.19
C TYR G 151 28.57 -2.72 -6.04
N THR G 152 28.72 -3.27 -4.84
CA THR G 152 29.17 -2.49 -3.69
C THR G 152 30.67 -2.26 -3.79
N PRO G 153 31.21 -1.33 -2.99
CA PRO G 153 32.66 -1.07 -3.06
C PRO G 153 33.53 -2.29 -2.88
N THR G 154 33.15 -3.22 -2.00
CA THR G 154 33.96 -4.40 -1.79
C THR G 154 33.92 -5.32 -3.01
N ARG G 155 32.72 -5.51 -3.58
CA ARG G 155 32.61 -6.30 -4.79
C ARG G 155 33.40 -5.66 -5.93
N LYS G 156 33.42 -4.33 -6.00
CA LYS G 156 34.23 -3.65 -7.00
C LYS G 156 35.71 -3.93 -6.80
N PHE G 157 36.18 -3.85 -5.56
CA PHE G 157 37.60 -4.11 -5.28
C PHE G 157 37.98 -5.53 -5.67
N LEU G 158 37.12 -6.49 -5.33
CA LEU G 158 37.45 -7.89 -5.60
C LEU G 158 37.33 -8.21 -7.08
N LEU G 159 36.59 -7.40 -7.84
CA LEU G 159 36.62 -7.50 -9.29
C LEU G 159 37.90 -6.91 -9.86
N ILE G 160 38.34 -5.78 -9.32
CA ILE G 160 39.49 -5.07 -9.88
C ILE G 160 40.77 -5.87 -9.68
N VAL G 161 40.90 -6.55 -8.55
CA VAL G 161 42.16 -7.20 -8.20
C VAL G 161 42.67 -8.16 -9.27
N PRO G 162 41.87 -9.11 -9.79
CA PRO G 162 42.42 -10.03 -10.80
C PRO G 162 42.96 -9.36 -12.05
N ILE G 163 42.28 -8.32 -12.53
CA ILE G 163 42.69 -7.67 -13.78
C ILE G 163 44.01 -6.95 -13.61
N VAL G 164 44.16 -6.22 -12.49
CA VAL G 164 45.42 -5.53 -12.24
C VAL G 164 46.54 -6.54 -12.02
N LEU G 165 46.22 -7.66 -11.36
CA LEU G 165 47.24 -8.71 -11.21
C LEU G 165 47.67 -9.27 -12.56
N PHE G 166 46.75 -9.40 -13.51
CA PHE G 166 47.14 -9.81 -14.85
C PHE G 166 47.97 -8.75 -15.57
N LEU G 167 47.61 -7.47 -15.42
CA LEU G 167 48.40 -6.41 -16.06
C LEU G 167 49.81 -6.37 -15.53
N ILE G 168 50.00 -6.55 -14.23
CA ILE G 168 51.35 -6.56 -13.68
C ILE G 168 52.18 -7.71 -14.25
N SER G 169 51.60 -8.90 -14.32
CA SER G 169 52.32 -10.08 -14.79
C SER G 169 52.45 -10.14 -16.30
N ASN G 170 51.71 -9.32 -17.04
CA ASN G 170 51.73 -9.30 -18.49
C ASN G 170 53.09 -8.91 -19.06
N GLN G 171 53.95 -8.24 -18.28
CA GLN G 171 55.18 -7.67 -18.79
C GLN G 171 56.34 -8.66 -18.77
N TYR G 172 56.08 -9.90 -18.41
CA TYR G 172 57.20 -10.82 -18.20
C TYR G 172 57.13 -12.06 -19.08
N TYR G 173 55.95 -12.62 -19.29
CA TYR G 173 55.79 -13.78 -20.16
C TYR G 173 55.09 -13.39 -21.46
N ARG G 174 55.17 -12.10 -21.82
CA ARG G 174 54.52 -11.58 -23.01
C ARG G 174 55.04 -12.20 -24.30
N ASN G 175 56.27 -12.69 -24.33
CA ASN G 175 56.85 -13.22 -25.55
C ASN G 175 56.51 -14.68 -25.80
N ASP G 176 55.78 -15.34 -24.90
CA ASP G 176 55.34 -16.72 -25.09
C ASP G 176 53.84 -16.73 -25.35
N MET G 177 53.44 -17.21 -26.52
CA MET G 177 52.02 -17.25 -26.86
C MET G 177 51.27 -18.21 -25.96
N THR G 178 51.87 -19.37 -25.66
CA THR G 178 51.14 -20.38 -24.90
C THR G 178 50.85 -19.94 -23.46
N LEU G 179 51.84 -19.38 -22.78
CA LEU G 179 51.63 -18.90 -21.41
C LEU G 179 50.67 -17.73 -21.39
N PHE G 180 50.84 -16.79 -22.32
CA PHE G 180 49.98 -15.62 -22.38
C PHE G 180 48.53 -16.04 -22.59
N LEU G 181 48.29 -16.93 -23.54
CA LEU G 181 46.93 -17.37 -23.84
C LEU G 181 46.33 -18.13 -22.67
N SER G 182 47.09 -19.06 -22.08
CA SER G 182 46.54 -19.85 -20.98
C SER G 182 46.23 -18.97 -19.78
N ASN G 183 47.11 -18.04 -19.44
CA ASN G 183 46.88 -17.17 -18.29
C ASN G 183 45.68 -16.26 -18.54
N LEU G 184 45.56 -15.70 -19.74
CA LEU G 184 44.43 -14.84 -20.02
C LEU G 184 43.12 -15.63 -19.98
N ALA G 185 43.15 -16.87 -20.48
CA ALA G 185 41.96 -17.71 -20.42
C ALA G 185 41.56 -18.00 -18.98
N VAL G 186 42.51 -18.44 -18.16
CA VAL G 186 42.22 -18.75 -16.77
C VAL G 186 41.66 -17.53 -16.06
N THR G 187 42.29 -16.37 -16.24
CA THR G 187 41.79 -15.16 -15.62
C THR G 187 40.37 -14.89 -16.05
N VAL G 188 40.14 -14.63 -17.35
CA VAL G 188 38.82 -14.14 -17.76
C VAL G 188 37.74 -15.18 -17.51
N LEU G 189 38.11 -16.47 -17.41
CA LEU G 189 37.08 -17.49 -17.29
C LEU G 189 36.85 -17.96 -15.86
N ILE G 190 37.75 -17.67 -14.92
CA ILE G 190 37.56 -18.16 -13.57
C ILE G 190 37.47 -17.01 -12.57
N GLY G 191 38.15 -15.91 -12.85
CA GLY G 191 38.19 -14.80 -11.93
C GLY G 191 37.34 -13.60 -12.27
N VAL G 192 36.66 -13.58 -13.42
CA VAL G 192 35.86 -12.42 -13.76
C VAL G 192 34.43 -12.84 -14.09
N VAL G 193 34.26 -14.05 -14.61
CA VAL G 193 32.93 -14.50 -15.03
C VAL G 193 32.07 -14.88 -13.82
N PRO G 194 32.55 -15.68 -12.87
CA PRO G 194 31.68 -16.01 -11.72
C PRO G 194 31.26 -14.80 -10.93
N LYS G 195 32.03 -13.72 -10.97
CA LYS G 195 31.76 -12.53 -10.19
C LYS G 195 30.91 -11.51 -10.94
N LEU G 196 30.50 -11.81 -12.17
CA LEU G 196 29.70 -10.87 -12.94
C LEU G 196 28.27 -10.81 -12.43
N GLY G 197 27.61 -9.69 -12.68
CA GLY G 197 26.26 -9.48 -12.22
C GLY G 197 25.19 -10.24 -12.98
N ILE G 198 25.56 -10.92 -14.07
CA ILE G 198 24.60 -11.72 -14.81
C ILE G 198 24.67 -13.20 -14.45
N THR G 199 25.77 -13.66 -13.86
CA THR G 199 25.90 -15.03 -13.40
C THR G 199 25.40 -15.22 -11.97
N HIS G 200 24.84 -14.16 -11.36
CA HIS G 200 24.27 -14.27 -10.03
C HIS G 200 23.18 -15.33 -10.02
N ARG G 201 23.26 -16.24 -9.05
CA ARG G 201 22.26 -17.30 -8.87
C ARG G 201 22.10 -18.14 -10.13
N LEU G 202 23.21 -18.45 -10.78
CA LEU G 202 23.22 -19.26 -12.00
C LEU G 202 23.90 -20.59 -11.69
N ARG G 203 23.20 -21.69 -11.93
CA ARG G 203 23.70 -23.03 -11.70
C ARG G 203 23.69 -23.82 -13.00
N ILE G 204 24.82 -24.45 -13.31
CA ILE G 204 24.97 -25.26 -14.52
C ILE G 204 25.02 -26.72 -14.11
N SER G 205 24.06 -27.52 -14.55
CA SER G 205 24.02 -28.92 -14.13
C SER G 205 24.09 -29.95 -15.25
N ILE G 206 25.28 -30.50 -15.45
CA ILE G 206 25.49 -31.53 -16.46
C ILE G 206 25.42 -32.89 -15.78
N PRO G 207 25.15 -33.95 -16.57
CA PRO G 207 25.03 -35.31 -16.04
C PRO G 207 26.34 -36.09 -16.07
N GLY G 208 26.82 -36.51 -14.90
CA GLY G 208 28.04 -37.28 -14.83
C GLY G 208 29.21 -36.58 -14.17
N ILE G 209 29.07 -35.28 -13.91
CA ILE G 209 30.15 -34.51 -13.29
C ILE G 209 29.66 -33.62 -12.15
N THR G 210 28.80 -32.66 -12.48
CA THR G 210 28.27 -31.74 -11.49
C THR G 210 27.17 -32.38 -10.64
N GLY G 211 26.19 -32.96 -11.30
CA GLY G 211 25.08 -33.60 -10.62
C GLY G 211 23.94 -32.61 -10.51
N ARG G 212 22.77 -33.09 -10.09
CA ARG G 212 21.63 -32.21 -9.95
C ARG G 212 21.84 -31.14 -8.88
N ALA G 213 21.73 -29.89 -9.30
CA ALA G 213 21.88 -28.74 -8.41
C ALA G 213 20.63 -28.58 -7.55
N GLN G 214 20.63 -27.59 -6.66
CA GLN G 214 19.50 -27.39 -5.75
C GLN G 214 18.89 -26.03 -6.08
N ILE G 215 17.59 -26.03 -6.35
CA ILE G 215 16.91 -24.81 -6.79
C ILE G 215 15.98 -24.22 -5.73
N SER G 216 15.28 -25.05 -4.97
CA SER G 216 14.41 -24.55 -3.91
C SER G 216 15.09 -24.68 -2.54
N HIS H 4 41.73 -12.12 59.34
CA HIS H 4 40.73 -12.43 58.34
C HIS H 4 41.29 -13.38 57.29
N LYS H 5 41.97 -14.43 57.77
CA LYS H 5 42.58 -15.39 56.88
C LYS H 5 41.51 -16.22 56.19
N SER H 6 41.81 -16.67 54.97
CA SER H 6 40.92 -17.55 54.23
C SER H 6 41.63 -18.85 53.89
N SER H 7 40.99 -19.71 53.11
CA SER H 7 41.55 -21.00 52.73
C SER H 7 42.16 -20.96 51.34
N MET H 8 42.75 -19.83 50.98
CA MET H 8 43.33 -19.62 49.67
C MET H 8 44.84 -19.65 49.75
N VAL H 9 45.47 -20.29 48.76
CA VAL H 9 46.92 -20.35 48.66
C VAL H 9 47.33 -19.37 47.56
N TYR H 10 48.21 -18.44 47.90
CA TYR H 10 48.68 -17.47 46.93
C TYR H 10 49.95 -17.98 46.25
N ILE H 11 50.16 -17.53 45.03
CA ILE H 11 51.32 -17.94 44.24
C ILE H 11 52.17 -16.73 43.90
N PRO H 12 53.49 -16.80 44.09
CA PRO H 12 54.34 -15.63 43.85
C PRO H 12 54.51 -15.33 42.38
N THR H 13 54.74 -14.06 42.10
CA THR H 13 55.08 -13.59 40.76
C THR H 13 56.45 -14.14 40.37
N THR H 14 56.66 -14.29 39.07
CA THR H 14 57.93 -14.82 38.57
C THR H 14 59.12 -14.01 39.04
N LYS H 15 58.95 -12.68 39.14
CA LYS H 15 60.02 -11.85 39.69
C LYS H 15 60.33 -12.25 41.13
N GLU H 16 59.29 -12.52 41.91
CA GLU H 16 59.51 -12.97 43.29
C GLU H 16 60.24 -14.30 43.32
N ALA H 17 59.89 -15.21 42.41
CA ALA H 17 60.58 -16.50 42.35
C ALA H 17 62.05 -16.34 42.01
N LYS H 18 62.34 -15.48 41.03
CA LYS H 18 63.73 -15.21 40.68
C LYS H 18 64.49 -14.61 41.85
N ARG H 19 63.86 -13.67 42.56
CA ARG H 19 64.50 -13.06 43.72
C ARG H 19 64.77 -14.10 44.80
N ARG H 20 63.82 -15.02 45.00
CA ARG H 20 64.02 -16.11 45.95
C ARG H 20 65.21 -16.97 45.54
N ASN H 21 65.33 -17.26 44.25
CA ASN H 21 66.40 -18.12 43.73
C ASN H 21 67.62 -17.34 43.27
N GLY H 22 67.60 -16.02 43.30
CA GLY H 22 68.72 -15.22 42.86
C GLY H 22 68.78 -15.05 41.35
N GLY H 26 75.44 -14.64 35.64
CA GLY H 26 75.82 -13.29 35.26
C GLY H 26 74.91 -12.72 34.18
N ILE H 27 75.48 -12.47 33.00
CA ILE H 27 74.67 -12.05 31.85
C ILE H 27 74.03 -13.22 31.14
N LEU H 28 74.36 -14.46 31.52
CA LEU H 28 73.76 -15.62 30.90
C LEU H 28 72.25 -15.61 31.10
N ASN H 29 71.78 -15.07 32.23
CA ASN H 29 70.34 -14.97 32.45
C ASN H 29 69.69 -14.03 31.44
N THR H 30 70.34 -12.91 31.13
CA THR H 30 69.80 -12.02 30.11
C THR H 30 69.84 -12.67 28.73
N ILE H 31 70.90 -13.44 28.45
CA ILE H 31 70.96 -14.18 27.19
C ILE H 31 69.79 -15.14 27.09
N GLU H 32 69.54 -15.89 28.16
CA GLU H 32 68.41 -16.80 28.19
C GLU H 32 67.08 -16.06 28.01
N GLU H 33 66.95 -14.90 28.65
CA GLU H 33 65.67 -14.20 28.60
C GLU H 33 65.41 -13.64 27.21
N VAL H 34 66.45 -13.16 26.52
CA VAL H 34 66.23 -12.69 25.16
C VAL H 34 65.95 -13.86 24.22
N VAL H 35 66.60 -15.00 24.45
CA VAL H 35 66.33 -16.19 23.64
C VAL H 35 64.87 -16.62 23.80
N GLU H 36 64.40 -16.70 25.04
CA GLU H 36 63.02 -17.11 25.26
C GLU H 36 62.04 -16.04 24.82
N LYS H 37 62.43 -14.77 24.84
CA LYS H 37 61.58 -13.72 24.28
C LYS H 37 61.35 -13.95 22.79
N LEU H 38 62.43 -14.21 22.06
CA LEU H 38 62.29 -14.48 20.63
C LEU H 38 61.45 -15.74 20.41
N TYR H 39 61.71 -16.78 21.20
CA TYR H 39 60.97 -18.02 21.07
C TYR H 39 59.47 -17.80 21.29
N TRP H 40 59.12 -17.05 22.34
CA TRP H 40 57.72 -16.82 22.65
C TRP H 40 57.04 -15.99 21.58
N THR H 41 57.71 -14.95 21.08
CA THR H 41 57.12 -14.17 20.01
C THR H 41 56.79 -15.05 18.81
N TYR H 42 57.79 -15.80 18.34
CA TYR H 42 57.60 -16.65 17.16
C TYR H 42 56.50 -17.68 17.39
N TYR H 43 56.51 -18.31 18.57
CA TYR H 43 55.54 -19.37 18.83
C TYR H 43 54.12 -18.83 18.95
N ILE H 44 53.93 -17.75 19.70
CA ILE H 44 52.59 -17.21 19.90
C ILE H 44 51.96 -16.52 18.69
N HIS H 45 52.76 -15.92 17.81
CA HIS H 45 52.13 -15.26 16.67
C HIS H 45 51.81 -16.21 15.52
N LEU H 46 51.92 -17.53 15.74
CA LEU H 46 51.50 -18.54 14.77
C LEU H 46 50.65 -19.60 15.45
N PRO H 47 49.74 -20.25 14.74
CA PRO H 47 48.74 -21.09 15.41
C PRO H 47 49.24 -22.47 15.79
N PHE H 48 50.12 -22.54 16.80
CA PHE H 48 50.70 -23.82 17.19
C PHE H 48 49.98 -24.49 18.36
N TYR H 49 49.26 -23.70 19.15
CA TYR H 49 48.47 -24.21 20.25
C TYR H 49 47.18 -24.83 19.73
N LEU H 50 46.75 -24.42 18.55
CA LEU H 50 45.52 -24.91 17.95
C LEU H 50 45.65 -26.13 17.04
N MET H 51 46.87 -26.46 16.64
CA MET H 51 47.10 -27.61 15.77
C MET H 51 47.41 -28.83 16.60
N ALA H 52 47.76 -29.93 15.93
CA ALA H 52 48.10 -31.17 16.63
C ALA H 52 49.59 -31.20 16.97
N SER H 53 50.25 -32.26 16.52
CA SER H 53 51.68 -32.45 16.74
C SER H 53 52.36 -32.72 15.40
N PHE H 54 51.72 -33.58 14.61
CA PHE H 54 52.22 -33.94 13.29
C PHE H 54 52.25 -32.69 12.43
N ASP H 55 51.09 -32.04 12.34
CA ASP H 55 50.94 -30.81 11.57
C ASP H 55 51.86 -29.73 12.09
N SER H 56 51.95 -29.61 13.41
CA SER H 56 52.82 -28.63 14.02
C SER H 56 54.25 -28.82 13.52
N PHE H 57 54.73 -30.07 13.59
CA PHE H 57 56.09 -30.38 13.16
C PHE H 57 56.28 -30.04 11.68
N PHE H 58 55.30 -30.41 10.86
CA PHE H 58 55.38 -30.10 9.44
C PHE H 58 55.55 -28.60 9.23
N LEU H 59 54.72 -27.81 9.90
CA LEU H 59 54.78 -26.36 9.80
C LEU H 59 56.15 -25.84 10.22
N HIS H 60 56.68 -26.38 11.31
CA HIS H 60 57.99 -25.97 11.78
C HIS H 60 59.02 -26.20 10.68
N VAL H 61 59.05 -27.41 10.14
CA VAL H 61 59.99 -27.76 9.07
C VAL H 61 59.92 -26.76 7.91
N PHE H 62 58.70 -26.37 7.57
CA PHE H 62 58.40 -25.44 6.49
C PHE H 62 59.05 -24.08 6.75
N PHE H 63 58.85 -23.53 7.94
CA PHE H 63 59.40 -22.22 8.25
C PHE H 63 60.92 -22.25 8.35
N LEU H 64 61.48 -23.31 8.94
CA LEU H 64 62.92 -23.43 9.00
C LEU H 64 63.52 -23.49 7.60
N THR H 65 62.87 -24.22 6.71
CA THR H 65 63.35 -24.33 5.33
C THR H 65 63.33 -22.97 4.64
N ILE H 66 62.24 -22.22 4.79
CA ILE H 66 62.19 -20.91 4.14
C ILE H 66 63.28 -19.99 4.69
N PHE H 67 63.46 -19.98 6.02
CA PHE H 67 64.49 -19.13 6.60
C PHE H 67 65.88 -19.53 6.11
N SER H 68 66.15 -20.84 6.07
CA SER H 68 67.46 -21.31 5.63
C SER H 68 67.71 -20.93 4.18
N LEU H 69 66.70 -21.08 3.32
CA LEU H 69 66.87 -20.77 1.91
C LEU H 69 67.04 -19.27 1.69
N SER H 70 66.32 -18.45 2.48
CA SER H 70 66.50 -17.01 2.39
C SER H 70 67.92 -16.61 2.79
N PHE H 71 68.43 -17.22 3.87
CA PHE H 71 69.80 -16.94 4.28
C PHE H 71 70.79 -17.38 3.21
N PHE H 72 70.52 -18.53 2.59
CA PHE H 72 71.37 -19.03 1.50
C PHE H 72 71.40 -18.03 0.35
N GLY H 73 70.23 -17.51 -0.03
CA GLY H 73 70.18 -16.56 -1.13
C GLY H 73 70.84 -15.24 -0.81
N ILE H 74 70.68 -14.76 0.43
CA ILE H 74 71.28 -13.49 0.81
C ILE H 74 72.80 -13.60 0.91
N LEU H 75 73.30 -14.71 1.44
CA LEU H 75 74.74 -14.91 1.55
C LEU H 75 75.39 -15.08 0.18
N1 PLP I . -25.76 12.39 -22.11
C2 PLP I . -25.63 11.79 -23.32
C2A PLP I . -24.98 10.44 -23.43
C3 PLP I . -26.13 12.48 -24.54
O3 PLP I . -26.00 11.90 -25.77
C4 PLP I . -26.76 13.80 -24.38
C4A PLP I . -27.28 14.54 -25.56
C5 PLP I . -26.84 14.35 -22.99
C6 PLP I . -26.33 13.59 -21.95
C5A PLP I . -27.47 15.70 -22.71
O4P PLP I . -28.53 15.96 -23.62
P PLP I . -29.42 17.29 -23.48
O1P PLP I . -28.40 18.41 -23.60
O2P PLP I . -30.40 17.21 -24.63
O3P PLP I . -30.05 17.18 -22.11
C1 Z1T J . 8.72 30.77 -44.34
N1 Z1T J . -0.53 18.94 -35.10
O1 Z1T J . 2.39 19.61 -35.06
C2 Z1T J . 8.89 29.31 -44.76
O2 Z1T J . 1.12 20.02 -33.19
C3 Z1T J . 8.71 28.40 -43.54
C4 Z1T J . 8.79 26.93 -43.96
C5 Z1T J . 7.45 26.49 -44.54
C6 Z1T J . 6.36 26.59 -43.47
C7 Z1T J . 6.53 25.49 -42.44
C8 Z1T J . 5.86 25.91 -41.12
C9 Z1T J . 4.43 25.37 -41.07
C10 Z1T J . 4.42 24.01 -40.37
C11 Z1T J . 4.30 24.23 -38.86
C12 Z1T J . 3.68 23.01 -38.20
C13 Z1T J . 3.42 23.33 -36.73
C14 Z1T J . 2.93 22.07 -36.01
C15 Z1T J . 1.93 21.22 -36.79
C16 Z1T J . 1.45 19.96 -36.06
C17 Z1T J . 0.12 20.23 -35.36
C18 Z1T J . 0.39 20.91 -34.02
O3 Z1T J . -2.48 19.49 -36.09
C19 Z1T J . -1.78 18.69 -35.49
C20 Z1T J . -2.28 17.30 -35.13
C21 Z1T J . -1.90 16.34 -36.24
C22 Z1T J . -2.79 16.59 -37.44
C23 Z1T J . -2.38 15.65 -38.57
C24 Z1T J . -1.02 16.07 -39.10
C25 Z1T J . -0.43 14.91 -39.88
C26 Z1T J . -0.97 14.92 -41.30
C27 Z1T J . -0.21 13.91 -42.13
C28 Z1T J . 1.29 14.14 -42.00
C29 Z1T J . 2.01 12.80 -41.94
C30 Z1T J . 3.50 13.02 -41.70
C31 Z1T J . 4.14 13.53 -42.98
C32 Z1T J . 5.60 13.09 -43.02
C33 Z1T J . 6.35 13.70 -41.84
C34 Z1T J . 6.49 15.21 -42.06
C35 Z1T J . 7.25 15.46 -43.35
C36 Z1T J . 6.99 16.89 -43.79
C37 Z1T J . 7.60 17.12 -45.17
C38 Z1T J . 7.44 18.59 -45.53
C39 Z1T J . 7.69 18.78 -47.02
C40 Z1T J . 6.73 17.90 -47.81
C41 Z1T J . 5.30 18.43 -47.67
C42 Z1T J . 5.24 19.88 -48.17
N1 PLP K . 18.48 -12.21 28.56
C2 PLP K . 19.71 -11.65 28.55
C2A PLP K . 19.93 -10.31 27.89
C3 PLP K . 20.85 -12.34 29.21
O3 PLP K . 22.09 -11.80 29.23
C4 PLP K . 20.57 -13.65 29.85
C4A PLP K . 21.66 -14.41 30.52
C5 PLP K . 19.18 -14.16 29.78
C6 PLP K . 18.21 -13.40 29.13
C5A PLP K . 18.79 -15.48 30.41
O4P PLP K . 19.55 -15.73 31.58
P PLP K . 19.27 -17.05 32.47
O1P PLP K . 19.48 -18.19 31.50
O2P PLP K . 20.29 -16.96 33.57
O3P PLP K . 17.84 -16.88 32.92
C1 Z1T L . 44.19 -32.06 -2.52
N1 Z1T L . 34.23 -19.76 5.24
O1 Z1T L . 34.52 -20.52 2.36
C2 Z1T L . 44.66 -30.61 -2.68
O2 Z1T L . 32.50 -20.84 3.41
C3 Z1T L . 43.46 -29.68 -2.67
C4 Z1T L . 43.93 -28.23 -2.73
C5 Z1T L . 44.36 -27.75 -1.34
C6 Z1T L . 43.16 -27.81 -0.39
C7 Z1T L . 42.18 -26.68 -0.70
C8 Z1T L . 40.78 -27.05 -0.19
C9 Z1T L . 40.59 -26.46 1.20
C10 Z1T L . 39.92 -25.10 1.10
C11 Z1T L . 38.40 -25.28 1.03
C12 Z1T L . 37.70 -24.02 1.54
C13 Z1T L . 36.21 -24.29 1.64
C14 Z1T L . 35.47 -23.02 2.01
C15 Z1T L . 36.14 -22.15 3.07
C16 Z1T L . 35.39 -20.87 3.43
C17 Z1T L . 34.53 -21.07 4.67
C18 Z1T L . 33.23 -21.73 4.26
O3 Z1T L . 34.96 -20.28 7.32
C19 Z1T L . 34.47 -19.48 6.53
C20 Z1T L . 34.10 -18.08 6.96
C21 Z1T L . 35.26 -17.16 6.68
C22 Z1T L . 36.35 -17.42 7.72
C23 Z1T L . 37.54 -16.51 7.43
C24 Z1T L . 38.22 -16.98 6.16
C25 Z1T L . 39.11 -15.85 5.63
C26 Z1T L . 40.45 -15.90 6.35
C27 Z1T L . 41.40 -14.91 5.66
C28 Z1T L . 41.43 -15.20 4.17
C29 Z1T L . 41.49 -13.87 3.41
C30 Z1T L . 41.43 -14.11 1.92
C31 Z1T L . 42.76 -14.68 1.44
C32 Z1T L . 42.99 -14.28 -0.01
C33 Z1T L . 41.90 -14.88 -0.89
C34 Z1T L . 42.09 -16.39 -0.96
C35 Z1T L . 43.45 -16.70 -1.55
C36 Z1T L . 43.83 -18.13 -1.21
C37 Z1T L . 45.26 -18.40 -1.64
C38 Z1T L . 45.55 -19.89 -1.40
C39 Z1T L . 47.06 -20.12 -1.46
C40 Z1T L . 47.75 -19.23 -0.43
C41 Z1T L . 47.43 -19.72 0.97
C42 Z1T L . 47.88 -21.17 1.13
#